data_5O32
#
_entry.id   5O32
#
_cell.length_a   116.370
_cell.length_b   122.790
_cell.length_c   157.200
_cell.angle_alpha   69.764
_cell.angle_beta   76.101
_cell.angle_gamma   70.130
#
_symmetry.space_group_name_H-M   'P 1'
#
loop_
_entity.id
_entity.type
_entity.pdbx_description
1 polymer 'Complement C3'
2 polymer 'Complement C3'
3 polymer 'Complement factor H,Complement factor H'
4 polymer 'Complement factor I'
5 polymer 'Complement factor I'
6 branched beta-D-mannopyranose-(1-3)-[beta-D-mannopyranose-(1-6)]beta-D-mannopyranose-(1-4)-2-acetamido-2-deoxy-beta-D-glucopyranose-(1-4)-2-acetamido-2-deoxy-beta-D-glucopyranose
7 branched 2-acetamido-2-deoxy-beta-D-glucopyranose-(1-4)-2-acetamido-2-deoxy-beta-D-glucopyranose
8 non-polymer 'CALCIUM ION'
9 non-polymer 2-acetamido-2-deoxy-beta-D-glucopyranose
10 non-polymer 'MALONATE ION'
#
loop_
_entity_poly.entity_id
_entity_poly.type
_entity_poly.pdbx_seq_one_letter_code
_entity_poly.pdbx_strand_id
1 'polypeptide(L)'
;SPMYSIITPNILRLESEETMVLEAHDAQGDVPVTVTVHDFPGKKLVLSSEKTVLTPATNHMGNVTFTIPANREFKSEKGR
NKFVTVQATFGTQVVEKVVLVSLQSGYLFIQTDKTIYTPGSTVLYRIFTVNHKLLPVGRTVMVNIENPEGIPVKQDSLSS
QNQLGVLPLSWDIPELVNMGQWKIRAYYENSPQQVFSTEFEVKEYVLPSFEVIVEPTEKFYYIYNEKGLEVTITARFLYG
KKVEGTAFVIFGIQDGEQRISLPESLKRIPIEDGSGEVVLSRKVLLDGVQNPRAEDLVGKSLYVSATVILHSGSDMVQAE
RSGIPIVTSPYQIHFTKTPKYFKPGMPFDLMVFVTNPDGSPAYRVPVAVQGEDTVQSLTQGDGVAKLSINTHPSQKPLSI
TVRTKKQELSEAEQATRTMQALPYSTVGNSNNYLHLSVLRTELRPGETLNVNFLLRMDRAHEAKIRYYTYLIMNKGRLLK
AGRQVREPGQDLVVLPLSITTDFIPSFRLVAYYTLIGASGQREVVADSVWVDVKDSCVGSLVVKSGQSEDRQPVPGQQMT
LKIEGDHGARVVLVAVDKGVFVLNKKNKLTQSKIWDVVEKADIGCTPGSGKDYAGVFSDAGLTFTSSSGQQTAQRAELQC
PQPAA
;
A,E
2 'polypeptide(L)'
;SNLDEDIIAEENIVSRSEFPESWLWNVEDLKEPPKNGISTKLMNIFLKDSITTWEILAVSMSDKKGICVADPFEVTVMQD
FFIDLRLPYSVVRNEQVEIRAVLYNYRQNQELKVRVELLHNPAFCSLATTKRRHQQTVTIPPKSSLSVPYVIVPLKTGLQ
EVEVKAAVYHHFISDGVRKSLKVVPEGIRMNKTVAVRTLDPERLGREGVQKEDIPPADLSDQVPDTESETRILLQGTPVA
QMTEDAVDAERLKHLIVTPSGCGEQNMIGMTPTVIAVHYLDETEQWEKFGLEKRQGALELIKKGYTQQLAFRQPSSAFAA
FVKRAPSTWLTAYVVKVFSLAVNLIAIDSQVLCGAVKWLILEKQKPDGVFQEDAPVIHQEMIGGLRNNNEKDMALTAFVL
ISLQEAKDICEEQVNSLPGSITKAGDFLEANYMNLQRSYTVAIAGYALAQMGRLKGPLLNKFLTTAKDKNRWEDPGKQLY
NVEATSYALLALLQLKDFDFVPPVVRWLNEQRYYGGGYGSTQATFMVFQALAQYQKDAPDHQELNLDVSLQLPSRSSKIT
HRIHWESASLLRSEETKENEGFTVTAEGKGQGTLSVVTMYHAKAKDQLTCNKFDLKVTIKPAPETEKRPQDAKNTMILEI
CTRYRGDQDATMSILDISMMTGFAPDTDDLKQLANGVDRYISKYELDKAFSDRNTLIIYLDKVSHSEDDCLAFKVHQYFN
VELIQPGAVKVYAYYNLEESCTRFYHPEKEDGKLNKLCRDELCRCAEENCFIQKSDDKVTLEERLDKACEPGVDYVYKTR
LVKVQLSNDFDEYIMAIEQTIKSGSDEVQVGQQRTFISPIKCREALKLEEKKHYLMWGLSSDFWGEKPNLSYIIGKDTWV
EHWPEEDECQDEENQKQCQDLGAFTESMVVFGCPN
;
B,F
3 'polypeptide(L)'
;EDCNELPPRRNTEILTGSWSDQTYPEGTQAIYKCRPGYRSLGNVIMVCRKGEWVALNPLRKCQKRPCGHPGDTPFGTFTL
TGGNVFEYGVKAVYTCNEGYQLLGEINYRECDTDGWTNDIPICEVVKCLPVTAPENGKIVSSAMEPDREYHFGQAVRFVC
NSGYKIEGDEEMHCSDDGFWSKEKPKCVEISCKSPDVINGSPISQKIIYKENERFQYKCNMGYEYSERGDAVCTESGWRP
LPSCEEKGGGGGGGGGGGGGKCGPPPPIDNGDITSFPLSVYAPASSVEYQCQNLYQLEGNKRITCRNGQWSEPPKCLHPC
VISREIMENYNIALRWTAKQKLYSRTGESVEFVCKRGYRLSSRSHTLRTTCWDGKLEYPTCAK
;
C,G
4 'polypeptide(L)'
;KVTYTSQEDLVEKKCLAKKYTHLSCDKVFCQPWQRCIEGTCVCKLPYQCPKNGTAVCATNRRSFPTYCQQKSLECLHPGT
KFLNNGTCTAEGKFSVSLKHGNTDSEGIVEVKLVDQDKTMFICKSSWSMREANVACLDLGFQQGADTQRRFKLSDLSINS
TECLHVHCRGLETSLAECTFTKRRTMGYQDFADVVCYTQKADSPMDDFFQCVNGKYISQMKACDGINDCGDQSDELCCKA
CQGKGFHCKSGVCIPSQYQCNGEVDCITGEDEVGCAGFASVTQEETEILTADMDAERRRIKSLLPKLSCGVKNRMHIRRK
R
;
D,H
5 'polypeptide(L)'
;IVGGKRAQLGDLPWQVAIKDASGITCGGIYIGGCWILTAAHCLRASKTHRYQIWTTVVDWIHPDLKRIVIEYVDRIIFHE
NYNAGTYQNDIALIEMKKDGNKKDCELPRSIPACVPWSPYLFQPNDTCIVSGWGREKDNERVFSLQWGEVKLISNCSKFY
GNRFYEKEMECAGTYDGSIDACKGDSGGPLVCMDANNVTYVWGVVSWGENCGKPEFPGVYTKVANYFDWISYHVGRPFIS
QYNV
;
I,J
#
# COMPACT_ATOMS: atom_id res chain seq x y z
N SER A 1 -20.58 -13.66 67.68
CA SER A 1 -21.81 -12.89 67.45
C SER A 1 -21.90 -12.30 66.02
N PRO A 2 -20.83 -11.71 65.50
CA PRO A 2 -20.88 -11.24 64.11
C PRO A 2 -20.85 -12.41 63.13
N MET A 3 -21.67 -12.31 62.09
CA MET A 3 -21.83 -13.38 61.11
C MET A 3 -21.58 -12.84 59.72
N TYR A 4 -20.64 -13.46 59.01
CA TYR A 4 -20.31 -13.09 57.64
C TYR A 4 -20.96 -14.10 56.71
N SER A 5 -21.66 -13.61 55.70
CA SER A 5 -22.35 -14.50 54.78
C SER A 5 -22.20 -14.03 53.34
N ILE A 6 -22.08 -14.99 52.44
CA ILE A 6 -21.92 -14.76 51.00
C ILE A 6 -23.05 -15.51 50.30
N ILE A 7 -23.53 -14.94 49.20
CA ILE A 7 -24.48 -15.60 48.33
C ILE A 7 -23.97 -15.52 46.90
N THR A 8 -23.91 -16.67 46.22
CA THR A 8 -23.52 -16.78 44.83
C THR A 8 -24.47 -17.72 44.09
N PRO A 9 -24.76 -17.44 42.82
CA PRO A 9 -25.67 -18.31 42.05
C PRO A 9 -25.30 -19.78 42.21
N ASN A 10 -26.31 -20.65 42.12
CA ASN A 10 -26.08 -22.09 42.23
C ASN A 10 -25.00 -22.57 41.26
N ILE A 11 -25.06 -22.11 40.02
CA ILE A 11 -24.10 -22.47 38.98
C ILE A 11 -23.49 -21.18 38.43
N LEU A 12 -22.17 -21.18 38.26
CA LEU A 12 -21.47 -20.03 37.70
C LEU A 12 -21.12 -20.30 36.24
N ARG A 13 -21.41 -19.32 35.40
CA ARG A 13 -21.19 -19.39 33.96
C ARG A 13 -19.90 -18.64 33.59
N LEU A 14 -19.29 -19.05 32.49
CA LEU A 14 -18.06 -18.43 32.01
C LEU A 14 -18.34 -17.28 31.06
N GLU A 15 -17.40 -16.31 31.06
CA GLU A 15 -17.51 -15.09 30.25
C GLU A 15 -18.80 -14.30 30.53
N SER A 16 -19.37 -14.46 31.71
CA SER A 16 -20.61 -13.79 32.08
C SER A 16 -20.37 -13.04 33.38
N GLU A 17 -20.98 -11.86 33.48
CA GLU A 17 -20.84 -11.05 34.69
C GLU A 17 -21.67 -11.64 35.83
N GLU A 18 -21.00 -11.99 36.92
CA GLU A 18 -21.64 -12.58 38.09
C GLU A 18 -21.40 -11.71 39.30
N THR A 19 -22.46 -11.50 40.09
CA THR A 19 -22.40 -10.68 41.29
C THR A 19 -22.40 -11.55 42.54
N MET A 20 -21.73 -11.06 43.58
CA MET A 20 -21.66 -11.74 44.87
C MET A 20 -21.96 -10.71 45.96
N VAL A 21 -22.93 -11.00 46.81
CA VAL A 21 -23.35 -10.06 47.84
C VAL A 21 -22.75 -10.48 49.17
N LEU A 22 -22.16 -9.53 49.88
CA LEU A 22 -21.43 -9.80 51.11
C LEU A 22 -22.10 -9.07 52.26
N GLU A 23 -22.36 -9.79 53.35
CA GLU A 23 -23.03 -9.25 54.52
C GLU A 23 -22.26 -9.60 55.78
N ALA A 24 -22.22 -8.64 56.72
CA ALA A 24 -21.59 -8.82 58.03
C ALA A 24 -22.58 -8.34 59.08
N HIS A 25 -23.57 -9.18 59.37
CA HIS A 25 -24.63 -8.81 60.30
C HIS A 25 -24.08 -8.74 61.73
N ASP A 26 -24.64 -7.81 62.51
CA ASP A 26 -24.25 -7.61 63.90
C ASP A 26 -22.76 -7.27 64.01
N ALA A 27 -22.32 -6.33 63.17
CA ALA A 27 -20.93 -5.89 63.14
C ALA A 27 -20.86 -4.37 63.20
N GLN A 28 -19.69 -3.89 63.61
CA GLN A 28 -19.43 -2.46 63.70
C GLN A 28 -18.17 -2.13 62.90
N GLY A 29 -18.01 -0.84 62.61
CA GLY A 29 -16.86 -0.35 61.88
C GLY A 29 -16.80 -0.83 60.44
N ASP A 30 -15.62 -0.66 59.85
CA ASP A 30 -15.36 -1.05 58.47
C ASP A 30 -14.81 -2.47 58.43
N VAL A 31 -15.34 -3.28 57.51
CA VAL A 31 -14.87 -4.66 57.38
C VAL A 31 -14.25 -4.86 56.00
N PRO A 32 -12.92 -4.97 55.92
CA PRO A 32 -12.27 -5.20 54.62
C PRO A 32 -12.63 -6.58 54.08
N VAL A 33 -13.15 -6.62 52.86
CA VAL A 33 -13.55 -7.88 52.24
C VAL A 33 -12.79 -8.05 50.94
N THR A 34 -12.17 -9.22 50.77
CA THR A 34 -11.45 -9.58 49.55
C THR A 34 -11.96 -10.92 49.06
N VAL A 35 -12.56 -10.95 47.87
CA VAL A 35 -13.14 -12.15 47.31
C VAL A 35 -12.22 -12.67 46.21
N THR A 36 -11.82 -13.94 46.32
CA THR A 36 -11.00 -14.60 45.32
C THR A 36 -11.68 -15.88 44.86
N VAL A 37 -11.70 -16.10 43.54
CA VAL A 37 -12.26 -17.31 42.95
C VAL A 37 -11.12 -18.13 42.36
N HIS A 38 -10.98 -19.37 42.82
CA HIS A 38 -9.95 -20.26 42.36
C HIS A 38 -10.58 -21.51 41.74
N ASP A 39 -9.76 -22.24 40.98
CA ASP A 39 -10.23 -23.48 40.37
C ASP A 39 -10.19 -24.60 41.40
N PHE A 40 -10.99 -25.64 41.15
CA PHE A 40 -11.06 -26.76 42.07
C PHE A 40 -10.50 -28.03 41.45
N PRO A 41 -9.68 -28.75 42.20
CA PRO A 41 -9.27 -28.41 43.56
C PRO A 41 -7.85 -27.79 43.65
N GLY A 42 -7.13 -27.81 42.54
CA GLY A 42 -5.71 -27.47 42.52
C GLY A 42 -5.39 -26.01 42.84
N LYS A 43 -6.33 -25.10 42.61
CA LYS A 43 -6.10 -23.65 42.76
C LYS A 43 -4.90 -23.14 41.97
N LYS A 44 -4.70 -23.66 40.74
CA LYS A 44 -3.56 -23.22 39.95
C LYS A 44 -3.64 -21.75 39.59
N LEU A 45 -4.84 -21.24 39.27
CA LEU A 45 -4.94 -19.84 38.90
C LEU A 45 -6.00 -19.16 39.75
N VAL A 46 -5.79 -17.86 39.95
CA VAL A 46 -6.74 -16.98 40.61
C VAL A 46 -7.64 -16.37 39.55
N LEU A 47 -8.82 -16.97 39.36
CA LEU A 47 -9.71 -16.54 38.29
C LEU A 47 -10.21 -15.12 38.53
N SER A 48 -10.45 -14.75 39.79
CA SER A 48 -10.86 -13.40 40.11
C SER A 48 -10.33 -13.01 41.48
N SER A 49 -10.24 -11.70 41.71
CA SER A 49 -9.76 -11.16 42.99
C SER A 49 -10.19 -9.70 43.06
N GLU A 50 -11.29 -9.44 43.78
CA GLU A 50 -11.79 -8.10 43.96
C GLU A 50 -11.84 -7.74 45.44
N LYS A 51 -11.98 -6.44 45.72
CA LYS A 51 -12.01 -5.94 47.09
C LYS A 51 -13.13 -4.94 47.25
N THR A 52 -13.63 -4.84 48.48
CA THR A 52 -14.67 -3.88 48.85
C THR A 52 -14.62 -3.71 50.36
N VAL A 53 -15.37 -2.72 50.86
CA VAL A 53 -15.43 -2.42 52.28
C VAL A 53 -16.88 -2.33 52.71
N LEU A 54 -17.23 -3.01 53.79
CA LEU A 54 -18.58 -2.98 54.34
C LEU A 54 -18.61 -1.92 55.43
N THR A 55 -19.20 -0.76 55.11
CA THR A 55 -19.28 0.37 56.03
C THR A 55 -20.66 0.46 56.66
N PRO A 56 -20.74 1.04 57.87
CA PRO A 56 -22.06 1.23 58.50
C PRO A 56 -23.01 2.07 57.68
N ALA A 57 -22.49 2.92 56.78
CA ALA A 57 -23.36 3.73 55.94
C ALA A 57 -24.08 2.88 54.90
N THR A 58 -23.52 1.72 54.57
CA THR A 58 -24.12 0.79 53.61
C THR A 58 -24.73 -0.41 54.33
N ASN A 59 -24.94 -0.31 55.64
CA ASN A 59 -25.56 -1.36 56.45
C ASN A 59 -24.81 -2.68 56.36
N HIS A 60 -23.48 -2.60 56.16
CA HIS A 60 -22.62 -3.79 56.09
C HIS A 60 -23.10 -4.75 55.00
N MET A 61 -23.44 -4.19 53.84
CA MET A 61 -23.88 -5.00 52.69
C MET A 61 -23.32 -4.44 51.40
N GLY A 62 -22.53 -5.25 50.69
CA GLY A 62 -21.89 -4.83 49.46
C GLY A 62 -21.96 -5.95 48.45
N ASN A 63 -21.51 -5.64 47.23
CA ASN A 63 -21.43 -6.65 46.18
C ASN A 63 -20.09 -6.61 45.47
N VAL A 64 -19.72 -7.75 44.87
CA VAL A 64 -18.51 -7.88 44.07
C VAL A 64 -18.90 -8.40 42.69
N THR A 65 -18.63 -7.60 41.67
CA THR A 65 -18.88 -7.96 40.28
C THR A 65 -17.59 -8.45 39.63
N PHE A 66 -17.63 -9.64 39.05
CA PHE A 66 -16.44 -10.24 38.46
C PHE A 66 -16.84 -11.02 37.22
N THR A 67 -15.93 -11.09 36.24
CA THR A 67 -16.15 -11.88 35.04
C THR A 67 -15.01 -12.87 34.94
N ILE A 68 -15.32 -14.17 34.97
CA ILE A 68 -14.29 -15.19 34.90
C ILE A 68 -13.89 -15.50 33.47
N PRO A 69 -12.63 -15.25 33.10
CA PRO A 69 -12.19 -15.54 31.72
C PRO A 69 -12.32 -17.02 31.45
N ALA A 70 -12.57 -17.37 30.19
CA ALA A 70 -12.63 -18.78 29.80
C ALA A 70 -11.19 -19.26 29.61
N ASN A 71 -10.52 -19.52 30.72
CA ASN A 71 -9.13 -19.94 30.64
C ASN A 71 -9.00 -21.33 30.02
N ARG A 72 -7.84 -21.56 29.41
CA ARG A 72 -7.44 -22.80 28.76
C ARG A 72 -7.17 -23.94 29.74
N GLU A 73 -7.33 -23.67 31.03
CA GLU A 73 -7.11 -24.63 32.11
C GLU A 73 -8.20 -25.66 32.32
N PHE A 74 -9.45 -25.34 32.04
CA PHE A 74 -10.55 -26.28 32.23
C PHE A 74 -10.66 -27.34 31.16
N LYS A 75 -10.81 -28.60 31.59
CA LYS A 75 -10.98 -29.77 30.73
C LYS A 75 -12.37 -29.81 30.11
N LYS A 78 -17.94 -34.49 26.35
CA LYS A 78 -18.36 -34.63 27.74
C LYS A 78 -17.24 -34.22 28.70
N GLY A 79 -16.74 -35.18 29.48
CA GLY A 79 -15.68 -34.91 30.43
C GLY A 79 -16.24 -34.70 31.83
N ARG A 80 -15.33 -34.66 32.80
CA ARG A 80 -15.78 -34.46 34.17
C ARG A 80 -16.32 -33.05 34.36
N ASN A 81 -17.23 -32.92 35.32
CA ASN A 81 -17.75 -31.61 35.69
C ASN A 81 -16.67 -30.78 36.37
N LYS A 82 -16.67 -29.48 36.12
CA LYS A 82 -15.71 -28.58 36.73
C LYS A 82 -16.35 -27.72 37.82
N PHE A 83 -15.54 -27.41 38.82
CA PHE A 83 -15.95 -26.66 39.99
C PHE A 83 -14.94 -25.56 40.24
N VAL A 84 -15.34 -24.59 41.06
CA VAL A 84 -14.44 -23.54 41.49
C VAL A 84 -14.62 -23.33 42.99
N THR A 85 -13.57 -22.83 43.63
CA THR A 85 -13.57 -22.49 45.03
C THR A 85 -13.74 -20.99 45.17
N VAL A 86 -14.82 -20.57 45.82
CA VAL A 86 -15.07 -19.17 46.09
C VAL A 86 -14.65 -18.89 47.52
N GLN A 87 -13.75 -17.93 47.69
CA GLN A 87 -13.14 -17.64 48.99
C GLN A 87 -13.31 -16.17 49.30
N ALA A 88 -14.15 -15.88 50.29
CA ALA A 88 -14.39 -14.53 50.76
C ALA A 88 -13.69 -14.36 52.09
N THR A 89 -12.95 -13.26 52.25
CA THR A 89 -12.18 -13.01 53.45
C THR A 89 -12.67 -11.72 54.10
N PHE A 90 -13.28 -11.85 55.28
CA PHE A 90 -13.70 -10.68 56.06
C PHE A 90 -12.77 -10.62 57.26
N GLY A 91 -11.92 -9.59 57.31
CA GLY A 91 -10.97 -9.46 58.38
C GLY A 91 -10.11 -10.72 58.51
N THR A 92 -10.21 -11.35 59.68
CA THR A 92 -9.53 -12.63 59.94
C THR A 92 -10.32 -13.79 59.35
N GLN A 93 -11.64 -13.73 59.44
CA GLN A 93 -12.51 -14.83 59.07
C GLN A 93 -12.51 -15.05 57.56
N VAL A 94 -12.56 -16.31 57.16
CA VAL A 94 -12.59 -16.71 55.75
C VAL A 94 -13.75 -17.69 55.55
N VAL A 95 -14.58 -17.42 54.54
CA VAL A 95 -15.73 -18.25 54.21
C VAL A 95 -15.56 -18.73 52.77
N GLU A 96 -15.50 -20.04 52.60
CA GLU A 96 -15.32 -20.65 51.29
C GLU A 96 -16.48 -21.57 50.93
N LYS A 97 -16.77 -21.62 49.63
CA LYS A 97 -17.84 -22.43 49.08
C LYS A 97 -17.40 -22.97 47.73
N VAL A 98 -17.73 -24.23 47.45
CA VAL A 98 -17.39 -24.88 46.19
C VAL A 98 -18.61 -24.78 45.29
N VAL A 99 -18.46 -24.11 44.16
CA VAL A 99 -19.58 -23.83 43.26
C VAL A 99 -19.40 -24.56 41.95
N LEU A 100 -20.51 -25.11 41.45
CA LEU A 100 -20.57 -25.78 40.16
C LEU A 100 -20.42 -24.76 39.03
N VAL A 101 -19.88 -25.22 37.91
CA VAL A 101 -19.65 -24.37 36.75
C VAL A 101 -20.38 -24.99 35.56
N SER A 102 -21.12 -24.15 34.85
CA SER A 102 -21.78 -24.51 33.60
C SER A 102 -20.89 -24.11 32.44
N LEU A 103 -20.89 -24.92 31.39
CA LEU A 103 -20.03 -24.60 30.28
C LEU A 103 -20.65 -23.62 29.30
N GLN A 104 -21.95 -23.34 29.43
CA GLN A 104 -22.62 -22.46 28.49
C GLN A 104 -22.04 -21.06 28.52
N SER A 105 -21.56 -20.58 27.37
CA SER A 105 -20.91 -19.27 27.32
C SER A 105 -21.93 -18.15 27.16
N GLY A 106 -23.10 -18.47 26.61
CA GLY A 106 -24.16 -17.51 26.37
C GLY A 106 -25.20 -18.10 25.44
N TYR A 107 -25.70 -17.34 24.47
CA TYR A 107 -26.71 -17.87 23.58
C TYR A 107 -26.35 -17.63 22.13
N LEU A 108 -26.76 -18.56 21.28
CA LEU A 108 -26.65 -18.45 19.84
C LEU A 108 -28.01 -18.70 19.24
N PHE A 109 -28.48 -17.78 18.39
CA PHE A 109 -29.75 -17.93 17.71
C PHE A 109 -29.53 -17.91 16.21
N ILE A 110 -30.13 -18.87 15.51
CA ILE A 110 -29.95 -19.02 14.08
C ILE A 110 -31.26 -18.65 13.41
N GLN A 111 -31.20 -17.81 12.39
CA GLN A 111 -32.38 -17.40 11.65
C GLN A 111 -32.14 -17.67 10.17
N THR A 112 -32.88 -18.61 9.60
CA THR A 112 -32.81 -18.82 8.17
C THR A 112 -33.90 -17.99 7.49
N ASP A 113 -33.60 -17.52 6.28
CA ASP A 113 -34.54 -16.65 5.58
C ASP A 113 -35.84 -17.37 5.29
N LYS A 114 -35.77 -18.66 4.96
CA LYS A 114 -36.94 -19.48 4.68
C LYS A 114 -36.91 -20.73 5.54
N THR A 115 -37.96 -21.54 5.41
CA THR A 115 -38.13 -22.77 6.15
C THR A 115 -37.89 -24.01 5.29
N ILE A 116 -37.95 -23.87 3.96
CA ILE A 116 -37.78 -24.97 3.04
C ILE A 116 -37.08 -24.42 1.80
N TYR A 117 -36.25 -25.25 1.17
CA TYR A 117 -35.38 -24.80 0.09
C TYR A 117 -35.34 -25.85 -1.02
N THR A 118 -35.23 -25.34 -2.30
CA THR A 118 -35.05 -26.24 -3.44
C THR A 118 -33.58 -26.54 -3.66
N PRO A 119 -33.27 -27.74 -4.16
CA PRO A 119 -31.90 -28.06 -4.58
C PRO A 119 -31.37 -27.07 -5.61
N GLY A 120 -30.24 -26.44 -5.27
CA GLY A 120 -29.61 -25.43 -6.11
C GLY A 120 -29.62 -24.05 -5.48
N SER A 121 -30.59 -23.76 -4.63
CA SER A 121 -30.72 -22.46 -4.00
C SER A 121 -29.71 -22.28 -2.87
N THR A 122 -29.57 -21.03 -2.42
CA THR A 122 -28.64 -20.66 -1.36
C THR A 122 -29.41 -20.38 -0.09
N VAL A 123 -28.93 -20.94 1.01
CA VAL A 123 -29.50 -20.71 2.33
C VAL A 123 -28.81 -19.52 2.98
N LEU A 124 -29.56 -18.45 3.23
CA LEU A 124 -29.03 -17.28 3.91
C LEU A 124 -29.48 -17.34 5.36
N TYR A 125 -28.52 -17.33 6.27
CA TYR A 125 -28.82 -17.41 7.69
C TYR A 125 -27.91 -16.48 8.48
N ARG A 126 -28.44 -15.96 9.59
CA ARG A 126 -27.72 -15.09 10.50
C ARG A 126 -27.65 -15.74 11.88
N ILE A 127 -26.47 -15.71 12.48
CA ILE A 127 -26.25 -16.19 13.84
C ILE A 127 -26.08 -15.00 14.76
N PHE A 128 -26.99 -14.84 15.72
CA PHE A 128 -26.89 -13.77 16.69
C PHE A 128 -26.12 -14.27 17.90
N THR A 129 -25.01 -13.62 18.23
CA THR A 129 -24.13 -14.03 19.32
C THR A 129 -24.25 -13.05 20.47
N VAL A 130 -24.88 -13.50 21.57
CA VAL A 130 -25.05 -12.70 22.76
C VAL A 130 -24.57 -13.51 23.97
N ASN A 131 -24.54 -12.84 25.13
CA ASN A 131 -24.21 -13.44 26.40
C ASN A 131 -25.49 -13.68 27.20
N HIS A 132 -25.35 -14.02 28.48
CA HIS A 132 -26.52 -14.37 29.29
C HIS A 132 -27.37 -13.15 29.61
N LYS A 133 -26.93 -11.96 29.24
CA LYS A 133 -27.71 -10.74 29.37
C LYS A 133 -28.32 -10.34 28.04
N LEU A 134 -28.21 -11.21 27.02
CA LEU A 134 -28.70 -10.96 25.67
C LEU A 134 -28.03 -9.75 25.02
N LEU A 135 -26.86 -9.35 25.51
CA LEU A 135 -26.16 -8.23 24.89
C LEU A 135 -25.16 -8.74 23.85
N PRO A 136 -25.11 -8.13 22.67
CA PRO A 136 -24.18 -8.57 21.62
C PRO A 136 -22.74 -8.63 22.09
N VAL A 137 -22.05 -9.72 21.74
CA VAL A 137 -20.64 -9.88 22.06
C VAL A 137 -19.88 -10.34 20.82
N GLY A 138 -18.56 -10.21 20.87
CA GLY A 138 -17.69 -10.66 19.80
C GLY A 138 -16.85 -11.87 20.14
N ARG A 139 -17.30 -13.06 19.73
CA ARG A 139 -16.58 -14.30 20.01
C ARG A 139 -16.43 -15.14 18.73
N THR A 140 -15.66 -16.21 18.85
CA THR A 140 -15.46 -17.18 17.78
C THR A 140 -16.49 -18.31 17.87
N VAL A 141 -17.17 -18.59 16.76
CA VAL A 141 -18.25 -19.58 16.70
C VAL A 141 -17.91 -20.65 15.68
N MET A 142 -18.13 -21.91 16.06
CA MET A 142 -17.97 -23.07 15.18
C MET A 142 -19.32 -23.45 14.59
N VAL A 143 -19.40 -23.57 13.28
CA VAL A 143 -20.64 -23.90 12.57
C VAL A 143 -20.48 -25.22 11.83
N ASN A 144 -21.49 -26.10 11.95
CA ASN A 144 -21.51 -27.40 11.29
C ASN A 144 -22.80 -27.53 10.49
N ILE A 145 -22.66 -27.80 9.19
CA ILE A 145 -23.77 -28.17 8.32
C ILE A 145 -23.97 -29.69 8.34
N GLU A 146 -25.20 -30.13 8.56
CA GLU A 146 -25.49 -31.54 8.79
C GLU A 146 -26.64 -31.99 7.90
N ASN A 147 -26.42 -33.10 7.19
CA ASN A 147 -27.40 -33.69 6.30
C ASN A 147 -28.45 -34.47 7.08
N PRO A 148 -29.59 -34.78 6.44
CA PRO A 148 -30.64 -35.53 7.18
C PRO A 148 -30.14 -36.82 7.80
N GLU A 149 -29.10 -37.43 7.23
CA GLU A 149 -28.56 -38.66 7.78
C GLU A 149 -27.86 -38.41 9.12
N GLY A 150 -27.30 -37.21 9.30
CA GLY A 150 -26.60 -36.86 10.52
C GLY A 150 -25.14 -36.54 10.33
N ILE A 151 -24.58 -36.77 9.16
CA ILE A 151 -23.14 -36.58 8.92
C ILE A 151 -22.86 -35.10 8.69
N PRO A 152 -21.94 -34.50 9.45
CA PRO A 152 -21.55 -33.11 9.18
C PRO A 152 -20.78 -33.03 7.86
N VAL A 153 -21.16 -32.08 7.01
CA VAL A 153 -20.57 -31.94 5.69
C VAL A 153 -19.80 -30.65 5.47
N LYS A 154 -19.87 -29.68 6.38
CA LYS A 154 -19.08 -28.45 6.20
C LYS A 154 -18.87 -27.75 7.53
N GLN A 155 -17.63 -27.71 8.01
CA GLN A 155 -17.31 -26.99 9.23
C GLN A 155 -16.70 -25.63 8.88
N ASP A 156 -16.72 -24.73 9.86
CA ASP A 156 -16.17 -23.40 9.71
C ASP A 156 -15.99 -22.77 11.09
N SER A 157 -15.08 -21.80 11.16
CA SER A 157 -14.80 -21.10 12.41
C SER A 157 -14.67 -19.61 12.08
N LEU A 158 -15.66 -18.82 12.47
CA LEU A 158 -15.65 -17.40 12.14
C LEU A 158 -15.67 -16.56 13.41
N SER A 159 -15.63 -15.24 13.23
CA SER A 159 -15.62 -14.29 14.34
C SER A 159 -16.81 -13.34 14.28
N SER A 160 -17.34 -13.02 15.44
CA SER A 160 -18.47 -12.11 15.62
C SER A 160 -18.02 -10.68 15.91
N GLN A 161 -16.71 -10.45 16.04
CA GLN A 161 -16.17 -9.14 16.36
C GLN A 161 -16.49 -8.11 15.28
N ASN A 162 -16.80 -6.88 15.73
CA ASN A 162 -17.11 -5.76 14.84
C ASN A 162 -18.32 -6.05 13.96
N GLN A 163 -19.20 -6.94 14.41
CA GLN A 163 -20.38 -7.32 13.67
C GLN A 163 -21.66 -6.98 14.43
N LEU A 164 -21.54 -6.31 15.57
CA LEU A 164 -22.68 -5.90 16.39
C LEU A 164 -23.59 -7.08 16.74
N GLY A 165 -22.97 -8.23 17.04
CA GLY A 165 -23.75 -9.37 17.46
C GLY A 165 -24.52 -10.08 16.38
N VAL A 166 -24.31 -9.75 15.11
CA VAL A 166 -24.99 -10.36 13.99
C VAL A 166 -23.95 -10.91 13.03
N LEU A 167 -24.09 -12.18 12.65
CA LEU A 167 -23.09 -12.87 11.82
C LEU A 167 -23.73 -13.42 10.56
N PRO A 168 -23.60 -12.72 9.43
CA PRO A 168 -24.26 -13.13 8.18
C PRO A 168 -23.46 -14.21 7.47
N LEU A 169 -24.10 -15.36 7.23
CA LEU A 169 -23.44 -16.48 6.58
C LEU A 169 -24.36 -17.05 5.51
N SER A 170 -23.81 -17.91 4.66
CA SER A 170 -24.57 -18.56 3.61
C SER A 170 -23.95 -19.92 3.28
N TRP A 171 -24.81 -20.84 2.83
CA TRP A 171 -24.36 -22.15 2.39
C TRP A 171 -25.13 -22.55 1.14
N ASP A 172 -24.39 -22.89 0.08
CA ASP A 172 -24.98 -23.26 -1.20
C ASP A 172 -25.40 -24.72 -1.20
N ILE A 173 -26.64 -24.99 -1.62
CA ILE A 173 -27.16 -26.35 -1.74
C ILE A 173 -26.83 -26.92 -3.12
N PRO A 174 -26.17 -28.08 -3.19
CA PRO A 174 -25.86 -28.67 -4.49
C PRO A 174 -27.12 -29.05 -5.24
N GLU A 175 -26.99 -29.18 -6.57
CA GLU A 175 -28.11 -29.63 -7.37
C GLU A 175 -28.50 -31.06 -7.02
N LEU A 176 -27.54 -31.98 -7.09
CA LEU A 176 -27.75 -33.37 -6.65
C LEU A 176 -27.61 -33.41 -5.13
N VAL A 177 -28.73 -33.62 -4.42
CA VAL A 177 -28.71 -33.56 -2.97
C VAL A 177 -29.78 -34.49 -2.42
N ASN A 178 -29.59 -34.91 -1.17
CA ASN A 178 -30.56 -35.75 -0.46
C ASN A 178 -31.62 -34.88 0.20
N MET A 179 -32.89 -35.18 -0.11
CA MET A 179 -34.02 -34.45 0.42
C MET A 179 -34.21 -34.75 1.90
N GLY A 180 -34.95 -33.87 2.58
CA GLY A 180 -35.29 -34.07 3.98
C GLY A 180 -34.85 -32.93 4.87
N GLN A 181 -34.91 -33.19 6.18
CA GLN A 181 -34.61 -32.20 7.21
C GLN A 181 -33.11 -32.07 7.44
N TRP A 182 -32.54 -30.96 6.99
CA TRP A 182 -31.15 -30.59 7.23
C TRP A 182 -31.03 -29.81 8.53
N LYS A 183 -29.81 -29.74 9.06
CA LYS A 183 -29.58 -29.00 10.29
C LYS A 183 -28.31 -28.17 10.19
N ILE A 184 -28.37 -27.01 10.83
CA ILE A 184 -27.23 -26.15 11.13
C ILE A 184 -26.91 -26.28 12.61
N ARG A 185 -25.66 -26.57 12.95
CA ARG A 185 -25.27 -26.71 14.35
C ARG A 185 -24.13 -25.74 14.64
N ALA A 186 -24.37 -24.79 15.54
CA ALA A 186 -23.35 -23.84 15.94
C ALA A 186 -23.09 -23.96 17.44
N TYR A 187 -21.87 -23.62 17.85
CA TYR A 187 -21.54 -23.57 19.27
C TYR A 187 -20.37 -22.61 19.46
N TYR A 188 -20.34 -21.94 20.61
CA TYR A 188 -19.21 -21.08 20.92
C TYR A 188 -17.93 -21.91 20.99
N GLU A 189 -16.80 -21.28 20.62
CA GLU A 189 -15.53 -21.99 20.60
C GLU A 189 -15.16 -22.43 22.02
N ASN A 190 -15.47 -21.58 23.00
CA ASN A 190 -15.13 -21.81 24.39
C ASN A 190 -16.01 -22.88 25.03
N SER A 191 -17.21 -23.10 24.50
CA SER A 191 -18.16 -24.05 25.06
C SER A 191 -18.65 -25.00 23.99
N PRO A 192 -17.88 -26.05 23.70
CA PRO A 192 -18.29 -27.01 22.67
C PRO A 192 -19.40 -27.93 23.13
N GLN A 193 -19.83 -27.83 24.39
CA GLN A 193 -20.91 -28.64 24.93
C GLN A 193 -22.28 -28.01 24.75
N GLN A 194 -22.35 -26.70 24.49
CA GLN A 194 -23.61 -26.00 24.28
C GLN A 194 -23.84 -25.78 22.78
N VAL A 195 -24.58 -26.70 22.17
CA VAL A 195 -24.78 -26.73 20.72
C VAL A 195 -26.21 -26.33 20.39
N PHE A 196 -26.36 -25.23 19.67
CA PHE A 196 -27.64 -24.68 19.23
C PHE A 196 -27.93 -25.12 17.81
N SER A 197 -29.19 -25.43 17.51
CA SER A 197 -29.52 -26.00 16.22
C SER A 197 -30.77 -25.35 15.62
N THR A 198 -30.84 -25.37 14.28
CA THR A 198 -32.02 -24.98 13.52
C THR A 198 -32.13 -25.91 12.32
N GLU A 199 -33.35 -26.30 11.96
CA GLU A 199 -33.57 -27.16 10.81
C GLU A 199 -34.15 -26.39 9.62
N PHE A 200 -33.92 -26.91 8.42
CA PHE A 200 -34.60 -26.43 7.23
C PHE A 200 -34.80 -27.62 6.28
N GLU A 201 -36.00 -27.74 5.74
CA GLU A 201 -36.32 -28.86 4.85
C GLU A 201 -35.77 -28.57 3.46
N VAL A 202 -35.26 -29.61 2.79
CA VAL A 202 -34.88 -29.51 1.39
C VAL A 202 -35.76 -30.46 0.59
N LYS A 203 -36.40 -29.93 -0.44
CA LYS A 203 -37.43 -30.67 -1.17
C LYS A 203 -37.66 -29.95 -2.50
N GLU A 204 -38.13 -30.71 -3.49
CA GLU A 204 -38.56 -30.16 -4.77
C GLU A 204 -40.04 -29.77 -4.68
N TYR A 205 -40.33 -28.50 -4.96
CA TYR A 205 -41.68 -27.99 -4.78
C TYR A 205 -41.92 -26.79 -5.68
N VAL A 206 -43.20 -26.41 -5.78
CA VAL A 206 -43.73 -25.17 -6.35
C VAL A 206 -44.72 -24.53 -5.39
N LEU A 207 -44.80 -23.21 -5.43
CA LEU A 207 -45.70 -22.50 -4.52
C LEU A 207 -47.14 -22.85 -4.87
N PRO A 208 -47.97 -23.14 -3.87
CA PRO A 208 -49.39 -23.44 -4.12
C PRO A 208 -50.26 -22.25 -4.54
N SER A 209 -49.78 -21.02 -4.41
CA SER A 209 -50.47 -19.79 -4.77
C SER A 209 -51.72 -19.50 -3.94
N PHE A 210 -52.16 -20.42 -3.08
CA PHE A 210 -53.29 -20.14 -2.21
C PHE A 210 -53.09 -20.94 -0.94
N GLU A 211 -53.91 -20.65 0.07
CA GLU A 211 -53.84 -21.34 1.35
C GLU A 211 -55.16 -22.02 1.68
N VAL A 212 -55.08 -23.20 2.28
CA VAL A 212 -56.25 -23.96 2.71
C VAL A 212 -56.17 -24.07 4.22
N ILE A 213 -57.28 -23.75 4.91
CA ILE A 213 -57.32 -23.78 6.36
C ILE A 213 -58.40 -24.76 6.81
N VAL A 214 -57.99 -25.77 7.56
CA VAL A 214 -58.87 -26.79 8.10
C VAL A 214 -59.07 -26.41 9.56
N GLU A 215 -60.24 -25.88 9.90
CA GLU A 215 -60.45 -25.38 11.26
C GLU A 215 -61.66 -26.04 11.89
N PRO A 216 -61.47 -26.88 12.90
CA PRO A 216 -62.61 -27.49 13.59
C PRO A 216 -63.37 -26.47 14.42
N THR A 217 -64.64 -26.77 14.68
CA THR A 217 -65.46 -25.88 15.49
C THR A 217 -64.86 -25.75 16.88
N GLU A 218 -64.66 -26.88 17.56
CA GLU A 218 -63.99 -26.94 18.84
C GLU A 218 -62.54 -27.38 18.65
N LYS A 219 -61.70 -27.03 19.62
CA LYS A 219 -60.29 -27.41 19.61
C LYS A 219 -60.09 -28.86 20.05
N PHE A 220 -61.17 -29.59 20.28
CA PHE A 220 -61.14 -30.97 20.76
C PHE A 220 -62.37 -31.68 20.20
N TYR A 221 -62.57 -32.92 20.63
CA TYR A 221 -63.81 -33.64 20.30
C TYR A 221 -64.29 -34.39 21.52
N TYR A 222 -65.43 -33.96 22.05
CA TYR A 222 -66.08 -34.67 23.15
C TYR A 222 -66.57 -36.03 22.68
N ILE A 223 -66.15 -37.09 23.38
CA ILE A 223 -66.39 -38.45 22.92
C ILE A 223 -67.88 -38.79 22.87
N TYR A 224 -68.70 -38.11 23.67
CA TYR A 224 -70.14 -38.37 23.69
C TYR A 224 -70.94 -37.29 22.95
N ASN A 225 -70.36 -36.66 21.93
CA ASN A 225 -71.07 -35.66 21.14
C ASN A 225 -71.63 -36.31 19.88
N GLU A 226 -72.96 -36.46 19.84
CA GLU A 226 -73.59 -37.14 18.71
C GLU A 226 -73.49 -36.34 17.41
N LYS A 227 -73.32 -35.01 17.52
CA LYS A 227 -73.20 -34.16 16.33
C LYS A 227 -71.95 -34.48 15.53
N GLY A 228 -70.91 -34.97 16.20
CA GLY A 228 -69.64 -35.27 15.57
C GLY A 228 -68.79 -34.03 15.41
N LEU A 229 -67.67 -34.22 14.72
CA LEU A 229 -66.70 -33.16 14.49
C LEU A 229 -67.05 -32.35 13.23
N GLU A 230 -67.56 -31.12 13.43
CA GLU A 230 -67.89 -30.25 12.31
C GLU A 230 -66.67 -29.40 11.99
N VAL A 231 -66.29 -29.36 10.71
CA VAL A 231 -65.07 -28.69 10.29
C VAL A 231 -65.39 -27.70 9.19
N THR A 232 -64.85 -26.49 9.30
CA THR A 232 -64.99 -25.44 8.29
C THR A 232 -63.71 -25.33 7.49
N ILE A 233 -63.84 -25.37 6.17
CA ILE A 233 -62.72 -25.23 5.24
C ILE A 233 -62.71 -23.81 4.69
N THR A 234 -61.58 -23.13 4.82
CA THR A 234 -61.44 -21.75 4.38
C THR A 234 -60.24 -21.66 3.45
N ALA A 235 -60.51 -21.40 2.16
CA ALA A 235 -59.49 -21.32 1.13
C ALA A 235 -59.43 -19.91 0.59
N ARG A 236 -58.22 -19.34 0.54
CA ARG A 236 -58.06 -17.99 0.02
C ARG A 236 -56.71 -17.84 -0.66
N PHE A 237 -56.69 -17.03 -1.71
CA PHE A 237 -55.47 -16.77 -2.47
C PHE A 237 -54.45 -16.06 -1.59
N LEU A 238 -53.19 -16.13 -1.99
CA LEU A 238 -52.14 -15.52 -1.19
C LEU A 238 -52.25 -13.99 -1.18
N TYR A 239 -53.01 -13.41 -2.10
CA TYR A 239 -53.20 -11.97 -2.16
C TYR A 239 -54.50 -11.51 -1.53
N GLY A 240 -55.23 -12.39 -0.85
CA GLY A 240 -56.39 -11.95 -0.08
C GLY A 240 -57.74 -12.44 -0.59
N LYS A 241 -57.94 -12.37 -1.91
CA LYS A 241 -59.22 -12.72 -2.51
C LYS A 241 -59.64 -14.13 -2.15
N LYS A 242 -60.95 -14.35 -2.06
CA LYS A 242 -61.47 -15.65 -1.68
C LYS A 242 -61.31 -16.63 -2.84
N VAL A 243 -61.66 -17.89 -2.59
CA VAL A 243 -61.41 -18.98 -3.53
C VAL A 243 -62.69 -19.75 -3.79
N GLU A 244 -62.99 -19.98 -5.06
CA GLU A 244 -64.09 -20.85 -5.48
C GLU A 244 -63.51 -22.16 -5.98
N GLY A 245 -64.05 -23.28 -5.52
CA GLY A 245 -63.56 -24.58 -5.95
C GLY A 245 -64.28 -25.77 -5.37
N THR A 246 -63.56 -26.89 -5.26
CA THR A 246 -64.09 -28.14 -4.73
C THR A 246 -63.08 -28.73 -3.76
N ALA A 247 -63.56 -29.26 -2.63
CA ALA A 247 -62.69 -29.82 -1.60
C ALA A 247 -63.05 -31.27 -1.34
N PHE A 248 -62.01 -32.12 -1.28
CA PHE A 248 -62.13 -33.52 -0.87
C PHE A 248 -61.61 -33.66 0.55
N VAL A 249 -62.50 -33.96 1.49
CA VAL A 249 -62.16 -34.06 2.91
C VAL A 249 -62.29 -35.49 3.38
N ILE A 250 -61.30 -35.95 4.15
CA ILE A 250 -61.26 -37.31 4.67
C ILE A 250 -60.69 -37.28 6.08
N PHE A 251 -61.19 -38.16 6.95
CA PHE A 251 -60.85 -38.17 8.37
C PHE A 251 -60.05 -39.41 8.73
N GLY A 252 -59.33 -39.32 9.85
CA GLY A 252 -58.59 -40.47 10.36
C GLY A 252 -58.37 -40.39 11.85
N ILE A 253 -58.12 -41.56 12.45
CA ILE A 253 -57.86 -41.70 13.88
C ILE A 253 -56.38 -41.98 14.09
N GLN A 254 -55.74 -41.20 14.96
CA GLN A 254 -54.33 -41.34 15.25
C GLN A 254 -54.13 -41.88 16.66
N ASP A 255 -53.35 -42.94 16.79
CA ASP A 255 -53.04 -43.58 18.07
C ASP A 255 -51.52 -43.62 18.23
N GLY A 256 -50.97 -42.65 18.96
CA GLY A 256 -49.52 -42.54 19.09
C GLY A 256 -48.87 -42.14 17.78
N GLU A 257 -48.37 -43.12 17.04
CA GLU A 257 -47.81 -42.88 15.71
C GLU A 257 -48.49 -43.75 14.66
N GLN A 258 -49.52 -44.49 15.02
CA GLN A 258 -50.26 -45.35 14.10
C GLN A 258 -51.50 -44.60 13.62
N ARG A 259 -51.57 -44.35 12.32
CA ARG A 259 -52.69 -43.62 11.74
C ARG A 259 -53.61 -44.62 11.03
N ILE A 260 -54.90 -44.52 11.31
CA ILE A 260 -55.92 -45.36 10.69
C ILE A 260 -56.92 -44.47 9.97
N SER A 261 -56.90 -44.50 8.64
CA SER A 261 -57.79 -43.69 7.85
C SER A 261 -59.21 -44.26 7.92
N LEU A 262 -60.20 -43.38 7.82
CA LEU A 262 -61.59 -43.79 7.83
C LEU A 262 -62.19 -43.59 6.44
N PRO A 263 -62.15 -44.60 5.56
CA PRO A 263 -62.63 -44.42 4.19
C PRO A 263 -64.10 -44.07 4.08
N GLU A 264 -64.92 -44.49 5.04
CA GLU A 264 -66.35 -44.24 4.99
C GLU A 264 -66.68 -42.77 5.25
N SER A 265 -65.76 -42.03 5.84
CA SER A 265 -65.97 -40.63 6.22
C SER A 265 -65.57 -39.66 5.12
N LEU A 266 -65.17 -40.18 3.96
CA LEU A 266 -64.74 -39.35 2.84
C LEU A 266 -65.92 -38.57 2.28
N LYS A 267 -65.74 -37.26 2.11
CA LYS A 267 -66.78 -36.37 1.61
C LYS A 267 -66.21 -35.42 0.55
N ARG A 268 -67.06 -35.08 -0.42
CA ARG A 268 -66.77 -34.06 -1.44
C ARG A 268 -67.72 -32.88 -1.23
N ILE A 269 -67.18 -31.73 -0.86
CA ILE A 269 -68.03 -30.57 -0.59
C ILE A 269 -67.66 -29.36 -1.47
N PRO A 270 -68.64 -28.54 -1.83
CA PRO A 270 -68.37 -27.31 -2.59
C PRO A 270 -67.73 -26.25 -1.70
N ILE A 271 -66.69 -25.60 -2.21
CA ILE A 271 -66.10 -24.43 -1.56
C ILE A 271 -66.74 -23.19 -2.19
N GLU A 272 -67.73 -22.61 -1.52
CA GLU A 272 -68.44 -21.44 -2.00
C GLU A 272 -68.05 -20.23 -1.15
N ASP A 273 -67.64 -19.15 -1.83
CA ASP A 273 -67.21 -17.93 -1.15
C ASP A 273 -66.05 -18.21 -0.20
N GLY A 274 -65.15 -19.09 -0.62
CA GLY A 274 -63.97 -19.37 0.17
C GLY A 274 -64.25 -20.17 1.43
N SER A 275 -65.42 -20.80 1.54
CA SER A 275 -65.81 -21.50 2.76
C SER A 275 -66.62 -22.74 2.43
N GLY A 276 -66.42 -23.81 3.22
CA GLY A 276 -67.21 -25.01 3.11
C GLY A 276 -67.32 -25.69 4.45
N GLU A 277 -68.30 -26.59 4.57
CA GLU A 277 -68.52 -27.35 5.79
C GLU A 277 -68.73 -28.83 5.50
N VAL A 278 -68.16 -29.67 6.35
CA VAL A 278 -68.25 -31.12 6.23
C VAL A 278 -68.27 -31.69 7.65
N VAL A 279 -69.22 -32.59 7.92
CA VAL A 279 -69.39 -33.14 9.26
C VAL A 279 -69.02 -34.62 9.24
N LEU A 280 -68.18 -35.02 10.20
CA LEU A 280 -67.93 -36.43 10.50
C LEU A 280 -68.96 -36.90 11.51
N SER A 281 -69.88 -37.75 11.09
CA SER A 281 -70.92 -38.24 11.99
C SER A 281 -70.35 -39.21 13.01
N ARG A 282 -70.93 -39.17 14.22
CA ARG A 282 -70.48 -40.05 15.30
C ARG A 282 -70.64 -41.51 14.92
N LYS A 283 -71.72 -41.83 14.20
CA LYS A 283 -71.96 -43.21 13.77
C LYS A 283 -70.82 -43.72 12.91
N VAL A 284 -70.40 -42.93 11.91
CA VAL A 284 -69.29 -43.33 11.06
C VAL A 284 -68.02 -43.51 11.88
N LEU A 285 -67.78 -42.60 12.84
CA LEU A 285 -66.61 -42.73 13.70
C LEU A 285 -66.61 -44.06 14.45
N LEU A 286 -67.75 -44.43 15.05
CA LEU A 286 -67.78 -45.67 15.80
C LEU A 286 -67.71 -46.87 14.88
N ASP A 287 -68.33 -46.78 13.70
CA ASP A 287 -68.28 -47.88 12.75
C ASP A 287 -66.88 -48.02 12.15
N GLY A 288 -66.16 -46.91 11.99
CA GLY A 288 -64.82 -46.95 11.42
C GLY A 288 -63.84 -47.73 12.27
N VAL A 289 -63.87 -47.50 13.58
CA VAL A 289 -63.02 -48.25 14.50
C VAL A 289 -63.69 -49.58 14.83
N GLN A 290 -62.88 -50.61 15.03
CA GLN A 290 -63.40 -51.94 15.30
C GLN A 290 -63.60 -52.20 16.77
N ASN A 291 -64.03 -51.18 17.51
CA ASN A 291 -64.26 -51.27 18.94
C ASN A 291 -65.58 -50.59 19.26
N PRO A 292 -66.57 -51.33 19.79
CA PRO A 292 -67.86 -50.69 20.13
C PRO A 292 -67.75 -49.77 21.32
N ARG A 293 -66.85 -50.06 22.25
CA ARG A 293 -66.60 -49.27 23.45
C ARG A 293 -65.94 -47.95 23.07
N ALA A 294 -66.73 -46.88 23.09
CA ALA A 294 -66.25 -45.54 22.74
C ALA A 294 -65.23 -45.01 23.74
N GLU A 295 -65.25 -45.49 24.98
CA GLU A 295 -64.33 -45.00 26.00
C GLU A 295 -62.88 -45.23 25.60
N ASP A 296 -62.61 -46.27 24.80
CA ASP A 296 -61.24 -46.54 24.38
C ASP A 296 -60.70 -45.48 23.44
N LEU A 297 -61.57 -44.73 22.74
CA LEU A 297 -61.09 -43.68 21.85
C LEU A 297 -60.54 -42.49 22.63
N VAL A 298 -60.94 -42.33 23.90
CA VAL A 298 -60.42 -41.26 24.72
C VAL A 298 -58.93 -41.45 24.95
N GLY A 299 -58.16 -40.39 24.70
CA GLY A 299 -56.72 -40.44 24.77
C GLY A 299 -56.06 -40.44 23.40
N LYS A 300 -56.80 -40.82 22.38
CA LYS A 300 -56.40 -40.78 20.98
C LYS A 300 -56.78 -39.43 20.39
N SER A 301 -56.31 -39.18 19.17
CA SER A 301 -56.59 -37.91 18.51
C SER A 301 -57.16 -38.19 17.12
N LEU A 302 -57.69 -37.13 16.52
CA LEU A 302 -58.23 -37.16 15.16
C LEU A 302 -57.44 -36.23 14.26
N TYR A 303 -57.26 -36.65 13.01
CA TYR A 303 -56.65 -35.80 12.00
C TYR A 303 -57.56 -35.70 10.79
N VAL A 304 -57.54 -34.53 10.16
CA VAL A 304 -58.39 -34.22 9.01
C VAL A 304 -57.50 -33.82 7.85
N SER A 305 -57.72 -34.41 6.67
CA SER A 305 -56.99 -34.05 5.47
C SER A 305 -57.96 -33.53 4.43
N ALA A 306 -57.68 -32.35 3.89
CA ALA A 306 -58.54 -31.71 2.91
C ALA A 306 -57.75 -31.35 1.68
N THR A 307 -58.27 -31.71 0.51
CA THR A 307 -57.67 -31.38 -0.78
C THR A 307 -58.62 -30.47 -1.54
N VAL A 308 -58.18 -29.25 -1.84
CA VAL A 308 -58.99 -28.27 -2.56
C VAL A 308 -58.43 -28.11 -3.97
N ILE A 309 -59.32 -28.20 -4.97
CA ILE A 309 -58.96 -28.02 -6.37
C ILE A 309 -59.76 -26.84 -6.90
N LEU A 310 -59.08 -25.92 -7.56
CA LEU A 310 -59.75 -24.79 -8.19
C LEU A 310 -60.59 -25.25 -9.37
N HIS A 311 -61.61 -24.44 -9.71
CA HIS A 311 -62.44 -24.77 -10.86
C HIS A 311 -61.65 -24.71 -12.16
N SER A 312 -60.58 -23.89 -12.17
CA SER A 312 -59.71 -23.81 -13.33
C SER A 312 -58.86 -25.06 -13.48
N GLY A 313 -58.69 -25.82 -12.39
CA GLY A 313 -57.89 -27.03 -12.41
C GLY A 313 -56.41 -26.80 -12.58
N SER A 314 -55.92 -25.61 -12.26
CA SER A 314 -54.52 -25.27 -12.48
C SER A 314 -53.71 -25.30 -11.19
N ASP A 315 -54.36 -25.37 -10.04
CA ASP A 315 -53.67 -25.49 -8.76
C ASP A 315 -54.44 -26.39 -7.81
N MET A 316 -53.71 -27.07 -6.94
CA MET A 316 -54.27 -28.01 -5.99
C MET A 316 -53.44 -27.91 -4.71
N VAL A 317 -54.11 -27.87 -3.57
CA VAL A 317 -53.45 -27.75 -2.28
C VAL A 317 -54.03 -28.77 -1.30
N GLN A 318 -53.16 -29.57 -0.69
CA GLN A 318 -53.56 -30.49 0.35
C GLN A 318 -53.10 -29.89 1.66
N ALA A 319 -53.97 -29.89 2.66
CA ALA A 319 -53.62 -29.37 3.97
C ALA A 319 -54.17 -30.32 5.01
N GLU A 320 -53.58 -30.30 6.19
CA GLU A 320 -53.97 -31.23 7.22
C GLU A 320 -54.01 -30.54 8.58
N ARG A 321 -54.93 -30.98 9.42
CA ARG A 321 -55.03 -30.54 10.80
C ARG A 321 -55.15 -31.80 11.66
N SER A 322 -54.07 -32.14 12.36
CA SER A 322 -54.00 -33.32 13.19
C SER A 322 -53.94 -32.89 14.65
N GLY A 323 -53.89 -33.88 15.53
CA GLY A 323 -53.77 -33.57 16.94
C GLY A 323 -55.04 -32.97 17.51
N ILE A 324 -56.18 -33.59 17.18
CA ILE A 324 -57.46 -33.14 17.76
C ILE A 324 -57.83 -34.19 18.80
N PRO A 325 -57.51 -33.95 20.07
CA PRO A 325 -57.69 -34.99 21.09
C PRO A 325 -59.14 -35.37 21.29
N ILE A 326 -59.39 -36.67 21.41
CA ILE A 326 -60.71 -37.16 21.81
C ILE A 326 -60.69 -37.22 23.33
N VAL A 327 -61.45 -36.33 23.96
CA VAL A 327 -61.37 -36.13 25.40
C VAL A 327 -62.74 -36.27 26.03
N THR A 328 -62.75 -36.33 27.36
CA THR A 328 -63.97 -36.34 28.14
C THR A 328 -64.08 -35.10 29.01
N SER A 329 -63.12 -34.17 28.90
CA SER A 329 -63.15 -32.95 29.66
C SER A 329 -62.51 -31.82 28.87
N PRO A 330 -63.16 -30.65 28.80
CA PRO A 330 -62.59 -29.53 28.04
C PRO A 330 -61.35 -28.91 28.66
N TYR A 331 -60.99 -29.25 29.91
CA TYR A 331 -59.87 -28.61 30.57
C TYR A 331 -58.90 -29.65 31.12
N GLN A 332 -57.79 -29.15 31.67
CA GLN A 332 -56.71 -29.99 32.19
C GLN A 332 -55.95 -29.15 33.21
N ILE A 333 -55.91 -29.61 34.46
CA ILE A 333 -55.34 -28.83 35.56
C ILE A 333 -53.91 -29.26 35.84
N HIS A 334 -53.01 -28.29 35.98
CA HIS A 334 -51.61 -28.50 36.28
C HIS A 334 -51.19 -27.66 37.47
N PHE A 335 -50.38 -28.25 38.34
CA PHE A 335 -49.80 -27.57 39.49
C PHE A 335 -48.31 -27.29 39.31
N THR A 336 -47.90 -27.05 38.06
CA THR A 336 -46.48 -26.84 37.74
C THR A 336 -46.01 -25.43 38.06
N LYS A 337 -46.90 -24.56 38.54
CA LYS A 337 -46.57 -23.19 38.89
C LYS A 337 -46.84 -22.88 40.35
N THR A 338 -47.23 -23.87 41.14
CA THR A 338 -47.55 -23.65 42.54
C THR A 338 -46.48 -24.24 43.45
N PRO A 339 -45.91 -23.43 44.34
CA PRO A 339 -44.91 -23.93 45.28
C PRO A 339 -45.40 -25.17 46.02
N LYS A 340 -44.48 -26.08 46.32
CA LYS A 340 -44.82 -27.32 47.00
C LYS A 340 -44.41 -27.29 48.47
N TYR A 341 -44.29 -26.10 49.05
CA TYR A 341 -44.01 -25.95 50.48
C TYR A 341 -44.83 -24.81 51.04
N PHE A 342 -45.41 -25.01 52.23
CA PHE A 342 -46.24 -24.00 52.86
C PHE A 342 -45.69 -23.64 54.24
N LYS A 343 -46.14 -22.50 54.75
CA LYS A 343 -45.81 -22.06 56.10
C LYS A 343 -47.02 -22.23 57.00
N PRO A 344 -47.00 -23.19 57.94
CA PRO A 344 -48.17 -23.44 58.79
C PRO A 344 -48.70 -22.21 59.49
N GLY A 345 -49.99 -21.90 59.30
CA GLY A 345 -50.61 -20.74 59.88
C GLY A 345 -50.64 -19.51 59.00
N MET A 346 -49.86 -19.49 57.92
CA MET A 346 -49.83 -18.33 57.04
C MET A 346 -50.59 -18.64 55.75
N PRO A 347 -51.14 -17.62 55.07
CA PRO A 347 -51.84 -17.87 53.80
C PRO A 347 -50.96 -18.57 52.76
N PHE A 348 -51.49 -19.66 52.21
CA PHE A 348 -50.83 -20.44 51.17
C PHE A 348 -51.42 -20.10 49.80
N ASP A 349 -50.56 -19.69 48.87
CA ASP A 349 -50.98 -19.30 47.54
C ASP A 349 -50.79 -20.45 46.55
N LEU A 350 -51.79 -20.65 45.70
CA LEU A 350 -51.77 -21.67 44.65
C LEU A 350 -51.89 -20.99 43.29
N MET A 351 -51.03 -21.39 42.36
CA MET A 351 -51.11 -20.91 40.98
C MET A 351 -51.65 -22.03 40.09
N VAL A 352 -52.98 -22.15 40.03
CA VAL A 352 -53.62 -23.18 39.23
C VAL A 352 -53.39 -22.87 37.76
N PHE A 353 -53.01 -23.88 36.98
CA PHE A 353 -52.77 -23.70 35.54
C PHE A 353 -53.73 -24.58 34.75
N VAL A 354 -54.83 -23.98 34.29
CA VAL A 354 -55.87 -24.67 33.54
C VAL A 354 -55.61 -24.50 32.05
N THR A 355 -55.55 -25.61 31.31
CA THR A 355 -55.27 -25.57 29.89
C THR A 355 -56.37 -26.30 29.11
N ASN A 356 -56.43 -25.99 27.82
CA ASN A 356 -57.27 -26.71 26.88
C ASN A 356 -56.63 -28.04 26.51
N PRO A 357 -57.40 -29.00 25.99
CA PRO A 357 -56.82 -30.31 25.64
C PRO A 357 -55.60 -30.23 24.75
N ASP A 358 -55.47 -29.18 23.93
CA ASP A 358 -54.33 -29.05 23.04
C ASP A 358 -53.12 -28.41 23.71
N GLY A 359 -53.24 -27.98 24.97
CA GLY A 359 -52.14 -27.42 25.71
C GLY A 359 -52.19 -25.91 25.84
N SER A 360 -53.04 -25.25 25.06
CA SER A 360 -53.17 -23.81 25.10
C SER A 360 -53.82 -23.36 26.42
N PRO A 361 -53.50 -22.16 26.88
CA PRO A 361 -54.15 -21.62 28.08
C PRO A 361 -55.65 -21.47 27.87
N ALA A 362 -56.40 -21.59 28.95
CA ALA A 362 -57.85 -21.46 28.94
C ALA A 362 -58.28 -20.20 29.68
N TYR A 363 -59.10 -19.40 29.03
CA TYR A 363 -59.53 -18.09 29.51
C TYR A 363 -60.89 -18.16 30.20
N ARG A 364 -60.99 -17.50 31.36
CA ARG A 364 -62.21 -17.43 32.16
C ARG A 364 -62.72 -18.83 32.53
N VAL A 365 -61.93 -19.55 33.32
CA VAL A 365 -62.37 -20.87 33.77
C VAL A 365 -62.49 -20.90 35.30
N PRO A 366 -63.70 -21.07 35.82
CA PRO A 366 -63.91 -21.14 37.27
C PRO A 366 -63.20 -22.34 37.90
N VAL A 367 -62.38 -22.06 38.92
CA VAL A 367 -61.70 -23.10 39.67
C VAL A 367 -61.93 -22.85 41.16
N ALA A 368 -61.99 -23.94 41.93
CA ALA A 368 -62.23 -23.86 43.36
C ALA A 368 -61.60 -25.07 44.04
N VAL A 369 -61.43 -24.95 45.36
CA VAL A 369 -60.89 -26.05 46.17
C VAL A 369 -62.04 -26.86 46.74
N GLN A 370 -61.87 -28.18 46.77
CA GLN A 370 -62.87 -29.09 47.32
C GLN A 370 -63.12 -28.80 48.80
N GLY A 371 -64.38 -28.59 49.17
CA GLY A 371 -64.72 -28.31 50.54
C GLY A 371 -64.72 -26.85 50.90
N GLU A 372 -64.12 -26.01 50.07
CA GLU A 372 -64.01 -24.56 50.23
C GLU A 372 -64.64 -23.87 49.04
N ASP A 373 -65.97 -23.81 49.00
CA ASP A 373 -66.64 -23.16 47.87
C ASP A 373 -66.39 -21.67 47.90
N THR A 374 -66.04 -21.13 49.07
CA THR A 374 -65.72 -19.71 49.19
C THR A 374 -64.48 -19.35 48.38
N VAL A 375 -63.48 -20.23 48.38
CA VAL A 375 -62.24 -20.02 47.63
C VAL A 375 -62.43 -20.46 46.18
N GLN A 376 -63.15 -19.66 45.41
CA GLN A 376 -63.42 -19.91 44.00
C GLN A 376 -62.89 -18.76 43.15
N SER A 377 -61.89 -19.04 42.32
CA SER A 377 -61.24 -18.00 41.52
C SER A 377 -61.45 -18.25 40.04
N LEU A 378 -61.02 -17.28 39.23
CA LEU A 378 -61.18 -17.31 37.78
C LEU A 378 -59.83 -17.21 37.09
N THR A 379 -59.61 -18.04 36.08
CA THR A 379 -58.34 -18.01 35.37
C THR A 379 -58.22 -16.70 34.61
N GLN A 380 -56.99 -16.23 34.45
CA GLN A 380 -56.74 -14.97 33.76
C GLN A 380 -56.53 -15.23 32.27
N GLY A 381 -55.91 -14.26 31.57
CA GLY A 381 -55.67 -14.41 30.15
C GLY A 381 -54.64 -15.48 29.83
N ASP A 382 -53.73 -15.73 30.76
CA ASP A 382 -52.69 -16.75 30.60
C ASP A 382 -53.13 -18.10 31.14
N GLY A 383 -54.39 -18.21 31.57
CA GLY A 383 -54.92 -19.46 32.09
C GLY A 383 -54.32 -19.81 33.44
N VAL A 384 -53.96 -18.81 34.23
CA VAL A 384 -53.39 -18.99 35.56
C VAL A 384 -54.32 -18.31 36.54
N ALA A 385 -54.78 -19.06 37.54
CA ALA A 385 -55.64 -18.49 38.56
C ALA A 385 -54.92 -18.54 39.90
N LYS A 386 -55.33 -17.66 40.80
CA LYS A 386 -54.74 -17.56 42.13
C LYS A 386 -55.77 -17.98 43.16
N LEU A 387 -55.38 -18.90 44.03
CA LEU A 387 -56.24 -19.40 45.08
C LEU A 387 -55.48 -19.25 46.39
N SER A 388 -55.96 -18.38 47.26
CA SER A 388 -55.36 -18.18 48.56
C SER A 388 -56.20 -18.94 49.56
N ILE A 389 -55.55 -19.79 50.36
CA ILE A 389 -56.22 -20.50 51.43
C ILE A 389 -55.60 -20.09 52.76
N ASN A 390 -56.23 -20.54 53.83
CA ASN A 390 -55.77 -20.28 55.18
C ASN A 390 -55.28 -21.61 55.73
N THR A 391 -54.00 -21.68 56.07
CA THR A 391 -53.42 -22.92 56.58
C THR A 391 -53.55 -22.95 58.09
N HIS A 392 -53.78 -24.11 58.61
CA HIS A 392 -53.77 -24.12 60.06
C HIS A 392 -52.36 -24.42 60.56
N PRO A 393 -51.96 -23.88 61.72
CA PRO A 393 -50.62 -24.20 62.24
C PRO A 393 -50.55 -25.69 62.51
N SER A 394 -49.88 -26.44 61.63
CA SER A 394 -49.79 -27.88 61.82
C SER A 394 -48.64 -28.44 60.97
N GLN A 395 -48.28 -29.68 61.28
CA GLN A 395 -47.24 -30.41 60.60
C GLN A 395 -47.82 -31.50 59.71
N LYS A 396 -49.14 -31.46 59.50
CA LYS A 396 -49.84 -32.42 58.64
C LYS A 396 -49.67 -32.02 57.17
N PRO A 397 -49.40 -32.99 56.30
CA PRO A 397 -49.22 -32.67 54.87
C PRO A 397 -50.48 -32.05 54.30
N LEU A 398 -50.34 -30.86 53.72
CA LEU A 398 -51.50 -30.15 53.20
C LEU A 398 -51.83 -30.72 51.83
N SER A 399 -52.95 -31.43 51.72
CA SER A 399 -53.35 -32.05 50.47
C SER A 399 -54.46 -31.21 49.82
N ILE A 400 -54.23 -30.75 48.60
CA ILE A 400 -55.16 -29.89 47.91
C ILE A 400 -55.68 -30.61 46.67
N THR A 401 -56.99 -30.53 46.45
CA THR A 401 -57.62 -31.07 45.25
C THR A 401 -58.40 -29.94 44.60
N VAL A 402 -58.02 -29.54 43.39
CA VAL A 402 -58.66 -28.44 42.70
C VAL A 402 -59.48 -29.02 41.55
N ARG A 403 -60.70 -28.52 41.41
CA ARG A 403 -61.60 -28.90 40.33
C ARG A 403 -62.04 -27.64 39.60
N THR A 404 -62.44 -27.83 38.34
CA THR A 404 -63.02 -26.73 37.59
C THR A 404 -64.50 -26.62 37.91
N LYS A 405 -64.98 -25.39 38.03
CA LYS A 405 -66.39 -25.12 38.32
C LYS A 405 -67.01 -24.32 37.20
N LYS A 406 -66.67 -24.65 35.96
CA LYS A 406 -67.29 -23.98 34.84
C LYS A 406 -68.77 -24.32 34.83
N GLN A 407 -69.61 -23.31 35.04
CA GLN A 407 -71.03 -23.49 34.94
C GLN A 407 -71.39 -23.97 33.55
N GLU A 408 -72.64 -24.41 33.39
CA GLU A 408 -73.15 -24.94 32.13
C GLU A 408 -72.42 -26.17 31.63
N LEU A 409 -71.48 -26.70 32.42
CA LEU A 409 -70.71 -27.89 32.11
C LEU A 409 -70.99 -28.92 33.20
N SER A 410 -71.33 -30.14 32.80
CA SER A 410 -71.64 -31.20 33.76
C SER A 410 -70.41 -31.64 34.55
N GLU A 411 -70.68 -32.25 35.70
CA GLU A 411 -69.65 -32.67 36.65
C GLU A 411 -68.78 -33.80 36.12
N ALA A 412 -69.28 -34.55 35.14
CA ALA A 412 -68.50 -35.64 34.57
C ALA A 412 -67.39 -35.11 33.67
N GLU A 413 -67.54 -33.89 33.15
CA GLU A 413 -66.59 -33.28 32.25
C GLU A 413 -65.69 -32.26 32.93
N GLN A 414 -65.89 -32.01 34.22
CA GLN A 414 -65.00 -31.10 34.95
C GLN A 414 -63.64 -31.73 35.19
N ALA A 415 -62.59 -30.95 34.95
CA ALA A 415 -61.22 -31.38 35.16
C ALA A 415 -60.84 -31.36 36.63
N THR A 416 -60.00 -32.30 37.04
CA THR A 416 -59.58 -32.39 38.43
C THR A 416 -58.13 -32.83 38.52
N ARG A 417 -57.43 -32.32 39.54
CA ARG A 417 -56.03 -32.65 39.79
C ARG A 417 -55.79 -32.52 41.28
N THR A 418 -54.90 -33.36 41.81
CA THR A 418 -54.60 -33.39 43.24
C THR A 418 -53.11 -33.18 43.51
N MET A 419 -52.79 -32.22 44.39
CA MET A 419 -51.42 -31.96 44.80
C MET A 419 -51.27 -32.08 46.32
N GLN A 420 -50.02 -32.00 46.77
CA GLN A 420 -49.67 -32.07 48.18
C GLN A 420 -48.51 -31.13 48.48
N ALA A 421 -48.55 -30.46 49.63
CA ALA A 421 -47.47 -29.55 50.03
C ALA A 421 -46.95 -29.95 51.40
N LEU A 422 -45.64 -29.74 51.62
CA LEU A 422 -45.04 -30.12 52.89
C LEU A 422 -44.71 -28.93 53.80
N PRO A 423 -44.78 -29.13 55.11
CA PRO A 423 -44.49 -28.06 56.07
C PRO A 423 -43.05 -27.58 55.96
N TYR A 424 -42.86 -26.26 56.02
CA TYR A 424 -41.52 -25.68 56.01
C TYR A 424 -40.86 -25.90 57.36
N SER A 425 -39.98 -26.90 57.43
CA SER A 425 -39.29 -27.24 58.67
C SER A 425 -38.43 -26.06 59.12
N THR A 426 -38.53 -25.72 60.40
CA THR A 426 -37.82 -24.58 60.96
C THR A 426 -36.63 -25.04 61.80
N VAL A 427 -35.76 -24.08 62.11
CA VAL A 427 -34.52 -24.34 62.82
C VAL A 427 -34.82 -24.59 64.30
N GLY A 428 -34.71 -25.84 64.72
CA GLY A 428 -34.96 -26.23 66.09
C GLY A 428 -36.40 -26.13 66.51
N ASN A 429 -37.33 -26.33 65.58
CA ASN A 429 -38.77 -26.28 65.84
C ASN A 429 -39.16 -24.98 66.52
N SER A 430 -38.54 -23.89 66.09
CA SER A 430 -38.76 -22.59 66.72
C SER A 430 -40.00 -21.89 66.18
N ASN A 431 -40.63 -22.43 65.14
CA ASN A 431 -41.83 -21.87 64.54
C ASN A 431 -41.62 -20.41 64.15
N ASN A 432 -40.47 -20.12 63.55
CA ASN A 432 -40.17 -18.80 63.00
C ASN A 432 -40.30 -18.87 61.48
N TYR A 433 -41.31 -18.21 60.94
CA TYR A 433 -41.62 -18.29 59.52
C TYR A 433 -41.59 -16.90 58.89
N LEU A 434 -41.23 -16.85 57.60
CA LEU A 434 -41.31 -15.64 56.81
C LEU A 434 -42.13 -15.92 55.56
N HIS A 435 -43.03 -15.01 55.20
CA HIS A 435 -43.89 -15.20 54.04
C HIS A 435 -43.90 -13.97 53.15
N LEU A 436 -43.47 -14.14 51.92
CA LEU A 436 -43.48 -13.09 50.91
C LEU A 436 -44.69 -13.33 50.01
N SER A 437 -45.62 -12.38 49.94
CA SER A 437 -46.73 -12.59 49.02
C SER A 437 -46.85 -11.47 48.01
N VAL A 438 -47.29 -11.83 46.81
CA VAL A 438 -47.42 -10.90 45.70
C VAL A 438 -48.71 -11.21 44.96
N LEU A 439 -49.49 -10.19 44.63
CA LEU A 439 -50.69 -10.38 43.82
C LEU A 439 -50.36 -10.90 42.42
N ARG A 440 -50.85 -12.09 42.11
CA ARG A 440 -50.53 -12.78 40.85
C ARG A 440 -51.35 -12.16 39.72
N THR A 441 -50.68 -11.38 38.87
CA THR A 441 -51.28 -10.69 37.73
C THR A 441 -50.16 -10.29 36.79
N GLU A 442 -50.47 -10.31 35.48
CA GLU A 442 -49.52 -9.94 34.44
C GLU A 442 -48.86 -8.59 34.71
N LEU A 443 -47.58 -8.68 35.06
CA LEU A 443 -46.75 -7.54 35.45
C LEU A 443 -46.03 -7.02 34.22
N ARG A 444 -45.98 -5.70 34.08
CA ARG A 444 -45.31 -5.17 32.92
C ARG A 444 -44.20 -4.19 33.31
N PRO A 445 -43.13 -4.13 32.51
CA PRO A 445 -42.06 -3.15 32.76
C PRO A 445 -42.59 -1.73 32.83
N GLY A 446 -42.11 -0.99 33.82
CA GLY A 446 -42.53 0.37 34.05
C GLY A 446 -43.52 0.57 35.16
N GLU A 447 -43.83 -0.48 35.92
CA GLU A 447 -44.76 -0.40 37.04
C GLU A 447 -44.01 -0.60 38.35
N THR A 448 -44.77 -0.70 39.45
CA THR A 448 -44.19 -0.91 40.77
C THR A 448 -44.99 -1.98 41.50
N LEU A 449 -44.28 -2.98 42.05
CA LEU A 449 -44.89 -4.08 42.75
C LEU A 449 -44.62 -3.92 44.24
N ASN A 450 -45.69 -4.05 45.03
CA ASN A 450 -45.60 -3.96 46.49
C ASN A 450 -45.29 -5.34 47.07
N VAL A 451 -44.08 -5.52 47.58
CA VAL A 451 -43.67 -6.78 48.16
C VAL A 451 -44.00 -6.76 49.66
N ASN A 452 -44.90 -7.64 50.07
CA ASN A 452 -45.38 -7.70 51.44
C ASN A 452 -44.54 -8.68 52.24
N PHE A 453 -43.72 -8.16 53.16
CA PHE A 453 -42.95 -9.01 54.06
C PHE A 453 -43.82 -9.25 55.29
N LEU A 454 -44.24 -10.50 55.50
CA LEU A 454 -45.08 -10.86 56.63
C LEU A 454 -44.31 -11.82 57.53
N LEU A 455 -44.16 -11.44 58.79
CA LEU A 455 -43.38 -12.22 59.74
C LEU A 455 -44.30 -12.95 60.71
N ARG A 456 -43.94 -14.18 61.04
CA ARG A 456 -44.61 -14.93 62.10
C ARG A 456 -43.52 -15.63 62.89
N MET A 457 -43.49 -15.35 64.18
CA MET A 457 -42.54 -15.95 65.11
C MET A 457 -43.01 -15.57 66.51
N ASP A 458 -42.40 -16.17 67.52
CA ASP A 458 -42.79 -15.77 68.84
C ASP A 458 -42.33 -14.33 69.09
N ARG A 459 -43.00 -13.67 70.04
CA ARG A 459 -42.74 -12.27 70.33
C ARG A 459 -41.51 -12.07 71.22
N ALA A 460 -40.92 -13.17 71.70
CA ALA A 460 -39.75 -13.14 72.58
C ALA A 460 -38.50 -12.65 71.87
N HIS A 461 -38.46 -12.71 70.54
CA HIS A 461 -37.28 -12.31 69.78
C HIS A 461 -37.66 -11.50 68.54
N GLU A 462 -38.88 -10.94 68.51
CA GLU A 462 -39.37 -10.24 67.35
C GLU A 462 -38.75 -8.85 67.20
N ALA A 463 -38.22 -8.28 68.27
CA ALA A 463 -37.67 -6.93 68.19
C ALA A 463 -36.25 -6.94 67.61
N LYS A 464 -35.58 -8.09 67.61
CA LYS A 464 -34.21 -8.15 67.10
C LYS A 464 -34.20 -8.03 65.58
N ILE A 465 -35.26 -8.48 64.93
CA ILE A 465 -35.36 -8.42 63.48
C ILE A 465 -35.59 -6.97 63.08
N ARG A 466 -34.56 -6.34 62.52
CA ARG A 466 -34.60 -4.93 62.16
C ARG A 466 -34.57 -4.71 60.66
N TYR A 467 -34.22 -5.74 59.88
CA TYR A 467 -34.12 -5.61 58.42
C TYR A 467 -34.25 -6.98 57.78
N TYR A 468 -34.67 -6.96 56.52
CA TYR A 468 -34.70 -8.14 55.66
C TYR A 468 -33.70 -7.96 54.53
N THR A 469 -33.11 -9.08 54.10
CA THR A 469 -32.22 -9.11 52.94
C THR A 469 -32.91 -9.79 51.77
N TYR A 470 -33.17 -9.03 50.71
CA TYR A 470 -33.90 -9.52 49.56
C TYR A 470 -33.00 -9.54 48.33
N LEU A 471 -33.12 -10.59 47.52
CA LEU A 471 -32.31 -10.79 46.33
C LEU A 471 -33.22 -11.12 45.15
N ILE A 472 -32.80 -10.67 43.96
CA ILE A 472 -33.57 -10.87 42.74
C ILE A 472 -32.73 -11.67 41.75
N MET A 473 -33.32 -12.72 41.19
CA MET A 473 -32.67 -13.58 40.21
C MET A 473 -33.37 -13.43 38.86
N ASN A 474 -32.62 -12.97 37.85
CA ASN A 474 -33.19 -12.83 36.52
C ASN A 474 -32.22 -13.37 35.49
N LYS A 475 -32.73 -14.20 34.58
CA LYS A 475 -31.94 -14.87 33.55
C LYS A 475 -30.80 -15.71 34.10
N GLY A 476 -30.88 -16.11 35.37
CA GLY A 476 -29.84 -16.94 35.95
C GLY A 476 -28.68 -16.21 36.57
N ARG A 477 -28.84 -14.93 36.89
CA ARG A 477 -27.79 -14.13 37.51
C ARG A 477 -28.44 -13.17 38.50
N LEU A 478 -27.65 -12.75 39.49
CA LEU A 478 -28.15 -11.86 40.53
C LEU A 478 -28.34 -10.45 39.95
N LEU A 479 -29.58 -10.02 39.86
CA LEU A 479 -29.88 -8.71 39.29
C LEU A 479 -29.80 -7.57 40.31
N LYS A 480 -30.36 -7.76 41.50
CA LYS A 480 -30.42 -6.68 42.47
C LYS A 480 -30.51 -7.24 43.88
N ALA A 481 -29.78 -6.61 44.81
CA ALA A 481 -29.83 -6.99 46.21
C ALA A 481 -29.91 -5.75 47.07
N GLY A 482 -30.61 -5.84 48.19
CA GLY A 482 -30.76 -4.69 49.06
C GLY A 482 -31.32 -5.09 50.42
N ARG A 483 -31.63 -4.05 51.21
CA ARG A 483 -32.14 -4.22 52.56
C ARG A 483 -33.52 -3.57 52.69
N GLN A 484 -34.34 -4.13 53.59
CA GLN A 484 -35.67 -3.59 53.88
C GLN A 484 -35.80 -3.35 55.38
N VAL A 485 -35.81 -2.08 55.78
CA VAL A 485 -35.86 -1.72 57.19
C VAL A 485 -37.21 -2.10 57.78
N ARG A 486 -37.18 -2.75 58.94
CA ARG A 486 -38.39 -3.19 59.65
C ARG A 486 -38.28 -2.78 61.11
N GLU A 487 -39.38 -2.07 61.64
CA GLU A 487 -39.46 -1.59 63.02
C GLU A 487 -40.05 -2.66 63.94
N PRO A 488 -39.58 -2.68 65.19
CA PRO A 488 -40.12 -3.64 66.17
C PRO A 488 -41.62 -3.47 66.37
N GLY A 489 -42.35 -4.56 66.19
CA GLY A 489 -43.78 -4.55 66.33
C GLY A 489 -44.50 -4.74 65.01
N GLN A 490 -43.93 -4.19 63.94
CA GLN A 490 -44.52 -4.33 62.61
C GLN A 490 -44.40 -5.75 62.10
N ASP A 491 -45.52 -6.34 61.73
CA ASP A 491 -45.54 -7.69 61.18
C ASP A 491 -45.47 -7.67 59.67
N LEU A 492 -46.04 -6.64 59.05
CA LEU A 492 -46.09 -6.52 57.60
C LEU A 492 -45.52 -5.18 57.21
N VAL A 493 -44.55 -5.20 56.29
CA VAL A 493 -43.96 -4.01 55.70
C VAL A 493 -44.05 -4.14 54.19
N VAL A 494 -44.07 -3.00 53.50
CA VAL A 494 -44.28 -2.97 52.06
C VAL A 494 -43.00 -2.48 51.39
N LEU A 495 -42.53 -3.24 50.40
CA LEU A 495 -41.36 -2.86 49.61
C LEU A 495 -41.78 -2.40 48.22
N PRO A 496 -41.65 -1.11 47.92
CA PRO A 496 -41.97 -0.63 46.56
C PRO A 496 -40.90 -1.03 45.55
N LEU A 497 -41.05 -2.16 44.88
CA LEU A 497 -40.03 -2.63 43.94
C LEU A 497 -40.35 -2.08 42.55
N SER A 498 -39.44 -1.28 42.01
CA SER A 498 -39.57 -0.69 40.68
C SER A 498 -39.21 -1.70 39.60
N ILE A 499 -40.17 -2.01 38.73
CA ILE A 499 -39.98 -3.00 37.68
C ILE A 499 -39.58 -2.25 36.40
N THR A 500 -38.38 -2.54 35.90
CA THR A 500 -37.85 -1.99 34.67
C THR A 500 -37.75 -3.11 33.63
N THR A 501 -37.00 -2.87 32.56
CA THR A 501 -36.90 -3.84 31.49
C THR A 501 -35.95 -4.98 31.84
N ASP A 502 -35.19 -4.86 32.93
CA ASP A 502 -34.22 -5.88 33.31
C ASP A 502 -34.86 -7.06 34.00
N PHE A 503 -36.19 -7.04 34.20
CA PHE A 503 -36.89 -8.12 34.87
C PHE A 503 -37.53 -9.11 33.90
N ILE A 504 -37.57 -8.77 32.61
CA ILE A 504 -38.07 -9.66 31.58
C ILE A 504 -37.17 -10.89 31.46
N PRO A 505 -37.75 -12.10 31.37
CA PRO A 505 -39.18 -12.42 31.33
C PRO A 505 -39.77 -12.69 32.71
N SER A 506 -38.93 -13.02 33.68
CA SER A 506 -39.40 -13.33 35.02
C SER A 506 -38.22 -13.24 35.99
N PHE A 507 -38.55 -13.06 37.26
CA PHE A 507 -37.54 -12.96 38.30
C PHE A 507 -38.02 -13.64 39.57
N ARG A 508 -37.08 -14.14 40.36
CA ARG A 508 -37.36 -14.73 41.66
C ARG A 508 -36.90 -13.78 42.76
N LEU A 509 -37.76 -13.57 43.75
CA LEU A 509 -37.46 -12.75 44.92
C LEU A 509 -37.35 -13.65 46.13
N VAL A 510 -36.13 -13.81 46.66
CA VAL A 510 -35.86 -14.62 47.84
C VAL A 510 -35.37 -13.70 48.94
N ALA A 511 -36.13 -13.58 50.02
CA ALA A 511 -35.78 -12.71 51.13
C ALA A 511 -35.62 -13.54 52.39
N TYR A 512 -34.70 -13.10 53.25
CA TYR A 512 -34.41 -13.80 54.49
C TYR A 512 -33.99 -12.80 55.56
N TYR A 513 -34.11 -13.25 56.82
CA TYR A 513 -33.68 -12.50 57.98
C TYR A 513 -32.92 -13.44 58.91
N THR A 514 -32.04 -12.87 59.73
CA THR A 514 -31.23 -13.66 60.65
C THR A 514 -31.25 -13.02 62.03
N LEU A 515 -31.05 -13.86 63.05
CA LEU A 515 -31.04 -13.44 64.44
C LEU A 515 -30.33 -14.51 65.27
N ILE A 516 -30.28 -14.28 66.58
CA ILE A 516 -29.75 -15.23 67.54
C ILE A 516 -30.86 -15.53 68.53
N GLY A 517 -31.44 -16.73 68.44
CA GLY A 517 -32.59 -17.09 69.24
C GLY A 517 -32.47 -18.48 69.83
N ALA A 518 -33.54 -18.89 70.51
CA ALA A 518 -33.68 -20.21 71.14
C ALA A 518 -32.50 -20.49 72.06
N SER A 519 -31.69 -21.50 71.76
CA SER A 519 -30.55 -21.86 72.60
C SER A 519 -29.30 -21.08 72.21
N GLY A 520 -29.44 -19.79 71.96
CA GLY A 520 -28.33 -18.95 71.54
C GLY A 520 -27.76 -19.35 70.20
N GLN A 521 -28.57 -20.03 69.39
CA GLN A 521 -28.18 -20.53 68.08
C GLN A 521 -28.44 -19.47 67.01
N ARG A 522 -27.57 -19.44 66.01
CA ARG A 522 -27.76 -18.55 64.87
C ARG A 522 -28.76 -19.18 63.93
N GLU A 523 -29.87 -18.47 63.69
CA GLU A 523 -30.98 -18.97 62.88
C GLU A 523 -31.21 -18.08 61.67
N VAL A 524 -31.45 -18.73 60.53
CA VAL A 524 -31.78 -18.09 59.27
C VAL A 524 -33.13 -18.61 58.78
N VAL A 525 -34.05 -17.71 58.49
CA VAL A 525 -35.36 -18.07 57.95
C VAL A 525 -35.52 -17.38 56.61
N ALA A 526 -35.86 -18.15 55.58
CA ALA A 526 -35.94 -17.65 54.21
C ALA A 526 -37.27 -18.02 53.56
N ASP A 527 -37.59 -17.30 52.48
CA ASP A 527 -38.75 -17.59 51.66
C ASP A 527 -38.55 -16.95 50.30
N SER A 528 -38.97 -17.65 49.25
CA SER A 528 -38.82 -17.16 47.88
C SER A 528 -40.15 -17.25 47.14
N VAL A 529 -40.29 -16.42 46.10
CA VAL A 529 -41.48 -16.39 45.28
C VAL A 529 -41.08 -16.10 43.83
N TRP A 530 -41.78 -16.73 42.89
CA TRP A 530 -41.53 -16.55 41.46
C TRP A 530 -42.58 -15.61 40.89
N VAL A 531 -42.13 -14.58 40.19
CA VAL A 531 -43.03 -13.59 39.59
C VAL A 531 -42.81 -13.56 38.08
N ASP A 532 -43.88 -13.75 37.33
CA ASP A 532 -43.83 -13.70 35.88
C ASP A 532 -44.03 -12.26 35.40
N VAL A 533 -43.42 -11.94 34.25
CA VAL A 533 -43.56 -10.62 33.64
C VAL A 533 -44.02 -10.80 32.20
N LYS A 534 -44.81 -9.84 31.71
CA LYS A 534 -45.32 -9.84 30.35
C LYS A 534 -44.19 -9.94 29.33
N ASP A 535 -44.08 -11.08 28.66
CA ASP A 535 -43.00 -11.28 27.69
C ASP A 535 -43.06 -10.26 26.57
N SER A 536 -41.94 -9.59 26.34
CA SER A 536 -41.82 -8.55 25.32
C SER A 536 -40.33 -8.30 25.09
N CYS A 537 -40.04 -7.42 24.15
CA CYS A 537 -38.66 -6.99 23.92
C CYS A 537 -38.20 -6.04 25.02
N VAL A 538 -36.88 -6.00 25.22
CA VAL A 538 -36.32 -5.09 26.20
C VAL A 538 -36.54 -3.65 25.75
N GLY A 539 -36.24 -3.38 24.48
CA GLY A 539 -36.57 -2.11 23.85
C GLY A 539 -37.82 -2.25 23.01
N SER A 540 -37.77 -1.84 21.75
CA SER A 540 -38.92 -2.01 20.87
C SER A 540 -38.46 -1.95 19.42
N LEU A 541 -39.24 -2.60 18.55
CA LEU A 541 -38.95 -2.62 17.12
C LEU A 541 -40.25 -2.85 16.37
N VAL A 542 -40.72 -1.84 15.65
CA VAL A 542 -41.97 -1.94 14.90
C VAL A 542 -41.69 -1.59 13.44
N VAL A 543 -42.23 -2.38 12.53
CA VAL A 543 -42.17 -2.13 11.09
C VAL A 543 -43.59 -1.89 10.61
N LYS A 544 -43.84 -0.72 10.04
CA LYS A 544 -45.17 -0.40 9.54
C LYS A 544 -45.05 0.32 8.21
N SER A 545 -46.21 0.71 7.66
CA SER A 545 -46.22 1.40 6.38
C SER A 545 -45.71 2.82 6.54
N GLY A 546 -44.77 3.21 5.68
CA GLY A 546 -44.19 4.54 5.74
C GLY A 546 -44.87 5.42 4.71
N GLN A 547 -46.11 5.09 4.36
CA GLN A 547 -46.83 5.84 3.35
C GLN A 547 -48.34 5.81 3.59
N SER A 548 -49.03 6.43 2.64
CA SER A 548 -50.47 6.58 2.59
C SER A 548 -51.11 5.25 2.25
N GLU A 549 -52.16 4.88 3.00
CA GLU A 549 -52.83 3.61 2.85
C GLU A 549 -54.01 3.71 1.88
N ASP A 550 -54.10 4.83 1.17
CA ASP A 550 -54.82 4.83 -0.09
C ASP A 550 -53.96 4.23 -1.20
N ARG A 551 -52.65 4.45 -1.13
CA ARG A 551 -51.69 3.91 -2.10
C ARG A 551 -51.58 2.40 -2.01
N GLN A 552 -51.89 1.70 -3.14
CA GLN A 552 -51.87 0.25 -3.11
C GLN A 552 -50.57 -0.31 -3.69
N PRO A 553 -50.00 -1.34 -3.06
CA PRO A 553 -48.74 -1.93 -3.56
C PRO A 553 -48.94 -2.56 -4.93
N VAL A 554 -48.01 -2.28 -5.84
CA VAL A 554 -48.14 -2.76 -7.21
C VAL A 554 -46.81 -3.45 -7.56
N PRO A 555 -46.79 -4.55 -8.36
CA PRO A 555 -45.52 -5.19 -8.70
C PRO A 555 -44.46 -4.30 -9.30
N GLY A 556 -43.43 -3.97 -8.51
CA GLY A 556 -42.29 -3.18 -8.94
C GLY A 556 -42.30 -1.79 -8.36
N GLN A 557 -43.46 -1.37 -7.86
CA GLN A 557 -43.65 -0.01 -7.36
C GLN A 557 -42.81 0.23 -6.11
N GLN A 558 -42.17 1.40 -6.06
CA GLN A 558 -41.44 1.77 -4.87
C GLN A 558 -42.43 2.01 -3.73
N MET A 559 -41.96 1.70 -2.52
CA MET A 559 -42.75 1.82 -1.31
C MET A 559 -41.85 2.36 -0.21
N THR A 560 -42.46 3.02 0.76
CA THR A 560 -41.72 3.52 1.90
C THR A 560 -42.09 2.65 3.10
N LEU A 561 -41.05 2.18 3.79
CA LEU A 561 -41.18 1.33 4.97
C LEU A 561 -40.81 2.14 6.18
N LYS A 562 -41.73 2.27 7.13
CA LYS A 562 -41.44 2.99 8.36
C LYS A 562 -40.93 2.00 9.41
N ILE A 563 -39.65 2.13 9.78
CA ILE A 563 -39.04 1.30 10.82
C ILE A 563 -38.75 2.20 12.02
N GLU A 564 -39.33 1.88 13.17
CA GLU A 564 -39.11 2.63 14.39
C GLU A 564 -38.60 1.71 15.50
N GLY A 565 -37.38 1.97 15.96
CA GLY A 565 -36.75 1.15 16.98
C GLY A 565 -35.80 1.94 17.86
N ASP A 566 -34.90 1.25 18.54
CA ASP A 566 -33.97 1.88 19.47
C ASP A 566 -32.83 2.57 18.73
N HIS A 567 -32.36 3.68 19.30
CA HIS A 567 -31.30 4.46 18.69
C HIS A 567 -30.01 3.65 18.61
N GLY A 568 -29.40 3.64 17.43
CA GLY A 568 -28.12 2.99 17.22
C GLY A 568 -28.22 1.51 16.90
N ALA A 569 -29.41 0.92 17.03
CA ALA A 569 -29.57 -0.50 16.83
C ALA A 569 -29.39 -0.89 15.37
N ARG A 570 -28.74 -2.03 15.15
CA ARG A 570 -28.61 -2.59 13.81
C ARG A 570 -29.78 -3.55 13.57
N VAL A 571 -30.60 -3.23 12.56
CA VAL A 571 -31.78 -4.01 12.23
C VAL A 571 -31.50 -4.82 10.98
N VAL A 572 -31.81 -6.10 11.01
CA VAL A 572 -31.66 -7.00 9.87
C VAL A 572 -33.04 -7.42 9.42
N LEU A 573 -33.25 -7.46 8.11
CA LEU A 573 -34.56 -7.63 7.53
C LEU A 573 -34.60 -8.90 6.68
N VAL A 574 -35.83 -9.27 6.32
CA VAL A 574 -36.09 -10.39 5.41
C VAL A 574 -37.56 -10.34 5.00
N ALA A 575 -37.82 -10.50 3.71
CA ALA A 575 -39.17 -10.55 3.16
C ALA A 575 -39.39 -11.95 2.59
N VAL A 576 -40.43 -12.62 3.07
CA VAL A 576 -40.73 -14.00 2.69
C VAL A 576 -42.14 -14.08 2.14
N ASP A 577 -42.28 -14.83 1.04
CA ASP A 577 -43.59 -15.10 0.45
C ASP A 577 -44.40 -16.01 1.37
N LYS A 578 -45.68 -15.70 1.52
CA LYS A 578 -46.49 -16.48 2.45
C LYS A 578 -46.73 -17.89 1.95
N GLY A 579 -46.49 -18.14 0.66
CA GLY A 579 -46.60 -19.50 0.15
C GLY A 579 -45.64 -20.45 0.83
N VAL A 580 -44.41 -20.00 1.08
CA VAL A 580 -43.44 -20.76 1.87
C VAL A 580 -44.05 -21.26 3.18
N PHE A 581 -44.70 -20.36 3.92
CA PHE A 581 -45.28 -20.75 5.20
C PHE A 581 -46.47 -21.68 5.03
N VAL A 582 -47.16 -21.61 3.89
CA VAL A 582 -48.21 -22.58 3.60
C VAL A 582 -47.62 -23.97 3.45
N LEU A 583 -46.40 -24.07 2.94
CA LEU A 583 -45.73 -25.36 2.82
C LEU A 583 -45.06 -25.79 4.13
N ASN A 584 -44.34 -24.89 4.78
CA ASN A 584 -43.65 -25.22 6.03
C ASN A 584 -43.60 -23.97 6.91
N LYS A 585 -44.12 -24.08 8.12
CA LYS A 585 -44.13 -22.97 9.07
C LYS A 585 -43.47 -23.36 10.39
N LYS A 586 -42.38 -24.11 10.33
CA LYS A 586 -41.69 -24.55 11.53
C LYS A 586 -40.32 -23.88 11.59
N ASN A 587 -39.74 -23.87 12.79
CA ASN A 587 -38.41 -23.31 13.02
C ASN A 587 -38.37 -21.82 12.69
N LYS A 588 -39.52 -21.15 12.79
CA LYS A 588 -39.58 -19.72 12.54
C LYS A 588 -39.14 -18.96 13.78
N LEU A 589 -38.24 -18.00 13.61
CA LEU A 589 -37.74 -17.22 14.73
C LEU A 589 -38.78 -16.21 15.19
N THR A 590 -39.22 -16.34 16.44
CA THR A 590 -40.14 -15.39 17.06
C THR A 590 -39.50 -14.87 18.35
N GLN A 591 -40.19 -13.94 19.01
CA GLN A 591 -39.67 -13.44 20.27
C GLN A 591 -39.99 -14.41 21.40
N SER A 592 -41.16 -15.07 21.32
CA SER A 592 -41.56 -16.04 22.33
C SER A 592 -40.57 -17.20 22.43
N LYS A 593 -39.97 -17.60 21.30
CA LYS A 593 -39.01 -18.69 21.32
C LYS A 593 -37.68 -18.28 21.94
N ILE A 594 -37.27 -17.02 21.76
CA ILE A 594 -36.05 -16.54 22.41
C ILE A 594 -36.18 -16.61 23.93
N TRP A 595 -37.26 -16.04 24.47
CA TRP A 595 -37.48 -16.07 25.91
C TRP A 595 -37.66 -17.50 26.41
N ASP A 596 -38.14 -18.40 25.55
CA ASP A 596 -38.25 -19.80 25.90
C ASP A 596 -36.88 -20.43 26.16
N VAL A 597 -35.93 -20.19 25.25
CA VAL A 597 -34.56 -20.70 25.43
C VAL A 597 -33.95 -20.16 26.72
N VAL A 598 -34.11 -18.86 26.97
CA VAL A 598 -33.56 -18.24 28.17
C VAL A 598 -34.11 -18.94 29.43
N GLU A 599 -35.42 -19.14 29.48
CA GLU A 599 -36.04 -19.76 30.64
C GLU A 599 -35.64 -21.22 30.81
N LYS A 600 -35.24 -21.91 29.74
CA LYS A 600 -34.82 -23.29 29.88
C LYS A 600 -33.40 -23.41 30.42
N ALA A 601 -32.62 -22.33 30.38
CA ALA A 601 -31.28 -22.33 30.94
C ALA A 601 -31.27 -21.71 32.33
N ASP A 602 -32.42 -21.70 33.00
CA ASP A 602 -32.57 -21.16 34.34
C ASP A 602 -32.05 -22.15 35.38
N ILE A 603 -31.47 -21.61 36.45
CA ILE A 603 -30.91 -22.45 37.51
C ILE A 603 -31.93 -22.74 38.61
N GLY A 604 -33.02 -21.99 38.67
CA GLY A 604 -34.10 -22.33 39.58
C GLY A 604 -34.90 -23.52 39.10
N CYS A 605 -35.42 -24.28 40.07
CA CYS A 605 -36.11 -25.54 39.81
C CYS A 605 -37.48 -25.65 40.46
N THR A 606 -37.92 -24.65 41.21
CA THR A 606 -39.17 -24.71 41.95
C THR A 606 -39.92 -23.39 41.77
N PRO A 607 -41.23 -23.39 41.95
CA PRO A 607 -41.97 -22.12 41.97
C PRO A 607 -41.61 -21.25 43.16
N GLY A 608 -41.30 -21.85 44.32
CA GLY A 608 -40.94 -21.06 45.48
C GLY A 608 -40.73 -21.82 46.77
N SER A 609 -40.01 -21.19 47.70
CA SER A 609 -39.74 -21.74 49.04
C SER A 609 -39.03 -23.08 48.99
N GLY A 610 -38.93 -23.74 50.15
CA GLY A 610 -38.28 -25.03 50.24
C GLY A 610 -38.59 -25.68 51.57
N LYS A 611 -38.01 -26.86 51.78
CA LYS A 611 -38.26 -27.59 53.02
C LYS A 611 -37.58 -26.95 54.22
N ASP A 612 -36.45 -26.26 54.02
CA ASP A 612 -35.75 -25.56 55.07
C ASP A 612 -35.15 -24.29 54.51
N TYR A 613 -34.37 -23.59 55.33
CA TYR A 613 -33.82 -22.31 54.90
C TYR A 613 -32.75 -22.50 53.84
N ALA A 614 -32.10 -23.67 53.79
CA ALA A 614 -31.13 -23.95 52.74
C ALA A 614 -31.84 -24.33 51.45
N GLY A 615 -32.96 -25.05 51.56
CA GLY A 615 -33.70 -25.43 50.37
C GLY A 615 -34.27 -24.24 49.62
N VAL A 616 -34.58 -23.17 50.34
CA VAL A 616 -35.09 -21.96 49.68
C VAL A 616 -34.03 -21.38 48.76
N PHE A 617 -32.79 -21.29 49.25
CA PHE A 617 -31.70 -20.75 48.42
C PHE A 617 -31.35 -21.70 47.29
N SER A 618 -31.24 -23.00 47.60
CA SER A 618 -30.86 -23.97 46.58
C SER A 618 -31.91 -24.08 45.48
N ASP A 619 -33.18 -24.15 45.87
CA ASP A 619 -34.24 -24.28 44.88
C ASP A 619 -34.44 -23.01 44.05
N ALA A 620 -34.04 -21.85 44.59
CA ALA A 620 -34.13 -20.59 43.87
C ALA A 620 -32.84 -20.25 43.13
N GLY A 621 -31.92 -21.20 43.03
CA GLY A 621 -30.68 -21.01 42.31
C GLY A 621 -29.69 -20.11 43.03
N LEU A 622 -29.46 -20.37 44.31
CA LEU A 622 -28.54 -19.57 45.12
C LEU A 622 -27.81 -20.47 46.10
N THR A 623 -26.59 -20.07 46.45
CA THR A 623 -25.78 -20.74 47.45
C THR A 623 -25.49 -19.75 48.58
N PHE A 624 -25.95 -20.07 49.78
CA PHE A 624 -25.70 -19.24 50.96
C PHE A 624 -24.67 -19.95 51.83
N THR A 625 -23.72 -19.19 52.37
CA THR A 625 -22.65 -19.76 53.19
C THR A 625 -22.23 -18.74 54.24
N SER A 626 -22.50 -19.03 55.50
CA SER A 626 -22.15 -18.14 56.60
C SER A 626 -20.86 -18.61 57.28
N SER A 627 -20.24 -17.69 58.02
CA SER A 627 -19.01 -18.05 58.72
C SER A 627 -19.28 -18.95 59.92
N SER A 628 -20.46 -18.84 60.51
CA SER A 628 -20.82 -19.66 61.66
C SER A 628 -21.04 -21.12 61.27
N GLY A 629 -21.29 -21.39 59.99
CA GLY A 629 -21.49 -22.74 59.48
C GLY A 629 -22.80 -22.98 58.76
N GLN A 630 -23.80 -22.10 58.89
CA GLN A 630 -25.07 -22.27 58.20
C GLN A 630 -24.84 -22.07 56.71
N GLN A 631 -24.97 -23.15 55.92
CA GLN A 631 -24.74 -23.04 54.50
C GLN A 631 -25.67 -24.02 53.77
N THR A 632 -25.85 -23.76 52.47
CA THR A 632 -26.64 -24.63 51.63
C THR A 632 -25.83 -25.85 51.20
N ALA A 633 -26.53 -26.95 50.95
CA ALA A 633 -25.89 -28.15 50.45
C ALA A 633 -25.29 -27.90 49.07
N GLN A 634 -24.33 -28.72 48.72
CA GLN A 634 -23.66 -28.60 47.43
C GLN A 634 -24.62 -28.96 46.30
N ARG A 635 -24.35 -28.38 45.12
CA ARG A 635 -25.11 -28.75 43.93
C ARG A 635 -24.14 -29.32 42.90
N ALA A 636 -24.36 -30.57 42.51
CA ALA A 636 -23.49 -31.25 41.56
C ALA A 636 -24.24 -31.61 40.29
N GLU A 637 -25.43 -31.03 40.08
CA GLU A 637 -26.27 -31.32 38.93
C GLU A 637 -26.51 -30.08 38.08
N LEU A 638 -26.00 -30.12 36.85
CA LEU A 638 -26.25 -29.03 35.91
C LEU A 638 -27.73 -28.92 35.62
N GLN A 639 -28.40 -30.05 35.50
CA GLN A 639 -29.82 -30.16 35.19
C GLN A 639 -30.62 -30.24 36.49
N CYS A 640 -31.83 -29.71 36.46
CA CYS A 640 -32.69 -29.76 37.62
C CYS A 640 -33.12 -31.20 37.91
N PRO A 641 -33.44 -31.51 39.16
CA PRO A 641 -33.99 -32.84 39.49
C PRO A 641 -35.40 -33.07 38.97
N GLN A 642 -35.63 -34.31 38.54
CA GLN A 642 -36.89 -34.75 37.96
C GLN A 642 -37.93 -34.99 39.05
N ASP B 4 -52.65 -3.32 -33.39
CA ASP B 4 -53.85 -2.57 -33.75
C ASP B 4 -53.91 -1.21 -33.05
N GLU B 5 -55.12 -0.70 -32.91
CA GLU B 5 -55.40 0.60 -32.31
C GLU B 5 -55.80 0.42 -30.85
N ASP B 6 -55.31 1.33 -30.01
CA ASP B 6 -55.70 1.38 -28.60
C ASP B 6 -55.27 0.11 -27.86
N ILE B 7 -54.01 -0.28 -28.06
CA ILE B 7 -53.44 -1.41 -27.36
C ILE B 7 -51.93 -1.27 -27.39
N ILE B 8 -51.27 -1.79 -26.36
CA ILE B 8 -49.83 -1.68 -26.21
C ILE B 8 -49.13 -2.70 -27.11
N ALA B 9 -48.15 -2.22 -27.87
CA ALA B 9 -47.40 -3.09 -28.76
C ALA B 9 -46.60 -4.12 -27.96
N GLU B 10 -46.37 -5.28 -28.57
CA GLU B 10 -45.67 -6.37 -27.89
C GLU B 10 -44.31 -5.91 -27.37
N GLU B 11 -43.58 -5.12 -28.16
CA GLU B 11 -42.23 -4.72 -27.75
C GLU B 11 -42.26 -3.74 -26.59
N ASN B 12 -43.40 -3.10 -26.32
CA ASN B 12 -43.52 -2.12 -25.25
C ASN B 12 -43.99 -2.73 -23.95
N ILE B 13 -44.22 -4.04 -23.90
CA ILE B 13 -44.65 -4.72 -22.68
C ILE B 13 -43.44 -5.38 -22.03
N VAL B 14 -43.15 -5.00 -20.80
CA VAL B 14 -42.07 -5.59 -20.01
C VAL B 14 -42.65 -6.66 -19.09
N SER B 15 -42.38 -7.92 -19.41
CA SER B 15 -42.92 -9.01 -18.61
C SER B 15 -42.36 -8.98 -17.19
N ARG B 16 -43.20 -9.34 -16.21
CA ARG B 16 -42.71 -9.55 -14.86
C ARG B 16 -41.86 -10.81 -14.80
N SER B 17 -40.71 -10.71 -14.12
CA SER B 17 -39.79 -11.85 -14.01
C SER B 17 -39.20 -12.06 -12.62
N GLU B 18 -39.36 -11.14 -11.68
CA GLU B 18 -38.76 -11.24 -10.36
C GLU B 18 -39.70 -11.93 -9.38
N PHE B 19 -39.49 -13.24 -9.18
CA PHE B 19 -40.34 -14.03 -8.29
C PHE B 19 -39.47 -14.76 -7.26
N PRO B 20 -38.78 -14.00 -6.41
CA PRO B 20 -37.94 -14.63 -5.38
C PRO B 20 -38.79 -15.19 -4.25
N GLU B 21 -38.37 -16.32 -3.69
CA GLU B 21 -39.06 -16.84 -2.53
C GLU B 21 -38.72 -16.02 -1.28
N SER B 22 -37.53 -15.44 -1.24
CA SER B 22 -37.15 -14.55 -0.14
C SER B 22 -36.28 -13.43 -0.69
N TRP B 23 -36.41 -12.25 -0.11
CA TRP B 23 -35.61 -11.10 -0.51
C TRP B 23 -35.57 -10.09 0.64
N LEU B 24 -35.04 -8.90 0.35
CA LEU B 24 -34.90 -7.80 1.33
C LEU B 24 -34.00 -8.23 2.49
N TRP B 25 -32.91 -8.94 2.14
CA TRP B 25 -31.89 -9.33 3.12
C TRP B 25 -30.93 -8.16 3.35
N ASN B 26 -31.46 -7.10 3.96
CA ASN B 26 -30.70 -5.86 4.09
C ASN B 26 -30.43 -5.53 5.55
N VAL B 27 -29.50 -4.59 5.75
CA VAL B 27 -29.10 -4.14 7.08
C VAL B 27 -29.24 -2.63 7.16
N GLU B 28 -29.96 -2.14 8.16
CA GLU B 28 -30.14 -0.71 8.38
C GLU B 28 -29.82 -0.37 9.83
N ASP B 29 -29.22 0.80 10.05
CA ASP B 29 -28.91 1.26 11.40
C ASP B 29 -29.80 2.46 11.75
N LEU B 30 -30.28 2.47 12.99
CA LEU B 30 -31.17 3.54 13.46
C LEU B 30 -30.36 4.65 14.14
N LYS B 31 -29.91 5.61 13.33
CA LYS B 31 -29.07 6.71 13.80
C LYS B 31 -29.82 8.04 13.91
N GLU B 32 -31.11 8.05 13.57
CA GLU B 32 -31.90 9.28 13.61
C GLU B 32 -32.10 9.79 15.03
N PRO B 33 -32.18 11.11 15.19
CA PRO B 33 -32.43 11.71 16.51
C PRO B 33 -33.65 11.13 17.19
N PRO B 34 -33.46 10.49 18.34
CA PRO B 34 -34.56 9.81 19.03
C PRO B 34 -35.71 10.74 19.38
N LYS B 35 -36.92 10.17 19.42
CA LYS B 35 -38.13 10.85 19.89
C LYS B 35 -38.74 9.93 20.94
N ASN B 36 -38.57 10.32 22.20
CA ASN B 36 -38.90 9.53 23.39
C ASN B 36 -38.15 8.20 23.39
N GLY B 37 -36.91 8.24 22.88
CA GLY B 37 -36.03 7.08 22.84
C GLY B 37 -36.14 6.26 21.57
N ILE B 38 -37.17 6.50 20.77
CA ILE B 38 -37.44 5.77 19.54
C ILE B 38 -36.90 6.58 18.37
N SER B 39 -36.07 5.95 17.53
CA SER B 39 -35.56 6.59 16.32
C SER B 39 -36.20 5.94 15.11
N THR B 40 -36.98 6.72 14.36
CA THR B 40 -37.71 6.22 13.20
C THR B 40 -36.89 6.42 11.94
N LYS B 41 -36.80 5.38 11.12
CA LYS B 41 -36.06 5.42 9.87
C LYS B 41 -36.96 5.00 8.72
N LEU B 42 -37.20 5.93 7.80
CA LEU B 42 -38.00 5.66 6.61
C LEU B 42 -37.11 5.03 5.54
N MET B 43 -37.51 3.84 5.07
CA MET B 43 -36.71 3.06 4.15
C MET B 43 -37.51 2.76 2.88
N ASN B 44 -36.97 3.17 1.74
CA ASN B 44 -37.57 2.95 0.43
C ASN B 44 -37.14 1.61 -0.13
N ILE B 45 -38.09 0.78 -0.55
CA ILE B 45 -37.79 -0.52 -1.11
C ILE B 45 -38.57 -0.67 -2.40
N PHE B 46 -38.01 -1.45 -3.32
CA PHE B 46 -38.68 -1.78 -4.58
C PHE B 46 -39.25 -3.19 -4.52
N LEU B 47 -40.57 -3.29 -4.60
CA LEU B 47 -41.27 -4.57 -4.55
C LEU B 47 -40.95 -5.44 -5.76
N LYS B 48 -41.09 -6.75 -5.59
CA LYS B 48 -40.82 -7.69 -6.65
C LYS B 48 -42.07 -7.88 -7.51
N ASP B 49 -41.97 -8.78 -8.49
CA ASP B 49 -43.01 -8.97 -9.49
C ASP B 49 -44.09 -9.96 -9.07
N SER B 50 -43.91 -10.65 -7.96
CA SER B 50 -44.86 -11.66 -7.50
C SER B 50 -46.19 -11.04 -7.09
N ILE B 51 -47.28 -11.77 -7.34
CA ILE B 51 -48.60 -11.33 -6.95
C ILE B 51 -49.07 -12.18 -5.78
N THR B 52 -48.77 -11.71 -4.56
CA THR B 52 -48.95 -12.49 -3.35
C THR B 52 -48.89 -11.53 -2.16
N THR B 53 -48.77 -12.09 -0.96
CA THR B 53 -48.52 -11.32 0.25
C THR B 53 -47.11 -11.62 0.75
N TRP B 54 -46.34 -10.57 1.02
CA TRP B 54 -45.01 -10.72 1.59
C TRP B 54 -45.06 -10.56 3.10
N GLU B 55 -44.35 -11.44 3.80
CA GLU B 55 -44.13 -11.32 5.23
C GLU B 55 -42.72 -10.80 5.48
N ILE B 56 -42.64 -9.59 6.02
CA ILE B 56 -41.37 -8.93 6.34
C ILE B 56 -41.09 -9.10 7.83
N LEU B 57 -39.95 -9.70 8.15
CA LEU B 57 -39.55 -9.96 9.54
C LEU B 57 -38.36 -9.08 9.88
N ALA B 58 -38.41 -8.46 11.07
CA ALA B 58 -37.35 -7.58 11.53
C ALA B 58 -36.78 -8.02 12.86
N VAL B 59 -35.46 -7.95 12.99
CA VAL B 59 -34.75 -8.28 14.22
C VAL B 59 -33.74 -7.18 14.50
N SER B 60 -33.83 -6.57 15.68
CA SER B 60 -32.95 -5.48 16.04
C SER B 60 -31.96 -5.92 17.11
N MET B 61 -30.77 -5.33 17.07
CA MET B 61 -29.70 -5.66 18.01
C MET B 61 -29.03 -4.39 18.50
N SER B 62 -29.31 -3.99 19.74
CA SER B 62 -28.73 -2.78 20.31
C SER B 62 -27.76 -3.15 21.42
N ASP B 63 -26.77 -2.26 21.64
CA ASP B 63 -25.77 -2.52 22.67
C ASP B 63 -26.39 -2.50 24.06
N LYS B 64 -27.35 -1.61 24.29
CA LYS B 64 -27.97 -1.40 25.58
C LYS B 64 -29.33 -2.09 25.69
N LYS B 65 -29.91 -2.52 24.57
CA LYS B 65 -31.25 -3.07 24.56
C LYS B 65 -31.29 -4.56 24.23
N GLY B 66 -30.24 -5.10 23.63
CA GLY B 66 -30.17 -6.51 23.33
C GLY B 66 -30.87 -6.90 22.03
N ILE B 67 -31.44 -8.11 22.03
CA ILE B 67 -32.08 -8.68 20.84
C ILE B 67 -33.58 -8.49 20.92
N CYS B 68 -34.19 -8.19 19.77
CA CYS B 68 -35.63 -8.01 19.64
C CYS B 68 -36.10 -8.53 18.29
N VAL B 69 -37.06 -9.45 18.31
CA VAL B 69 -37.66 -9.99 17.09
C VAL B 69 -39.03 -9.32 16.91
N ALA B 70 -39.13 -8.45 15.90
CA ALA B 70 -40.37 -7.72 15.72
C ALA B 70 -41.50 -8.66 15.26
N ASP B 71 -42.73 -8.19 15.42
CA ASP B 71 -43.86 -8.92 14.88
C ASP B 71 -43.83 -8.86 13.35
N PRO B 72 -44.28 -9.92 12.68
CA PRO B 72 -44.26 -9.91 11.22
C PRO B 72 -45.18 -8.83 10.67
N PHE B 73 -44.67 -8.11 9.67
CA PHE B 73 -45.43 -7.07 8.97
C PHE B 73 -45.78 -7.57 7.58
N GLU B 74 -47.07 -7.71 7.32
CA GLU B 74 -47.54 -8.27 6.06
C GLU B 74 -47.82 -7.16 5.06
N VAL B 75 -47.37 -7.35 3.82
CA VAL B 75 -47.57 -6.40 2.73
C VAL B 75 -48.08 -7.18 1.54
N THR B 76 -49.36 -7.01 1.21
CA THR B 76 -49.97 -7.69 0.09
C THR B 76 -49.74 -6.87 -1.17
N VAL B 77 -49.41 -7.55 -2.26
CA VAL B 77 -49.17 -6.89 -3.54
C VAL B 77 -50.18 -7.45 -4.55
N MET B 78 -50.83 -6.55 -5.28
CA MET B 78 -51.87 -7.00 -6.21
C MET B 78 -52.00 -5.98 -7.33
N GLN B 79 -52.77 -6.37 -8.36
CA GLN B 79 -53.11 -5.52 -9.49
C GLN B 79 -54.57 -5.76 -9.87
N ASP B 80 -55.13 -4.81 -10.61
CA ASP B 80 -56.49 -5.01 -11.11
C ASP B 80 -56.53 -6.17 -12.11
N PHE B 81 -55.52 -6.27 -12.97
CA PHE B 81 -55.48 -7.26 -14.04
C PHE B 81 -54.09 -7.89 -14.09
N PHE B 82 -54.01 -9.21 -14.06
CA PHE B 82 -52.70 -9.87 -14.11
C PHE B 82 -52.84 -11.31 -14.61
N ILE B 83 -51.69 -11.89 -14.95
CA ILE B 83 -51.57 -13.26 -15.43
C ILE B 83 -50.96 -14.13 -14.34
N ASP B 84 -51.60 -15.25 -14.02
CA ASP B 84 -51.01 -16.25 -13.13
C ASP B 84 -50.56 -17.45 -13.97
N LEU B 85 -49.25 -17.50 -14.27
CA LEU B 85 -48.67 -18.57 -15.08
C LEU B 85 -48.22 -19.75 -14.20
N ARG B 86 -49.03 -20.81 -14.17
CA ARG B 86 -48.77 -21.95 -13.27
C ARG B 86 -47.83 -22.95 -13.92
N LEU B 87 -46.47 -22.86 -13.58
CA LEU B 87 -45.51 -23.77 -14.21
C LEU B 87 -45.10 -24.89 -13.25
N PRO B 88 -44.98 -26.12 -13.75
CA PRO B 88 -44.53 -27.22 -12.88
C PRO B 88 -43.06 -27.08 -12.53
N TYR B 89 -42.65 -27.80 -11.49
CA TYR B 89 -41.25 -27.77 -11.06
C TYR B 89 -40.32 -28.29 -12.15
N SER B 90 -40.69 -29.38 -12.82
CA SER B 90 -39.86 -29.90 -13.90
C SER B 90 -40.74 -30.59 -14.92
N VAL B 91 -40.16 -30.81 -16.11
CA VAL B 91 -40.79 -31.53 -17.20
C VAL B 91 -39.75 -32.41 -17.89
N VAL B 92 -40.22 -33.52 -18.47
CA VAL B 92 -39.35 -34.46 -19.15
C VAL B 92 -39.11 -33.98 -20.58
N ARG B 93 -37.85 -34.05 -21.01
CA ARG B 93 -37.50 -33.71 -22.39
C ARG B 93 -38.35 -34.47 -23.40
N ASN B 94 -38.82 -33.76 -24.43
CA ASN B 94 -39.57 -34.29 -25.57
C ASN B 94 -40.95 -34.83 -25.20
N GLU B 95 -41.44 -34.54 -23.99
CA GLU B 95 -42.78 -34.95 -23.59
C GLU B 95 -43.74 -33.76 -23.62
N GLN B 96 -44.85 -33.93 -24.33
CA GLN B 96 -45.87 -32.91 -24.47
C GLN B 96 -46.62 -32.68 -23.17
N VAL B 97 -46.60 -31.44 -22.68
CA VAL B 97 -47.29 -31.06 -21.45
C VAL B 97 -48.19 -29.87 -21.78
N GLU B 98 -49.25 -29.72 -20.99
CA GLU B 98 -50.11 -28.54 -21.06
C GLU B 98 -49.94 -27.66 -19.83
N ILE B 99 -49.69 -26.37 -20.04
CA ILE B 99 -49.67 -25.40 -18.96
C ILE B 99 -50.89 -24.51 -19.12
N ARG B 100 -51.24 -23.81 -18.04
CA ARG B 100 -52.40 -22.91 -18.05
C ARG B 100 -51.99 -21.52 -17.60
N ALA B 101 -52.34 -20.50 -18.40
CA ALA B 101 -52.21 -19.10 -18.02
C ALA B 101 -53.59 -18.56 -17.68
N VAL B 102 -53.82 -18.24 -16.41
CA VAL B 102 -55.11 -17.75 -15.93
C VAL B 102 -55.07 -16.24 -15.83
N LEU B 103 -55.91 -15.58 -16.64
CA LEU B 103 -55.98 -14.11 -16.67
C LEU B 103 -57.07 -13.66 -15.70
N TYR B 104 -56.71 -12.81 -14.75
CA TYR B 104 -57.63 -12.33 -13.72
C TYR B 104 -58.01 -10.88 -13.96
N ASN B 105 -59.31 -10.59 -13.89
CA ASN B 105 -59.89 -9.26 -13.99
C ASN B 105 -60.68 -8.98 -12.72
N TYR B 106 -60.13 -8.15 -11.83
CA TYR B 106 -60.71 -7.85 -10.53
C TYR B 106 -61.35 -6.46 -10.49
N ARG B 107 -61.83 -5.97 -11.63
CA ARG B 107 -62.59 -4.73 -11.62
C ARG B 107 -64.04 -5.02 -11.23
N GLN B 108 -64.64 -4.07 -10.50
CA GLN B 108 -65.94 -4.34 -9.90
C GLN B 108 -67.03 -4.50 -10.95
N ASN B 109 -67.22 -3.49 -11.80
CA ASN B 109 -68.21 -3.53 -12.86
C ASN B 109 -67.64 -2.93 -14.15
N GLN B 110 -66.57 -3.53 -14.65
CA GLN B 110 -65.96 -3.06 -15.89
C GLN B 110 -65.38 -4.28 -16.60
N GLU B 111 -65.96 -4.63 -17.74
CA GLU B 111 -65.42 -5.73 -18.53
C GLU B 111 -64.18 -5.28 -19.29
N LEU B 112 -63.34 -6.25 -19.64
CA LEU B 112 -62.09 -5.98 -20.34
C LEU B 112 -61.99 -6.88 -21.57
N LYS B 113 -61.77 -6.27 -22.73
CA LYS B 113 -61.42 -6.98 -23.95
C LYS B 113 -59.90 -7.14 -23.95
N VAL B 114 -59.42 -8.37 -23.79
CA VAL B 114 -58.00 -8.64 -23.57
C VAL B 114 -57.46 -9.48 -24.70
N ARG B 115 -56.24 -9.16 -25.12
CA ARG B 115 -55.41 -9.95 -26.03
C ARG B 115 -54.24 -10.57 -25.28
N VAL B 116 -54.11 -11.90 -25.38
CA VAL B 116 -53.06 -12.66 -24.71
C VAL B 116 -52.19 -13.35 -25.75
N GLU B 117 -50.88 -13.31 -25.55
CA GLU B 117 -49.93 -13.88 -26.51
C GLU B 117 -48.93 -14.79 -25.81
N LEU B 118 -48.60 -15.91 -26.44
CA LEU B 118 -47.52 -16.80 -26.00
C LEU B 118 -46.27 -16.57 -26.86
N LEU B 119 -45.21 -16.04 -26.24
CA LEU B 119 -43.99 -15.75 -26.98
C LEU B 119 -43.35 -17.02 -27.54
N HIS B 120 -42.75 -16.89 -28.72
CA HIS B 120 -42.03 -17.99 -29.36
C HIS B 120 -40.72 -18.28 -28.63
N ASN B 121 -40.38 -19.56 -28.50
CA ASN B 121 -39.10 -19.94 -27.94
C ASN B 121 -38.54 -21.15 -28.69
N PRO B 122 -37.36 -21.02 -29.32
CA PRO B 122 -36.79 -22.16 -30.06
C PRO B 122 -36.61 -23.42 -29.21
N ALA B 123 -36.45 -23.27 -27.89
CA ALA B 123 -36.27 -24.40 -26.99
C ALA B 123 -37.56 -25.16 -26.71
N PHE B 124 -38.71 -24.61 -27.09
CA PHE B 124 -39.99 -25.27 -26.92
C PHE B 124 -40.66 -25.46 -28.28
N CYS B 125 -41.60 -26.38 -28.34
CA CYS B 125 -42.42 -26.62 -29.52
C CYS B 125 -43.89 -26.29 -29.32
N SER B 126 -44.36 -25.30 -30.09
CA SER B 126 -45.75 -24.90 -30.10
C SER B 126 -46.05 -24.34 -31.48
N LEU B 127 -47.29 -23.88 -31.68
CA LEU B 127 -47.66 -23.27 -32.94
C LEU B 127 -46.98 -21.92 -33.16
N ALA B 128 -46.49 -21.31 -32.09
CA ALA B 128 -45.74 -20.06 -32.19
C ALA B 128 -44.37 -20.30 -32.81
N THR B 129 -44.16 -19.67 -33.95
CA THR B 129 -42.93 -19.70 -34.76
C THR B 129 -42.35 -18.29 -34.82
N THR B 130 -41.27 -18.15 -35.58
CA THR B 130 -40.64 -16.84 -35.73
C THR B 130 -41.45 -15.90 -36.61
N LYS B 131 -42.31 -16.43 -37.48
CA LYS B 131 -43.11 -15.62 -38.39
C LYS B 131 -44.48 -15.27 -37.82
N ARG B 132 -45.20 -16.24 -37.23
CA ARG B 132 -46.53 -15.96 -36.72
C ARG B 132 -46.59 -16.03 -35.20
N ARG B 133 -47.54 -15.28 -34.65
CA ARG B 133 -47.80 -15.10 -33.23
C ARG B 133 -48.96 -15.98 -32.76
N HIS B 134 -48.99 -16.24 -31.46
CA HIS B 134 -50.10 -16.96 -30.82
C HIS B 134 -50.97 -16.00 -30.01
N GLN B 135 -51.95 -15.40 -30.67
CA GLN B 135 -52.84 -14.47 -30.00
C GLN B 135 -54.25 -15.03 -29.92
N GLN B 136 -55.01 -14.47 -28.99
CA GLN B 136 -56.44 -14.73 -28.84
C GLN B 136 -57.03 -13.52 -28.14
N THR B 137 -58.16 -13.03 -28.64
CA THR B 137 -58.83 -11.88 -28.05
C THR B 137 -60.02 -12.41 -27.26
N VAL B 138 -59.92 -12.36 -25.94
CA VAL B 138 -60.99 -12.82 -25.08
C VAL B 138 -61.59 -11.65 -24.31
N THR B 139 -62.75 -11.88 -23.72
CA THR B 139 -63.44 -10.91 -22.87
C THR B 139 -63.56 -11.51 -21.49
N ILE B 140 -62.97 -10.84 -20.50
CA ILE B 140 -63.02 -11.30 -19.11
C ILE B 140 -64.06 -10.45 -18.39
N PRO B 141 -65.17 -11.03 -17.94
CA PRO B 141 -66.18 -10.26 -17.21
C PRO B 141 -65.61 -9.67 -15.93
N PRO B 142 -66.26 -8.66 -15.37
CA PRO B 142 -65.79 -8.10 -14.10
C PRO B 142 -65.79 -9.13 -12.99
N LYS B 143 -64.87 -8.94 -12.04
CA LYS B 143 -64.74 -9.79 -10.86
C LYS B 143 -64.71 -11.28 -11.23
N SER B 144 -63.92 -11.60 -12.24
CA SER B 144 -63.92 -12.96 -12.79
C SER B 144 -62.52 -13.28 -13.31
N SER B 145 -62.38 -14.48 -13.87
CA SER B 145 -61.10 -14.95 -14.38
C SER B 145 -61.33 -15.87 -15.56
N LEU B 146 -60.27 -16.05 -16.36
CA LEU B 146 -60.33 -16.86 -17.57
C LEU B 146 -59.03 -17.64 -17.69
N SER B 147 -59.13 -18.88 -18.18
CA SER B 147 -58.00 -19.79 -18.29
C SER B 147 -57.65 -20.05 -19.75
N VAL B 148 -56.38 -19.86 -20.10
CA VAL B 148 -55.93 -20.01 -21.49
C VAL B 148 -54.92 -21.15 -21.56
N PRO B 149 -55.29 -22.29 -22.15
CA PRO B 149 -54.38 -23.45 -22.22
C PRO B 149 -53.38 -23.35 -23.36
N TYR B 150 -52.11 -23.61 -23.06
CA TYR B 150 -51.06 -23.68 -24.07
C TYR B 150 -50.37 -25.04 -24.02
N VAL B 151 -50.24 -25.66 -25.19
CA VAL B 151 -49.63 -26.99 -25.34
C VAL B 151 -48.22 -26.84 -25.89
N ILE B 152 -47.21 -27.22 -25.11
CA ILE B 152 -45.82 -27.05 -25.50
C ILE B 152 -45.07 -28.37 -25.35
N VAL B 153 -43.90 -28.43 -25.97
CA VAL B 153 -43.03 -29.62 -25.92
C VAL B 153 -41.58 -29.22 -25.68
N PRO B 154 -41.03 -29.45 -24.49
CA PRO B 154 -39.64 -29.06 -24.22
C PRO B 154 -38.66 -29.82 -25.10
N LEU B 155 -37.78 -29.08 -25.78
CA LEU B 155 -36.87 -29.65 -26.76
C LEU B 155 -35.46 -29.91 -26.23
N LYS B 156 -34.89 -28.97 -25.47
CA LYS B 156 -33.55 -29.13 -24.91
C LYS B 156 -33.59 -29.01 -23.39
N THR B 157 -32.74 -29.80 -22.73
CA THR B 157 -32.76 -29.86 -21.27
C THR B 157 -32.16 -28.59 -20.67
N GLY B 158 -32.33 -28.45 -19.35
CA GLY B 158 -31.84 -27.33 -18.58
C GLY B 158 -32.94 -26.35 -18.24
N LEU B 159 -32.50 -25.27 -17.59
CA LEU B 159 -33.41 -24.20 -17.16
C LEU B 159 -33.89 -23.43 -18.38
N GLN B 160 -35.07 -23.74 -18.88
CA GLN B 160 -35.62 -23.06 -20.04
C GLN B 160 -36.68 -22.04 -19.60
N GLU B 161 -37.06 -21.18 -20.53
CA GLU B 161 -37.87 -20.01 -20.21
C GLU B 161 -39.17 -19.99 -21.00
N VAL B 162 -40.26 -19.63 -20.31
CA VAL B 162 -41.58 -19.44 -20.90
C VAL B 162 -42.03 -18.02 -20.59
N GLU B 163 -42.54 -17.31 -21.61
CA GLU B 163 -42.97 -15.93 -21.45
C GLU B 163 -44.31 -15.71 -22.12
N VAL B 164 -45.29 -15.22 -21.35
CA VAL B 164 -46.64 -14.94 -21.82
C VAL B 164 -46.95 -13.48 -21.52
N LYS B 165 -47.46 -12.76 -22.51
CA LYS B 165 -47.80 -11.36 -22.37
C LYS B 165 -49.28 -11.14 -22.68
N ALA B 166 -49.80 -10.00 -22.21
CA ALA B 166 -51.19 -9.65 -22.44
C ALA B 166 -51.37 -8.13 -22.38
N ALA B 167 -52.25 -7.62 -23.23
CA ALA B 167 -52.58 -6.19 -23.24
C ALA B 167 -54.06 -6.05 -23.52
N VAL B 168 -54.69 -5.07 -22.87
CA VAL B 168 -56.12 -4.82 -23.06
C VAL B 168 -56.35 -3.73 -24.09
N TYR B 169 -57.50 -3.81 -24.77
CA TYR B 169 -57.91 -2.80 -25.73
C TYR B 169 -58.53 -1.63 -25.00
N HIS B 170 -58.32 -0.42 -25.54
CA HIS B 170 -58.98 0.81 -25.09
C HIS B 170 -58.58 1.21 -23.67
N HIS B 171 -57.53 0.63 -23.11
CA HIS B 171 -57.09 1.02 -21.79
C HIS B 171 -55.57 0.92 -21.71
N PHE B 172 -54.99 1.67 -20.77
CA PHE B 172 -53.56 1.66 -20.53
C PHE B 172 -53.25 0.65 -19.41
N ILE B 173 -53.48 -0.63 -19.75
CA ILE B 173 -53.34 -1.75 -18.81
C ILE B 173 -52.67 -2.93 -19.49
N SER B 174 -51.45 -3.28 -19.09
CA SER B 174 -50.77 -4.40 -19.72
C SER B 174 -50.09 -5.23 -18.63
N ASP B 175 -49.77 -6.48 -18.98
CA ASP B 175 -49.03 -7.35 -18.08
C ASP B 175 -48.25 -8.41 -18.84
N GLY B 176 -47.12 -8.83 -18.27
CA GLY B 176 -46.30 -9.88 -18.84
C GLY B 176 -45.79 -10.79 -17.75
N VAL B 177 -45.70 -12.10 -18.00
CA VAL B 177 -45.13 -13.04 -17.06
C VAL B 177 -44.06 -13.85 -17.77
N ARG B 178 -42.86 -13.88 -17.19
CA ARG B 178 -41.74 -14.66 -17.71
C ARG B 178 -41.17 -15.57 -16.62
N LYS B 179 -41.46 -16.86 -16.70
CA LYS B 179 -41.01 -17.82 -15.69
C LYS B 179 -40.13 -18.89 -16.33
N SER B 180 -39.35 -19.56 -15.48
CA SER B 180 -38.47 -20.65 -15.89
C SER B 180 -38.93 -21.99 -15.33
N LEU B 181 -38.63 -23.06 -16.07
CA LEU B 181 -38.85 -24.42 -15.58
C LEU B 181 -37.65 -25.29 -15.91
N LYS B 182 -37.53 -26.39 -15.19
CA LYS B 182 -36.42 -27.33 -15.37
C LYS B 182 -36.80 -28.43 -16.34
N VAL B 183 -36.00 -28.63 -17.38
CA VAL B 183 -36.18 -29.71 -18.34
C VAL B 183 -35.18 -30.82 -18.00
N VAL B 184 -35.67 -32.04 -17.84
CA VAL B 184 -34.86 -33.10 -17.25
C VAL B 184 -34.72 -34.27 -18.22
N PRO B 185 -33.51 -34.86 -18.34
CA PRO B 185 -33.33 -36.03 -19.21
C PRO B 185 -34.41 -37.09 -19.02
N GLU B 186 -34.65 -37.87 -20.07
CA GLU B 186 -35.71 -38.87 -20.03
C GLU B 186 -35.50 -39.88 -18.91
N GLY B 187 -34.25 -40.29 -18.67
CA GLY B 187 -33.98 -41.33 -17.72
C GLY B 187 -34.28 -40.94 -16.28
N ILE B 188 -34.01 -41.89 -15.37
CA ILE B 188 -34.24 -41.71 -13.93
C ILE B 188 -32.92 -41.62 -13.18
N ARG B 189 -32.87 -40.70 -12.21
CA ARG B 189 -31.70 -40.52 -11.34
C ARG B 189 -31.31 -41.83 -10.66
N MET B 190 -30.07 -42.27 -10.87
CA MET B 190 -29.57 -43.51 -10.30
C MET B 190 -28.15 -43.29 -9.78
N ASN B 191 -27.78 -44.06 -8.76
CA ASN B 191 -26.38 -44.12 -8.32
C ASN B 191 -25.91 -45.54 -8.02
N LYS B 192 -24.66 -45.81 -8.41
CA LYS B 192 -23.99 -47.10 -8.20
C LYS B 192 -22.84 -46.95 -7.21
N THR B 193 -22.76 -47.85 -6.22
CA THR B 193 -21.64 -47.88 -5.28
C THR B 193 -20.44 -48.53 -5.97
N VAL B 194 -19.59 -47.70 -6.59
CA VAL B 194 -18.48 -48.21 -7.38
C VAL B 194 -17.43 -48.93 -6.53
N ALA B 195 -17.02 -48.32 -5.41
CA ALA B 195 -16.00 -48.94 -4.57
C ALA B 195 -16.16 -48.56 -3.10
N VAL B 196 -15.79 -49.49 -2.22
CA VAL B 196 -15.69 -49.28 -0.79
C VAL B 196 -14.37 -49.90 -0.33
N ARG B 197 -13.38 -49.05 -0.03
CA ARG B 197 -12.04 -49.47 0.34
C ARG B 197 -11.67 -48.97 1.73
N THR B 198 -10.92 -49.80 2.48
CA THR B 198 -10.42 -49.43 3.80
C THR B 198 -9.04 -48.80 3.69
N LEU B 199 -8.90 -47.61 4.28
CA LEU B 199 -7.66 -46.84 4.29
C LEU B 199 -6.88 -47.06 5.58
N ASP B 200 -5.65 -47.55 5.46
CA ASP B 200 -4.79 -47.76 6.63
C ASP B 200 -3.32 -47.81 6.20
N PRO B 201 -2.69 -46.64 6.01
CA PRO B 201 -1.31 -46.60 5.50
C PRO B 201 -0.29 -47.33 6.37
N GLU B 202 -0.38 -47.19 7.70
CA GLU B 202 0.59 -47.79 8.59
C GLU B 202 0.47 -49.31 8.66
N ARG B 203 -0.63 -49.86 8.17
CA ARG B 203 -0.95 -51.28 8.27
C ARG B 203 -1.00 -51.97 6.93
N LEU B 204 -1.62 -51.33 5.93
CA LEU B 204 -1.80 -51.93 4.62
C LEU B 204 -0.95 -51.28 3.54
N GLY B 205 -0.23 -50.20 3.86
CA GLY B 205 0.55 -49.47 2.88
C GLY B 205 2.02 -49.79 2.91
N ARG B 206 2.67 -49.60 1.77
CA ARG B 206 4.11 -49.80 1.62
C ARG B 206 4.84 -48.47 1.73
N GLU B 207 5.91 -48.45 2.53
CA GLU B 207 6.73 -47.27 2.80
C GLU B 207 5.92 -46.09 3.33
N GLY B 208 4.77 -46.35 3.95
CA GLY B 208 3.96 -45.31 4.54
C GLY B 208 2.88 -44.74 3.64
N VAL B 209 2.81 -45.16 2.39
CA VAL B 209 1.82 -44.68 1.44
C VAL B 209 0.99 -45.86 0.94
N GLN B 210 -0.31 -45.63 0.77
CA GLN B 210 -1.25 -46.65 0.33
C GLN B 210 -1.95 -46.12 -0.91
N LYS B 211 -1.85 -46.88 -2.01
CA LYS B 211 -2.42 -46.51 -3.29
C LYS B 211 -3.55 -47.48 -3.62
N GLU B 212 -4.77 -46.96 -3.69
CA GLU B 212 -5.96 -47.73 -4.07
C GLU B 212 -6.37 -47.38 -5.49
N ASP B 213 -6.58 -48.42 -6.30
CA ASP B 213 -7.01 -48.29 -7.69
C ASP B 213 -8.50 -48.57 -7.77
N ILE B 214 -9.25 -47.58 -8.27
CA ILE B 214 -10.71 -47.63 -8.33
C ILE B 214 -11.12 -47.94 -9.76
N PRO B 215 -11.92 -48.98 -10.01
CA PRO B 215 -12.34 -49.31 -11.37
C PRO B 215 -13.41 -48.34 -11.84
N PRO B 216 -13.50 -48.09 -13.14
CA PRO B 216 -14.59 -47.26 -13.66
C PRO B 216 -15.95 -47.92 -13.50
N ALA B 217 -16.96 -47.07 -13.32
CA ALA B 217 -18.34 -47.50 -13.10
C ALA B 217 -18.90 -48.20 -14.33
N ASP B 218 -19.93 -49.01 -14.09
CA ASP B 218 -20.55 -49.79 -15.16
C ASP B 218 -21.11 -48.91 -16.26
N LEU B 219 -22.13 -48.10 -15.94
CA LEU B 219 -22.69 -47.14 -16.88
C LEU B 219 -23.09 -47.83 -18.19
N SER B 220 -23.75 -48.98 -18.07
CA SER B 220 -24.18 -49.71 -19.26
C SER B 220 -25.51 -49.22 -19.80
N ASP B 221 -26.44 -48.81 -18.94
CA ASP B 221 -27.73 -48.32 -19.39
C ASP B 221 -27.74 -46.80 -19.45
N GLN B 222 -26.55 -46.19 -19.54
CA GLN B 222 -26.42 -44.75 -19.57
C GLN B 222 -26.91 -44.12 -20.86
N VAL B 223 -27.74 -43.09 -20.70
CA VAL B 223 -28.26 -42.25 -21.78
C VAL B 223 -27.09 -41.51 -22.41
N PRO B 224 -26.90 -41.54 -23.74
CA PRO B 224 -25.78 -40.83 -24.34
C PRO B 224 -25.71 -39.42 -23.78
N ASP B 225 -24.48 -38.95 -23.57
CA ASP B 225 -24.20 -37.62 -23.00
C ASP B 225 -24.86 -37.68 -21.63
N THR B 226 -25.63 -36.67 -21.19
CA THR B 226 -26.35 -36.76 -19.92
C THR B 226 -25.36 -37.19 -18.84
N GLU B 227 -24.19 -36.55 -18.85
CA GLU B 227 -23.04 -36.73 -17.97
C GLU B 227 -23.35 -37.27 -16.58
N SER B 228 -22.31 -37.77 -15.93
CA SER B 228 -22.42 -38.37 -14.61
C SER B 228 -21.39 -37.71 -13.70
N GLU B 229 -21.62 -37.88 -12.40
CA GLU B 229 -20.74 -37.36 -11.38
C GLU B 229 -20.44 -38.45 -10.37
N THR B 230 -19.16 -38.78 -10.24
CA THR B 230 -18.68 -39.78 -9.30
C THR B 230 -18.21 -39.05 -8.05
N ARG B 231 -18.77 -39.43 -6.91
CA ARG B 231 -18.40 -38.86 -5.62
C ARG B 231 -17.41 -39.76 -4.88
N ILE B 232 -16.29 -39.18 -4.50
CA ILE B 232 -15.28 -39.81 -3.65
C ILE B 232 -15.49 -39.25 -2.25
N LEU B 233 -15.96 -40.11 -1.34
CA LEU B 233 -16.39 -39.71 0.00
C LEU B 233 -15.38 -40.24 1.02
N LEU B 234 -14.57 -39.34 1.56
CA LEU B 234 -13.60 -39.67 2.60
C LEU B 234 -14.16 -39.32 3.97
N GLN B 235 -13.99 -40.25 4.92
CA GLN B 235 -14.34 -40.06 6.31
C GLN B 235 -13.28 -40.71 7.18
N GLY B 236 -13.16 -40.25 8.41
CA GLY B 236 -12.17 -40.77 9.33
C GLY B 236 -12.74 -41.82 10.28
N THR B 237 -11.90 -42.78 10.63
CA THR B 237 -12.23 -43.86 11.56
C THR B 237 -11.55 -43.63 12.91
N PRO B 238 -12.25 -43.10 13.91
CA PRO B 238 -11.63 -42.85 15.21
C PRO B 238 -11.51 -44.13 16.03
N VAL B 239 -10.71 -44.04 17.09
CA VAL B 239 -10.50 -45.19 17.98
C VAL B 239 -10.79 -44.79 19.43
N ALA B 240 -9.80 -44.23 20.12
CA ALA B 240 -9.96 -43.70 21.49
C ALA B 240 -10.46 -44.80 22.42
N GLN B 241 -9.56 -45.56 23.05
CA GLN B 241 -10.00 -46.60 23.97
C GLN B 241 -9.08 -46.89 25.15
N MET B 242 -7.80 -46.55 25.02
CA MET B 242 -6.83 -47.09 25.97
C MET B 242 -6.84 -46.61 27.42
N THR B 243 -7.97 -46.63 28.14
CA THR B 243 -7.85 -46.22 29.54
C THR B 243 -8.61 -47.15 30.49
N GLU B 244 -7.88 -47.63 31.51
CA GLU B 244 -8.38 -48.47 32.60
C GLU B 244 -9.39 -47.79 33.52
N ASP B 245 -10.41 -48.55 33.95
CA ASP B 245 -11.43 -48.01 34.85
C ASP B 245 -10.83 -47.59 36.21
N ALA B 246 -11.03 -46.33 36.58
CA ALA B 246 -10.60 -45.81 37.88
C ALA B 246 -11.29 -46.48 39.06
N VAL B 247 -10.60 -46.51 40.21
CA VAL B 247 -11.15 -47.11 41.43
C VAL B 247 -12.37 -46.32 41.89
N ASP B 248 -13.45 -47.01 42.25
CA ASP B 248 -14.67 -46.31 42.65
C ASP B 248 -14.42 -45.38 43.84
N ALA B 249 -15.02 -44.18 43.78
CA ALA B 249 -14.80 -43.18 44.82
C ALA B 249 -15.38 -43.58 46.18
N GLU B 250 -16.50 -44.31 46.19
CA GLU B 250 -17.15 -44.70 47.44
C GLU B 250 -16.29 -45.63 48.29
N ARG B 251 -15.55 -46.52 47.65
CA ARG B 251 -14.69 -47.47 48.34
C ARG B 251 -13.49 -46.83 49.03
N LEU B 252 -13.38 -45.50 49.03
CA LEU B 252 -12.27 -44.80 49.67
C LEU B 252 -12.69 -43.95 50.86
N LYS B 253 -13.99 -43.94 51.21
CA LYS B 253 -14.49 -43.13 52.30
C LYS B 253 -13.76 -43.36 53.62
N HIS B 254 -13.20 -44.54 53.82
CA HIS B 254 -12.56 -44.89 55.09
C HIS B 254 -11.10 -44.45 55.20
N LEU B 255 -10.49 -43.99 54.11
CA LEU B 255 -9.08 -43.61 54.18
C LEU B 255 -8.85 -42.23 54.78
N ILE B 256 -9.90 -41.44 55.00
CA ILE B 256 -9.77 -40.14 55.64
C ILE B 256 -9.75 -40.32 57.15
N VAL B 257 -8.56 -40.42 57.73
CA VAL B 257 -8.38 -40.72 59.14
C VAL B 257 -7.58 -39.59 59.80
N THR B 258 -7.97 -39.26 61.03
CA THR B 258 -7.26 -38.27 61.81
C THR B 258 -5.94 -38.82 62.36
N PRO B 259 -4.80 -38.22 62.03
CA PRO B 259 -3.52 -38.76 62.48
C PRO B 259 -3.35 -38.58 63.98
N SER B 260 -2.79 -39.60 64.62
CA SER B 260 -2.49 -39.58 66.05
C SER B 260 -1.43 -40.63 66.35
N GLY B 261 -0.92 -40.58 67.57
CA GLY B 261 0.13 -41.45 68.04
C GLY B 261 1.46 -40.73 68.13
N CYS B 262 2.53 -41.52 68.18
CA CYS B 262 3.85 -40.92 68.33
C CYS B 262 4.60 -40.90 67.01
N GLY B 263 5.94 -40.81 67.08
CA GLY B 263 6.75 -40.59 65.90
C GLY B 263 6.47 -41.55 64.75
N GLU B 264 6.03 -42.76 65.06
CA GLU B 264 5.77 -43.77 64.04
C GLU B 264 4.28 -43.97 63.76
N GLN B 265 3.45 -43.95 64.80
CA GLN B 265 2.01 -44.11 64.61
C GLN B 265 1.40 -42.91 63.90
N ASN B 266 1.99 -41.73 64.08
CA ASN B 266 1.49 -40.54 63.41
C ASN B 266 1.55 -40.69 61.89
N MET B 267 2.66 -41.22 61.38
CA MET B 267 2.78 -41.45 59.94
C MET B 267 1.87 -42.57 59.47
N ILE B 268 1.56 -43.53 60.35
CA ILE B 268 0.65 -44.60 59.97
C ILE B 268 -0.74 -44.02 59.72
N GLY B 269 -1.12 -43.00 60.48
CA GLY B 269 -2.41 -42.34 60.28
C GLY B 269 -2.39 -41.29 59.22
N MET B 270 -1.21 -40.77 58.87
CA MET B 270 -1.12 -39.70 57.89
C MET B 270 -1.09 -40.25 56.47
N THR B 271 -0.53 -41.45 56.29
CA THR B 271 -0.40 -42.04 54.96
C THR B 271 -1.74 -42.19 54.23
N PRO B 272 -2.77 -42.83 54.80
CA PRO B 272 -3.99 -43.04 54.00
C PRO B 272 -4.66 -41.75 53.59
N THR B 273 -4.67 -40.76 54.48
CA THR B 273 -5.33 -39.48 54.18
C THR B 273 -4.62 -38.75 53.05
N VAL B 274 -3.30 -38.61 53.17
CA VAL B 274 -2.51 -37.95 52.12
C VAL B 274 -2.67 -38.67 50.78
N ILE B 275 -2.59 -39.99 50.78
CA ILE B 275 -2.67 -40.74 49.52
C ILE B 275 -4.09 -40.69 48.96
N ALA B 276 -5.10 -40.59 49.83
CA ALA B 276 -6.49 -40.48 49.37
C ALA B 276 -6.72 -39.19 48.61
N VAL B 277 -6.29 -38.06 49.19
CA VAL B 277 -6.43 -36.77 48.50
C VAL B 277 -5.68 -36.78 47.18
N HIS B 278 -4.46 -37.34 47.16
CA HIS B 278 -3.70 -37.40 45.93
C HIS B 278 -4.43 -38.18 44.84
N TYR B 279 -5.14 -39.25 45.21
CA TYR B 279 -5.84 -40.02 44.19
C TYR B 279 -7.12 -39.32 43.75
N LEU B 280 -7.92 -38.85 44.71
CA LEU B 280 -9.17 -38.19 44.36
C LEU B 280 -8.93 -36.91 43.57
N ASP B 281 -7.79 -36.25 43.82
CA ASP B 281 -7.44 -35.05 43.07
C ASP B 281 -7.15 -35.37 41.61
N GLU B 282 -6.43 -36.47 41.37
CA GLU B 282 -6.06 -36.84 40.01
C GLU B 282 -7.25 -37.37 39.23
N THR B 283 -8.00 -38.30 39.82
CA THR B 283 -9.15 -38.87 39.11
C THR B 283 -10.34 -37.94 39.06
N GLU B 284 -10.31 -36.83 39.80
CA GLU B 284 -11.39 -35.83 39.84
C GLU B 284 -12.72 -36.48 40.18
N GLN B 285 -12.78 -37.05 41.39
CA GLN B 285 -13.97 -37.75 41.86
C GLN B 285 -14.55 -37.10 43.10
N TRP B 286 -14.24 -35.82 43.35
CA TRP B 286 -14.81 -35.14 44.49
C TRP B 286 -16.30 -34.90 44.29
N GLU B 287 -16.79 -35.09 43.06
CA GLU B 287 -18.21 -34.94 42.79
C GLU B 287 -18.98 -36.03 43.50
N LYS B 288 -18.55 -37.28 43.33
CA LYS B 288 -19.21 -38.40 43.98
C LYS B 288 -18.80 -38.51 45.43
N PHE B 289 -17.54 -38.15 45.74
CA PHE B 289 -17.07 -38.21 47.12
C PHE B 289 -17.70 -37.11 47.98
N GLY B 290 -17.74 -35.89 47.45
CA GLY B 290 -18.25 -34.73 48.16
C GLY B 290 -17.23 -33.61 48.20
N LEU B 291 -17.47 -32.55 47.42
CA LEU B 291 -16.52 -31.45 47.28
C LEU B 291 -16.13 -30.85 48.62
N GLU B 292 -17.11 -30.65 49.51
CA GLU B 292 -16.83 -29.97 50.78
C GLU B 292 -15.88 -30.77 51.67
N LYS B 293 -15.92 -32.10 51.60
CA LYS B 293 -15.12 -32.93 52.49
C LYS B 293 -13.62 -32.75 52.27
N ARG B 294 -13.20 -32.37 51.06
CA ARG B 294 -11.77 -32.22 50.77
C ARG B 294 -11.11 -31.21 51.70
N GLN B 295 -11.85 -30.19 52.15
CA GLN B 295 -11.29 -29.20 53.06
C GLN B 295 -10.86 -29.86 54.36
N GLY B 296 -11.76 -30.61 55.00
CA GLY B 296 -11.37 -31.34 56.21
C GLY B 296 -10.24 -32.32 55.95
N ALA B 297 -10.31 -33.03 54.82
CA ALA B 297 -9.22 -33.91 54.43
C ALA B 297 -7.89 -33.18 54.41
N LEU B 298 -7.90 -31.93 53.93
CA LEU B 298 -6.68 -31.11 53.95
C LEU B 298 -6.28 -30.76 55.36
N GLU B 299 -7.25 -30.39 56.19
CA GLU B 299 -6.98 -30.04 57.59
C GLU B 299 -6.24 -31.16 58.30
N LEU B 300 -6.63 -32.41 58.03
CA LEU B 300 -5.98 -33.55 58.66
C LEU B 300 -4.52 -33.65 58.23
N ILE B 301 -4.24 -33.41 56.96
CA ILE B 301 -2.86 -33.49 56.46
C ILE B 301 -2.00 -32.41 57.10
N LYS B 302 -2.50 -31.17 57.15
CA LYS B 302 -1.81 -30.11 57.88
C LYS B 302 -1.54 -30.54 59.32
N LYS B 303 -2.59 -31.00 60.01
CA LYS B 303 -2.44 -31.47 61.38
C LYS B 303 -1.34 -32.52 61.50
N GLY B 304 -1.41 -33.56 60.66
CA GLY B 304 -0.38 -34.59 60.67
C GLY B 304 1.02 -34.05 60.45
N TYR B 305 1.17 -33.13 59.50
CA TYR B 305 2.49 -32.54 59.25
C TYR B 305 2.99 -31.82 60.48
N THR B 306 2.16 -30.94 61.05
CA THR B 306 2.52 -30.23 62.28
C THR B 306 2.89 -31.20 63.39
N GLN B 307 2.11 -32.27 63.55
CA GLN B 307 2.39 -33.27 64.58
C GLN B 307 3.71 -34.00 64.32
N GLN B 308 4.08 -34.18 63.06
CA GLN B 308 5.33 -34.87 62.74
C GLN B 308 6.54 -33.99 63.02
N LEU B 309 6.38 -32.67 62.96
CA LEU B 309 7.47 -31.75 63.28
C LEU B 309 7.94 -31.90 64.72
N ALA B 310 7.11 -32.45 65.61
CA ALA B 310 7.48 -32.53 67.02
C ALA B 310 8.53 -33.61 67.26
N PHE B 311 8.66 -34.56 66.34
CA PHE B 311 9.58 -35.68 66.48
C PHE B 311 10.82 -35.52 65.62
N ARG B 312 11.02 -34.34 65.03
CA ARG B 312 12.19 -34.03 64.21
C ARG B 312 13.38 -33.77 65.12
N GLN B 313 14.28 -34.75 65.20
CA GLN B 313 15.48 -34.60 66.03
C GLN B 313 16.39 -33.50 65.47
N PRO B 314 17.24 -32.91 66.33
CA PRO B 314 18.13 -31.81 65.90
C PRO B 314 18.97 -32.12 64.66
N SER B 315 19.13 -33.40 64.35
CA SER B 315 19.87 -33.82 63.17
C SER B 315 19.01 -33.84 61.92
N SER B 316 17.82 -33.25 62.01
CA SER B 316 16.82 -33.26 60.93
C SER B 316 16.42 -34.67 60.54
N ALA B 317 16.43 -35.59 61.51
CA ALA B 317 16.02 -36.97 61.30
C ALA B 317 14.68 -37.18 61.98
N PHE B 318 14.26 -38.44 62.08
CA PHE B 318 12.98 -38.78 62.68
C PHE B 318 13.08 -40.08 63.43
N ALA B 319 12.41 -40.16 64.58
CA ALA B 319 12.31 -41.37 65.36
C ALA B 319 10.99 -41.39 66.10
N ALA B 320 10.61 -42.57 66.58
CA ALA B 320 9.34 -42.71 67.29
C ALA B 320 9.26 -41.79 68.50
N PHE B 321 10.38 -41.54 69.17
CA PHE B 321 10.41 -40.65 70.32
C PHE B 321 11.65 -39.76 70.26
N VAL B 322 11.55 -38.60 70.90
CA VAL B 322 12.63 -37.62 70.82
C VAL B 322 13.91 -38.20 71.39
N LYS B 323 13.80 -39.05 72.41
CA LYS B 323 14.96 -39.68 73.03
C LYS B 323 15.44 -40.88 72.23
N ARG B 324 14.55 -41.54 71.51
CA ARG B 324 14.88 -42.74 70.74
C ARG B 324 15.87 -42.42 69.63
N ALA B 325 16.75 -43.36 69.36
CA ALA B 325 17.74 -43.21 68.29
C ALA B 325 17.04 -43.06 66.94
N PRO B 326 17.55 -42.20 66.06
CA PRO B 326 16.87 -41.96 64.77
C PRO B 326 16.90 -43.18 63.88
N SER B 327 15.75 -43.50 63.30
CA SER B 327 15.60 -44.63 62.39
C SER B 327 15.91 -44.21 60.96
N THR B 328 16.57 -45.10 60.22
CA THR B 328 16.87 -44.83 58.82
C THR B 328 15.61 -44.92 57.96
N TRP B 329 14.89 -46.03 58.06
CA TRP B 329 13.71 -46.24 57.23
C TRP B 329 12.64 -45.19 57.52
N LEU B 330 12.47 -44.81 58.78
CA LEU B 330 11.43 -43.84 59.14
C LEU B 330 11.76 -42.47 58.56
N THR B 331 13.02 -42.04 58.64
CA THR B 331 13.40 -40.76 58.05
C THR B 331 13.18 -40.78 56.56
N ALA B 332 13.54 -41.88 55.90
CA ALA B 332 13.33 -42.00 54.45
C ALA B 332 11.85 -41.97 54.11
N TYR B 333 11.01 -42.57 54.97
CA TYR B 333 9.57 -42.60 54.71
C TYR B 333 8.93 -41.24 54.89
N VAL B 334 9.40 -40.46 55.87
CA VAL B 334 8.90 -39.11 56.04
C VAL B 334 9.21 -38.29 54.79
N VAL B 335 10.42 -38.46 54.24
CA VAL B 335 10.76 -37.83 52.96
C VAL B 335 9.76 -38.23 51.88
N LYS B 336 9.45 -39.52 51.77
CA LYS B 336 8.51 -40.01 50.76
C LYS B 336 7.17 -39.28 50.84
N VAL B 337 6.49 -39.41 51.99
CA VAL B 337 5.17 -38.79 52.16
C VAL B 337 5.23 -37.29 51.93
N PHE B 338 6.20 -36.62 52.57
CA PHE B 338 6.31 -35.17 52.46
C PHE B 338 6.63 -34.72 51.03
N SER B 339 7.39 -35.53 50.28
CA SER B 339 7.66 -35.17 48.89
C SER B 339 6.42 -35.27 48.02
N LEU B 340 5.54 -36.23 48.32
CA LEU B 340 4.31 -36.37 47.55
C LEU B 340 3.23 -35.39 48.03
N ALA B 341 3.47 -34.68 49.12
CA ALA B 341 2.48 -33.79 49.71
C ALA B 341 2.78 -32.32 49.49
N VAL B 342 3.87 -31.99 48.78
CA VAL B 342 4.25 -30.59 48.59
C VAL B 342 3.19 -29.86 47.76
N ASN B 343 2.44 -30.60 46.95
CA ASN B 343 1.41 -30.05 46.09
C ASN B 343 0.10 -29.79 46.81
N LEU B 344 -0.01 -30.15 48.09
CA LEU B 344 -1.26 -30.03 48.82
C LEU B 344 -1.20 -28.97 49.90
N ILE B 345 -0.18 -28.98 50.75
CA ILE B 345 -0.05 -28.05 51.85
C ILE B 345 1.36 -27.45 51.82
N ALA B 346 1.60 -26.54 52.76
CA ALA B 346 2.87 -25.82 52.88
C ALA B 346 3.90 -26.68 53.60
N ILE B 347 4.83 -27.25 52.84
CA ILE B 347 5.91 -28.08 53.39
C ILE B 347 7.18 -27.25 53.40
N ASP B 348 7.86 -27.21 54.55
CA ASP B 348 9.10 -26.45 54.67
C ASP B 348 10.24 -27.19 53.99
N SER B 349 11.04 -26.45 53.21
CA SER B 349 12.15 -27.06 52.47
C SER B 349 13.27 -27.52 53.40
N GLN B 350 13.58 -26.73 54.44
CA GLN B 350 14.66 -27.08 55.34
C GLN B 350 14.42 -28.43 56.00
N VAL B 351 13.16 -28.74 56.34
CA VAL B 351 12.83 -30.01 56.97
C VAL B 351 13.11 -31.16 56.01
N LEU B 352 12.48 -31.12 54.83
CA LEU B 352 12.63 -32.17 53.82
C LEU B 352 14.08 -32.33 53.39
N CYS B 353 14.71 -31.24 52.95
CA CYS B 353 16.09 -31.29 52.46
C CYS B 353 17.09 -31.64 53.55
N GLY B 354 16.82 -31.23 54.79
CA GLY B 354 17.69 -31.61 55.89
C GLY B 354 17.70 -33.11 56.13
N ALA B 355 16.50 -33.71 56.14
CA ALA B 355 16.39 -35.17 56.25
C ALA B 355 17.18 -35.87 55.15
N VAL B 356 17.12 -35.35 53.92
CA VAL B 356 17.85 -35.95 52.80
C VAL B 356 19.35 -35.89 53.06
N LYS B 357 19.85 -34.70 53.40
CA LYS B 357 21.28 -34.53 53.67
C LYS B 357 21.73 -35.42 54.83
N TRP B 358 20.86 -35.62 55.82
CA TRP B 358 21.13 -36.56 56.91
C TRP B 358 21.35 -37.97 56.41
N LEU B 359 20.40 -38.51 55.63
CA LEU B 359 20.53 -39.90 55.18
C LEU B 359 21.80 -40.12 54.37
N ILE B 360 22.27 -39.11 53.65
CA ILE B 360 23.43 -39.29 52.78
C ILE B 360 24.73 -39.32 53.59
N LEU B 361 24.88 -38.37 54.52
CA LEU B 361 26.10 -38.26 55.30
C LEU B 361 26.23 -39.31 56.41
N GLU B 362 25.13 -39.73 57.02
CA GLU B 362 25.24 -40.77 58.04
C GLU B 362 24.90 -42.21 57.65
N LYS B 363 23.61 -42.52 57.55
CA LYS B 363 23.14 -43.78 56.96
C LYS B 363 23.46 -44.12 55.50
N GLN B 364 24.66 -43.82 55.02
CA GLN B 364 25.06 -44.25 53.68
C GLN B 364 26.47 -44.83 53.73
N LYS B 365 26.62 -46.10 53.40
CA LYS B 365 27.91 -46.76 53.40
C LYS B 365 28.71 -46.39 52.13
N PRO B 366 30.03 -46.59 52.15
CA PRO B 366 30.86 -46.15 51.00
C PRO B 366 30.56 -46.85 49.68
N ASP B 367 30.36 -48.18 49.71
CA ASP B 367 29.72 -48.88 48.59
C ASP B 367 28.47 -48.15 48.15
N GLY B 368 27.79 -47.47 49.07
CA GLY B 368 26.61 -46.71 48.73
C GLY B 368 25.27 -47.21 49.23
N VAL B 369 25.22 -48.17 50.14
CA VAL B 369 23.96 -48.76 50.52
C VAL B 369 23.56 -48.41 51.94
N PHE B 370 22.27 -48.15 52.11
CA PHE B 370 21.73 -47.57 53.33
C PHE B 370 21.65 -48.66 54.39
N GLN B 371 21.92 -48.30 55.63
CA GLN B 371 21.79 -49.25 56.72
C GLN B 371 20.91 -48.65 57.81
N GLU B 372 19.88 -49.40 58.20
CA GLU B 372 18.98 -49.00 59.28
C GLU B 372 19.61 -49.37 60.60
N ASP B 373 20.09 -48.35 61.32
CA ASP B 373 20.80 -48.50 62.57
C ASP B 373 19.87 -48.45 63.77
N ALA B 374 18.59 -48.17 63.57
CA ALA B 374 17.60 -48.13 64.64
C ALA B 374 16.26 -48.56 64.06
N PRO B 375 16.04 -49.87 63.93
CA PRO B 375 14.82 -50.37 63.30
C PRO B 375 13.54 -49.79 63.92
N VAL B 376 12.56 -49.53 63.05
CA VAL B 376 11.29 -48.98 63.49
C VAL B 376 10.59 -49.97 64.44
N ILE B 377 9.81 -49.43 65.36
CA ILE B 377 9.16 -50.26 66.36
C ILE B 377 7.99 -51.04 65.74
N HIS B 378 7.30 -50.41 64.80
CA HIS B 378 6.23 -51.08 64.06
C HIS B 378 6.77 -51.72 62.78
N GLN B 379 6.96 -53.03 62.82
CA GLN B 379 7.54 -53.74 61.69
C GLN B 379 6.49 -54.06 60.64
N GLU B 380 5.23 -53.70 60.88
CA GLU B 380 4.15 -53.96 59.94
C GLU B 380 3.87 -52.75 59.05
N MET B 381 4.56 -51.63 59.28
CA MET B 381 4.36 -50.41 58.52
C MET B 381 5.38 -50.29 57.41
N ILE B 382 6.27 -51.26 57.30
CA ILE B 382 7.33 -51.26 56.29
C ILE B 382 6.97 -52.18 55.13
N GLY B 383 5.98 -53.04 55.30
CA GLY B 383 5.55 -53.91 54.23
C GLY B 383 6.61 -54.93 53.86
N GLY B 384 6.92 -55.02 52.57
CA GLY B 384 7.80 -56.05 52.07
C GLY B 384 9.20 -56.08 52.67
N LEU B 385 9.64 -55.03 53.38
CA LEU B 385 10.99 -55.16 53.93
C LEU B 385 11.01 -55.96 55.23
N ARG B 386 9.84 -56.36 55.74
CA ARG B 386 9.79 -57.12 56.99
C ARG B 386 10.39 -58.52 56.80
N ASN B 387 11.27 -58.93 57.71
CA ASN B 387 11.97 -60.21 57.62
C ASN B 387 12.64 -60.50 56.29
N ASN B 388 12.77 -59.49 55.42
CA ASN B 388 13.35 -59.71 54.11
C ASN B 388 14.83 -60.02 54.21
N ASN B 389 15.27 -61.02 53.43
CA ASN B 389 16.67 -61.45 53.49
C ASN B 389 17.53 -60.49 52.69
N GLU B 390 17.05 -60.07 51.53
CA GLU B 390 17.72 -59.11 50.65
C GLU B 390 17.40 -57.72 51.17
N LYS B 391 17.66 -57.53 52.47
CA LYS B 391 17.42 -56.25 53.13
C LYS B 391 18.27 -55.15 52.51
N ASP B 392 19.55 -55.42 52.26
CA ASP B 392 20.42 -54.37 51.74
C ASP B 392 19.88 -53.85 50.42
N MET B 393 19.57 -54.74 49.49
CA MET B 393 19.06 -54.32 48.19
C MET B 393 17.73 -53.60 48.33
N ALA B 394 16.80 -54.17 49.10
CA ALA B 394 15.48 -53.56 49.29
C ALA B 394 15.56 -52.20 49.99
N LEU B 395 16.24 -52.15 51.14
CA LEU B 395 16.35 -50.89 51.88
C LEU B 395 17.02 -49.81 51.04
N THR B 396 18.03 -50.18 50.26
CA THR B 396 18.67 -49.23 49.34
C THR B 396 17.66 -48.65 48.36
N ALA B 397 16.92 -49.51 47.69
CA ALA B 397 15.91 -49.09 46.73
C ALA B 397 14.90 -48.14 47.37
N PHE B 398 14.40 -48.48 48.56
CA PHE B 398 13.42 -47.64 49.24
C PHE B 398 13.96 -46.24 49.48
N VAL B 399 15.11 -46.13 50.18
CA VAL B 399 15.66 -44.82 50.50
C VAL B 399 16.00 -44.05 49.22
N LEU B 400 16.57 -44.74 48.24
CA LEU B 400 16.90 -44.10 46.96
C LEU B 400 15.67 -43.49 46.30
N ILE B 401 14.57 -44.25 46.23
CA ILE B 401 13.33 -43.73 45.65
C ILE B 401 12.85 -42.49 46.40
N SER B 402 12.96 -42.51 47.73
CA SER B 402 12.59 -41.33 48.51
C SER B 402 13.47 -40.13 48.17
N LEU B 403 14.72 -40.39 47.77
CA LEU B 403 15.63 -39.32 47.40
C LEU B 403 15.25 -38.74 46.04
N GLN B 404 14.97 -39.61 45.07
CA GLN B 404 14.65 -39.15 43.73
C GLN B 404 13.31 -38.43 43.66
N GLU B 405 12.39 -38.72 44.60
CA GLU B 405 11.14 -37.98 44.64
C GLU B 405 11.35 -36.57 45.20
N ALA B 406 12.39 -36.37 46.01
CA ALA B 406 12.68 -35.06 46.59
C ALA B 406 13.88 -34.40 45.93
N LYS B 407 14.22 -34.82 44.71
CA LYS B 407 15.38 -34.26 44.01
C LYS B 407 15.09 -32.84 43.56
N ASP B 408 14.02 -32.67 42.77
CA ASP B 408 13.67 -31.37 42.19
C ASP B 408 13.43 -30.31 43.25
N ILE B 409 13.14 -30.73 44.49
CA ILE B 409 12.88 -29.82 45.61
C ILE B 409 14.16 -29.51 46.38
N CYS B 410 14.99 -30.53 46.58
CA CYS B 410 16.21 -30.47 47.38
C CYS B 410 17.49 -30.59 46.54
N GLU B 411 17.53 -29.90 45.40
CA GLU B 411 18.72 -29.89 44.56
C GLU B 411 19.55 -28.64 44.76
N GLU B 412 18.96 -27.54 45.20
CA GLU B 412 19.71 -26.32 45.42
C GLU B 412 20.47 -26.35 46.74
N GLN B 413 19.79 -26.77 47.81
CA GLN B 413 20.42 -26.81 49.13
C GLN B 413 21.40 -27.97 49.28
N VAL B 414 20.94 -29.19 49.02
CA VAL B 414 21.82 -30.35 49.12
C VAL B 414 22.60 -30.50 47.82
N ASN B 415 23.92 -30.32 47.88
CA ASN B 415 24.74 -30.37 46.68
C ASN B 415 25.25 -31.78 46.42
N SER B 416 25.20 -32.64 47.44
CA SER B 416 25.72 -34.00 47.39
C SER B 416 24.65 -35.01 47.00
N LEU B 417 23.44 -34.53 46.65
CA LEU B 417 22.34 -35.43 46.35
C LEU B 417 22.60 -36.26 45.10
N PRO B 418 22.95 -35.67 43.94
CA PRO B 418 23.07 -36.50 42.72
C PRO B 418 24.13 -37.57 42.85
N GLY B 419 25.30 -37.26 43.41
CA GLY B 419 26.33 -38.26 43.56
C GLY B 419 25.86 -39.43 44.40
N SER B 420 25.05 -39.14 45.43
CA SER B 420 24.56 -40.20 46.30
C SER B 420 23.53 -41.05 45.57
N ILE B 421 22.62 -40.39 44.83
CA ILE B 421 21.69 -41.12 43.97
C ILE B 421 22.47 -42.02 43.02
N THR B 422 23.59 -41.52 42.50
CA THR B 422 24.41 -42.31 41.59
C THR B 422 25.08 -43.47 42.32
N LYS B 423 25.52 -43.22 43.56
CA LYS B 423 26.18 -44.27 44.34
C LYS B 423 25.20 -45.38 44.70
N ALA B 424 24.03 -45.02 45.22
CA ALA B 424 22.97 -46.00 45.47
C ALA B 424 22.65 -46.78 44.20
N GLY B 425 22.51 -46.08 43.08
CA GLY B 425 22.24 -46.72 41.81
C GLY B 425 23.29 -47.70 41.36
N ASP B 426 24.56 -47.44 41.69
CA ASP B 426 25.63 -48.36 41.31
C ASP B 426 25.49 -49.72 42.00
N PHE B 427 25.26 -49.72 43.31
CA PHE B 427 25.11 -51.00 44.02
C PHE B 427 23.90 -51.79 43.53
N LEU B 428 22.78 -51.11 43.32
CA LEU B 428 21.58 -51.81 42.86
C LEU B 428 21.79 -52.43 41.50
N GLU B 429 22.45 -51.71 40.60
CA GLU B 429 22.74 -52.25 39.27
C GLU B 429 23.64 -53.48 39.34
N ALA B 430 24.68 -53.45 40.19
CA ALA B 430 25.64 -54.55 40.20
C ALA B 430 25.04 -55.85 40.72
N ASN B 431 24.24 -55.81 41.78
CA ASN B 431 23.75 -57.05 42.37
C ASN B 431 22.24 -57.21 42.15
N TYR B 432 21.72 -56.62 41.08
CA TYR B 432 20.31 -56.75 40.76
C TYR B 432 19.98 -58.16 40.29
N MET B 433 20.83 -58.70 39.40
CA MET B 433 20.63 -60.05 38.87
C MET B 433 20.74 -61.15 39.92
N ASN B 434 21.32 -60.90 41.10
CA ASN B 434 21.40 -61.97 42.08
C ASN B 434 20.20 -61.95 43.02
N LEU B 435 19.18 -61.18 42.69
CA LEU B 435 17.90 -61.17 43.38
C LEU B 435 17.15 -62.48 43.15
N GLN B 436 16.26 -62.78 44.10
CA GLN B 436 15.35 -63.91 44.02
C GLN B 436 13.92 -63.51 44.37
N ARG B 437 13.75 -62.71 45.42
CA ARG B 437 12.45 -62.26 45.87
C ARG B 437 11.81 -61.28 44.87
N SER B 438 10.58 -61.59 44.42
CA SER B 438 9.93 -60.78 43.39
C SER B 438 9.86 -59.32 43.84
N TYR B 439 9.55 -59.12 45.13
CA TYR B 439 9.43 -57.78 45.71
C TYR B 439 10.71 -56.97 45.51
N THR B 440 11.86 -57.57 45.81
CA THR B 440 13.11 -56.82 45.67
C THR B 440 13.35 -56.49 44.20
N VAL B 441 13.04 -57.42 43.30
CA VAL B 441 13.21 -57.18 41.87
C VAL B 441 12.31 -56.04 41.42
N ALA B 442 11.09 -55.97 41.98
CA ALA B 442 10.15 -54.91 41.63
C ALA B 442 10.62 -53.55 42.14
N ILE B 443 10.98 -53.46 43.43
CA ILE B 443 11.33 -52.18 44.02
C ILE B 443 12.65 -51.66 43.46
N ALA B 444 13.60 -52.56 43.18
CA ALA B 444 14.86 -52.12 42.58
C ALA B 444 14.67 -51.80 41.10
N GLY B 445 13.70 -52.40 40.44
CA GLY B 445 13.42 -52.07 39.06
C GLY B 445 12.90 -50.64 38.91
N TYR B 446 11.99 -50.24 39.79
CA TYR B 446 11.50 -48.86 39.77
C TYR B 446 12.57 -47.89 40.25
N ALA B 447 13.46 -48.32 41.14
CA ALA B 447 14.53 -47.44 41.58
C ALA B 447 15.48 -47.14 40.43
N LEU B 448 15.65 -48.10 39.52
CA LEU B 448 16.55 -47.95 38.39
C LEU B 448 15.86 -47.35 37.17
N ALA B 449 14.53 -47.49 37.07
CA ALA B 449 13.83 -46.95 35.92
C ALA B 449 13.75 -45.44 35.97
N GLN B 450 13.82 -44.85 37.18
CA GLN B 450 13.79 -43.40 37.29
C GLN B 450 15.05 -42.78 36.70
N MET B 451 16.14 -43.54 36.65
CA MET B 451 17.40 -43.11 36.07
C MET B 451 17.55 -43.53 34.61
N GLY B 452 16.79 -44.51 34.17
CA GLY B 452 16.93 -45.06 32.84
C GLY B 452 18.06 -46.06 32.73
N ARG B 453 18.44 -46.67 33.85
CA ARG B 453 19.53 -47.63 33.94
C ARG B 453 19.03 -49.07 33.97
N LEU B 454 17.76 -49.30 33.63
CA LEU B 454 17.17 -50.63 33.63
C LEU B 454 17.05 -51.15 32.20
N LYS B 455 18.13 -51.74 31.69
CA LYS B 455 18.17 -52.27 30.33
C LYS B 455 18.88 -53.61 30.34
N GLY B 456 18.89 -54.27 29.19
CA GLY B 456 19.59 -55.52 29.02
C GLY B 456 19.04 -56.65 29.87
N PRO B 457 19.93 -57.49 30.39
CA PRO B 457 19.48 -58.62 31.23
C PRO B 457 18.68 -58.19 32.43
N LEU B 458 18.95 -56.99 32.97
CA LEU B 458 18.19 -56.45 34.08
C LEU B 458 16.73 -56.24 33.70
N LEU B 459 16.48 -55.57 32.56
CA LEU B 459 15.11 -55.38 32.10
C LEU B 459 14.44 -56.71 31.82
N ASN B 460 15.19 -57.69 31.31
CA ASN B 460 14.64 -59.01 31.06
C ASN B 460 14.18 -59.69 32.34
N LYS B 461 15.00 -59.61 33.40
CA LYS B 461 14.64 -60.19 34.69
C LYS B 461 13.43 -59.49 35.30
N PHE B 462 13.31 -58.17 35.11
CA PHE B 462 12.14 -57.46 35.63
C PHE B 462 10.85 -57.93 34.97
N LEU B 463 10.90 -58.27 33.68
CA LEU B 463 9.71 -58.69 32.96
C LEU B 463 9.37 -60.16 33.16
N THR B 464 10.37 -61.03 33.33
CA THR B 464 10.11 -62.45 33.45
C THR B 464 9.75 -62.89 34.86
N THR B 465 10.01 -62.06 35.88
CA THR B 465 9.66 -62.42 37.25
C THR B 465 8.17 -62.27 37.52
N ALA B 466 7.46 -61.57 36.64
CA ALA B 466 6.01 -61.38 36.76
C ALA B 466 5.30 -62.64 36.26
N LYS B 467 4.70 -63.38 37.19
CA LYS B 467 4.01 -64.61 36.79
C LYS B 467 2.73 -64.23 36.07
N ASP B 468 2.39 -65.00 35.03
CA ASP B 468 1.20 -64.74 34.24
C ASP B 468 1.24 -63.37 33.57
N LYS B 469 2.43 -62.76 33.52
CA LYS B 469 2.66 -61.47 32.87
C LYS B 469 1.87 -60.32 33.49
N ASN B 470 1.37 -60.46 34.74
CA ASN B 470 0.56 -59.38 35.28
C ASN B 470 0.71 -59.15 36.78
N ARG B 471 1.59 -59.87 37.49
CA ARG B 471 1.70 -59.67 38.94
C ARG B 471 3.05 -60.19 39.41
N TRP B 472 3.65 -59.48 40.37
CA TRP B 472 4.93 -59.88 40.97
C TRP B 472 4.60 -60.51 42.32
N GLU B 473 4.37 -61.83 42.32
CA GLU B 473 3.85 -62.56 43.48
C GLU B 473 4.90 -63.44 44.16
N ASP B 474 4.89 -63.45 45.49
CA ASP B 474 5.79 -64.28 46.28
C ASP B 474 5.10 -64.89 47.49
N PRO B 475 5.30 -66.18 47.73
CA PRO B 475 4.67 -66.86 48.89
C PRO B 475 4.80 -66.12 50.22
N GLY B 476 3.67 -65.78 50.80
CA GLY B 476 3.65 -65.03 52.03
C GLY B 476 2.39 -64.18 52.12
N LYS B 477 2.50 -63.07 52.83
CA LYS B 477 1.35 -62.20 52.97
C LYS B 477 1.02 -61.56 51.63
N GLN B 478 -0.28 -61.36 51.40
CA GLN B 478 -0.74 -60.80 50.13
C GLN B 478 -0.43 -59.31 50.03
N LEU B 479 -0.32 -58.62 51.16
CA LEU B 479 -0.02 -57.19 51.12
C LEU B 479 1.35 -56.94 50.52
N TYR B 480 2.29 -57.86 50.74
CA TYR B 480 3.62 -57.75 50.15
C TYR B 480 3.54 -57.85 48.62
N ASN B 481 2.68 -58.74 48.11
CA ASN B 481 2.56 -58.89 46.66
C ASN B 481 1.88 -57.69 46.01
N VAL B 482 0.91 -57.08 46.70
CA VAL B 482 0.25 -55.89 46.15
C VAL B 482 1.24 -54.72 46.08
N GLU B 483 2.01 -54.54 47.13
CA GLU B 483 3.03 -53.49 47.16
C GLU B 483 4.06 -53.72 46.05
N ALA B 484 4.55 -54.95 45.93
CA ALA B 484 5.54 -55.28 44.90
C ALA B 484 5.00 -55.00 43.50
N THR B 485 3.77 -55.42 43.22
CA THR B 485 3.19 -55.19 41.90
C THR B 485 3.00 -53.71 41.64
N SER B 486 2.75 -52.92 42.69
CA SER B 486 2.62 -51.47 42.54
C SER B 486 3.96 -50.85 42.15
N TYR B 487 5.05 -51.25 42.81
CA TYR B 487 6.37 -50.78 42.43
C TYR B 487 6.67 -51.10 40.97
N ALA B 488 6.34 -52.30 40.53
CA ALA B 488 6.63 -52.72 39.16
C ALA B 488 5.83 -51.89 38.16
N LEU B 489 4.57 -51.57 38.49
CA LEU B 489 3.77 -50.72 37.61
C LEU B 489 4.36 -49.32 37.50
N LEU B 490 4.85 -48.77 38.63
CA LEU B 490 5.53 -47.49 38.57
C LEU B 490 6.77 -47.56 37.68
N ALA B 491 7.41 -48.72 37.60
CA ALA B 491 8.58 -48.89 36.75
C ALA B 491 8.17 -48.90 35.28
N LEU B 492 7.04 -49.56 34.97
CA LEU B 492 6.57 -49.61 33.60
C LEU B 492 6.09 -48.25 33.11
N LEU B 493 5.61 -47.41 34.03
CA LEU B 493 5.20 -46.05 33.67
C LEU B 493 6.38 -45.13 33.45
N GLN B 494 7.57 -45.52 33.88
CA GLN B 494 8.77 -44.72 33.68
C GLN B 494 9.48 -45.12 32.39
N LEU B 495 9.36 -46.39 32.02
CA LEU B 495 9.99 -46.93 30.82
C LEU B 495 9.09 -46.80 29.60
N LYS B 496 7.89 -46.23 29.77
CA LYS B 496 6.93 -46.00 28.69
C LYS B 496 6.51 -47.29 27.99
N ASP B 497 6.54 -48.42 28.69
CA ASP B 497 6.17 -49.70 28.10
C ASP B 497 4.67 -49.92 28.31
N PHE B 498 3.88 -49.20 27.50
CA PHE B 498 2.43 -49.20 27.62
C PHE B 498 1.79 -50.45 27.04
N ASP B 499 2.59 -51.40 26.57
CA ASP B 499 2.09 -52.66 26.04
C ASP B 499 1.94 -53.72 27.13
N PHE B 500 2.54 -53.49 28.30
CA PHE B 500 2.53 -54.42 29.41
C PHE B 500 1.72 -53.93 30.59
N VAL B 501 1.30 -52.67 30.57
CA VAL B 501 0.59 -52.00 31.66
C VAL B 501 -0.87 -52.48 31.81
N PRO B 502 -1.65 -52.61 30.74
CA PRO B 502 -3.07 -53.02 30.90
C PRO B 502 -3.25 -54.30 31.69
N PRO B 503 -2.47 -55.36 31.47
CA PRO B 503 -2.69 -56.56 32.29
C PRO B 503 -2.45 -56.35 33.78
N VAL B 504 -1.37 -55.65 34.13
CA VAL B 504 -1.06 -55.34 35.54
C VAL B 504 -2.20 -54.57 36.21
N VAL B 505 -2.58 -53.44 35.63
CA VAL B 505 -3.66 -52.60 36.18
C VAL B 505 -4.94 -53.39 36.37
N ARG B 506 -5.34 -54.20 35.38
CA ARG B 506 -6.55 -54.99 35.51
C ARG B 506 -6.50 -55.92 36.72
N TRP B 507 -5.35 -56.57 36.96
CA TRP B 507 -5.23 -57.44 38.12
C TRP B 507 -5.35 -56.65 39.43
N LEU B 508 -4.75 -55.45 39.48
CA LEU B 508 -4.85 -54.60 40.66
C LEU B 508 -6.29 -54.25 40.99
N ASN B 509 -7.10 -53.98 39.97
CA ASN B 509 -8.50 -53.64 40.21
C ASN B 509 -9.29 -54.86 40.66
N GLU B 510 -8.86 -56.06 40.28
CA GLU B 510 -9.58 -57.26 40.66
C GLU B 510 -9.37 -57.63 42.13
N GLN B 511 -8.34 -57.08 42.77
CA GLN B 511 -8.09 -57.35 44.18
C GLN B 511 -9.03 -56.60 45.09
N ARG B 512 -9.62 -55.50 44.63
CA ARG B 512 -10.56 -54.69 45.42
C ARG B 512 -9.94 -54.22 46.74
N TYR B 513 -8.63 -54.04 46.76
CA TYR B 513 -7.92 -53.58 47.95
C TYR B 513 -7.98 -52.06 48.00
N TYR B 514 -8.63 -51.52 49.03
CA TYR B 514 -8.90 -50.10 49.13
C TYR B 514 -8.08 -49.43 50.24
N GLY B 515 -7.01 -50.08 50.68
CA GLY B 515 -6.14 -49.53 51.69
C GLY B 515 -6.80 -49.50 53.05
N GLY B 516 -6.02 -49.09 54.05
CA GLY B 516 -6.56 -49.04 55.40
C GLY B 516 -6.42 -50.35 56.14
N GLY B 517 -6.26 -50.25 57.45
CA GLY B 517 -6.19 -51.42 58.29
C GLY B 517 -4.81 -51.57 58.95
N TYR B 518 -4.73 -52.62 59.76
CA TYR B 518 -3.52 -52.96 60.49
C TYR B 518 -2.35 -53.20 59.54
N GLY B 519 -1.34 -52.33 59.62
CA GLY B 519 -0.15 -52.42 58.80
C GLY B 519 -0.39 -52.36 57.31
N SER B 520 -1.23 -51.42 56.90
CA SER B 520 -1.55 -51.21 55.50
C SER B 520 -0.72 -50.09 54.88
N THR B 521 0.07 -49.40 55.71
CA THR B 521 0.82 -48.21 55.33
C THR B 521 1.46 -48.30 53.95
N GLN B 522 2.40 -49.22 53.76
CA GLN B 522 3.09 -49.34 52.48
C GLN B 522 2.13 -49.76 51.38
N ALA B 523 1.32 -50.80 51.64
CA ALA B 523 0.40 -51.30 50.62
C ALA B 523 -0.67 -50.28 50.26
N THR B 524 -0.95 -49.32 51.14
CA THR B 524 -1.94 -48.29 50.83
C THR B 524 -1.31 -47.16 50.03
N PHE B 525 -0.12 -46.70 50.43
CA PHE B 525 0.57 -45.62 49.73
C PHE B 525 0.91 -46.04 48.30
N MET B 526 1.53 -47.21 48.14
CA MET B 526 2.11 -47.59 46.86
C MET B 526 1.03 -47.92 45.83
N VAL B 527 -0.04 -48.61 46.23
CA VAL B 527 -1.02 -49.01 45.24
C VAL B 527 -1.77 -47.78 44.69
N PHE B 528 -2.00 -46.77 45.52
CA PHE B 528 -2.72 -45.59 45.05
C PHE B 528 -1.79 -44.61 44.38
N GLN B 529 -0.51 -44.59 44.76
CA GLN B 529 0.47 -43.78 44.03
C GLN B 529 0.67 -44.30 42.61
N ALA B 530 0.70 -45.63 42.45
CA ALA B 530 0.90 -46.21 41.12
C ALA B 530 -0.31 -45.98 40.23
N LEU B 531 -1.52 -46.12 40.77
CA LEU B 531 -2.72 -45.88 39.98
C LEU B 531 -2.88 -44.40 39.66
N ALA B 532 -2.55 -43.53 40.61
CA ALA B 532 -2.60 -42.10 40.32
C ALA B 532 -1.61 -41.74 39.22
N GLN B 533 -0.43 -42.36 39.23
CA GLN B 533 0.53 -42.12 38.17
C GLN B 533 0.09 -42.76 36.86
N TYR B 534 -0.69 -43.84 36.95
CA TYR B 534 -1.24 -44.46 35.74
C TYR B 534 -2.28 -43.57 35.07
N GLN B 535 -3.12 -42.90 35.86
CA GLN B 535 -4.11 -42.00 35.27
C GLN B 535 -3.48 -40.70 34.81
N LYS B 536 -2.27 -40.39 35.26
CA LYS B 536 -1.57 -39.18 34.82
C LYS B 536 -0.95 -39.40 33.45
N ASP B 537 -0.08 -40.43 33.34
CA ASP B 537 0.59 -40.84 32.10
C ASP B 537 -0.36 -41.50 31.09
N ALA B 538 -1.64 -41.34 31.39
CA ALA B 538 -2.74 -41.92 30.62
C ALA B 538 -2.74 -41.27 29.25
N PRO B 539 -2.62 -42.02 28.15
CA PRO B 539 -2.65 -41.36 26.84
C PRO B 539 -3.98 -41.47 26.12
N ASP B 540 -4.40 -40.30 25.62
CA ASP B 540 -5.73 -39.98 25.14
C ASP B 540 -6.33 -40.95 24.13
N HIS B 541 -5.99 -40.75 22.86
CA HIS B 541 -6.48 -41.60 21.78
C HIS B 541 -5.39 -41.81 20.75
N GLN B 542 -5.47 -42.93 20.03
CA GLN B 542 -4.54 -43.20 18.95
C GLN B 542 -4.58 -42.10 17.90
N GLU B 543 -3.39 -41.58 17.58
CA GLU B 543 -3.25 -40.41 16.72
C GLU B 543 -3.90 -40.66 15.37
N LEU B 544 -4.76 -39.74 14.93
CA LEU B 544 -5.38 -39.83 13.62
C LEU B 544 -4.96 -38.62 12.80
N ASN B 545 -4.30 -38.88 11.66
CA ASN B 545 -3.88 -37.80 10.77
C ASN B 545 -3.70 -38.33 9.35
N LEU B 546 -4.79 -38.49 8.60
CA LEU B 546 -4.70 -39.04 7.25
C LEU B 546 -4.51 -37.93 6.23
N ASP B 547 -3.61 -38.18 5.27
CA ASP B 547 -3.38 -37.30 4.12
C ASP B 547 -3.73 -38.05 2.84
N VAL B 548 -4.89 -37.78 2.25
CA VAL B 548 -5.35 -38.53 1.08
C VAL B 548 -5.40 -37.56 -0.08
N SER B 549 -4.53 -37.79 -1.07
CA SER B 549 -4.39 -36.97 -2.27
C SER B 549 -4.87 -37.70 -3.52
N LEU B 550 -5.83 -37.11 -4.24
CA LEU B 550 -6.21 -37.66 -5.54
C LEU B 550 -5.13 -37.20 -6.50
N GLN B 551 -4.31 -38.11 -6.98
CA GLN B 551 -3.26 -37.82 -7.96
C GLN B 551 -3.55 -38.37 -9.36
N LEU B 552 -4.13 -37.51 -10.22
CA LEU B 552 -4.49 -37.72 -11.62
C LEU B 552 -3.36 -37.23 -12.54
N PRO B 553 -3.08 -38.02 -13.58
CA PRO B 553 -2.02 -37.65 -14.55
C PRO B 553 -2.25 -36.35 -15.31
N SER B 554 -3.50 -35.91 -15.52
CA SER B 554 -3.67 -34.69 -16.29
C SER B 554 -3.56 -33.52 -15.34
N ARG B 555 -3.06 -32.40 -15.85
CA ARG B 555 -2.90 -31.22 -15.03
C ARG B 555 -4.19 -30.43 -14.98
N SER B 556 -4.53 -30.02 -13.77
CA SER B 556 -5.75 -29.29 -13.45
C SER B 556 -5.54 -28.69 -12.07
N SER B 557 -6.57 -28.74 -11.24
CA SER B 557 -6.54 -28.19 -9.90
C SER B 557 -6.28 -29.41 -9.01
N LYS B 558 -5.63 -29.22 -7.87
CA LYS B 558 -5.31 -30.39 -7.07
C LYS B 558 -6.05 -30.34 -5.74
N ILE B 559 -6.78 -31.43 -5.48
CA ILE B 559 -7.50 -31.64 -4.23
C ILE B 559 -6.64 -32.39 -3.21
N THR B 560 -6.36 -31.75 -2.09
CA THR B 560 -5.55 -32.36 -1.05
C THR B 560 -6.48 -32.53 0.14
N HIS B 561 -6.21 -33.49 1.01
CA HIS B 561 -7.12 -33.66 2.14
C HIS B 561 -6.35 -33.95 3.40
N ARG B 562 -6.66 -33.20 4.46
CA ARG B 562 -6.06 -33.39 5.77
C ARG B 562 -7.12 -33.98 6.68
N ILE B 563 -7.07 -35.29 6.96
CA ILE B 563 -8.04 -35.90 7.86
C ILE B 563 -7.47 -35.83 9.27
N HIS B 564 -8.07 -35.00 10.11
CA HIS B 564 -7.64 -34.84 11.49
C HIS B 564 -8.62 -35.47 12.47
N TRP B 565 -8.20 -35.53 13.73
CA TRP B 565 -9.04 -36.16 14.76
C TRP B 565 -10.27 -35.31 15.02
N GLU B 566 -10.10 -33.99 15.05
CA GLU B 566 -11.17 -33.06 15.36
C GLU B 566 -12.25 -33.01 14.29
N SER B 567 -11.94 -33.44 13.07
CA SER B 567 -12.91 -33.45 11.98
C SER B 567 -12.93 -34.80 11.30
N ALA B 568 -12.87 -35.88 12.09
CA ALA B 568 -12.84 -37.21 11.51
C ALA B 568 -14.17 -37.55 10.84
N SER B 569 -15.28 -37.13 11.45
CA SER B 569 -16.59 -37.45 10.92
C SER B 569 -16.99 -36.56 9.75
N LEU B 570 -16.19 -35.55 9.41
CA LEU B 570 -16.55 -34.63 8.34
C LEU B 570 -16.51 -35.36 7.00
N LEU B 571 -17.66 -35.40 6.31
CA LEU B 571 -17.71 -36.03 5.00
C LEU B 571 -17.03 -35.14 3.96
N ARG B 572 -15.94 -35.63 3.38
CA ARG B 572 -15.17 -34.90 2.38
C ARG B 572 -15.46 -35.51 1.01
N SER B 573 -16.29 -34.84 0.22
CA SER B 573 -16.73 -35.38 -1.06
C SER B 573 -15.93 -34.70 -2.16
N GLU B 574 -15.44 -35.51 -3.11
CA GLU B 574 -14.76 -35.01 -4.30
C GLU B 574 -15.31 -35.64 -5.56
N GLU B 575 -15.80 -34.81 -6.47
CA GLU B 575 -16.51 -35.23 -7.67
C GLU B 575 -15.55 -35.22 -8.85
N THR B 576 -15.78 -36.14 -9.78
CA THR B 576 -15.00 -36.27 -11.00
C THR B 576 -15.98 -36.64 -12.09
N LYS B 577 -16.07 -35.77 -13.11
CA LYS B 577 -17.03 -35.96 -14.18
C LYS B 577 -16.69 -37.10 -15.14
N GLU B 578 -15.41 -37.43 -15.33
CA GLU B 578 -15.10 -38.53 -16.24
C GLU B 578 -15.21 -39.89 -15.56
N ASN B 579 -15.86 -40.82 -16.24
CA ASN B 579 -16.02 -42.22 -15.85
C ASN B 579 -14.75 -43.03 -16.14
N GLU B 580 -13.84 -43.14 -15.18
CA GLU B 580 -12.57 -43.77 -15.52
C GLU B 580 -11.94 -44.34 -14.25
N GLY B 581 -11.05 -45.32 -14.46
CA GLY B 581 -10.16 -45.74 -13.39
C GLY B 581 -9.16 -44.67 -13.02
N PHE B 582 -8.98 -44.47 -11.71
CA PHE B 582 -8.15 -43.40 -11.19
C PHE B 582 -7.41 -43.91 -9.95
N THR B 583 -6.51 -43.09 -9.42
CA THR B 583 -5.64 -43.47 -8.33
C THR B 583 -5.89 -42.58 -7.11
N VAL B 584 -6.00 -43.21 -5.94
CA VAL B 584 -6.19 -42.54 -4.67
C VAL B 584 -4.99 -42.89 -3.81
N THR B 585 -4.29 -41.88 -3.28
CA THR B 585 -3.09 -42.11 -2.48
C THR B 585 -3.25 -41.52 -1.09
N ALA B 586 -3.30 -42.41 -0.08
CA ALA B 586 -3.44 -42.04 1.31
C ALA B 586 -2.12 -42.32 2.03
N GLU B 587 -1.80 -41.47 3.00
CA GLU B 587 -0.58 -41.68 3.77
C GLU B 587 -0.69 -41.01 5.14
N GLY B 588 -0.19 -41.69 6.16
CA GLY B 588 -0.23 -41.19 7.52
C GLY B 588 -0.83 -42.20 8.48
N LYS B 589 -0.79 -41.83 9.76
CA LYS B 589 -1.30 -42.66 10.83
C LYS B 589 -2.82 -42.50 10.94
N GLY B 590 -3.46 -43.57 11.40
CA GLY B 590 -4.90 -43.57 11.62
C GLY B 590 -5.62 -44.44 10.61
N GLN B 591 -6.95 -44.39 10.67
CA GLN B 591 -7.80 -45.20 9.83
C GLN B 591 -8.90 -44.34 9.21
N GLY B 592 -9.40 -44.80 8.06
CA GLY B 592 -10.44 -44.12 7.33
C GLY B 592 -11.28 -45.07 6.48
N THR B 593 -12.30 -44.50 5.84
CA THR B 593 -13.21 -45.23 4.95
C THR B 593 -13.34 -44.45 3.65
N LEU B 594 -13.23 -45.17 2.53
CA LEU B 594 -13.36 -44.60 1.19
C LEU B 594 -14.56 -45.18 0.47
N SER B 595 -15.48 -44.30 0.03
CA SER B 595 -16.71 -44.71 -0.65
C SER B 595 -16.80 -43.96 -1.98
N VAL B 596 -16.65 -44.69 -3.09
CA VAL B 596 -16.81 -44.15 -4.43
C VAL B 596 -18.21 -44.47 -4.95
N VAL B 597 -19.03 -43.44 -5.15
CA VAL B 597 -20.43 -43.57 -5.56
C VAL B 597 -20.69 -42.68 -6.78
N THR B 598 -21.10 -43.28 -7.89
CA THR B 598 -21.29 -42.56 -9.15
C THR B 598 -22.77 -42.34 -9.43
N MET B 599 -23.18 -41.06 -9.46
CA MET B 599 -24.51 -40.64 -9.87
C MET B 599 -24.60 -40.46 -11.38
N TYR B 600 -25.71 -40.89 -11.98
CA TYR B 600 -25.90 -40.74 -13.43
C TYR B 600 -27.40 -40.77 -13.73
N HIS B 601 -27.73 -40.86 -15.02
CA HIS B 601 -29.11 -40.94 -15.50
C HIS B 601 -29.30 -42.24 -16.27
N ALA B 602 -30.20 -43.09 -15.77
CA ALA B 602 -30.46 -44.42 -16.29
C ALA B 602 -31.77 -44.48 -17.07
N LYS B 603 -31.74 -45.17 -18.21
CA LYS B 603 -32.95 -45.39 -19.01
C LYS B 603 -33.96 -46.20 -18.21
N ALA B 604 -35.24 -45.84 -18.35
CA ALA B 604 -36.30 -46.48 -17.57
C ALA B 604 -37.29 -47.24 -18.45
N LYS B 605 -37.30 -48.56 -18.26
CA LYS B 605 -38.25 -49.47 -18.91
C LYS B 605 -39.67 -49.19 -18.44
N ASP B 606 -39.85 -49.06 -17.13
CA ASP B 606 -41.11 -48.74 -16.49
C ASP B 606 -41.62 -47.36 -16.92
N GLN B 607 -42.94 -47.26 -17.06
CA GLN B 607 -43.58 -46.08 -17.61
C GLN B 607 -43.49 -44.90 -16.66
N LEU B 608 -43.15 -43.74 -17.22
CA LEU B 608 -43.01 -42.52 -16.47
C LEU B 608 -44.33 -41.77 -16.35
N THR B 609 -45.18 -41.90 -17.36
CA THR B 609 -46.50 -41.29 -17.39
C THR B 609 -47.54 -42.39 -17.53
N CYS B 610 -48.69 -42.18 -16.88
CA CYS B 610 -49.78 -43.14 -16.89
C CYS B 610 -49.34 -44.53 -16.41
N ASN B 611 -48.71 -44.56 -15.23
CA ASN B 611 -48.27 -45.84 -14.68
C ASN B 611 -49.36 -46.51 -13.86
N LYS B 612 -50.30 -45.72 -13.35
CA LYS B 612 -51.39 -46.18 -12.51
C LYS B 612 -52.76 -45.94 -13.15
N PHE B 613 -52.80 -45.43 -14.38
CA PHE B 613 -54.07 -45.12 -15.01
C PHE B 613 -53.94 -45.30 -16.52
N ASP B 614 -54.99 -45.86 -17.12
CA ASP B 614 -55.14 -45.97 -18.56
C ASP B 614 -56.15 -44.94 -19.06
N LEU B 615 -55.78 -44.18 -20.09
CA LEU B 615 -56.65 -43.14 -20.64
C LEU B 615 -56.65 -43.24 -22.16
N LYS B 616 -57.85 -43.36 -22.74
CA LYS B 616 -58.04 -43.36 -24.20
C LYS B 616 -58.98 -42.22 -24.56
N VAL B 617 -58.53 -41.32 -25.45
CA VAL B 617 -59.33 -40.18 -25.89
C VAL B 617 -59.48 -40.16 -27.41
N THR B 618 -60.73 -40.08 -27.88
CA THR B 618 -61.05 -40.10 -29.31
C THR B 618 -61.98 -38.91 -29.59
N ILE B 619 -61.77 -38.23 -30.71
CA ILE B 619 -62.63 -37.13 -31.14
C ILE B 619 -63.08 -37.31 -32.58
N LYS B 620 -64.39 -37.46 -32.78
CA LYS B 620 -64.92 -37.75 -34.11
C LYS B 620 -66.01 -36.77 -34.51
N PRO B 621 -66.12 -36.48 -35.82
CA PRO B 621 -67.22 -35.64 -36.33
C PRO B 621 -68.60 -36.23 -36.08
N ALA B 622 -69.45 -35.48 -35.40
CA ALA B 622 -70.79 -35.93 -35.09
C ALA B 622 -71.68 -35.88 -36.34
N PRO B 623 -72.64 -36.81 -36.47
CA PRO B 623 -73.58 -36.84 -37.61
C PRO B 623 -74.38 -35.55 -37.75
N LYS B 633 -71.49 -23.77 -38.29
CA LYS B 633 -71.70 -24.68 -37.17
C LYS B 633 -71.03 -26.03 -37.42
N ASN B 634 -70.14 -26.40 -36.50
CA ASN B 634 -69.29 -27.59 -36.62
C ASN B 634 -69.32 -28.27 -35.25
N THR B 635 -69.89 -29.48 -35.20
CA THR B 635 -70.00 -30.24 -33.95
C THR B 635 -69.33 -31.60 -34.05
N MET B 636 -68.55 -31.95 -33.01
CA MET B 636 -67.82 -33.21 -32.92
C MET B 636 -68.19 -33.90 -31.61
N ILE B 637 -67.75 -35.15 -31.46
CA ILE B 637 -68.05 -35.97 -30.29
C ILE B 637 -66.75 -36.35 -29.59
N LEU B 638 -66.59 -35.91 -28.35
CA LEU B 638 -65.43 -36.26 -27.52
C LEU B 638 -65.78 -37.44 -26.62
N GLU B 639 -65.03 -38.52 -26.72
CA GLU B 639 -65.21 -39.73 -25.92
C GLU B 639 -63.95 -40.02 -25.10
N ILE B 640 -64.13 -40.24 -23.79
CA ILE B 640 -63.02 -40.42 -22.87
C ILE B 640 -63.26 -41.73 -22.12
N CYS B 641 -62.34 -42.68 -22.25
CA CYS B 641 -62.46 -44.00 -21.63
C CYS B 641 -61.25 -44.26 -20.75
N THR B 642 -61.47 -44.49 -19.45
CA THR B 642 -60.39 -44.68 -18.50
C THR B 642 -60.60 -45.95 -17.68
N ARG B 643 -59.48 -46.56 -17.26
CA ARG B 643 -59.51 -47.77 -16.46
C ARG B 643 -58.33 -47.77 -15.50
N TYR B 644 -58.59 -48.04 -14.22
CA TYR B 644 -57.54 -48.07 -13.20
C TYR B 644 -56.72 -49.35 -13.26
N ARG B 645 -55.39 -49.21 -13.22
CA ARG B 645 -54.48 -50.35 -13.24
C ARG B 645 -54.14 -50.78 -11.81
N GLY B 646 -55.14 -51.30 -11.10
CA GLY B 646 -54.93 -51.74 -9.73
C GLY B 646 -55.70 -52.99 -9.39
N ASP B 647 -55.56 -53.42 -8.13
CA ASP B 647 -56.31 -54.59 -7.68
C ASP B 647 -57.74 -54.25 -7.29
N GLN B 648 -57.97 -53.05 -6.74
CA GLN B 648 -59.30 -52.60 -6.36
C GLN B 648 -59.72 -51.43 -7.24
N ASP B 649 -60.99 -51.05 -7.12
CA ASP B 649 -61.47 -49.84 -7.79
C ASP B 649 -60.77 -48.60 -7.24
N ALA B 650 -60.65 -47.60 -8.10
CA ALA B 650 -60.18 -46.28 -7.68
C ALA B 650 -61.30 -45.52 -6.98
N THR B 651 -60.92 -44.61 -6.08
CA THR B 651 -61.90 -43.77 -5.41
C THR B 651 -62.18 -42.54 -6.27
N MET B 652 -62.68 -41.46 -5.64
CA MET B 652 -62.99 -40.21 -6.33
C MET B 652 -61.83 -39.70 -7.16
N SER B 653 -62.10 -39.37 -8.42
CA SER B 653 -61.09 -38.98 -9.38
C SER B 653 -61.53 -37.69 -10.07
N ILE B 654 -60.59 -37.04 -10.75
CA ILE B 654 -60.82 -35.78 -11.43
C ILE B 654 -60.52 -35.93 -12.91
N LEU B 655 -61.46 -35.49 -13.74
CA LEU B 655 -61.26 -35.33 -15.18
C LEU B 655 -61.07 -33.85 -15.49
N ASP B 656 -59.85 -33.48 -15.86
CA ASP B 656 -59.53 -32.08 -16.16
C ASP B 656 -59.45 -31.96 -17.68
N ILE B 657 -60.51 -31.41 -18.27
CA ILE B 657 -60.66 -31.35 -19.72
C ILE B 657 -60.44 -29.91 -20.16
N SER B 658 -59.49 -29.71 -21.07
CA SER B 658 -59.29 -28.41 -21.70
C SER B 658 -59.76 -28.49 -23.14
N MET B 659 -60.59 -27.53 -23.55
CA MET B 659 -61.13 -27.52 -24.90
C MET B 659 -60.04 -27.16 -25.92
N MET B 660 -60.30 -27.55 -27.17
CA MET B 660 -59.49 -27.08 -28.27
C MET B 660 -59.82 -25.63 -28.58
N THR B 661 -58.82 -24.87 -29.00
CA THR B 661 -59.01 -23.44 -29.26
C THR B 661 -60.12 -23.21 -30.26
N GLY B 662 -61.24 -22.68 -29.78
CA GLY B 662 -62.40 -22.38 -30.61
C GLY B 662 -63.60 -23.28 -30.35
N PHE B 663 -63.48 -24.25 -29.46
CA PHE B 663 -64.52 -25.21 -29.17
C PHE B 663 -65.05 -25.04 -27.74
N ALA B 664 -66.29 -25.47 -27.54
CA ALA B 664 -66.94 -25.38 -26.24
C ALA B 664 -67.96 -26.49 -26.08
N PRO B 665 -68.08 -27.07 -24.89
CA PRO B 665 -69.00 -28.20 -24.69
C PRO B 665 -70.46 -27.79 -24.88
N ASP B 666 -71.27 -28.77 -25.26
CA ASP B 666 -72.71 -28.58 -25.39
C ASP B 666 -73.34 -28.63 -24.01
N THR B 667 -74.10 -27.58 -23.66
CA THR B 667 -74.67 -27.48 -22.32
C THR B 667 -75.60 -28.65 -21.99
N ASP B 668 -76.50 -28.99 -22.93
CA ASP B 668 -77.44 -30.08 -22.68
C ASP B 668 -76.73 -31.40 -22.40
N ASP B 669 -75.66 -31.70 -23.15
CA ASP B 669 -74.90 -32.92 -22.93
C ASP B 669 -74.25 -32.95 -21.55
N LEU B 670 -73.73 -31.81 -21.08
CA LEU B 670 -73.11 -31.76 -19.76
C LEU B 670 -74.14 -32.03 -18.66
N LYS B 671 -75.33 -31.44 -18.77
CA LYS B 671 -76.37 -31.68 -17.78
C LYS B 671 -76.80 -33.14 -17.74
N GLN B 672 -76.72 -33.84 -18.87
CA GLN B 672 -77.09 -35.26 -18.90
C GLN B 672 -76.05 -36.15 -18.23
N LEU B 673 -74.76 -35.81 -18.34
CA LEU B 673 -73.74 -36.61 -17.69
C LEU B 673 -73.75 -36.39 -16.18
N ALA B 674 -74.01 -35.15 -15.76
CA ALA B 674 -73.90 -34.71 -14.38
C ALA B 674 -74.98 -35.27 -13.45
N ASN B 675 -76.09 -35.77 -13.99
CA ASN B 675 -77.19 -36.27 -13.16
C ASN B 675 -76.89 -37.68 -12.66
N GLY B 676 -76.59 -37.78 -11.37
CA GLY B 676 -76.35 -39.07 -10.73
C GLY B 676 -75.22 -39.81 -11.40
N VAL B 677 -75.46 -41.08 -11.72
CA VAL B 677 -74.55 -41.96 -12.43
C VAL B 677 -73.12 -41.87 -11.91
N ASP B 678 -72.97 -41.54 -10.63
CA ASP B 678 -71.66 -41.44 -9.97
C ASP B 678 -70.76 -40.42 -10.66
N ARG B 679 -71.34 -39.34 -11.17
CA ARG B 679 -70.58 -38.27 -11.79
C ARG B 679 -71.03 -36.96 -11.16
N TYR B 680 -70.24 -35.91 -11.35
CA TYR B 680 -70.58 -34.62 -10.76
C TYR B 680 -69.88 -33.51 -11.53
N ILE B 681 -70.66 -32.53 -12.00
CA ILE B 681 -70.11 -31.32 -12.59
C ILE B 681 -70.67 -30.15 -11.80
N SER B 682 -69.79 -29.33 -11.23
CA SER B 682 -70.26 -28.28 -10.33
C SER B 682 -71.13 -27.27 -11.06
N LYS B 683 -71.97 -26.58 -10.29
CA LYS B 683 -72.82 -25.53 -10.85
C LYS B 683 -71.99 -24.39 -11.44
N TYR B 684 -70.82 -24.10 -10.83
CA TYR B 684 -69.93 -23.06 -11.35
C TYR B 684 -69.60 -23.29 -12.82
N GLU B 685 -69.32 -24.55 -13.18
CA GLU B 685 -68.98 -24.89 -14.57
C GLU B 685 -70.21 -24.88 -15.46
N LEU B 686 -71.33 -25.39 -14.94
CA LEU B 686 -72.55 -25.54 -15.73
C LEU B 686 -73.23 -24.20 -16.00
N ASP B 687 -72.94 -23.18 -15.18
CA ASP B 687 -73.59 -21.89 -15.35
C ASP B 687 -72.91 -21.03 -16.40
N LYS B 688 -71.61 -21.24 -16.64
CA LYS B 688 -70.89 -20.44 -17.61
C LYS B 688 -71.50 -20.60 -19.01
N ALA B 689 -71.52 -19.50 -19.75
CA ALA B 689 -72.06 -19.49 -21.10
C ALA B 689 -71.20 -20.37 -22.01
N PHE B 690 -71.68 -20.60 -23.24
CA PHE B 690 -70.89 -21.38 -24.17
C PHE B 690 -69.60 -20.66 -24.52
N SER B 691 -69.61 -19.33 -24.49
CA SER B 691 -68.39 -18.58 -24.72
C SER B 691 -67.56 -18.57 -23.44
N ASP B 692 -66.23 -18.57 -23.61
CA ASP B 692 -65.27 -18.50 -22.52
C ASP B 692 -65.44 -19.69 -21.55
N ARG B 693 -65.88 -20.82 -22.08
CA ARG B 693 -65.96 -22.07 -21.33
C ARG B 693 -65.00 -23.05 -22.00
N ASN B 694 -63.70 -22.79 -21.86
CA ASN B 694 -62.70 -23.58 -22.56
C ASN B 694 -62.04 -24.61 -21.65
N THR B 695 -62.32 -24.57 -20.35
CA THR B 695 -61.87 -25.59 -19.42
C THR B 695 -63.07 -26.14 -18.66
N LEU B 696 -62.96 -27.39 -18.21
CA LEU B 696 -64.06 -28.07 -17.58
C LEU B 696 -63.49 -29.14 -16.66
N ILE B 697 -64.14 -29.37 -15.52
CA ILE B 697 -63.75 -30.44 -14.62
C ILE B 697 -64.97 -31.31 -14.33
N ILE B 698 -64.92 -32.56 -14.79
CA ILE B 698 -65.96 -33.55 -14.50
C ILE B 698 -65.46 -34.39 -13.33
N TYR B 699 -66.23 -34.47 -12.26
CA TYR B 699 -65.83 -35.25 -11.11
C TYR B 699 -66.44 -36.65 -11.21
N LEU B 700 -65.62 -37.67 -10.94
CA LEU B 700 -66.07 -39.06 -10.91
C LEU B 700 -66.03 -39.59 -9.49
N ASP B 701 -67.09 -40.30 -9.09
CA ASP B 701 -67.12 -40.91 -7.77
C ASP B 701 -66.17 -42.10 -7.67
N LYS B 702 -65.98 -42.83 -8.76
CA LYS B 702 -65.04 -43.95 -8.81
C LYS B 702 -64.82 -44.31 -10.27
N VAL B 703 -63.69 -44.97 -10.54
CA VAL B 703 -63.45 -45.54 -11.86
C VAL B 703 -63.13 -47.01 -11.69
N SER B 704 -63.68 -47.82 -12.58
CA SER B 704 -63.58 -49.28 -12.48
C SER B 704 -62.19 -49.77 -12.84
N HIS B 705 -61.80 -50.89 -12.23
CA HIS B 705 -60.56 -51.54 -12.60
C HIS B 705 -60.82 -52.72 -13.52
N SER B 706 -62.06 -53.20 -13.53
CA SER B 706 -62.47 -54.37 -14.30
C SER B 706 -62.59 -54.03 -15.77
N GLU B 707 -63.17 -52.86 -16.07
CA GLU B 707 -63.35 -52.44 -17.45
C GLU B 707 -63.28 -50.93 -17.56
N ASP B 708 -63.26 -50.45 -18.80
CA ASP B 708 -63.23 -49.02 -19.11
C ASP B 708 -64.56 -48.35 -18.77
N ASP B 709 -64.52 -47.24 -18.05
CA ASP B 709 -65.68 -46.37 -17.91
C ASP B 709 -65.60 -45.27 -18.97
N CYS B 710 -66.62 -45.19 -19.82
CA CYS B 710 -66.62 -44.30 -20.98
C CYS B 710 -67.74 -43.28 -20.88
N LEU B 711 -67.45 -42.03 -21.27
CA LEU B 711 -68.48 -41.01 -21.44
C LEU B 711 -68.22 -40.26 -22.74
N ALA B 712 -69.24 -39.52 -23.19
CA ALA B 712 -69.11 -38.74 -24.42
C ALA B 712 -70.07 -37.56 -24.41
N PHE B 713 -69.66 -36.48 -25.07
CA PHE B 713 -70.53 -35.32 -25.26
C PHE B 713 -70.08 -34.57 -26.51
N LYS B 714 -70.99 -33.74 -27.02
CA LYS B 714 -70.74 -32.98 -28.25
C LYS B 714 -70.02 -31.67 -27.95
N VAL B 715 -69.14 -31.28 -28.87
CA VAL B 715 -68.40 -30.03 -28.77
C VAL B 715 -68.61 -29.21 -30.04
N HIS B 716 -68.95 -27.93 -29.87
CA HIS B 716 -69.28 -27.00 -30.94
C HIS B 716 -68.12 -26.04 -31.19
N GLN B 717 -67.96 -25.64 -32.44
CA GLN B 717 -66.93 -24.68 -32.84
C GLN B 717 -67.48 -23.26 -32.78
N TYR B 718 -67.14 -22.53 -31.72
CA TYR B 718 -67.62 -21.17 -31.47
C TYR B 718 -66.70 -20.12 -32.05
N PHE B 719 -65.41 -20.43 -32.19
CA PHE B 719 -64.41 -19.55 -32.77
C PHE B 719 -63.68 -20.27 -33.89
N ASN B 720 -63.35 -19.56 -34.97
CA ASN B 720 -62.69 -20.18 -36.10
C ASN B 720 -61.27 -19.64 -36.18
N VAL B 721 -60.30 -20.54 -36.30
CA VAL B 721 -58.89 -20.18 -36.35
C VAL B 721 -58.19 -21.07 -37.37
N GLU B 722 -57.20 -20.51 -38.07
CA GLU B 722 -56.47 -21.31 -39.03
C GLU B 722 -55.69 -22.43 -38.33
N LEU B 723 -55.10 -22.12 -37.16
CA LEU B 723 -54.35 -23.10 -36.37
C LEU B 723 -55.15 -23.41 -35.10
N ILE B 724 -55.61 -24.66 -34.99
CA ILE B 724 -56.35 -25.13 -33.82
C ILE B 724 -55.40 -25.87 -32.89
N GLN B 725 -55.29 -25.40 -31.63
CA GLN B 725 -54.44 -26.10 -30.68
C GLN B 725 -55.12 -27.35 -30.12
N PRO B 726 -54.39 -28.46 -30.03
CA PRO B 726 -54.96 -29.70 -29.46
C PRO B 726 -55.48 -29.53 -28.05
N GLY B 727 -56.64 -30.15 -27.77
CA GLY B 727 -57.16 -30.21 -26.41
C GLY B 727 -56.54 -31.35 -25.61
N ALA B 728 -56.87 -31.40 -24.31
CA ALA B 728 -56.27 -32.39 -23.42
C ALA B 728 -57.29 -32.87 -22.39
N VAL B 729 -57.04 -34.07 -21.87
CA VAL B 729 -57.81 -34.68 -20.78
C VAL B 729 -56.82 -35.26 -19.77
N LYS B 730 -56.98 -34.90 -18.49
CA LYS B 730 -56.09 -35.37 -17.43
C LYS B 730 -56.87 -36.03 -16.29
N VAL B 731 -56.65 -37.33 -16.09
CA VAL B 731 -57.28 -38.09 -15.01
C VAL B 731 -56.29 -38.29 -13.87
N TYR B 732 -56.77 -38.20 -12.63
CA TYR B 732 -55.97 -38.60 -11.47
C TYR B 732 -56.88 -38.81 -10.27
N ALA B 733 -56.33 -39.44 -9.23
CA ALA B 733 -57.02 -39.60 -7.96
C ALA B 733 -56.67 -38.47 -6.99
N TYR B 734 -57.67 -38.07 -6.19
CA TYR B 734 -57.50 -36.91 -5.30
C TYR B 734 -56.37 -37.07 -4.30
N TYR B 735 -56.09 -38.30 -3.85
CA TYR B 735 -55.09 -38.51 -2.80
C TYR B 735 -53.66 -38.51 -3.31
N ASN B 736 -53.43 -38.44 -4.62
CA ASN B 736 -52.08 -38.49 -5.16
C ASN B 736 -52.11 -37.86 -6.56
N LEU B 737 -51.46 -36.71 -6.70
CA LEU B 737 -51.45 -35.98 -7.96
C LEU B 737 -50.38 -36.51 -8.92
N GLU B 738 -49.29 -37.09 -8.40
CA GLU B 738 -48.21 -37.56 -9.27
C GLU B 738 -48.64 -38.76 -10.11
N GLU B 739 -49.41 -39.68 -9.53
CA GLU B 739 -49.92 -40.83 -10.27
C GLU B 739 -51.15 -40.43 -11.08
N SER B 740 -50.88 -39.79 -12.21
CA SER B 740 -51.92 -39.27 -13.08
C SER B 740 -51.63 -39.67 -14.52
N CYS B 741 -52.62 -39.48 -15.38
CA CYS B 741 -52.51 -39.73 -16.80
C CYS B 741 -53.10 -38.57 -17.59
N THR B 742 -52.43 -38.17 -18.66
CA THR B 742 -52.88 -37.05 -19.48
C THR B 742 -52.83 -37.46 -20.94
N ARG B 743 -53.94 -37.29 -21.65
CA ARG B 743 -53.98 -37.54 -23.08
C ARG B 743 -54.45 -36.31 -23.82
N PHE B 744 -53.96 -36.14 -25.04
CA PHE B 744 -54.32 -35.02 -25.90
C PHE B 744 -55.09 -35.52 -27.11
N TYR B 745 -55.94 -34.66 -27.65
CA TYR B 745 -56.68 -35.00 -28.86
C TYR B 745 -56.69 -33.82 -29.81
N HIS B 746 -56.62 -34.11 -31.12
CA HIS B 746 -56.54 -33.10 -32.17
C HIS B 746 -57.16 -33.66 -33.43
N PRO B 747 -58.08 -32.94 -34.09
CA PRO B 747 -58.76 -33.51 -35.27
C PRO B 747 -57.73 -33.87 -36.33
N GLU B 748 -57.99 -34.96 -37.05
CA GLU B 748 -57.26 -35.46 -38.21
C GLU B 748 -55.96 -36.14 -37.76
N LYS B 749 -55.59 -36.02 -36.49
CA LYS B 749 -54.34 -36.53 -35.94
C LYS B 749 -54.72 -37.68 -35.02
N GLU B 750 -54.39 -38.90 -35.45
CA GLU B 750 -54.58 -40.09 -34.62
C GLU B 750 -54.19 -39.93 -33.16
N ASP B 751 -53.04 -39.33 -32.87
CA ASP B 751 -52.73 -39.06 -31.47
C ASP B 751 -53.16 -37.67 -31.00
N GLY B 752 -52.39 -37.12 -30.07
CA GLY B 752 -52.62 -35.82 -29.45
C GLY B 752 -51.44 -34.90 -29.66
N LYS B 753 -50.28 -35.53 -29.84
CA LYS B 753 -48.99 -34.86 -29.93
C LYS B 753 -48.85 -34.14 -31.26
N LEU B 754 -48.11 -33.04 -31.23
CA LEU B 754 -47.82 -32.34 -32.46
C LEU B 754 -46.89 -33.16 -33.34
N ASN B 755 -46.79 -32.74 -34.59
CA ASN B 755 -46.00 -33.43 -35.61
C ASN B 755 -44.53 -33.10 -35.43
N LYS B 756 -43.86 -33.91 -34.62
CA LYS B 756 -42.44 -33.73 -34.34
C LYS B 756 -41.66 -34.68 -35.24
N LEU B 757 -40.41 -34.32 -35.51
CA LEU B 757 -39.55 -35.19 -36.28
C LEU B 757 -38.41 -35.50 -35.32
N CYS B 758 -38.33 -36.77 -34.92
CA CYS B 758 -37.42 -37.26 -33.90
C CYS B 758 -36.49 -38.35 -34.41
N ARG B 759 -35.28 -38.33 -33.86
CA ARG B 759 -34.29 -39.37 -34.11
C ARG B 759 -33.41 -39.38 -32.87
N ASP B 760 -33.20 -40.59 -32.37
CA ASP B 760 -32.41 -40.87 -31.18
C ASP B 760 -32.98 -40.02 -30.04
N GLU B 761 -32.18 -39.16 -29.41
CA GLU B 761 -32.70 -38.36 -28.31
C GLU B 761 -33.36 -37.05 -28.75
N LEU B 762 -33.02 -36.53 -29.94
CA LEU B 762 -33.01 -35.10 -30.19
C LEU B 762 -34.09 -34.72 -31.21
N CYS B 763 -35.08 -33.95 -30.76
CA CYS B 763 -36.23 -33.58 -31.57
C CYS B 763 -36.31 -32.08 -31.79
N ARG B 764 -36.66 -31.70 -33.01
CA ARG B 764 -36.91 -30.33 -33.44
C ARG B 764 -38.39 -30.19 -33.79
N CYS B 765 -38.95 -29.02 -33.55
CA CYS B 765 -40.36 -28.81 -33.83
C CYS B 765 -40.60 -28.67 -35.33
N ALA B 766 -41.70 -29.27 -35.80
CA ALA B 766 -42.13 -29.31 -37.19
C ALA B 766 -43.61 -28.97 -37.30
N GLU B 767 -44.02 -27.83 -36.78
CA GLU B 767 -45.43 -27.45 -36.79
C GLU B 767 -45.61 -26.19 -37.62
N GLU B 768 -45.37 -26.31 -38.93
CA GLU B 768 -45.52 -25.20 -39.84
C GLU B 768 -45.56 -25.74 -41.27
N ASN B 769 -45.62 -24.82 -42.23
CA ASN B 769 -45.61 -25.17 -43.65
C ASN B 769 -44.35 -25.92 -44.10
N CYS B 770 -44.56 -26.84 -45.04
CA CYS B 770 -43.49 -27.69 -45.57
C CYS B 770 -42.40 -26.85 -46.23
N PHE B 771 -42.81 -25.81 -46.96
CA PHE B 771 -41.92 -24.87 -47.62
C PHE B 771 -42.73 -23.61 -47.97
N ILE B 772 -42.37 -22.94 -49.07
CA ILE B 772 -43.13 -21.73 -49.44
C ILE B 772 -44.12 -21.88 -50.58
N GLN B 773 -43.94 -22.84 -51.49
CA GLN B 773 -44.97 -23.19 -52.47
C GLN B 773 -45.34 -22.00 -53.36
N LYS B 774 -44.65 -20.88 -53.19
CA LYS B 774 -44.62 -19.68 -54.02
C LYS B 774 -44.66 -19.87 -55.53
N SER B 775 -44.88 -21.08 -56.03
CA SER B 775 -44.88 -21.27 -57.47
C SER B 775 -46.30 -21.44 -57.98
N ASP B 776 -46.42 -21.43 -59.31
CA ASP B 776 -47.66 -21.38 -60.09
C ASP B 776 -48.26 -19.99 -60.00
N ASP B 777 -47.49 -19.02 -59.52
CA ASP B 777 -47.88 -17.62 -59.42
C ASP B 777 -46.99 -16.78 -60.33
N LYS B 778 -46.82 -15.50 -59.99
CA LYS B 778 -45.91 -14.62 -60.73
C LYS B 778 -44.50 -14.76 -60.14
N VAL B 779 -43.80 -15.81 -60.56
CA VAL B 779 -42.49 -16.12 -60.01
C VAL B 779 -41.44 -15.56 -60.96
N THR B 780 -41.35 -14.24 -61.00
CA THR B 780 -40.42 -13.52 -61.87
C THR B 780 -38.98 -13.69 -61.38
N LEU B 781 -38.10 -12.84 -61.92
CA LEU B 781 -36.70 -12.76 -61.58
C LEU B 781 -36.47 -11.85 -60.37
N GLU B 782 -37.16 -10.72 -60.31
CA GLU B 782 -37.09 -9.85 -59.13
C GLU B 782 -37.52 -10.59 -57.88
N GLU B 783 -38.55 -11.44 -57.99
CA GLU B 783 -39.05 -12.19 -56.84
C GLU B 783 -37.97 -13.10 -56.28
N ARG B 784 -37.31 -13.88 -57.15
CA ARG B 784 -36.26 -14.77 -56.70
C ARG B 784 -35.12 -14.00 -56.06
N LEU B 785 -34.71 -12.88 -56.68
CA LEU B 785 -33.62 -12.08 -56.12
C LEU B 785 -34.04 -11.50 -54.77
N ASP B 786 -35.28 -11.05 -54.66
CA ASP B 786 -35.75 -10.43 -53.42
C ASP B 786 -35.90 -11.44 -52.29
N LYS B 787 -36.45 -12.62 -52.59
CA LYS B 787 -36.65 -13.62 -51.54
C LYS B 787 -35.33 -14.23 -51.08
N ALA B 788 -34.46 -14.59 -52.01
CA ALA B 788 -33.24 -15.30 -51.67
C ALA B 788 -32.14 -14.37 -51.16
N CYS B 789 -32.41 -13.07 -51.10
CA CYS B 789 -31.45 -12.10 -50.61
C CYS B 789 -31.76 -11.61 -49.21
N GLU B 790 -32.85 -12.09 -48.61
CA GLU B 790 -33.20 -11.71 -47.26
C GLU B 790 -32.10 -12.15 -46.29
N PRO B 791 -31.89 -11.39 -45.21
CA PRO B 791 -30.83 -11.76 -44.26
C PRO B 791 -31.03 -13.13 -43.63
N GLY B 792 -32.28 -13.58 -43.51
CA GLY B 792 -32.50 -14.92 -42.98
C GLY B 792 -31.83 -15.99 -43.81
N VAL B 793 -31.95 -15.89 -45.13
CA VAL B 793 -31.34 -16.85 -46.05
C VAL B 793 -29.82 -16.81 -45.95
N ASP B 794 -29.23 -17.90 -45.48
CA ASP B 794 -27.80 -18.04 -45.25
C ASP B 794 -27.05 -18.61 -46.46
N TYR B 795 -27.55 -19.71 -47.01
CA TYR B 795 -26.98 -20.43 -48.14
C TYR B 795 -27.95 -20.53 -49.31
N VAL B 796 -27.41 -20.50 -50.53
CA VAL B 796 -28.15 -20.74 -51.75
C VAL B 796 -27.37 -21.74 -52.60
N TYR B 797 -27.92 -22.95 -52.78
CA TYR B 797 -27.24 -24.02 -53.49
C TYR B 797 -28.11 -24.54 -54.64
N LYS B 798 -27.45 -25.02 -55.70
CA LYS B 798 -28.06 -25.84 -56.75
C LYS B 798 -27.64 -27.30 -56.56
N THR B 799 -28.60 -28.16 -56.23
CA THR B 799 -28.32 -29.54 -55.86
C THR B 799 -28.98 -30.51 -56.83
N ARG B 800 -28.50 -31.76 -56.80
CA ARG B 800 -29.08 -32.86 -57.56
C ARG B 800 -29.39 -34.05 -56.66
N LEU B 801 -30.63 -34.53 -56.72
CA LEU B 801 -31.13 -35.61 -55.87
C LEU B 801 -30.53 -36.96 -56.28
N VAL B 802 -29.54 -37.42 -55.51
CA VAL B 802 -28.91 -38.71 -55.82
C VAL B 802 -29.79 -39.88 -55.40
N LYS B 803 -30.20 -39.93 -54.13
CA LYS B 803 -30.96 -41.07 -53.62
C LYS B 803 -31.99 -40.59 -52.61
N VAL B 804 -33.17 -41.20 -52.62
CA VAL B 804 -34.23 -40.90 -51.64
C VAL B 804 -34.51 -42.13 -50.77
N GLN B 805 -34.03 -42.14 -49.52
CA GLN B 805 -34.35 -43.23 -48.61
C GLN B 805 -35.64 -42.86 -47.88
N LEU B 806 -36.75 -43.49 -48.25
CA LEU B 806 -38.04 -43.29 -47.58
C LEU B 806 -38.10 -44.04 -46.23
N SER B 807 -38.48 -43.34 -45.17
CA SER B 807 -38.59 -43.97 -43.87
C SER B 807 -39.89 -43.59 -43.15
N ASN B 808 -40.14 -44.33 -42.06
CA ASN B 808 -41.31 -44.25 -41.20
C ASN B 808 -41.25 -43.04 -40.26
N ASP B 809 -40.06 -42.49 -40.04
CA ASP B 809 -39.81 -41.42 -39.10
C ASP B 809 -39.47 -40.13 -39.84
N PHE B 810 -38.47 -40.18 -40.70
CA PHE B 810 -38.00 -39.00 -41.41
C PHE B 810 -37.92 -39.37 -42.89
N ASP B 811 -37.64 -38.37 -43.71
CA ASP B 811 -37.35 -38.66 -45.11
C ASP B 811 -36.01 -38.02 -45.35
N GLU B 812 -35.09 -38.76 -45.98
CA GLU B 812 -33.78 -38.23 -46.31
C GLU B 812 -33.54 -38.12 -47.82
N TYR B 813 -33.08 -36.96 -48.27
CA TYR B 813 -32.82 -36.73 -49.69
C TYR B 813 -31.31 -36.54 -49.78
N ILE B 814 -30.57 -37.60 -50.08
CA ILE B 814 -29.12 -37.44 -50.28
C ILE B 814 -28.88 -36.73 -51.62
N MET B 815 -28.50 -35.45 -51.55
CA MET B 815 -28.26 -34.63 -52.73
C MET B 815 -26.80 -34.20 -52.84
N ALA B 816 -26.27 -34.17 -54.06
CA ALA B 816 -24.91 -33.67 -54.30
C ALA B 816 -25.00 -32.23 -54.81
N ILE B 817 -24.43 -31.31 -54.05
CA ILE B 817 -24.35 -29.88 -54.37
C ILE B 817 -23.49 -29.62 -55.59
N GLU B 818 -24.12 -29.55 -56.77
CA GLU B 818 -23.35 -29.36 -58.01
C GLU B 818 -22.69 -27.99 -58.09
N GLN B 819 -23.37 -26.92 -57.67
CA GLN B 819 -22.77 -25.59 -57.74
C GLN B 819 -23.25 -24.76 -56.56
N THR B 820 -22.29 -24.03 -55.97
CA THR B 820 -22.49 -23.16 -54.81
C THR B 820 -22.72 -21.70 -55.14
N ILE B 821 -23.98 -21.36 -55.36
CA ILE B 821 -24.39 -20.01 -55.77
C ILE B 821 -24.11 -19.00 -54.65
N LYS B 822 -24.36 -19.40 -53.41
CA LYS B 822 -24.03 -18.63 -52.21
C LYS B 822 -23.68 -19.63 -51.11
N SER B 823 -22.53 -19.42 -50.45
CA SER B 823 -22.09 -20.33 -49.41
C SER B 823 -22.29 -19.75 -48.01
N GLY B 824 -22.53 -20.65 -47.04
CA GLY B 824 -22.72 -20.19 -45.68
C GLY B 824 -21.90 -20.90 -44.61
N SER B 825 -22.58 -21.55 -43.67
CA SER B 825 -21.86 -22.23 -42.59
C SER B 825 -21.10 -23.46 -43.08
N ASP B 826 -21.78 -24.34 -43.81
CA ASP B 826 -21.15 -25.53 -44.35
C ASP B 826 -20.20 -25.16 -45.47
N GLU B 827 -18.94 -25.60 -45.38
CA GLU B 827 -18.00 -25.32 -46.44
C GLU B 827 -18.01 -26.53 -47.36
N VAL B 828 -18.22 -26.24 -48.63
CA VAL B 828 -18.37 -27.14 -49.75
C VAL B 828 -17.08 -27.74 -50.32
N GLN B 829 -17.15 -29.03 -50.66
CA GLN B 829 -16.61 -29.49 -51.93
C GLN B 829 -17.80 -29.68 -52.86
N VAL B 830 -17.54 -29.54 -54.17
CA VAL B 830 -18.58 -29.75 -55.18
C VAL B 830 -19.13 -31.17 -55.15
N GLY B 831 -18.26 -32.13 -55.49
CA GLY B 831 -18.61 -33.53 -55.56
C GLY B 831 -19.23 -34.18 -54.34
N GLN B 832 -18.92 -33.71 -53.14
CA GLN B 832 -19.54 -34.33 -51.97
C GLN B 832 -21.04 -34.08 -51.85
N GLN B 833 -21.66 -34.96 -51.06
CA GLN B 833 -23.09 -35.04 -50.80
C GLN B 833 -23.49 -34.66 -49.37
N ARG B 834 -24.70 -34.15 -49.25
CA ARG B 834 -25.34 -33.77 -48.00
C ARG B 834 -26.79 -34.25 -48.02
N THR B 835 -27.27 -34.67 -46.85
CA THR B 835 -28.61 -35.23 -46.68
C THR B 835 -29.59 -34.18 -46.16
N PHE B 836 -30.68 -33.98 -46.90
CA PHE B 836 -31.74 -33.05 -46.50
C PHE B 836 -32.91 -33.84 -45.94
N ILE B 837 -33.16 -33.66 -44.65
CA ILE B 837 -34.18 -34.37 -43.90
C ILE B 837 -35.48 -33.57 -43.89
N SER B 838 -36.61 -34.27 -44.00
CA SER B 838 -37.90 -33.61 -43.96
C SER B 838 -38.95 -34.54 -43.39
N PRO B 839 -39.93 -34.01 -42.64
CA PRO B 839 -41.02 -34.82 -42.11
C PRO B 839 -41.78 -35.56 -43.21
N ILE B 840 -42.27 -36.75 -42.85
CA ILE B 840 -42.93 -37.61 -43.82
C ILE B 840 -44.19 -36.95 -44.38
N LYS B 841 -44.85 -36.12 -43.58
CA LYS B 841 -46.04 -35.40 -44.04
C LYS B 841 -45.79 -34.53 -45.26
N CYS B 842 -44.55 -34.08 -45.49
CA CYS B 842 -44.23 -33.22 -46.63
C CYS B 842 -43.87 -33.96 -47.91
N ARG B 843 -43.66 -35.28 -47.84
CA ARG B 843 -43.26 -36.05 -49.01
C ARG B 843 -44.24 -35.82 -50.17
N GLU B 844 -45.53 -35.80 -49.84
CA GLU B 844 -46.64 -35.64 -50.77
C GLU B 844 -46.76 -34.24 -51.36
N ALA B 845 -46.25 -33.20 -50.70
CA ALA B 845 -46.44 -31.86 -51.26
C ALA B 845 -45.47 -31.55 -52.39
N LEU B 846 -44.32 -32.23 -52.45
CA LEU B 846 -43.36 -31.98 -53.52
C LEU B 846 -42.59 -33.28 -53.75
N LYS B 847 -43.14 -34.12 -54.64
CA LYS B 847 -42.53 -35.40 -54.95
C LYS B 847 -41.16 -35.21 -55.57
N LEU B 848 -40.13 -35.34 -54.74
CA LEU B 848 -38.74 -35.20 -55.15
C LEU B 848 -38.26 -36.53 -55.73
N GLU B 849 -37.93 -36.53 -57.03
CA GLU B 849 -37.47 -37.74 -57.70
C GLU B 849 -35.96 -37.67 -57.94
N GLU B 850 -35.33 -38.84 -57.92
CA GLU B 850 -33.91 -38.99 -58.11
C GLU B 850 -33.48 -38.58 -59.52
N LYS B 851 -32.18 -38.37 -59.67
CA LYS B 851 -31.51 -37.93 -60.90
C LYS B 851 -32.01 -36.57 -61.39
N LYS B 852 -32.74 -35.83 -60.56
CA LYS B 852 -33.22 -34.50 -60.88
C LYS B 852 -32.43 -33.43 -60.15
N HIS B 853 -32.54 -32.20 -60.65
CA HIS B 853 -31.85 -31.05 -60.07
C HIS B 853 -32.86 -30.07 -59.48
N TYR B 854 -32.39 -29.26 -58.54
CA TYR B 854 -33.25 -28.31 -57.84
C TYR B 854 -32.44 -27.08 -57.42
N LEU B 855 -33.10 -25.93 -57.42
CA LEU B 855 -32.57 -24.72 -56.81
C LEU B 855 -33.11 -24.60 -55.39
N MET B 856 -32.22 -24.67 -54.40
CA MET B 856 -32.60 -24.67 -52.99
C MET B 856 -31.82 -23.62 -52.22
N TRP B 857 -32.56 -22.79 -51.47
CA TRP B 857 -31.94 -21.85 -50.55
C TRP B 857 -32.70 -21.91 -49.24
N GLY B 858 -31.99 -21.61 -48.15
CA GLY B 858 -32.55 -21.78 -46.83
C GLY B 858 -31.86 -20.94 -45.79
N LEU B 859 -32.43 -20.96 -44.59
CA LEU B 859 -31.95 -20.19 -43.46
C LEU B 859 -30.80 -20.93 -42.78
N SER B 860 -30.09 -20.21 -41.91
CA SER B 860 -29.02 -20.83 -41.16
C SER B 860 -29.60 -21.58 -39.96
N SER B 861 -30.85 -21.29 -39.63
CA SER B 861 -31.58 -21.95 -38.55
C SER B 861 -32.07 -23.32 -38.95
N ASP B 862 -31.83 -23.75 -40.20
CA ASP B 862 -32.30 -25.04 -40.68
C ASP B 862 -31.19 -26.08 -40.60
N PHE B 863 -30.13 -25.78 -39.87
CA PHE B 863 -29.01 -26.67 -39.65
C PHE B 863 -29.33 -27.60 -38.49
N TRP B 864 -28.75 -28.80 -38.53
CA TRP B 864 -29.15 -29.81 -37.55
C TRP B 864 -28.15 -30.96 -37.51
N GLY B 865 -27.26 -30.90 -36.54
CA GLY B 865 -26.20 -31.87 -36.34
C GLY B 865 -24.94 -31.14 -35.91
N GLU B 866 -24.07 -31.86 -35.21
CA GLU B 866 -22.79 -31.28 -34.82
C GLU B 866 -21.97 -30.94 -36.05
N LYS B 867 -21.76 -31.93 -36.92
CA LYS B 867 -20.84 -31.97 -38.05
C LYS B 867 -20.72 -33.42 -38.55
N PRO B 868 -20.62 -34.43 -37.66
CA PRO B 868 -20.56 -35.82 -38.16
C PRO B 868 -21.80 -36.21 -38.95
N ASN B 869 -22.98 -35.85 -38.44
CA ASN B 869 -24.21 -36.14 -39.15
C ASN B 869 -24.95 -34.86 -39.48
N LEU B 870 -24.29 -33.91 -40.16
CA LEU B 870 -24.91 -32.62 -40.35
C LEU B 870 -25.94 -32.73 -41.47
N SER B 871 -27.20 -32.50 -41.14
CA SER B 871 -28.29 -32.53 -42.09
C SER B 871 -28.90 -31.15 -42.29
N TYR B 872 -29.68 -31.04 -43.36
CA TYR B 872 -30.36 -29.80 -43.70
C TYR B 872 -31.83 -30.08 -43.53
N ILE B 873 -32.58 -29.10 -43.04
CA ILE B 873 -34.02 -29.21 -42.87
C ILE B 873 -34.77 -28.36 -43.87
N ILE B 874 -35.64 -28.99 -44.65
CA ILE B 874 -36.48 -28.21 -45.55
C ILE B 874 -37.57 -27.71 -44.61
N GLY B 875 -37.40 -26.47 -44.16
CA GLY B 875 -38.30 -25.85 -43.21
C GLY B 875 -39.26 -24.86 -43.84
N LYS B 876 -39.87 -24.07 -42.95
CA LYS B 876 -40.87 -23.11 -43.37
C LYS B 876 -40.30 -22.04 -44.29
N ASP B 877 -38.99 -21.80 -44.25
CA ASP B 877 -38.33 -20.79 -45.06
C ASP B 877 -37.43 -21.40 -46.13
N THR B 878 -37.63 -22.67 -46.49
CA THR B 878 -36.80 -23.35 -47.49
C THR B 878 -37.43 -23.34 -48.89
N TRP B 879 -36.79 -22.63 -49.80
CA TRP B 879 -37.18 -22.56 -51.21
C TRP B 879 -36.73 -23.82 -51.94
N VAL B 880 -37.66 -24.53 -52.57
CA VAL B 880 -37.34 -25.75 -53.32
C VAL B 880 -38.03 -25.69 -54.68
N GLU B 881 -37.26 -25.40 -55.74
CA GLU B 881 -37.77 -25.30 -57.10
C GLU B 881 -37.10 -26.35 -57.98
N HIS B 882 -37.88 -26.98 -58.86
CA HIS B 882 -37.36 -27.95 -59.81
C HIS B 882 -36.47 -27.30 -60.88
N TRP B 883 -35.27 -27.88 -61.09
CA TRP B 883 -34.35 -27.43 -62.12
C TRP B 883 -34.34 -28.32 -63.36
N PRO B 884 -34.81 -27.82 -64.50
CA PRO B 884 -34.88 -28.63 -65.73
C PRO B 884 -33.51 -29.04 -66.24
N GLU B 885 -33.46 -30.21 -66.86
CA GLU B 885 -32.22 -30.74 -67.43
C GLU B 885 -31.84 -29.95 -68.69
N GLU B 886 -30.59 -30.13 -69.14
CA GLU B 886 -30.08 -29.30 -70.23
C GLU B 886 -30.84 -29.56 -71.53
N ASP B 887 -31.25 -30.80 -71.78
CA ASP B 887 -32.03 -31.12 -72.96
C ASP B 887 -33.46 -30.60 -72.86
N GLU B 888 -33.97 -30.50 -71.62
CA GLU B 888 -35.27 -29.93 -71.33
C GLU B 888 -35.33 -28.41 -71.49
N CYS B 889 -34.21 -27.69 -71.30
CA CYS B 889 -34.30 -26.24 -71.46
C CYS B 889 -34.51 -25.86 -72.92
N GLN B 890 -34.14 -26.73 -73.86
CA GLN B 890 -34.39 -26.48 -75.28
C GLN B 890 -35.89 -26.52 -75.59
N ASP B 891 -36.65 -27.23 -74.77
CA ASP B 891 -38.11 -27.26 -74.85
C ASP B 891 -38.69 -25.90 -74.51
N GLU B 892 -39.87 -25.61 -75.06
CA GLU B 892 -40.48 -24.30 -74.93
C GLU B 892 -41.35 -24.18 -73.68
N GLU B 893 -41.60 -25.27 -72.97
CA GLU B 893 -42.38 -25.14 -71.75
C GLU B 893 -41.50 -24.70 -70.60
N ASN B 894 -40.28 -25.23 -70.54
CA ASN B 894 -39.30 -24.83 -69.53
C ASN B 894 -38.49 -23.60 -69.94
N GLN B 895 -38.82 -22.96 -71.06
CA GLN B 895 -37.99 -21.85 -71.56
C GLN B 895 -37.94 -20.68 -70.57
N LYS B 896 -39.10 -20.26 -70.06
CA LYS B 896 -39.15 -19.11 -69.18
C LYS B 896 -38.37 -19.36 -67.89
N GLN B 897 -38.62 -20.51 -67.27
CA GLN B 897 -37.95 -20.87 -66.03
C GLN B 897 -36.44 -21.04 -66.21
N CYS B 898 -36.02 -21.60 -67.35
CA CYS B 898 -34.58 -21.79 -67.58
C CYS B 898 -33.84 -20.46 -67.69
N GLN B 899 -34.41 -19.50 -68.43
CA GLN B 899 -33.77 -18.19 -68.56
C GLN B 899 -33.68 -17.46 -67.23
N ASP B 900 -34.75 -17.51 -66.43
CA ASP B 900 -34.75 -16.86 -65.11
C ASP B 900 -33.72 -17.47 -64.18
N LEU B 901 -33.60 -18.81 -64.19
CA LEU B 901 -32.70 -19.49 -63.27
C LEU B 901 -31.23 -19.28 -63.63
N GLY B 902 -30.89 -19.36 -64.91
CA GLY B 902 -29.51 -19.10 -65.31
C GLY B 902 -29.05 -17.71 -64.94
N ALA B 903 -29.90 -16.70 -65.22
CA ALA B 903 -29.59 -15.33 -64.84
C ALA B 903 -29.42 -15.19 -63.34
N PHE B 904 -30.34 -15.80 -62.57
CA PHE B 904 -30.29 -15.78 -61.12
C PHE B 904 -28.92 -16.23 -60.58
N THR B 905 -28.45 -17.40 -61.01
CA THR B 905 -27.14 -17.89 -60.58
C THR B 905 -26.03 -16.89 -60.89
N GLU B 906 -26.00 -16.39 -62.12
CA GLU B 906 -24.96 -15.44 -62.53
C GLU B 906 -24.97 -14.19 -61.66
N SER B 907 -26.14 -13.58 -61.48
CA SER B 907 -26.24 -12.35 -60.70
C SER B 907 -25.81 -12.57 -59.26
N MET B 908 -26.24 -13.69 -58.65
CA MET B 908 -25.88 -13.97 -57.27
C MET B 908 -24.39 -14.21 -57.09
N VAL B 909 -23.75 -14.95 -58.01
CA VAL B 909 -22.32 -15.21 -57.86
C VAL B 909 -21.50 -13.93 -58.03
N VAL B 910 -21.69 -13.21 -59.14
CA VAL B 910 -20.82 -12.05 -59.38
C VAL B 910 -21.29 -10.85 -58.56
N PHE B 911 -22.58 -10.53 -58.60
CA PHE B 911 -23.09 -9.31 -57.96
C PHE B 911 -23.67 -9.55 -56.55
N GLY B 912 -24.40 -10.64 -56.32
CA GLY B 912 -24.93 -10.88 -54.99
C GLY B 912 -26.06 -9.91 -54.68
N CYS B 913 -26.32 -9.77 -53.35
CA CYS B 913 -27.17 -9.10 -52.37
C CYS B 913 -26.52 -7.79 -51.99
N PRO B 914 -27.31 -6.73 -51.99
CA PRO B 914 -26.73 -5.41 -51.77
C PRO B 914 -26.58 -5.11 -50.29
N ASN B 915 -25.37 -5.35 -49.78
CA ASN B 915 -24.89 -5.26 -48.40
C ASN B 915 -23.38 -5.25 -48.55
N GLU C 1 -58.84 27.12 -43.34
CA GLU C 1 -58.56 26.54 -44.64
C GLU C 1 -57.05 26.48 -44.90
N ASP C 2 -56.30 27.34 -44.24
CA ASP C 2 -54.85 27.40 -44.37
C ASP C 2 -54.22 27.47 -42.98
N CYS C 3 -53.24 26.61 -42.73
CA CYS C 3 -52.42 26.70 -41.54
C CYS C 3 -51.20 27.58 -41.82
N ASN C 4 -50.91 28.50 -40.89
CA ASN C 4 -49.87 29.49 -41.14
C ASN C 4 -48.49 28.85 -41.14
N GLU C 5 -48.14 28.13 -40.07
CA GLU C 5 -46.78 27.66 -39.84
C GLU C 5 -46.74 26.14 -39.85
N LEU C 6 -45.56 25.61 -39.53
CA LEU C 6 -45.35 24.17 -39.41
C LEU C 6 -45.96 23.65 -38.10
N PRO C 7 -46.28 22.36 -38.04
CA PRO C 7 -46.90 21.83 -36.83
C PRO C 7 -45.94 21.95 -35.65
N PRO C 8 -46.48 22.11 -34.45
CA PRO C 8 -45.61 22.22 -33.27
C PRO C 8 -44.95 20.89 -32.95
N ARG C 9 -43.62 20.91 -32.84
CA ARG C 9 -42.86 19.72 -32.49
C ARG C 9 -43.01 19.47 -30.99
N ARG C 10 -43.75 18.41 -30.63
CA ARG C 10 -43.99 18.09 -29.23
C ARG C 10 -42.69 17.72 -28.53
N ASN C 11 -42.75 17.73 -27.20
CA ASN C 11 -41.56 17.42 -26.40
C ASN C 11 -41.26 15.93 -26.38
N THR C 12 -42.29 15.09 -26.22
CA THR C 12 -42.12 13.65 -26.12
C THR C 12 -42.48 12.91 -27.41
N GLU C 13 -42.81 13.62 -28.48
CA GLU C 13 -43.17 13.02 -29.75
C GLU C 13 -42.21 13.51 -30.84
N ILE C 14 -42.45 13.05 -32.07
CA ILE C 14 -41.68 13.49 -33.22
C ILE C 14 -42.54 13.30 -34.46
N LEU C 15 -42.33 14.14 -35.46
CA LEU C 15 -43.13 14.09 -36.67
C LEU C 15 -42.69 12.93 -37.56
N THR C 16 -43.56 12.58 -38.51
CA THR C 16 -43.33 11.44 -39.39
C THR C 16 -43.10 11.82 -40.85
N GLY C 17 -43.81 12.83 -41.36
CA GLY C 17 -43.72 13.17 -42.77
C GLY C 17 -42.51 14.01 -43.10
N SER C 18 -42.37 14.30 -44.41
CA SER C 18 -41.24 15.07 -44.88
C SER C 18 -41.38 16.55 -44.52
N TRP C 19 -42.54 17.14 -44.82
CA TRP C 19 -42.84 18.53 -44.50
C TRP C 19 -41.81 19.49 -45.09
N SER C 20 -42.00 19.89 -46.35
CA SER C 20 -41.08 20.77 -47.04
C SER C 20 -41.59 22.20 -47.19
N ASP C 21 -42.91 22.42 -47.11
CA ASP C 21 -43.50 23.70 -47.47
C ASP C 21 -43.64 24.59 -46.24
N GLN C 22 -44.31 25.73 -46.41
CA GLN C 22 -44.54 26.72 -45.36
C GLN C 22 -45.97 26.73 -44.85
N THR C 23 -46.95 26.68 -45.75
CA THR C 23 -48.37 26.61 -45.39
C THR C 23 -48.96 25.33 -45.96
N TYR C 24 -50.02 24.85 -45.32
CA TYR C 24 -50.62 23.57 -45.67
C TYR C 24 -52.14 23.70 -45.67
N PRO C 25 -52.84 22.90 -46.49
CA PRO C 25 -54.27 23.13 -46.71
C PRO C 25 -55.17 22.65 -45.57
N GLU C 26 -56.37 22.23 -45.92
CA GLU C 26 -57.41 21.89 -44.96
C GLU C 26 -57.40 20.40 -44.65
N GLY C 27 -57.57 20.08 -43.36
CA GLY C 27 -57.65 18.69 -42.93
C GLY C 27 -56.36 17.91 -43.02
N THR C 28 -55.23 18.59 -43.16
CA THR C 28 -53.93 17.92 -43.27
C THR C 28 -53.60 17.24 -41.94
N GLN C 29 -53.64 15.91 -41.93
CA GLN C 29 -53.35 15.15 -40.73
C GLN C 29 -51.84 14.98 -40.58
N ALA C 30 -51.37 15.06 -39.34
CA ALA C 30 -49.95 14.94 -39.00
C ALA C 30 -49.80 13.89 -37.91
N ILE C 31 -49.40 12.67 -38.30
CA ILE C 31 -49.18 11.60 -37.34
C ILE C 31 -47.84 11.84 -36.64
N TYR C 32 -47.88 11.96 -35.31
CA TYR C 32 -46.68 12.12 -34.51
C TYR C 32 -46.19 10.77 -34.03
N LYS C 33 -44.87 10.57 -34.05
CA LYS C 33 -44.25 9.32 -33.67
C LYS C 33 -43.70 9.42 -32.25
N CYS C 34 -43.92 8.38 -31.47
CA CYS C 34 -43.43 8.32 -30.10
C CYS C 34 -41.90 8.29 -30.10
N ARG C 35 -41.30 9.22 -29.35
CA ARG C 35 -39.85 9.27 -29.27
C ARG C 35 -39.30 7.99 -28.64
N PRO C 36 -38.12 7.55 -29.03
CA PRO C 36 -37.55 6.32 -28.45
C PRO C 36 -37.44 6.41 -26.94
N GLY C 37 -37.84 5.33 -26.28
CA GLY C 37 -37.91 5.30 -24.83
C GLY C 37 -39.26 5.70 -24.26
N TYR C 38 -40.31 5.65 -25.06
CA TYR C 38 -41.64 6.06 -24.62
C TYR C 38 -42.68 5.13 -25.24
N ARG C 39 -43.72 4.83 -24.48
CA ARG C 39 -44.82 3.98 -24.92
C ARG C 39 -46.12 4.77 -24.93
N SER C 40 -47.11 4.26 -25.66
CA SER C 40 -48.40 4.91 -25.74
C SER C 40 -49.43 3.92 -26.30
N LEU C 41 -50.69 4.38 -26.32
CA LEU C 41 -51.76 3.59 -26.91
C LEU C 41 -51.53 3.40 -28.41
N GLY C 42 -51.50 4.51 -29.15
CA GLY C 42 -51.22 4.49 -30.58
C GLY C 42 -50.59 5.78 -31.03
N ASN C 43 -50.64 6.06 -32.33
CA ASN C 43 -50.04 7.28 -32.87
C ASN C 43 -50.93 8.47 -32.59
N VAL C 44 -50.36 9.51 -31.97
CA VAL C 44 -51.09 10.75 -31.73
C VAL C 44 -51.21 11.50 -33.05
N ILE C 45 -52.45 11.82 -33.43
CA ILE C 45 -52.75 12.45 -34.71
C ILE C 45 -53.16 13.90 -34.47
N MET C 46 -52.66 14.79 -35.31
CA MET C 46 -53.00 16.21 -35.27
C MET C 46 -53.56 16.63 -36.64
N VAL C 47 -54.58 17.48 -36.61
CA VAL C 47 -55.28 17.90 -37.82
C VAL C 47 -55.35 19.42 -37.86
N CYS C 48 -55.28 19.97 -39.06
CA CYS C 48 -55.45 21.41 -39.29
C CYS C 48 -56.81 21.64 -39.94
N ARG C 49 -57.73 22.26 -39.20
CA ARG C 49 -59.06 22.59 -39.71
C ARG C 49 -59.41 24.00 -39.27
N LYS C 50 -59.37 24.94 -40.22
CA LYS C 50 -59.61 26.37 -39.95
C LYS C 50 -58.76 26.89 -38.80
N GLY C 51 -57.69 26.19 -38.41
CA GLY C 51 -57.11 26.39 -37.11
C GLY C 51 -55.60 26.46 -37.12
N GLU C 52 -55.07 26.50 -35.90
CA GLU C 52 -53.65 26.30 -35.63
C GLU C 52 -53.54 24.90 -35.06
N TRP C 53 -53.18 23.94 -35.93
CA TRP C 53 -53.16 22.49 -35.72
C TRP C 53 -53.76 22.00 -34.39
N VAL C 54 -54.91 21.34 -34.48
CA VAL C 54 -55.58 20.76 -33.32
C VAL C 54 -55.14 19.31 -33.14
N ALA C 55 -55.57 18.69 -32.05
CA ALA C 55 -55.19 17.32 -31.72
C ALA C 55 -56.38 16.40 -31.94
N LEU C 56 -56.21 15.37 -32.77
CA LEU C 56 -57.27 14.41 -32.99
C LEU C 56 -57.42 13.45 -31.83
N ASN C 57 -56.32 13.10 -31.15
CA ASN C 57 -56.32 12.20 -30.01
C ASN C 57 -55.94 12.98 -28.75
N PRO C 58 -56.91 13.57 -28.04
CA PRO C 58 -56.56 14.28 -26.81
C PRO C 58 -56.21 13.34 -25.67
N LEU C 59 -56.91 12.23 -25.54
CA LEU C 59 -56.72 11.29 -24.45
C LEU C 59 -55.58 10.30 -24.69
N ARG C 60 -54.68 10.60 -25.64
CA ARG C 60 -53.59 9.70 -25.99
C ARG C 60 -52.28 10.46 -25.84
N LYS C 61 -51.40 9.97 -24.96
CA LYS C 61 -50.11 10.58 -24.73
C LYS C 61 -49.04 9.50 -24.68
N CYS C 62 -47.79 9.93 -24.90
CA CYS C 62 -46.63 9.04 -24.86
C CYS C 62 -46.00 9.15 -23.48
N GLN C 63 -46.06 8.07 -22.71
CA GLN C 63 -45.48 8.00 -21.38
C GLN C 63 -44.12 7.33 -21.42
N LYS C 64 -43.35 7.52 -20.35
CA LYS C 64 -42.01 6.95 -20.27
C LYS C 64 -42.08 5.43 -20.31
N ARG C 65 -41.47 4.84 -21.34
CA ARG C 65 -41.44 3.39 -21.48
C ARG C 65 -40.67 2.78 -20.32
N PRO C 66 -41.31 1.98 -19.47
CA PRO C 66 -40.61 1.41 -18.32
C PRO C 66 -39.69 0.27 -18.70
N CYS C 67 -38.59 0.16 -17.96
CA CYS C 67 -37.75 -1.02 -18.02
C CYS C 67 -38.24 -2.04 -16.98
N GLY C 68 -37.64 -3.22 -17.03
CA GLY C 68 -37.92 -4.23 -16.04
C GLY C 68 -37.19 -3.96 -14.74
N HIS C 69 -37.43 -4.85 -13.78
CA HIS C 69 -36.66 -4.82 -12.55
C HIS C 69 -35.21 -5.16 -12.85
N PRO C 70 -34.24 -4.36 -12.40
CA PRO C 70 -32.87 -4.52 -12.88
C PRO C 70 -32.19 -5.77 -12.34
N GLY C 71 -32.94 -6.52 -11.53
CA GLY C 71 -32.45 -7.74 -10.94
C GLY C 71 -31.49 -7.52 -9.79
N ASP C 72 -31.49 -8.47 -8.86
CA ASP C 72 -30.62 -8.40 -7.70
C ASP C 72 -29.38 -9.25 -7.91
N THR C 73 -28.25 -8.74 -7.45
CA THR C 73 -27.00 -9.46 -7.45
C THR C 73 -26.75 -10.08 -6.07
N PRO C 74 -26.10 -11.24 -6.01
CA PRO C 74 -25.85 -11.86 -4.71
C PRO C 74 -24.99 -10.98 -3.82
N PHE C 75 -25.42 -10.82 -2.56
CA PHE C 75 -24.71 -10.03 -1.57
C PHE C 75 -24.57 -8.56 -2.00
N GLY C 76 -25.68 -7.96 -2.40
CA GLY C 76 -25.65 -6.58 -2.85
C GLY C 76 -27.02 -5.95 -3.01
N THR C 77 -27.12 -4.66 -2.70
CA THR C 77 -28.35 -3.89 -2.84
C THR C 77 -28.16 -2.79 -3.87
N PHE C 78 -29.26 -2.19 -4.29
CA PHE C 78 -29.22 -1.11 -5.27
C PHE C 78 -30.21 -0.02 -4.90
N THR C 79 -29.87 1.21 -5.23
CA THR C 79 -30.72 2.36 -5.05
C THR C 79 -30.98 3.02 -6.41
N LEU C 80 -32.15 3.63 -6.55
CA LEU C 80 -32.49 4.32 -7.79
C LEU C 80 -32.14 5.78 -7.68
N THR C 81 -31.55 6.33 -8.73
CA THR C 81 -31.10 7.72 -8.78
C THR C 81 -31.83 8.43 -9.91
N GLY C 82 -32.35 9.63 -9.62
CA GLY C 82 -33.05 10.40 -10.62
C GLY C 82 -34.41 9.80 -10.95
N GLY C 83 -35.28 9.72 -9.97
CA GLY C 83 -36.60 9.15 -10.13
C GLY C 83 -36.92 8.24 -8.97
N ASN C 84 -38.04 7.52 -9.11
CA ASN C 84 -38.47 6.59 -8.07
C ASN C 84 -39.12 5.33 -8.62
N VAL C 85 -39.29 5.21 -9.92
CA VAL C 85 -39.82 4.01 -10.56
C VAL C 85 -38.95 3.71 -11.77
N PHE C 86 -38.82 2.42 -12.08
CA PHE C 86 -37.97 1.96 -13.19
C PHE C 86 -38.47 2.49 -14.53
N GLU C 87 -38.27 3.77 -14.80
CA GLU C 87 -38.69 4.40 -16.04
C GLU C 87 -37.46 4.84 -16.83
N TYR C 88 -37.71 5.38 -18.02
CA TYR C 88 -36.63 5.83 -18.89
C TYR C 88 -35.87 6.98 -18.23
N GLY C 89 -34.56 6.81 -18.10
CA GLY C 89 -33.70 7.83 -17.56
C GLY C 89 -33.30 7.68 -16.12
N VAL C 90 -33.55 6.53 -15.51
CA VAL C 90 -33.19 6.29 -14.12
C VAL C 90 -31.87 5.56 -14.07
N LYS C 91 -31.16 5.71 -12.95
CA LYS C 91 -29.90 5.03 -12.69
C LYS C 91 -30.06 4.13 -11.48
N ALA C 92 -29.53 2.91 -11.56
CA ALA C 92 -29.59 1.94 -10.49
C ALA C 92 -28.17 1.59 -10.07
N VAL C 93 -27.65 2.30 -9.08
CA VAL C 93 -26.29 2.10 -8.59
C VAL C 93 -26.30 0.99 -7.55
N TYR C 94 -25.31 0.11 -7.62
CA TYR C 94 -25.21 -1.05 -6.75
C TYR C 94 -24.08 -0.87 -5.74
N THR C 95 -24.29 -1.42 -4.55
CA THR C 95 -23.30 -1.37 -3.48
C THR C 95 -23.32 -2.71 -2.74
N CYS C 96 -22.16 -3.33 -2.62
CA CYS C 96 -22.06 -4.67 -2.04
C CYS C 96 -22.18 -4.60 -0.51
N ASN C 97 -22.39 -5.77 0.09
CA ASN C 97 -22.56 -5.87 1.53
C ASN C 97 -21.22 -5.74 2.25
N GLU C 98 -21.28 -5.66 3.58
CA GLU C 98 -20.09 -5.53 4.39
C GLU C 98 -19.26 -6.81 4.30
N GLY C 99 -17.98 -6.66 3.94
CA GLY C 99 -17.13 -7.79 3.69
C GLY C 99 -17.08 -8.26 2.25
N TYR C 100 -17.94 -7.70 1.40
CA TYR C 100 -17.98 -8.04 -0.02
C TYR C 100 -17.59 -6.82 -0.83
N GLN C 101 -16.69 -7.01 -1.80
CA GLN C 101 -16.20 -5.92 -2.62
C GLN C 101 -16.95 -5.85 -3.95
N LEU C 102 -17.06 -4.64 -4.48
CA LEU C 102 -17.69 -4.41 -5.77
C LEU C 102 -16.70 -4.78 -6.86
N LEU C 103 -16.80 -6.01 -7.36
CA LEU C 103 -15.86 -6.52 -8.34
C LEU C 103 -16.14 -5.91 -9.70
N GLY C 104 -15.14 -5.24 -10.27
CA GLY C 104 -15.28 -4.62 -11.58
C GLY C 104 -15.55 -3.14 -11.49
N GLU C 105 -15.73 -2.53 -12.66
CA GLU C 105 -16.07 -1.12 -12.77
C GLU C 105 -17.56 -0.88 -13.01
N ILE C 106 -18.26 -1.86 -13.58
CA ILE C 106 -19.71 -1.76 -13.78
C ILE C 106 -20.39 -1.69 -12.43
N ASN C 107 -20.80 -0.48 -12.02
CA ASN C 107 -21.45 -0.28 -10.73
C ASN C 107 -22.84 0.32 -10.84
N TYR C 108 -23.34 0.62 -12.03
CA TYR C 108 -24.67 1.17 -12.19
C TYR C 108 -25.37 0.49 -13.36
N ARG C 109 -26.66 0.82 -13.51
CA ARG C 109 -27.47 0.34 -14.62
C ARG C 109 -28.46 1.43 -14.97
N GLU C 110 -28.44 1.86 -16.24
CA GLU C 110 -29.29 2.95 -16.71
C GLU C 110 -30.40 2.38 -17.58
N CYS C 111 -31.65 2.69 -17.22
CA CYS C 111 -32.81 2.30 -18.03
C CYS C 111 -32.88 3.21 -19.25
N ASP C 112 -32.60 2.66 -20.42
CA ASP C 112 -32.57 3.41 -21.66
C ASP C 112 -33.81 3.11 -22.50
N THR C 113 -33.77 3.49 -23.78
CA THR C 113 -34.89 3.26 -24.67
C THR C 113 -35.09 1.79 -25.00
N ASP C 114 -34.05 0.97 -24.83
CA ASP C 114 -34.12 -0.46 -25.12
C ASP C 114 -34.09 -1.31 -23.86
N GLY C 115 -33.35 -0.90 -22.84
CA GLY C 115 -33.28 -1.66 -21.60
C GLY C 115 -32.25 -1.06 -20.67
N TRP C 116 -31.78 -1.89 -19.75
CA TRP C 116 -30.72 -1.47 -18.85
C TRP C 116 -29.36 -1.51 -19.56
N THR C 117 -28.37 -0.86 -18.95
CA THR C 117 -27.05 -0.78 -19.56
C THR C 117 -26.28 -2.09 -19.39
N ASN C 118 -24.96 -2.01 -19.54
CA ASN C 118 -24.15 -3.21 -19.67
C ASN C 118 -24.06 -3.98 -18.36
N ASP C 119 -24.24 -5.30 -18.45
CA ASP C 119 -23.94 -6.23 -17.37
C ASP C 119 -24.78 -6.01 -16.12
N ILE C 120 -24.58 -6.87 -15.13
CA ILE C 120 -25.10 -6.68 -13.77
C ILE C 120 -23.92 -6.90 -12.83
N PRO C 121 -23.66 -5.99 -11.89
CA PRO C 121 -22.43 -6.08 -11.09
C PRO C 121 -22.35 -7.36 -10.27
N ILE C 122 -21.13 -7.77 -9.98
CA ILE C 122 -20.84 -8.99 -9.23
C ILE C 122 -20.13 -8.60 -7.94
N CYS C 123 -20.63 -9.10 -6.82
CA CYS C 123 -19.98 -8.93 -5.52
C CYS C 123 -19.22 -10.19 -5.16
N GLU C 124 -18.03 -10.01 -4.60
CA GLU C 124 -17.20 -11.12 -4.14
C GLU C 124 -16.69 -10.80 -2.74
N VAL C 125 -16.60 -11.84 -1.91
CA VAL C 125 -16.13 -11.68 -0.55
C VAL C 125 -14.62 -11.52 -0.55
N VAL C 126 -14.13 -10.54 0.23
CA VAL C 126 -12.69 -10.32 0.34
C VAL C 126 -12.05 -11.53 1.02
N LYS C 127 -10.78 -11.75 0.71
CA LYS C 127 -10.06 -12.92 1.21
C LYS C 127 -8.75 -12.47 1.86
N CYS C 128 -8.26 -13.31 2.76
CA CYS C 128 -7.01 -13.07 3.47
C CYS C 128 -5.96 -14.07 3.03
N LEU C 129 -4.73 -13.60 2.88
CA LEU C 129 -3.62 -14.49 2.55
C LEU C 129 -3.42 -15.49 3.68
N PRO C 130 -3.30 -16.79 3.38
CA PRO C 130 -3.13 -17.78 4.43
C PRO C 130 -1.86 -17.54 5.24
N VAL C 131 -1.93 -17.89 6.52
CA VAL C 131 -0.82 -17.75 7.44
C VAL C 131 -0.31 -19.14 7.81
N THR C 132 1.01 -19.28 7.90
CA THR C 132 1.63 -20.54 8.27
C THR C 132 1.77 -20.64 9.79
N ALA C 133 2.12 -21.83 10.24
CA ALA C 133 2.35 -22.03 11.67
C ALA C 133 3.68 -21.42 12.08
N PRO C 134 3.73 -20.61 13.14
CA PRO C 134 4.98 -19.98 13.54
C PRO C 134 6.03 -21.01 13.93
N GLU C 135 7.26 -20.53 14.08
CA GLU C 135 8.35 -21.39 14.52
C GLU C 135 8.03 -21.95 15.90
N ASN C 136 8.10 -23.27 16.03
CA ASN C 136 7.74 -23.98 17.26
C ASN C 136 6.28 -23.73 17.63
N GLY C 137 5.41 -23.69 16.62
CA GLY C 137 4.00 -23.45 16.84
C GLY C 137 3.15 -24.16 15.81
N LYS C 138 1.85 -24.23 16.09
CA LYS C 138 0.89 -24.89 15.22
C LYS C 138 -0.36 -24.02 15.07
N ILE C 139 -1.15 -24.36 14.06
CA ILE C 139 -2.43 -23.71 13.81
C ILE C 139 -3.51 -24.75 14.02
N VAL C 140 -4.33 -24.56 15.06
CA VAL C 140 -5.25 -25.58 15.54
C VAL C 140 -6.69 -25.22 15.24
N SER C 141 -6.95 -24.29 14.31
CA SER C 141 -8.31 -23.82 14.09
C SER C 141 -8.70 -23.79 12.61
N SER C 142 -9.76 -23.06 12.32
CA SER C 142 -10.36 -22.99 10.96
C SER C 142 -10.82 -24.40 10.59
N ALA C 143 -10.69 -24.82 9.34
CA ALA C 143 -11.28 -26.09 8.92
C ALA C 143 -10.58 -26.62 7.67
N MET C 144 -10.92 -27.87 7.34
CA MET C 144 -10.64 -28.54 6.07
C MET C 144 -9.32 -28.19 5.40
N GLU C 145 -9.36 -27.66 4.18
CA GLU C 145 -8.17 -27.49 3.37
C GLU C 145 -7.16 -26.58 4.06
N PRO C 146 -5.88 -26.93 4.06
CA PRO C 146 -4.84 -26.03 4.53
C PRO C 146 -4.31 -25.15 3.41
N ASP C 147 -3.82 -23.97 3.81
CA ASP C 147 -3.23 -23.00 2.89
C ASP C 147 -4.19 -22.62 1.77
N ARG C 148 -5.45 -22.38 2.14
CA ARG C 148 -6.46 -21.89 1.21
C ARG C 148 -6.88 -20.48 1.60
N GLU C 149 -7.45 -19.77 0.64
CA GLU C 149 -7.85 -18.38 0.86
C GLU C 149 -8.86 -18.29 1.99
N TYR C 150 -8.47 -17.65 3.09
CA TYR C 150 -9.38 -17.38 4.20
C TYR C 150 -10.10 -16.08 3.90
N HIS C 151 -11.43 -16.13 3.80
CA HIS C 151 -12.22 -14.96 3.45
C HIS C 151 -12.79 -14.29 4.70
N PHE C 152 -13.48 -13.18 4.48
CA PHE C 152 -13.95 -12.30 5.55
C PHE C 152 -14.77 -13.06 6.58
N GLY C 153 -14.32 -12.99 7.82
CA GLY C 153 -15.06 -13.61 8.92
C GLY C 153 -14.31 -14.76 9.56
N GLN C 154 -13.65 -15.58 8.76
CA GLN C 154 -12.99 -16.78 9.27
C GLN C 154 -11.92 -16.41 10.29
N ALA C 155 -11.91 -17.12 11.42
CA ALA C 155 -10.97 -16.89 12.51
C ALA C 155 -9.99 -18.04 12.61
N VAL C 156 -8.85 -17.76 13.26
CA VAL C 156 -7.79 -18.74 13.41
C VAL C 156 -7.16 -18.58 14.79
N ARG C 157 -6.54 -19.66 15.26
CA ARG C 157 -5.93 -19.71 16.58
C ARG C 157 -4.53 -20.28 16.49
N PHE C 158 -3.68 -19.86 17.42
CA PHE C 158 -2.32 -20.36 17.54
C PHE C 158 -2.12 -21.00 18.90
N VAL C 159 -1.43 -22.14 18.92
CA VAL C 159 -1.09 -22.83 20.17
C VAL C 159 0.34 -23.34 20.04
N CYS C 160 1.22 -22.84 20.89
CA CYS C 160 2.63 -23.24 20.82
C CYS C 160 2.80 -24.66 21.32
N ASN C 161 3.93 -25.26 20.96
CA ASN C 161 4.24 -26.61 21.36
C ASN C 161 4.49 -26.69 22.87
N SER C 162 4.58 -27.91 23.38
CA SER C 162 4.91 -28.11 24.79
C SER C 162 6.31 -27.59 25.07
N GLY C 163 6.42 -26.67 26.02
CA GLY C 163 7.68 -26.02 26.32
C GLY C 163 7.82 -24.63 25.75
N TYR C 164 6.83 -24.15 25.00
CA TYR C 164 6.85 -22.82 24.41
C TYR C 164 5.57 -22.09 24.79
N LYS C 165 5.71 -20.82 25.14
CA LYS C 165 4.58 -19.98 25.54
C LYS C 165 4.33 -18.92 24.48
N ILE C 166 3.05 -18.59 24.28
CA ILE C 166 2.69 -17.58 23.29
C ILE C 166 3.11 -16.20 23.78
N GLU C 167 3.50 -15.34 22.85
CA GLU C 167 3.92 -13.98 23.16
C GLU C 167 3.36 -13.07 22.07
N GLY C 168 2.13 -12.65 22.24
CA GLY C 168 1.43 -11.82 21.28
C GLY C 168 -0.07 -12.08 21.39
N ASP C 169 -0.75 -11.93 20.25
CA ASP C 169 -2.18 -12.19 20.18
C ASP C 169 -2.42 -13.65 19.85
N GLU C 170 -3.34 -14.28 20.58
CA GLU C 170 -3.54 -15.72 20.42
C GLU C 170 -4.49 -16.04 19.27
N GLU C 171 -5.48 -15.20 19.03
CA GLU C 171 -6.43 -15.38 17.94
C GLU C 171 -6.42 -14.18 17.01
N MET C 172 -7.02 -14.36 15.85
CA MET C 172 -7.20 -13.31 14.87
C MET C 172 -8.16 -13.79 13.80
N HIS C 173 -8.87 -12.85 13.18
CA HIS C 173 -9.84 -13.17 12.14
C HIS C 173 -9.55 -12.34 10.90
N CYS C 174 -10.09 -12.79 9.78
CA CYS C 174 -9.92 -12.10 8.52
C CYS C 174 -10.72 -10.80 8.51
N SER C 175 -10.01 -9.67 8.39
CA SER C 175 -10.63 -8.36 8.52
C SER C 175 -11.16 -7.87 7.17
N ASP C 176 -11.76 -6.68 7.18
CA ASP C 176 -12.33 -6.11 5.97
C ASP C 176 -11.26 -5.73 4.97
N ASP C 177 -10.10 -5.29 5.43
CA ASP C 177 -9.07 -4.75 4.55
C ASP C 177 -8.23 -5.86 3.93
N GLY C 178 -8.80 -7.04 3.75
CA GLY C 178 -8.05 -8.16 3.22
C GLY C 178 -6.86 -8.61 4.06
N PHE C 179 -6.68 -8.04 5.25
CA PHE C 179 -5.57 -8.37 6.15
C PHE C 179 -6.13 -9.05 7.40
N TRP C 180 -5.23 -9.42 8.31
CA TRP C 180 -5.63 -10.08 9.54
C TRP C 180 -5.85 -9.06 10.65
N SER C 181 -6.78 -9.38 11.55
CA SER C 181 -7.15 -8.44 12.59
C SER C 181 -5.98 -8.15 13.53
N LYS C 182 -5.22 -9.19 13.89
CA LYS C 182 -4.06 -9.03 14.76
C LYS C 182 -2.84 -9.62 14.07
N GLU C 183 -1.67 -9.33 14.62
CA GLU C 183 -0.43 -9.76 14.00
C GLU C 183 -0.06 -11.19 14.41
N LYS C 184 0.78 -11.80 13.61
CA LYS C 184 1.23 -13.17 13.86
C LYS C 184 2.13 -13.21 15.10
N PRO C 185 1.79 -13.99 16.11
CA PRO C 185 2.57 -13.99 17.35
C PRO C 185 3.82 -14.86 17.22
N LYS C 186 4.55 -14.96 18.33
CA LYS C 186 5.78 -15.75 18.40
C LYS C 186 5.61 -16.85 19.45
N CYS C 187 6.43 -17.89 19.31
CA CYS C 187 6.51 -18.97 20.29
C CYS C 187 7.88 -18.91 20.95
N VAL C 188 7.91 -18.51 22.22
CA VAL C 188 9.15 -18.30 22.95
C VAL C 188 9.27 -19.34 24.05
N GLU C 189 10.51 -19.72 24.36
CA GLU C 189 10.76 -20.71 25.41
C GLU C 189 10.14 -20.26 26.73
N ILE C 190 9.60 -21.21 27.47
CA ILE C 190 8.98 -20.91 28.77
C ILE C 190 10.06 -20.41 29.71
N SER C 191 9.86 -19.21 30.25
CA SER C 191 10.85 -18.57 31.12
C SER C 191 10.13 -17.86 32.25
N CYS C 192 10.56 -18.11 33.48
CA CYS C 192 10.02 -17.45 34.66
C CYS C 192 11.16 -16.75 35.40
N LYS C 193 10.97 -15.46 35.68
CA LYS C 193 11.94 -14.74 36.51
C LYS C 193 11.74 -15.10 37.98
N SER C 194 12.65 -14.64 38.81
CA SER C 194 12.56 -14.88 40.24
C SER C 194 11.45 -14.02 40.83
N PRO C 195 10.40 -14.61 41.40
CA PRO C 195 9.28 -13.80 41.89
C PRO C 195 9.68 -12.96 43.10
N ASP C 196 9.06 -11.79 43.20
CA ASP C 196 9.25 -10.89 44.34
C ASP C 196 8.11 -11.14 45.32
N VAL C 197 8.35 -12.01 46.30
CA VAL C 197 7.34 -12.33 47.28
C VAL C 197 7.17 -11.16 48.25
N ILE C 198 5.93 -10.75 48.49
CA ILE C 198 5.64 -9.66 49.40
C ILE C 198 5.58 -10.20 50.82
N ASN C 199 6.19 -9.47 51.76
CA ASN C 199 6.31 -9.89 53.16
C ASN C 199 7.01 -11.24 53.27
N GLY C 200 8.09 -11.41 52.50
CA GLY C 200 8.84 -12.65 52.52
C GLY C 200 10.15 -12.48 51.78
N SER C 201 10.99 -13.50 51.89
CA SER C 201 12.29 -13.54 51.24
C SER C 201 12.50 -14.91 50.63
N PRO C 202 13.07 -14.98 49.42
CA PRO C 202 13.25 -16.28 48.77
C PRO C 202 14.26 -17.15 49.49
N ILE C 203 14.11 -18.45 49.28
CA ILE C 203 15.05 -19.44 49.80
C ILE C 203 16.06 -19.86 48.73
N SER C 204 15.59 -20.12 47.52
CA SER C 204 16.47 -20.48 46.42
C SER C 204 17.17 -19.24 45.87
N GLN C 205 18.38 -19.44 45.35
CA GLN C 205 19.21 -18.35 44.88
C GLN C 205 19.20 -18.19 43.36
N LYS C 206 18.44 -19.01 42.65
CA LYS C 206 18.42 -18.94 41.19
C LYS C 206 17.48 -17.82 40.73
N ILE C 207 17.89 -17.14 39.66
CA ILE C 207 17.14 -16.01 39.14
C ILE C 207 16.30 -16.39 37.93
N ILE C 208 16.87 -17.16 37.01
CA ILE C 208 16.16 -17.63 35.82
C ILE C 208 15.71 -19.07 36.05
N TYR C 209 14.45 -19.35 35.76
CA TYR C 209 13.87 -20.68 35.95
C TYR C 209 13.28 -21.18 34.64
N LYS C 210 13.57 -22.44 34.30
CA LYS C 210 12.95 -23.08 33.17
C LYS C 210 11.60 -23.65 33.59
N GLU C 211 10.95 -24.40 32.70
CA GLU C 211 9.64 -24.95 33.01
C GLU C 211 9.73 -26.00 34.11
N ASN C 212 8.69 -26.06 34.94
CA ASN C 212 8.51 -27.03 36.02
C ASN C 212 9.52 -26.89 37.15
N GLU C 213 10.42 -25.92 37.09
CA GLU C 213 11.36 -25.72 38.19
C GLU C 213 10.66 -25.09 39.38
N ARG C 214 10.99 -25.58 40.58
CA ARG C 214 10.35 -25.10 41.80
C ARG C 214 11.15 -23.97 42.42
N PHE C 215 10.43 -23.02 43.01
CA PHE C 215 11.02 -21.83 43.62
C PHE C 215 10.69 -21.84 45.10
N GLN C 216 11.67 -22.15 45.94
CA GLN C 216 11.48 -22.20 47.38
C GLN C 216 11.56 -20.80 47.97
N TYR C 217 10.65 -20.52 48.91
CA TYR C 217 10.66 -19.23 49.60
C TYR C 217 10.14 -19.42 51.01
N LYS C 218 10.49 -18.47 51.88
CA LYS C 218 10.02 -18.44 53.25
C LYS C 218 9.41 -17.08 53.55
N CYS C 219 8.51 -17.05 54.52
CA CYS C 219 7.85 -15.82 54.92
C CYS C 219 8.61 -15.15 56.05
N ASN C 220 8.53 -13.82 56.09
CA ASN C 220 9.22 -13.04 57.11
C ASN C 220 8.57 -13.24 58.47
N MET C 221 9.12 -12.57 59.47
CA MET C 221 8.58 -12.67 60.82
C MET C 221 7.16 -12.10 60.87
N GLY C 222 6.29 -12.79 61.59
CA GLY C 222 4.90 -12.40 61.68
C GLY C 222 4.03 -12.86 60.54
N TYR C 223 4.54 -13.71 59.66
CA TYR C 223 3.78 -14.21 58.52
C TYR C 223 4.09 -15.69 58.31
N GLU C 224 3.22 -16.35 57.55
CA GLU C 224 3.36 -17.75 57.21
C GLU C 224 2.76 -17.99 55.84
N TYR C 225 3.01 -19.17 55.29
CA TYR C 225 2.55 -19.49 53.94
C TYR C 225 1.03 -19.53 53.87
N SER C 226 0.52 -19.24 52.67
CA SER C 226 -0.89 -19.42 52.35
C SER C 226 -1.01 -20.55 51.33
N GLU C 227 -1.69 -21.63 51.72
CA GLU C 227 -1.81 -22.82 50.88
C GLU C 227 -0.44 -23.33 50.45
N ARG C 228 -0.14 -23.27 49.16
CA ARG C 228 1.15 -23.72 48.67
C ARG C 228 2.27 -22.81 49.19
N GLY C 229 3.39 -23.43 49.56
CA GLY C 229 4.55 -22.72 50.05
C GLY C 229 5.67 -22.58 49.05
N ASP C 230 5.48 -23.05 47.82
CA ASP C 230 6.48 -22.93 46.77
C ASP C 230 5.78 -22.57 45.47
N ALA C 231 6.57 -22.28 44.44
CA ALA C 231 6.05 -21.85 43.15
C ALA C 231 6.65 -22.68 42.02
N VAL C 232 5.80 -23.06 41.06
CA VAL C 232 6.19 -23.89 39.93
C VAL C 232 6.06 -23.07 38.66
N CYS C 233 7.05 -23.20 37.77
CA CYS C 233 7.10 -22.43 36.52
C CYS C 233 6.37 -23.21 35.44
N THR C 234 5.22 -22.69 35.01
CA THR C 234 4.43 -23.25 33.92
C THR C 234 4.34 -22.23 32.80
N GLU C 235 3.67 -22.60 31.71
CA GLU C 235 3.67 -21.78 30.50
C GLU C 235 3.01 -20.42 30.73
N SER C 236 1.88 -20.39 31.43
CA SER C 236 1.20 -19.13 31.68
C SER C 236 1.85 -18.32 32.80
N GLY C 237 2.92 -18.81 33.39
CA GLY C 237 3.58 -18.15 34.49
C GLY C 237 3.63 -19.04 35.71
N TRP C 238 4.01 -18.44 36.84
CA TRP C 238 4.05 -19.16 38.10
C TRP C 238 2.64 -19.60 38.49
N ARG C 239 2.46 -20.91 38.72
CA ARG C 239 1.14 -21.39 39.10
C ARG C 239 0.80 -21.01 40.54
N PRO C 240 1.61 -21.34 41.55
CA PRO C 240 1.30 -20.84 42.90
C PRO C 240 1.95 -19.48 43.15
N LEU C 241 1.12 -18.45 43.28
CA LEU C 241 1.64 -17.11 43.55
C LEU C 241 2.23 -17.07 44.96
N PRO C 242 3.51 -16.72 45.12
CA PRO C 242 4.10 -16.69 46.46
C PRO C 242 3.44 -15.65 47.36
N SER C 243 2.57 -16.10 48.27
CA SER C 243 1.85 -15.23 49.18
C SER C 243 2.11 -15.66 50.61
N CYS C 244 2.06 -14.69 51.53
CA CYS C 244 2.24 -14.93 52.95
C CYS C 244 1.08 -14.30 53.72
N GLU C 245 0.49 -15.07 54.62
CA GLU C 245 -0.66 -14.64 55.41
C GLU C 245 -0.23 -14.33 56.85
N GLU C 246 -1.12 -13.69 57.58
CA GLU C 246 -0.88 -13.43 58.99
C GLU C 246 -0.88 -14.75 59.78
N LYS C 247 -0.14 -14.76 60.87
CA LYS C 247 0.03 -15.97 61.67
C LYS C 247 -1.30 -16.46 62.25
N GLY C 260 33.35 -6.84 52.39
CA GLY C 260 33.50 -7.88 51.40
C GLY C 260 32.87 -9.20 51.82
N LYS C 261 31.69 -9.48 51.28
CA LYS C 261 30.95 -10.68 51.62
C LYS C 261 31.26 -11.80 50.63
N CYS C 262 31.26 -13.04 51.15
CA CYS C 262 31.56 -14.21 50.35
C CYS C 262 30.29 -14.77 49.71
N GLY C 263 30.48 -15.71 48.80
CA GLY C 263 29.38 -16.41 48.17
C GLY C 263 29.11 -17.74 48.84
N PRO C 264 28.50 -18.66 48.09
CA PRO C 264 28.24 -19.98 48.65
C PRO C 264 29.55 -20.70 48.95
N PRO C 265 29.57 -21.56 49.97
CA PRO C 265 30.80 -22.27 50.29
C PRO C 265 31.11 -23.31 49.23
N PRO C 266 32.39 -23.61 49.01
CA PRO C 266 32.76 -24.56 47.96
C PRO C 266 32.36 -25.98 48.34
N PRO C 267 31.80 -26.74 47.41
CA PRO C 267 31.48 -28.14 47.70
C PRO C 267 32.73 -29.01 47.75
N ILE C 268 32.63 -30.09 48.51
CA ILE C 268 33.74 -31.03 48.63
C ILE C 268 33.30 -32.41 48.15
N ASP C 269 34.21 -33.37 48.16
CA ASP C 269 33.93 -34.72 47.68
C ASP C 269 33.52 -35.61 48.84
N ASN C 270 32.40 -36.32 48.68
CA ASN C 270 31.89 -37.25 49.68
C ASN C 270 31.66 -36.55 51.02
N GLY C 271 31.17 -35.32 50.98
CA GLY C 271 30.90 -34.56 52.17
C GLY C 271 29.96 -33.42 51.87
N ASP C 272 29.61 -32.67 52.90
CA ASP C 272 28.69 -31.55 52.79
C ASP C 272 28.77 -30.73 54.07
N ILE C 273 28.18 -29.54 54.03
CA ILE C 273 28.14 -28.66 55.19
C ILE C 273 27.03 -29.11 56.13
N THR C 274 27.04 -28.60 57.36
CA THR C 274 26.04 -28.97 58.35
C THR C 274 24.84 -28.03 58.37
N SER C 275 25.03 -26.77 58.05
CA SER C 275 23.95 -25.80 58.02
C SER C 275 23.33 -25.76 56.61
N PHE C 276 22.41 -24.83 56.38
CA PHE C 276 21.87 -24.77 55.03
C PHE C 276 22.52 -23.65 54.24
N PRO C 277 22.85 -23.89 52.98
CA PRO C 277 23.64 -22.92 52.21
C PRO C 277 22.85 -21.65 51.92
N LEU C 278 23.58 -20.54 51.90
CA LEU C 278 23.02 -19.23 51.60
C LEU C 278 23.71 -18.65 50.37
N SER C 279 23.05 -17.68 49.74
CA SER C 279 23.64 -17.02 48.58
C SER C 279 24.81 -16.14 48.99
N VAL C 280 24.60 -15.29 49.99
CA VAL C 280 25.62 -14.36 50.46
C VAL C 280 25.83 -14.58 51.96
N TYR C 281 27.09 -14.59 52.38
CA TYR C 281 27.45 -14.72 53.78
C TYR C 281 28.07 -13.42 54.26
N ALA C 282 27.57 -12.91 55.39
CA ALA C 282 28.14 -11.72 56.00
C ALA C 282 29.60 -11.98 56.38
N PRO C 283 30.41 -10.93 56.50
CA PRO C 283 31.80 -11.11 56.93
C PRO C 283 31.89 -11.81 58.27
N ALA C 284 33.01 -12.50 58.49
CA ALA C 284 33.30 -13.24 59.72
C ALA C 284 32.33 -14.40 59.95
N SER C 285 31.59 -14.81 58.93
CA SER C 285 30.74 -15.99 59.04
C SER C 285 31.58 -17.25 58.86
N SER C 286 31.04 -18.37 59.35
CA SER C 286 31.76 -19.63 59.31
C SER C 286 30.79 -20.80 59.23
N VAL C 287 31.11 -21.76 58.37
CA VAL C 287 30.36 -23.00 58.26
C VAL C 287 31.33 -24.16 58.49
N GLU C 288 30.78 -25.33 58.75
CA GLU C 288 31.55 -26.53 59.02
C GLU C 288 31.20 -27.62 58.02
N TYR C 289 32.09 -28.59 57.89
CA TYR C 289 31.93 -29.71 56.95
C TYR C 289 31.90 -31.02 57.71
N GLN C 290 31.47 -32.06 57.00
CA GLN C 290 31.39 -33.41 57.58
C GLN C 290 31.34 -34.42 56.44
N CYS C 291 32.15 -35.47 56.55
CA CYS C 291 32.23 -36.49 55.52
C CYS C 291 31.16 -37.57 55.72
N GLN C 292 31.05 -38.46 54.74
CA GLN C 292 30.08 -39.54 54.81
C GLN C 292 30.52 -40.57 55.85
N ASN C 293 29.68 -41.58 56.04
CA ASN C 293 29.98 -42.62 57.02
C ASN C 293 31.16 -43.46 56.54
N LEU C 294 31.98 -43.88 57.49
CA LEU C 294 33.22 -44.62 57.27
C LEU C 294 34.26 -43.82 56.48
N TYR C 295 34.02 -42.53 56.27
CA TYR C 295 35.01 -41.62 55.71
C TYR C 295 35.67 -40.83 56.84
N GLN C 296 36.88 -40.35 56.56
CA GLN C 296 37.68 -39.63 57.54
C GLN C 296 37.94 -38.22 57.06
N LEU C 297 37.63 -37.23 57.89
CA LEU C 297 37.86 -35.83 57.55
C LEU C 297 39.30 -35.46 57.87
N GLU C 298 39.97 -34.80 56.93
CA GLU C 298 41.36 -34.39 57.09
C GLU C 298 41.49 -32.91 56.80
N GLY C 299 41.96 -32.15 57.77
CA GLY C 299 42.14 -30.71 57.65
C GLY C 299 41.25 -29.95 58.60
N ASN C 300 41.22 -28.64 58.42
CA ASN C 300 40.39 -27.78 59.24
C ASN C 300 38.93 -27.98 58.88
N LYS C 301 38.13 -28.40 59.87
CA LYS C 301 36.71 -28.67 59.62
C LYS C 301 35.94 -27.40 59.33
N ARG C 302 36.31 -26.29 59.95
CA ARG C 302 35.58 -25.04 59.83
C ARG C 302 36.29 -24.08 58.88
N ILE C 303 35.54 -23.48 57.97
CA ILE C 303 36.05 -22.43 57.09
C ILE C 303 35.42 -21.11 57.50
N THR C 304 36.13 -20.01 57.24
CA THR C 304 35.70 -18.68 57.65
C THR C 304 35.74 -17.74 56.45
N CYS C 305 34.74 -16.88 56.36
CA CYS C 305 34.66 -15.89 55.28
C CYS C 305 35.43 -14.64 55.68
N ARG C 306 36.46 -14.30 54.89
CA ARG C 306 37.28 -13.12 55.15
C ARG C 306 37.57 -12.42 53.83
N ASN C 307 37.07 -11.19 53.69
CA ASN C 307 37.38 -10.32 52.56
C ASN C 307 36.97 -10.95 51.23
N GLY C 308 35.73 -11.41 51.16
CA GLY C 308 35.18 -11.95 49.93
C GLY C 308 35.68 -13.31 49.52
N GLN C 309 36.53 -13.95 50.33
CA GLN C 309 37.06 -15.27 50.03
C GLN C 309 36.98 -16.14 51.27
N TRP C 310 36.84 -17.44 51.04
CA TRP C 310 36.82 -18.41 52.13
C TRP C 310 38.23 -18.90 52.45
N SER C 311 38.35 -19.60 53.57
CA SER C 311 39.60 -20.28 53.91
C SER C 311 39.62 -21.65 53.23
N GLU C 312 40.73 -22.36 53.42
CA GLU C 312 40.91 -23.63 52.71
C GLU C 312 40.00 -24.70 53.31
N PRO C 313 39.20 -25.39 52.50
CA PRO C 313 38.30 -26.42 53.03
C PRO C 313 39.01 -27.75 53.16
N PRO C 314 38.49 -28.66 53.98
CA PRO C 314 39.12 -29.97 54.15
C PRO C 314 38.66 -30.92 53.04
N LYS C 315 39.18 -32.14 53.09
CA LYS C 315 38.81 -33.20 52.17
C LYS C 315 38.31 -34.41 52.96
N CYS C 316 37.95 -35.47 52.24
CA CYS C 316 37.44 -36.70 52.83
C CYS C 316 38.29 -37.86 52.36
N LEU C 317 38.75 -38.67 53.32
CA LEU C 317 39.62 -39.80 53.03
C LEU C 317 38.80 -41.05 52.79
N HIS C 318 39.14 -41.78 51.73
CA HIS C 318 38.38 -42.93 51.28
C HIS C 318 38.71 -44.16 52.13
N PRO C 319 37.70 -44.91 52.55
CA PRO C 319 37.95 -46.20 53.22
C PRO C 319 38.39 -47.24 52.20
N CYS C 320 38.56 -48.48 52.68
CA CYS C 320 39.13 -49.54 51.89
C CYS C 320 38.13 -50.67 51.72
N VAL C 321 38.38 -51.47 50.69
CA VAL C 321 37.64 -52.71 50.45
C VAL C 321 38.37 -53.84 51.14
N ILE C 322 37.60 -54.77 51.71
CA ILE C 322 38.15 -56.05 52.14
C ILE C 322 37.70 -57.06 51.08
N SER C 323 38.38 -57.04 49.94
CA SER C 323 37.94 -57.81 48.78
C SER C 323 38.01 -59.30 49.06
N ARG C 324 36.96 -60.02 48.64
CA ARG C 324 36.92 -61.47 48.85
C ARG C 324 37.82 -62.21 47.88
N GLU C 325 38.02 -61.67 46.68
CA GLU C 325 38.91 -62.32 45.73
C GLU C 325 40.37 -62.17 46.15
N ILE C 326 40.74 -61.04 46.77
CA ILE C 326 42.10 -60.86 47.24
C ILE C 326 42.39 -61.76 48.44
N MET C 327 41.39 -61.96 49.31
CA MET C 327 41.58 -62.83 50.46
C MET C 327 41.81 -64.28 50.04
N GLU C 328 41.12 -64.73 48.99
CA GLU C 328 41.27 -66.10 48.53
C GLU C 328 42.54 -66.30 47.72
N ASN C 329 42.98 -65.27 46.99
CA ASN C 329 44.22 -65.38 46.22
C ASN C 329 45.46 -65.29 47.10
N TYR C 330 45.35 -64.67 48.28
CA TYR C 330 46.47 -64.60 49.22
C TYR C 330 46.36 -65.62 50.34
N ASN C 331 45.27 -66.38 50.40
CA ASN C 331 45.07 -67.45 51.38
C ASN C 331 45.10 -66.90 52.81
N ILE C 332 44.22 -65.93 53.07
CA ILE C 332 44.12 -65.30 54.38
C ILE C 332 42.65 -65.21 54.79
N ALA C 333 42.40 -65.35 56.09
CA ALA C 333 41.08 -65.19 56.67
C ALA C 333 41.16 -64.15 57.80
N LEU C 334 40.01 -63.58 58.13
CA LEU C 334 39.97 -62.40 59.00
C LEU C 334 40.49 -62.70 60.39
N ARG C 335 40.19 -63.90 60.91
CA ARG C 335 40.66 -64.42 62.19
C ARG C 335 39.93 -63.83 63.38
N TRP C 336 39.29 -62.67 63.22
CA TRP C 336 38.21 -62.26 64.11
C TRP C 336 36.92 -62.63 63.41
N THR C 337 36.18 -63.58 64.00
CA THR C 337 35.08 -64.24 63.32
C THR C 337 34.11 -63.23 62.71
N ALA C 338 33.72 -63.49 61.47
CA ALA C 338 32.85 -62.59 60.74
C ALA C 338 32.36 -63.28 59.48
N LYS C 339 31.15 -62.90 59.06
CA LYS C 339 30.73 -63.18 57.69
C LYS C 339 31.44 -62.24 56.71
N GLN C 340 31.53 -60.96 57.07
CA GLN C 340 32.01 -59.90 56.19
C GLN C 340 32.38 -58.69 57.03
N LYS C 341 32.06 -57.51 56.50
CA LYS C 341 31.92 -56.28 57.28
C LYS C 341 33.19 -55.87 58.00
N LEU C 342 33.06 -54.99 58.99
CA LEU C 342 34.19 -54.44 59.75
C LEU C 342 35.22 -53.86 58.78
N TYR C 343 34.79 -52.85 58.05
CA TYR C 343 35.57 -52.33 56.92
C TYR C 343 36.33 -51.07 57.29
N SER C 344 37.62 -51.26 57.56
CA SER C 344 38.67 -50.31 57.23
C SER C 344 38.28 -48.86 57.02
N ARG C 345 37.96 -48.14 58.09
CA ARG C 345 37.93 -46.69 58.00
C ARG C 345 39.36 -46.16 57.98
N THR C 346 39.55 -45.04 57.29
CA THR C 346 40.88 -44.49 57.09
C THR C 346 41.58 -44.28 58.43
N GLY C 347 42.47 -45.21 58.78
CA GLY C 347 43.17 -45.22 60.05
C GLY C 347 42.90 -46.46 60.88
N GLU C 348 41.88 -47.23 60.52
CA GLU C 348 41.56 -48.45 61.25
C GLU C 348 42.60 -49.53 60.95
N SER C 349 42.84 -50.38 61.94
CA SER C 349 43.83 -51.45 61.83
C SER C 349 43.10 -52.78 61.70
N VAL C 350 43.17 -53.37 60.50
CA VAL C 350 42.58 -54.67 60.24
C VAL C 350 43.59 -55.73 60.63
N GLU C 351 43.16 -56.99 60.74
CA GLU C 351 44.09 -58.11 60.91
C GLU C 351 43.56 -59.33 60.17
N PHE C 352 44.48 -60.22 59.82
CA PHE C 352 44.17 -61.50 59.23
C PHE C 352 45.11 -62.54 59.80
N VAL C 353 44.89 -63.80 59.42
CA VAL C 353 45.90 -64.85 59.52
C VAL C 353 45.83 -65.69 58.24
N CYS C 354 46.79 -66.59 58.10
CA CYS C 354 46.80 -67.50 56.97
C CYS C 354 45.75 -68.59 57.16
N LYS C 355 45.51 -69.34 56.09
CA LYS C 355 44.67 -70.52 56.18
C LYS C 355 45.44 -71.65 56.85
N ARG C 356 44.73 -72.74 57.13
CA ARG C 356 45.35 -73.91 57.77
C ARG C 356 46.19 -74.63 56.75
N GLY C 357 47.48 -74.33 56.71
CA GLY C 357 48.39 -74.99 55.79
C GLY C 357 49.37 -74.05 55.10
N TYR C 358 49.20 -72.76 55.32
CA TYR C 358 50.05 -71.74 54.71
C TYR C 358 50.81 -70.97 55.77
N ARG C 359 51.82 -70.21 55.33
CA ARG C 359 52.65 -69.43 56.22
C ARG C 359 53.03 -68.12 55.53
N LEU C 360 53.33 -67.10 56.33
CA LEU C 360 53.77 -65.83 55.78
C LEU C 360 55.10 -66.00 55.06
N SER C 361 55.24 -65.33 53.93
CA SER C 361 56.43 -65.45 53.10
C SER C 361 57.57 -64.66 53.74
N SER C 362 58.66 -64.45 52.98
CA SER C 362 59.85 -63.81 53.52
C SER C 362 59.68 -62.31 53.66
N ARG C 363 58.97 -61.67 52.73
CA ARG C 363 58.79 -60.22 52.74
C ARG C 363 57.32 -59.84 52.64
N SER C 364 56.44 -60.65 53.23
CA SER C 364 55.01 -60.35 53.22
C SER C 364 54.67 -59.34 54.31
N HIS C 365 53.81 -58.38 53.96
CA HIS C 365 53.42 -57.33 54.89
C HIS C 365 52.75 -57.94 56.12
N THR C 366 52.75 -57.15 57.21
CA THR C 366 52.19 -57.61 58.47
C THR C 366 50.71 -57.96 58.33
N LEU C 367 50.27 -58.92 59.14
CA LEU C 367 48.86 -59.31 59.13
C LEU C 367 47.97 -58.16 59.60
N ARG C 368 48.50 -57.30 60.47
CA ARG C 368 47.76 -56.14 60.97
C ARG C 368 48.12 -54.93 60.11
N THR C 369 47.21 -54.55 59.21
CA THR C 369 47.44 -53.46 58.28
C THR C 369 46.44 -52.33 58.54
N THR C 370 46.83 -51.12 58.16
CA THR C 370 46.02 -49.93 58.34
C THR C 370 45.70 -49.30 56.99
N CYS C 371 44.42 -49.03 56.77
CA CYS C 371 43.99 -48.40 55.52
C CYS C 371 44.21 -46.90 55.58
N TRP C 372 44.66 -46.33 54.46
CA TRP C 372 44.98 -44.90 54.37
C TRP C 372 44.49 -44.38 53.01
N ASP C 373 43.27 -43.86 53.00
CA ASP C 373 42.70 -43.17 51.85
C ASP C 373 42.65 -44.08 50.60
N GLY C 374 41.92 -45.19 50.75
CA GLY C 374 41.70 -46.11 49.65
C GLY C 374 42.88 -46.99 49.28
N LYS C 375 43.89 -47.12 50.14
CA LYS C 375 45.03 -48.00 49.90
C LYS C 375 45.18 -48.93 51.08
N LEU C 376 45.22 -50.24 50.82
CA LEU C 376 45.31 -51.25 51.85
C LEU C 376 46.36 -52.27 51.45
N GLU C 377 47.26 -52.61 52.38
CA GLU C 377 48.32 -53.59 52.15
C GLU C 377 47.83 -54.94 52.66
N TYR C 378 47.45 -55.81 51.75
CA TYR C 378 47.01 -57.15 52.13
C TYR C 378 48.22 -58.03 52.41
N PRO C 379 48.20 -58.82 53.49
CA PRO C 379 49.25 -59.81 53.70
C PRO C 379 49.12 -60.95 52.70
N THR C 380 50.21 -61.71 52.57
CA THR C 380 50.26 -62.84 51.65
C THR C 380 50.83 -64.06 52.37
N CYS C 381 50.26 -65.23 52.08
CA CYS C 381 50.72 -66.48 52.66
C CYS C 381 50.99 -67.47 51.53
N ALA C 382 52.20 -68.00 51.48
CA ALA C 382 52.61 -68.97 50.47
C ALA C 382 52.83 -70.33 51.11
N LYS C 383 52.79 -71.36 50.27
CA LYS C 383 52.99 -72.74 50.68
C LYS C 383 52.00 -73.16 51.77
N GLU D 8 24.81 -32.69 -49.01
CA GLU D 8 24.01 -31.99 -48.03
C GLU D 8 22.52 -32.18 -48.28
N ASP D 9 21.77 -32.42 -47.21
CA ASP D 9 20.35 -32.75 -47.27
C ASP D 9 19.54 -31.46 -47.28
N LEU D 10 19.26 -30.95 -48.47
CA LEU D 10 18.45 -29.73 -48.61
C LEU D 10 16.96 -30.02 -48.72
N VAL D 11 16.58 -31.17 -49.24
CA VAL D 11 15.18 -31.54 -49.39
C VAL D 11 14.74 -32.35 -48.18
N GLU D 12 13.51 -32.14 -47.74
CA GLU D 12 12.93 -32.88 -46.63
C GLU D 12 12.17 -34.10 -47.14
N LYS D 13 12.13 -35.14 -46.32
CA LYS D 13 11.44 -36.37 -46.70
C LYS D 13 9.98 -36.38 -46.26
N LYS D 14 9.69 -35.88 -45.06
CA LYS D 14 8.33 -35.93 -44.53
C LYS D 14 7.38 -35.01 -45.30
N CYS D 15 7.89 -33.86 -45.77
CA CYS D 15 7.06 -32.94 -46.53
C CYS D 15 6.69 -33.51 -47.90
N LEU D 16 7.59 -34.30 -48.50
CA LEU D 16 7.36 -34.80 -49.85
C LEU D 16 6.16 -35.72 -49.92
N ALA D 17 5.80 -36.36 -48.81
CA ALA D 17 4.63 -37.24 -48.80
C ALA D 17 3.35 -36.45 -49.07
N LYS D 18 3.31 -35.17 -48.71
CA LYS D 18 2.13 -34.36 -48.91
C LYS D 18 2.06 -33.73 -50.30
N LYS D 19 3.21 -33.48 -50.92
CA LYS D 19 3.30 -32.86 -52.25
C LYS D 19 2.55 -31.53 -52.28
N TYR D 20 3.08 -30.58 -51.52
CA TYR D 20 2.44 -29.28 -51.40
C TYR D 20 2.55 -28.50 -52.71
N THR D 21 1.48 -27.78 -53.02
CA THR D 21 1.43 -26.89 -54.18
C THR D 21 1.11 -25.48 -53.72
N HIS D 22 1.01 -24.55 -54.67
CA HIS D 22 0.67 -23.17 -54.35
C HIS D 22 -0.74 -23.03 -53.79
N LEU D 23 -1.49 -24.12 -53.72
CA LEU D 23 -2.81 -24.13 -53.10
C LEU D 23 -2.79 -24.53 -51.64
N SER D 24 -1.63 -24.93 -51.11
CA SER D 24 -1.53 -25.41 -49.74
C SER D 24 -1.27 -24.23 -48.82
N CYS D 25 -2.13 -24.05 -47.81
CA CYS D 25 -1.94 -22.97 -46.85
C CYS D 25 -0.76 -23.23 -45.94
N ASP D 26 -0.45 -24.50 -45.68
CA ASP D 26 0.61 -24.87 -44.74
C ASP D 26 1.99 -24.46 -45.20
N LYS D 27 2.15 -23.72 -46.29
CA LYS D 27 3.47 -23.31 -46.76
C LYS D 27 3.47 -21.88 -47.26
N VAL D 28 2.40 -21.45 -47.95
CA VAL D 28 2.35 -20.13 -48.57
C VAL D 28 0.95 -19.57 -48.45
N PHE D 29 0.86 -18.24 -48.52
CA PHE D 29 -0.42 -17.55 -48.55
C PHE D 29 -1.20 -17.90 -49.81
N CYS D 30 -2.53 -17.86 -49.70
CA CYS D 30 -3.40 -18.01 -50.86
C CYS D 30 -3.44 -16.71 -51.65
N GLN D 31 -4.10 -16.73 -52.78
CA GLN D 31 -4.28 -15.54 -53.60
C GLN D 31 -5.53 -14.78 -53.15
N PRO D 32 -5.62 -13.48 -53.47
CA PRO D 32 -6.79 -12.70 -53.03
C PRO D 32 -8.12 -13.29 -53.45
N TRP D 33 -8.19 -13.92 -54.62
CA TRP D 33 -9.42 -14.57 -55.07
C TRP D 33 -9.57 -15.98 -54.51
N GLN D 34 -8.93 -16.29 -53.39
CA GLN D 34 -9.04 -17.59 -52.74
C GLN D 34 -9.04 -17.41 -51.23
N ARG D 35 -9.68 -18.34 -50.53
CA ARG D 35 -9.57 -18.45 -49.09
C ARG D 35 -8.91 -19.78 -48.74
N CYS D 36 -8.55 -19.93 -47.48
CA CYS D 36 -7.96 -21.17 -46.98
C CYS D 36 -9.03 -22.01 -46.30
N ILE D 37 -9.11 -23.28 -46.67
CA ILE D 37 -10.02 -24.24 -46.06
C ILE D 37 -9.30 -25.58 -45.99
N GLU D 38 -9.07 -26.07 -44.77
CA GLU D 38 -8.43 -27.37 -44.54
C GLU D 38 -7.09 -27.48 -45.27
N GLY D 39 -6.29 -26.42 -45.17
CA GLY D 39 -4.96 -26.43 -45.75
C GLY D 39 -4.91 -26.42 -47.25
N THR D 40 -5.99 -26.05 -47.93
CA THR D 40 -6.03 -26.02 -49.39
C THR D 40 -6.80 -24.78 -49.84
N CYS D 41 -6.14 -23.92 -50.62
CA CYS D 41 -6.81 -22.75 -51.17
C CYS D 41 -7.92 -23.18 -52.12
N VAL D 42 -9.15 -22.77 -51.81
CA VAL D 42 -10.31 -23.11 -52.62
C VAL D 42 -10.92 -21.83 -53.17
N CYS D 43 -11.42 -21.90 -54.40
CA CYS D 43 -11.94 -20.72 -55.08
C CYS D 43 -13.09 -20.09 -54.30
N LYS D 44 -13.02 -18.78 -54.12
CA LYS D 44 -14.10 -18.03 -53.48
C LYS D 44 -15.05 -17.47 -54.55
N LEU D 45 -16.27 -17.19 -54.11
CA LEU D 45 -17.29 -16.70 -55.03
C LEU D 45 -16.94 -15.28 -55.50
N PRO D 46 -17.39 -14.90 -56.70
CA PRO D 46 -17.03 -13.57 -57.23
C PRO D 46 -17.55 -12.41 -56.39
N TYR D 47 -18.71 -12.54 -55.76
CA TYR D 47 -19.24 -11.44 -54.97
C TYR D 47 -18.50 -11.25 -53.65
N GLN D 48 -17.64 -12.20 -53.27
CA GLN D 48 -16.87 -12.11 -52.04
C GLN D 48 -15.58 -11.34 -52.18
N CYS D 49 -15.18 -10.99 -53.39
CA CYS D 49 -14.01 -10.14 -53.60
C CYS D 49 -14.29 -8.70 -53.16
N PRO D 50 -13.25 -7.98 -52.73
CA PRO D 50 -13.41 -6.55 -52.50
C PRO D 50 -13.81 -5.81 -53.77
N LYS D 51 -14.58 -4.73 -53.60
CA LYS D 51 -15.21 -4.02 -54.70
C LYS D 51 -14.49 -2.72 -55.06
N ASN D 52 -13.24 -2.57 -54.65
CA ASN D 52 -12.49 -1.33 -54.86
C ASN D 52 -11.40 -1.57 -55.90
N GLY D 53 -11.83 -1.71 -57.15
CA GLY D 53 -10.87 -1.89 -58.23
C GLY D 53 -11.36 -1.41 -59.58
N THR D 54 -10.75 -1.94 -60.64
CA THR D 54 -11.01 -1.50 -62.00
C THR D 54 -11.55 -2.64 -62.84
N ALA D 55 -12.29 -2.29 -63.90
CA ALA D 55 -12.89 -3.30 -64.74
C ALA D 55 -11.82 -4.05 -65.53
N VAL D 56 -12.14 -5.30 -65.90
CA VAL D 56 -11.26 -6.15 -66.68
C VAL D 56 -12.07 -6.87 -67.74
N CYS D 57 -11.37 -7.45 -68.70
CA CYS D 57 -11.99 -8.21 -69.79
C CYS D 57 -11.40 -9.62 -69.82
N ALA D 58 -12.26 -10.60 -70.04
CA ALA D 58 -11.89 -12.01 -70.09
C ALA D 58 -11.79 -12.47 -71.53
N THR D 59 -11.64 -13.79 -71.72
CA THR D 59 -11.52 -14.34 -73.06
C THR D 59 -12.88 -14.48 -73.75
N ASN D 60 -13.95 -14.66 -72.98
CA ASN D 60 -15.30 -14.73 -73.53
C ASN D 60 -15.90 -13.36 -73.81
N ARG D 61 -15.07 -12.33 -73.84
CA ARG D 61 -15.51 -10.95 -74.10
C ARG D 61 -16.61 -10.53 -73.12
N ARG D 62 -16.45 -10.92 -71.86
CA ARG D 62 -17.37 -10.58 -70.79
C ARG D 62 -16.67 -9.64 -69.82
N SER D 63 -17.37 -8.58 -69.42
CA SER D 63 -16.80 -7.57 -68.53
C SER D 63 -17.08 -7.94 -67.07
N PHE D 64 -16.06 -7.75 -66.23
CA PHE D 64 -16.21 -7.97 -64.80
C PHE D 64 -15.87 -6.69 -64.05
N PRO D 65 -16.60 -6.37 -62.98
CA PRO D 65 -16.41 -5.08 -62.30
C PRO D 65 -14.99 -4.87 -61.78
N THR D 66 -14.37 -5.88 -61.19
CA THR D 66 -13.01 -5.76 -60.69
C THR D 66 -12.17 -6.93 -61.18
N TYR D 67 -10.86 -6.82 -60.93
CA TYR D 67 -9.92 -7.85 -61.35
C TYR D 67 -10.15 -9.14 -60.57
N CYS D 68 -10.42 -9.01 -59.27
CA CYS D 68 -10.51 -10.17 -58.40
C CYS D 68 -11.62 -11.12 -58.85
N GLN D 69 -12.77 -10.57 -59.27
CA GLN D 69 -13.89 -11.41 -59.65
C GLN D 69 -13.58 -12.21 -60.91
N GLN D 70 -12.82 -11.63 -61.84
CA GLN D 70 -12.46 -12.35 -63.06
C GLN D 70 -11.61 -13.57 -62.72
N LYS D 71 -10.63 -13.41 -61.83
CA LYS D 71 -9.79 -14.53 -61.44
C LYS D 71 -10.58 -15.56 -60.64
N SER D 72 -11.52 -15.09 -59.80
CA SER D 72 -12.33 -16.03 -59.02
C SER D 72 -13.23 -16.86 -59.91
N LEU D 73 -13.85 -16.23 -60.92
CA LEU D 73 -14.70 -16.98 -61.84
C LEU D 73 -13.85 -17.88 -62.73
N GLU D 74 -12.65 -17.42 -63.11
CA GLU D 74 -11.70 -18.29 -63.80
C GLU D 74 -11.31 -19.46 -62.91
N CYS D 75 -11.17 -19.21 -61.60
CA CYS D 75 -10.88 -20.28 -60.66
C CYS D 75 -12.00 -21.31 -60.62
N LEU D 76 -13.24 -20.85 -60.55
CA LEU D 76 -14.38 -21.77 -60.51
C LEU D 76 -14.55 -22.51 -61.83
N HIS D 77 -14.75 -21.76 -62.92
CA HIS D 77 -14.83 -22.35 -64.25
C HIS D 77 -13.50 -22.13 -64.96
N PRO D 78 -12.64 -23.12 -65.04
CA PRO D 78 -11.34 -22.92 -65.69
C PRO D 78 -11.48 -22.66 -67.19
N GLY D 79 -10.48 -21.97 -67.74
CA GLY D 79 -10.43 -21.65 -69.15
C GLY D 79 -10.68 -20.19 -69.46
N THR D 80 -11.47 -19.50 -68.64
CA THR D 80 -11.79 -18.09 -68.86
C THR D 80 -10.60 -17.25 -68.41
N LYS D 81 -9.59 -17.18 -69.27
CA LYS D 81 -8.36 -16.47 -68.96
C LYS D 81 -8.60 -14.96 -69.02
N PHE D 82 -7.52 -14.19 -68.89
CA PHE D 82 -7.55 -12.75 -68.91
C PHE D 82 -7.22 -12.22 -70.31
N LEU D 83 -7.76 -11.04 -70.63
CA LEU D 83 -7.53 -10.44 -71.94
C LEU D 83 -6.96 -9.04 -71.82
N ASN D 84 -7.81 -8.05 -71.53
CA ASN D 84 -7.43 -6.65 -71.60
C ASN D 84 -7.87 -5.92 -70.34
N ASN D 85 -7.05 -4.95 -69.92
CA ASN D 85 -7.44 -4.07 -68.83
C ASN D 85 -8.56 -3.15 -69.28
N GLY D 86 -9.60 -3.03 -68.45
CA GLY D 86 -10.73 -2.19 -68.78
C GLY D 86 -11.86 -2.97 -69.42
N THR D 87 -12.67 -2.24 -70.18
CA THR D 87 -13.78 -2.86 -70.88
C THR D 87 -13.27 -3.66 -72.08
N CYS D 88 -14.13 -4.54 -72.59
CA CYS D 88 -13.76 -5.45 -73.67
C CYS D 88 -13.74 -4.72 -75.01
N THR D 89 -12.95 -5.28 -75.93
CA THR D 89 -12.87 -4.78 -77.29
C THR D 89 -13.41 -5.84 -78.25
N ALA D 90 -14.07 -5.38 -79.32
CA ALA D 90 -14.73 -6.31 -80.24
C ALA D 90 -13.72 -7.15 -80.99
N GLU D 91 -12.79 -6.51 -81.71
CA GLU D 91 -11.78 -7.22 -82.49
C GLU D 91 -10.49 -7.46 -81.70
N GLY D 92 -10.41 -6.98 -80.47
CA GLY D 92 -9.19 -7.16 -79.69
C GLY D 92 -9.00 -8.62 -79.32
N LYS D 93 -7.79 -9.13 -79.52
CA LYS D 93 -7.47 -10.51 -79.22
C LYS D 93 -6.00 -10.61 -78.90
N PHE D 94 -5.67 -11.44 -77.91
CA PHE D 94 -4.30 -11.64 -77.45
C PHE D 94 -3.81 -13.01 -77.90
N SER D 95 -2.67 -13.05 -78.57
CA SER D 95 -2.14 -14.28 -79.13
C SER D 95 -0.66 -14.38 -78.85
N VAL D 96 -0.20 -15.59 -78.55
CA VAL D 96 1.22 -15.89 -78.36
C VAL D 96 1.54 -17.13 -79.19
N SER D 97 2.59 -17.03 -80.00
CA SER D 97 2.96 -18.09 -80.92
C SER D 97 4.45 -18.37 -80.83
N LEU D 98 4.87 -19.46 -81.47
CA LEU D 98 6.27 -19.85 -81.56
C LEU D 98 6.64 -19.96 -83.03
N LYS D 99 7.59 -19.14 -83.46
CA LYS D 99 8.03 -19.10 -84.85
C LYS D 99 9.42 -19.70 -84.98
N HIS D 100 9.71 -20.23 -86.17
CA HIS D 100 11.02 -20.77 -86.52
C HIS D 100 11.43 -21.89 -85.56
N GLY D 101 10.48 -22.76 -85.25
CA GLY D 101 10.71 -23.88 -84.34
C GLY D 101 10.79 -25.18 -85.12
N ASN D 102 11.72 -26.04 -84.70
CA ASN D 102 11.88 -27.32 -85.38
C ASN D 102 10.70 -28.24 -85.11
N THR D 103 10.07 -28.10 -83.94
CA THR D 103 8.85 -28.82 -83.62
C THR D 103 7.79 -27.84 -83.13
N ASP D 104 6.72 -28.35 -82.53
CA ASP D 104 5.66 -27.52 -81.99
C ASP D 104 5.88 -27.14 -80.53
N SER D 105 6.89 -27.70 -79.87
CA SER D 105 7.14 -27.45 -78.46
C SER D 105 8.39 -26.63 -78.22
N GLU D 106 8.86 -25.91 -79.23
CA GLU D 106 10.03 -25.05 -79.10
C GLU D 106 9.94 -23.96 -80.17
N GLY D 107 10.81 -22.97 -80.06
CA GLY D 107 10.87 -21.91 -81.03
C GLY D 107 11.17 -20.58 -80.37
N ILE D 108 10.77 -19.51 -81.06
CA ILE D 108 11.01 -18.14 -80.62
C ILE D 108 9.70 -17.52 -80.18
N VAL D 109 9.74 -16.75 -79.10
CA VAL D 109 8.54 -16.19 -78.50
C VAL D 109 8.07 -14.99 -79.31
N GLU D 110 6.80 -15.02 -79.72
CA GLU D 110 6.14 -13.88 -80.34
C GLU D 110 4.86 -13.59 -79.57
N VAL D 111 4.54 -12.30 -79.43
CA VAL D 111 3.36 -11.87 -78.68
C VAL D 111 2.58 -10.89 -79.53
N LYS D 112 1.30 -11.18 -79.75
CA LYS D 112 0.38 -10.28 -80.44
C LYS D 112 -0.54 -9.69 -79.38
N LEU D 113 -0.32 -8.42 -79.04
CA LEU D 113 -1.02 -7.78 -77.94
C LEU D 113 -2.45 -7.42 -78.33
N VAL D 114 -3.29 -7.27 -77.32
CA VAL D 114 -4.66 -6.82 -77.55
C VAL D 114 -4.68 -5.39 -78.07
N ASP D 115 -3.74 -4.56 -77.63
CA ASP D 115 -3.67 -3.18 -78.10
C ASP D 115 -3.23 -3.13 -79.56
N GLN D 116 -2.00 -3.56 -79.83
CA GLN D 116 -1.36 -3.35 -81.12
C GLN D 116 -1.53 -4.56 -82.02
N ASP D 117 -1.72 -4.31 -83.31
CA ASP D 117 -1.81 -5.40 -84.28
C ASP D 117 -0.45 -6.05 -84.52
N LYS D 118 0.62 -5.26 -84.44
CA LYS D 118 1.94 -5.74 -84.78
C LYS D 118 2.39 -6.81 -83.79
N THR D 119 2.94 -7.90 -84.31
CA THR D 119 3.45 -8.99 -83.48
C THR D 119 4.95 -8.78 -83.29
N MET D 120 5.36 -8.66 -82.04
CA MET D 120 6.73 -8.31 -81.69
C MET D 120 7.39 -9.47 -80.96
N PHE D 121 8.71 -9.36 -80.80
CA PHE D 121 9.51 -10.38 -80.14
C PHE D 121 9.85 -9.95 -78.72
N ILE D 122 10.55 -10.81 -78.00
CA ILE D 122 10.88 -10.62 -76.60
C ILE D 122 12.40 -10.62 -76.44
N CYS D 123 12.89 -9.78 -75.53
CA CYS D 123 14.31 -9.76 -75.22
C CYS D 123 14.70 -11.01 -74.43
N LYS D 124 15.97 -11.37 -74.50
CA LYS D 124 16.49 -12.47 -73.69
C LYS D 124 16.87 -12.01 -72.29
N SER D 125 17.11 -10.71 -72.10
CA SER D 125 17.48 -10.20 -70.78
C SER D 125 16.30 -10.22 -69.83
N SER D 126 15.08 -9.98 -70.34
CA SER D 126 13.89 -9.93 -69.52
C SER D 126 13.23 -11.30 -69.36
N TRP D 127 13.81 -12.36 -69.92
CA TRP D 127 13.20 -13.68 -69.87
C TRP D 127 13.76 -14.47 -68.69
N SER D 128 12.88 -15.18 -67.99
CA SER D 128 13.27 -15.96 -66.83
C SER D 128 12.28 -17.11 -66.67
N MET D 129 12.43 -17.86 -65.57
CA MET D 129 11.54 -19.00 -65.35
C MET D 129 10.13 -18.57 -64.97
N ARG D 130 9.98 -17.39 -64.38
CA ARG D 130 8.65 -16.91 -64.01
C ARG D 130 7.77 -16.79 -65.24
N GLU D 131 8.28 -16.12 -66.28
CA GLU D 131 7.54 -15.94 -67.52
C GLU D 131 7.57 -17.16 -68.42
N ALA D 132 8.46 -18.12 -68.16
CA ALA D 132 8.56 -19.29 -69.02
C ALA D 132 7.38 -20.24 -68.82
N ASN D 133 7.09 -20.59 -67.56
CA ASN D 133 6.02 -21.55 -67.30
C ASN D 133 4.65 -20.95 -67.62
N VAL D 134 4.47 -19.65 -67.37
CA VAL D 134 3.20 -19.01 -67.71
C VAL D 134 3.02 -18.94 -69.22
N ALA D 135 4.11 -18.87 -69.97
CA ALA D 135 4.01 -18.87 -71.43
C ALA D 135 3.49 -20.20 -71.95
N CYS D 136 4.13 -21.30 -71.54
CA CYS D 136 3.73 -22.62 -71.99
C CYS D 136 2.34 -23.03 -71.50
N LEU D 137 1.80 -22.33 -70.49
CA LEU D 137 0.52 -22.74 -69.91
C LEU D 137 -0.63 -22.49 -70.87
N ASP D 138 -0.76 -21.25 -71.37
CA ASP D 138 -1.82 -20.93 -72.32
C ASP D 138 -1.52 -21.41 -73.73
N LEU D 139 -0.40 -22.09 -73.94
CA LEU D 139 -0.06 -22.70 -75.22
C LEU D 139 -0.44 -24.17 -75.30
N GLY D 140 -0.97 -24.75 -74.22
CA GLY D 140 -1.36 -26.14 -74.19
C GLY D 140 -0.43 -27.06 -73.43
N PHE D 141 0.62 -26.54 -72.81
CA PHE D 141 1.57 -27.34 -72.04
C PHE D 141 1.23 -27.15 -70.57
N GLN D 142 0.53 -28.13 -69.99
CA GLN D 142 0.06 -28.01 -68.61
C GLN D 142 1.21 -28.03 -67.61
N GLN D 143 2.40 -28.50 -67.99
CA GLN D 143 3.51 -28.66 -67.07
C GLN D 143 4.53 -27.52 -67.19
N GLY D 144 4.09 -26.35 -67.64
CA GLY D 144 5.01 -25.22 -67.73
C GLY D 144 6.12 -25.46 -68.74
N ALA D 145 7.25 -24.81 -68.51
CA ALA D 145 8.39 -24.90 -69.40
C ALA D 145 9.45 -25.83 -68.82
N ASP D 146 10.36 -26.26 -69.68
CA ASP D 146 11.48 -27.11 -69.30
C ASP D 146 12.68 -26.26 -68.90
N THR D 147 13.37 -26.69 -67.84
CA THR D 147 14.51 -25.93 -67.33
C THR D 147 15.84 -26.42 -67.87
N GLN D 148 15.98 -27.73 -68.11
CA GLN D 148 17.26 -28.30 -68.51
C GLN D 148 17.54 -28.15 -69.99
N ARG D 149 16.52 -27.90 -70.80
CA ARG D 149 16.66 -27.85 -72.26
C ARG D 149 16.45 -26.44 -72.75
N ARG D 150 17.39 -25.94 -73.55
CA ARG D 150 17.33 -24.61 -74.14
C ARG D 150 17.42 -24.71 -75.65
N PHE D 151 16.69 -23.84 -76.33
CA PHE D 151 16.62 -23.82 -77.79
C PHE D 151 17.56 -22.74 -78.32
N LYS D 152 18.70 -23.16 -78.87
CA LYS D 152 19.64 -22.25 -79.48
C LYS D 152 19.37 -22.14 -80.97
N LEU D 153 19.54 -20.94 -81.52
CA LEU D 153 19.12 -20.68 -82.88
C LEU D 153 20.04 -21.39 -83.89
N SER D 154 19.59 -21.41 -85.14
CA SER D 154 20.37 -21.92 -86.27
C SER D 154 21.11 -20.79 -86.98
N ASP D 155 21.73 -19.89 -86.22
CA ASP D 155 22.27 -18.63 -86.74
C ASP D 155 21.16 -17.85 -87.48
N LEU D 156 20.15 -17.46 -86.71
CA LEU D 156 18.95 -16.85 -87.27
C LEU D 156 19.17 -15.36 -87.50
N SER D 157 18.87 -14.91 -88.71
CA SER D 157 18.93 -13.49 -89.05
C SER D 157 17.64 -12.81 -88.60
N ILE D 158 17.77 -11.79 -87.76
CA ILE D 158 16.63 -11.02 -87.28
C ILE D 158 16.66 -9.65 -87.92
N ASN D 159 15.51 -9.21 -88.43
CA ASN D 159 15.44 -7.94 -89.14
C ASN D 159 15.11 -6.78 -88.20
N SER D 160 14.07 -6.92 -87.39
CA SER D 160 13.59 -5.79 -86.61
C SER D 160 14.42 -5.60 -85.34
N THR D 161 14.18 -4.48 -84.67
CA THR D 161 14.84 -4.15 -83.41
C THR D 161 13.88 -3.95 -82.25
N GLU D 162 12.58 -3.98 -82.49
CA GLU D 162 11.60 -3.79 -81.43
C GLU D 162 11.54 -5.02 -80.53
N CYS D 163 11.53 -4.80 -79.22
CA CYS D 163 11.42 -5.86 -78.24
C CYS D 163 10.43 -5.46 -77.16
N LEU D 164 9.86 -6.47 -76.51
CA LEU D 164 8.95 -6.28 -75.40
C LEU D 164 9.58 -6.86 -74.14
N HIS D 165 9.70 -6.02 -73.11
CA HIS D 165 10.32 -6.41 -71.85
C HIS D 165 9.23 -6.90 -70.91
N VAL D 166 9.37 -8.14 -70.43
CA VAL D 166 8.29 -8.88 -69.79
C VAL D 166 8.63 -9.14 -68.34
N HIS D 167 7.61 -9.08 -67.47
CA HIS D 167 7.79 -9.38 -66.06
C HIS D 167 6.50 -9.97 -65.50
N CYS D 168 6.58 -11.19 -65.00
CA CYS D 168 5.47 -11.88 -64.35
C CYS D 168 5.82 -12.19 -62.90
N ARG D 169 4.92 -12.89 -62.22
CA ARG D 169 5.16 -13.41 -60.88
C ARG D 169 5.54 -14.88 -60.90
N GLY D 170 4.75 -15.72 -61.58
CA GLY D 170 5.04 -17.13 -61.69
C GLY D 170 3.82 -18.02 -61.65
N LEU D 171 2.75 -17.56 -61.00
CA LEU D 171 1.53 -18.35 -60.84
C LEU D 171 0.41 -17.90 -61.77
N GLU D 172 0.67 -16.96 -62.67
CA GLU D 172 -0.36 -16.48 -63.57
C GLU D 172 -0.76 -17.57 -64.56
N THR D 173 -1.91 -17.36 -65.21
CA THR D 173 -2.45 -18.34 -66.15
C THR D 173 -2.24 -17.95 -67.61
N SER D 174 -1.92 -16.70 -67.90
CA SER D 174 -1.65 -16.28 -69.27
C SER D 174 -0.76 -15.04 -69.22
N LEU D 175 -0.08 -14.79 -70.34
CA LEU D 175 0.82 -13.65 -70.42
C LEU D 175 0.11 -12.34 -70.65
N ALA D 176 -1.22 -12.35 -70.81
CA ALA D 176 -1.97 -11.09 -70.85
C ALA D 176 -2.00 -10.40 -69.49
N GLU D 177 -1.80 -11.16 -68.40
CA GLU D 177 -1.87 -10.58 -67.06
C GLU D 177 -0.64 -9.75 -66.74
N CYS D 178 0.52 -10.18 -67.21
CA CYS D 178 1.78 -9.57 -66.80
C CYS D 178 1.97 -8.22 -67.47
N THR D 179 2.86 -7.42 -66.88
CA THR D 179 3.19 -6.14 -67.47
C THR D 179 4.00 -6.32 -68.75
N PHE D 180 3.79 -5.42 -69.70
CA PHE D 180 4.50 -5.44 -70.98
C PHE D 180 5.02 -4.04 -71.26
N THR D 181 6.33 -3.93 -71.49
CA THR D 181 6.93 -2.66 -71.85
C THR D 181 7.80 -2.83 -73.09
N LYS D 182 7.77 -1.82 -73.96
CA LYS D 182 8.50 -1.86 -75.22
C LYS D 182 9.83 -1.13 -75.05
N ARG D 183 10.88 -1.69 -75.63
CA ARG D 183 12.24 -1.18 -75.43
C ARG D 183 13.02 -1.26 -76.74
N ARG D 184 14.07 -0.44 -76.81
CA ARG D 184 14.98 -0.43 -77.94
C ARG D 184 16.14 -1.40 -77.68
N THR D 185 16.69 -1.95 -78.77
CA THR D 185 17.80 -2.88 -78.67
C THR D 185 18.66 -2.72 -79.92
N MET D 186 19.82 -2.09 -79.78
CA MET D 186 20.69 -1.87 -80.92
C MET D 186 21.26 -3.19 -81.43
N GLY D 187 21.13 -3.42 -82.74
CA GLY D 187 21.59 -4.66 -83.33
C GLY D 187 20.68 -5.83 -83.03
N TYR D 188 20.00 -5.77 -81.89
CA TYR D 188 19.11 -6.83 -81.41
C TYR D 188 19.84 -8.17 -81.37
N GLN D 189 20.77 -8.26 -80.42
CA GLN D 189 21.39 -9.53 -80.09
C GLN D 189 20.58 -10.31 -79.06
N ASP D 190 19.71 -9.64 -78.31
CA ASP D 190 18.78 -10.32 -77.44
C ASP D 190 17.81 -11.16 -78.26
N PHE D 191 17.42 -12.30 -77.72
CA PHE D 191 16.66 -13.28 -78.49
C PHE D 191 16.00 -14.24 -77.50
N ALA D 192 14.68 -14.12 -77.33
CA ALA D 192 13.98 -14.97 -76.38
C ALA D 192 13.71 -16.34 -77.00
N ASP D 193 14.16 -17.38 -76.30
CA ASP D 193 13.90 -18.76 -76.69
C ASP D 193 13.06 -19.43 -75.60
N VAL D 194 12.53 -20.61 -75.93
CA VAL D 194 11.69 -21.35 -75.00
C VAL D 194 11.67 -22.80 -75.43
N VAL D 195 11.64 -23.70 -74.44
CA VAL D 195 11.51 -25.14 -74.67
C VAL D 195 10.44 -25.63 -73.71
N CYS D 196 9.19 -25.71 -74.19
CA CYS D 196 8.12 -26.24 -73.36
C CYS D 196 8.37 -27.71 -73.06
N TYR D 197 8.00 -28.13 -71.86
CA TYR D 197 8.34 -29.46 -71.38
C TYR D 197 7.60 -30.52 -72.17
N THR D 198 8.32 -31.57 -72.56
CA THR D 198 7.75 -32.70 -73.28
C THR D 198 7.55 -33.86 -72.32
N GLN D 199 6.33 -34.39 -72.30
CA GLN D 199 5.81 -35.21 -71.20
C GLN D 199 6.51 -36.56 -71.03
N LYS D 200 6.18 -37.50 -71.92
CA LYS D 200 6.35 -38.95 -71.78
C LYS D 200 7.07 -39.45 -70.53
N ALA D 201 6.35 -40.20 -69.71
CA ALA D 201 6.86 -40.67 -68.42
C ALA D 201 8.10 -41.53 -68.60
N ASP D 202 8.96 -41.51 -67.58
CA ASP D 202 10.29 -42.12 -67.69
C ASP D 202 10.61 -42.88 -66.40
N SER D 203 11.86 -43.27 -66.28
CA SER D 203 12.47 -43.87 -65.11
C SER D 203 13.58 -42.96 -64.60
N PRO D 204 14.01 -43.10 -63.34
CA PRO D 204 14.91 -42.11 -62.76
C PRO D 204 16.34 -42.09 -63.30
N MET D 205 17.29 -42.59 -62.51
CA MET D 205 18.66 -42.09 -62.54
C MET D 205 18.54 -40.58 -62.37
N ASP D 206 19.40 -39.83 -63.07
CA ASP D 206 19.11 -38.47 -63.52
C ASP D 206 18.41 -37.62 -62.47
N ASP D 207 18.93 -37.66 -61.25
CA ASP D 207 18.68 -36.64 -60.22
C ASP D 207 17.26 -36.11 -60.25
N PHE D 208 16.29 -37.04 -60.14
CA PHE D 208 14.93 -36.80 -60.61
C PHE D 208 14.34 -35.49 -60.09
N PHE D 209 14.27 -35.34 -58.76
CA PHE D 209 13.69 -34.15 -58.13
C PHE D 209 12.28 -33.88 -58.67
N GLN D 210 11.43 -34.90 -58.56
CA GLN D 210 10.13 -34.89 -59.19
C GLN D 210 9.26 -33.76 -58.64
N CYS D 211 8.55 -33.09 -59.54
CA CYS D 211 7.59 -32.08 -59.16
C CYS D 211 6.27 -32.73 -58.72
N VAL D 212 5.38 -31.92 -58.17
CA VAL D 212 4.04 -32.42 -57.86
C VAL D 212 3.26 -32.65 -59.14
N ASN D 213 3.39 -31.72 -60.11
CA ASN D 213 2.72 -31.87 -61.38
C ASN D 213 3.33 -32.98 -62.23
N GLY D 214 4.53 -33.45 -61.90
CA GLY D 214 5.16 -34.55 -62.60
C GLY D 214 6.33 -34.19 -63.48
N LYS D 215 6.78 -32.94 -63.49
CA LYS D 215 7.91 -32.54 -64.30
C LYS D 215 9.22 -32.85 -63.58
N TYR D 216 10.24 -33.17 -64.36
CA TYR D 216 11.56 -33.55 -63.84
C TYR D 216 12.56 -32.45 -64.12
N ILE D 217 13.34 -32.09 -63.09
CA ILE D 217 14.36 -31.05 -63.20
C ILE D 217 15.61 -31.52 -62.45
N SER D 218 16.68 -30.74 -62.60
CA SER D 218 17.96 -31.10 -62.02
C SER D 218 17.96 -30.88 -60.50
N GLN D 219 19.01 -31.38 -59.85
CA GLN D 219 19.20 -31.15 -58.42
C GLN D 219 19.29 -29.66 -58.12
N MET D 220 20.21 -28.96 -58.79
CA MET D 220 20.51 -27.57 -58.49
C MET D 220 19.34 -26.64 -58.75
N LYS D 221 18.30 -27.10 -59.45
CA LYS D 221 17.16 -26.24 -59.75
C LYS D 221 16.15 -26.14 -58.61
N ALA D 222 16.14 -27.10 -57.69
CA ALA D 222 15.19 -27.08 -56.59
C ALA D 222 15.77 -26.37 -55.38
N CYS D 223 14.90 -25.69 -54.63
CA CYS D 223 15.27 -24.94 -53.44
C CYS D 223 16.36 -23.91 -53.75
N ASP D 224 16.10 -23.10 -54.78
CA ASP D 224 16.98 -22.01 -55.17
C ASP D 224 16.23 -20.68 -55.21
N GLY D 225 14.97 -20.66 -54.82
CA GLY D 225 14.14 -19.48 -54.91
C GLY D 225 13.37 -19.36 -56.21
N ILE D 226 13.67 -20.19 -57.20
CA ILE D 226 13.03 -20.15 -58.51
C ILE D 226 11.94 -21.21 -58.57
N ASN D 227 10.77 -20.85 -59.11
CA ASN D 227 9.66 -21.78 -59.27
C ASN D 227 9.80 -22.49 -60.62
N ASP D 228 10.63 -23.54 -60.62
CA ASP D 228 10.93 -24.28 -61.84
C ASP D 228 9.82 -25.24 -62.24
N CYS D 229 8.96 -25.64 -61.29
CA CYS D 229 7.89 -26.58 -61.62
C CYS D 229 6.68 -25.89 -62.20
N GLY D 230 6.41 -24.64 -61.82
CA GLY D 230 5.25 -23.91 -62.25
C GLY D 230 4.12 -23.87 -61.24
N ASP D 231 4.16 -24.71 -60.21
CA ASP D 231 3.16 -24.70 -59.15
C ASP D 231 3.79 -24.67 -57.77
N GLN D 232 5.02 -24.14 -57.67
CA GLN D 232 5.79 -24.09 -56.43
C GLN D 232 5.85 -25.47 -55.76
N SER D 233 6.43 -26.41 -56.49
CA SER D 233 6.65 -27.76 -55.97
C SER D 233 8.06 -27.99 -55.49
N ASP D 234 9.05 -27.35 -56.12
CA ASP D 234 10.44 -27.46 -55.71
C ASP D 234 10.84 -26.38 -54.70
N GLU D 235 9.86 -25.72 -54.09
CA GLU D 235 10.13 -24.64 -53.15
C GLU D 235 9.44 -24.78 -51.80
N LEU D 236 8.37 -25.58 -51.70
CA LEU D 236 7.66 -25.78 -50.44
C LEU D 236 8.20 -26.97 -49.66
N CYS D 237 9.45 -27.37 -49.91
CA CYS D 237 10.05 -28.56 -49.30
C CYS D 237 11.55 -28.35 -49.19
N CYS D 238 11.97 -27.34 -48.42
CA CYS D 238 13.36 -26.97 -48.32
C CYS D 238 13.79 -26.86 -46.87
N LYS D 239 15.00 -27.34 -46.57
CA LYS D 239 15.66 -27.08 -45.30
C LYS D 239 16.67 -25.94 -45.39
N ALA D 240 17.23 -25.70 -46.56
CA ALA D 240 18.13 -24.59 -46.82
C ALA D 240 18.15 -24.35 -48.33
N CYS D 241 18.31 -23.09 -48.71
CA CYS D 241 18.24 -22.71 -50.11
C CYS D 241 19.60 -22.79 -50.78
N GLN D 242 19.59 -23.17 -52.06
CA GLN D 242 20.82 -23.37 -52.83
C GLN D 242 21.50 -22.05 -53.15
N GLY D 243 20.95 -21.30 -54.09
CA GLY D 243 21.56 -20.05 -54.51
C GLY D 243 21.34 -18.91 -53.54
N LYS D 244 20.95 -17.74 -54.07
CA LYS D 244 20.73 -16.56 -53.26
C LYS D 244 19.29 -16.45 -52.76
N GLY D 245 18.58 -17.57 -52.67
CA GLY D 245 17.22 -17.54 -52.16
C GLY D 245 17.18 -17.48 -50.65
N PHE D 246 16.16 -16.82 -50.13
CA PHE D 246 15.98 -16.68 -48.69
C PHE D 246 15.07 -17.78 -48.16
N HIS D 247 15.33 -18.21 -46.94
CA HIS D 247 14.69 -19.38 -46.34
C HIS D 247 13.75 -18.94 -45.23
N CYS D 248 12.51 -19.41 -45.28
CA CYS D 248 11.55 -19.14 -44.22
C CYS D 248 11.72 -20.16 -43.09
N LYS D 249 11.14 -19.83 -41.93
CA LYS D 249 11.12 -20.80 -40.83
C LYS D 249 10.31 -22.05 -41.21
N SER D 250 9.31 -21.89 -42.07
CA SER D 250 8.49 -23.03 -42.48
C SER D 250 9.29 -24.02 -43.30
N GLY D 251 10.07 -23.53 -44.27
CA GLY D 251 10.82 -24.39 -45.15
C GLY D 251 10.60 -24.09 -46.61
N VAL D 252 10.35 -22.82 -46.93
CA VAL D 252 10.11 -22.38 -48.29
C VAL D 252 11.20 -21.39 -48.69
N CYS D 253 11.68 -21.50 -49.93
CA CYS D 253 12.69 -20.61 -50.45
C CYS D 253 12.05 -19.60 -51.40
N ILE D 254 12.33 -18.33 -51.17
CA ILE D 254 11.74 -17.24 -51.95
C ILE D 254 12.87 -16.54 -52.70
N PRO D 255 12.54 -15.79 -53.75
CA PRO D 255 13.58 -15.03 -54.46
C PRO D 255 14.20 -13.95 -53.57
N SER D 256 15.31 -13.39 -54.05
CA SER D 256 16.06 -12.41 -53.26
C SER D 256 15.35 -11.06 -53.21
N GLN D 257 14.80 -10.60 -54.34
CA GLN D 257 14.10 -9.32 -54.35
C GLN D 257 12.76 -9.36 -53.63
N TYR D 258 12.35 -10.51 -53.09
CA TYR D 258 11.13 -10.59 -52.30
C TYR D 258 11.30 -10.05 -50.89
N GLN D 259 12.52 -9.72 -50.49
CA GLN D 259 12.77 -9.08 -49.20
C GLN D 259 12.65 -7.57 -49.34
N CYS D 260 11.96 -6.96 -48.36
CA CYS D 260 11.73 -5.51 -48.35
C CYS D 260 11.05 -5.05 -49.63
N ASN D 261 9.98 -5.76 -50.00
CA ASN D 261 9.22 -5.45 -51.20
C ASN D 261 7.80 -4.98 -50.92
N GLY D 262 7.40 -4.94 -49.65
CA GLY D 262 6.06 -4.49 -49.31
C GLY D 262 4.98 -5.55 -49.40
N GLU D 263 5.32 -6.80 -49.12
CA GLU D 263 4.33 -7.88 -49.18
C GLU D 263 4.84 -9.05 -48.37
N VAL D 264 4.01 -9.58 -47.48
CA VAL D 264 4.38 -10.72 -46.65
C VAL D 264 4.43 -11.97 -47.52
N ASP D 265 5.61 -12.57 -47.64
CA ASP D 265 5.81 -13.75 -48.48
C ASP D 265 5.82 -15.04 -47.66
N CYS D 266 6.71 -15.13 -46.66
CA CYS D 266 6.69 -16.27 -45.75
C CYS D 266 5.41 -16.27 -44.92
N ILE D 267 4.97 -17.47 -44.53
CA ILE D 267 3.84 -17.54 -43.61
C ILE D 267 4.25 -17.01 -42.24
N THR D 268 5.53 -17.14 -41.87
CA THR D 268 6.01 -16.55 -40.64
C THR D 268 6.15 -15.04 -40.77
N GLY D 269 6.70 -14.57 -41.88
CA GLY D 269 6.84 -13.15 -42.13
C GLY D 269 8.17 -12.54 -41.79
N GLU D 270 9.24 -13.34 -41.71
CA GLU D 270 10.55 -12.83 -41.33
C GLU D 270 11.29 -12.15 -42.48
N ASP D 271 10.72 -12.12 -43.68
CA ASP D 271 11.39 -11.51 -44.82
C ASP D 271 11.23 -10.00 -44.87
N GLU D 272 10.27 -9.43 -44.14
CA GLU D 272 9.96 -8.01 -44.23
C GLU D 272 10.22 -7.28 -42.92
N VAL D 273 11.14 -7.79 -42.09
CA VAL D 273 11.46 -7.17 -40.82
C VAL D 273 12.81 -6.47 -40.95
N GLY D 274 12.93 -5.34 -40.26
CA GLY D 274 14.15 -4.54 -40.32
C GLY D 274 14.46 -4.03 -41.71
N CYS D 275 13.45 -3.52 -42.40
CA CYS D 275 13.60 -3.06 -43.79
C CYS D 275 13.64 -1.54 -43.79
N ALA D 276 14.84 -0.99 -43.93
CA ALA D 276 15.01 0.45 -44.12
C ALA D 276 15.32 0.83 -45.56
N GLY D 277 15.46 -0.16 -46.44
CA GLY D 277 15.74 0.10 -47.84
C GLY D 277 14.54 0.57 -48.63
N GLU D 284 13.51 4.63 -64.46
CA GLU D 284 12.13 4.17 -64.46
C GLU D 284 11.33 4.83 -65.57
N GLU D 285 11.96 5.00 -66.74
CA GLU D 285 11.33 5.63 -67.88
C GLU D 285 10.42 4.70 -68.66
N THR D 286 10.50 3.40 -68.41
CA THR D 286 9.78 2.42 -69.23
C THR D 286 8.27 2.67 -69.15
N GLU D 287 7.56 2.35 -70.23
CA GLU D 287 6.28 2.98 -70.52
C GLU D 287 5.18 1.97 -70.80
N ILE D 288 4.04 2.16 -70.12
CA ILE D 288 2.70 1.75 -70.54
C ILE D 288 2.56 0.34 -71.09
N LEU D 289 1.54 0.16 -71.95
CA LEU D 289 1.09 -1.09 -72.55
C LEU D 289 0.35 -1.91 -71.49
N THR D 290 -0.83 -2.44 -71.86
CA THR D 290 -1.91 -2.83 -70.95
C THR D 290 -1.42 -3.02 -69.51
N ALA D 291 -1.90 -2.14 -68.64
CA ALA D 291 -1.34 -1.90 -67.32
C ALA D 291 -1.19 -3.16 -66.47
N ASP D 292 -0.12 -3.17 -65.68
CA ASP D 292 0.30 -4.29 -64.84
C ASP D 292 -0.83 -4.73 -63.92
N MET D 293 -1.21 -6.01 -64.02
CA MET D 293 -2.14 -6.61 -63.08
C MET D 293 -1.46 -7.23 -61.86
N ASP D 294 -0.16 -7.54 -61.94
CA ASP D 294 0.55 -8.11 -60.79
C ASP D 294 0.54 -7.15 -59.61
N ALA D 295 0.68 -5.84 -59.88
CA ALA D 295 0.61 -4.86 -58.81
C ALA D 295 -0.80 -4.78 -58.23
N GLU D 296 -1.82 -4.95 -59.07
CA GLU D 296 -3.19 -4.97 -58.58
C GLU D 296 -3.42 -6.14 -57.62
N ARG D 297 -2.69 -7.23 -57.80
CA ARG D 297 -2.78 -8.36 -56.86
C ARG D 297 -2.33 -7.95 -55.47
N ARG D 298 -1.22 -7.22 -55.36
CA ARG D 298 -0.75 -6.75 -54.06
C ARG D 298 -1.65 -5.67 -53.49
N ARG D 299 -2.29 -4.88 -54.35
CA ARG D 299 -3.21 -3.86 -53.86
C ARG D 299 -4.47 -4.49 -53.26
N ILE D 300 -4.96 -5.58 -53.86
CA ILE D 300 -6.14 -6.23 -53.32
C ILE D 300 -5.82 -6.90 -51.98
N LYS D 301 -4.62 -7.48 -51.86
CA LYS D 301 -4.22 -8.05 -50.57
C LYS D 301 -4.19 -7.00 -49.47
N SER D 302 -3.91 -5.74 -49.82
CA SER D 302 -3.94 -4.66 -48.84
C SER D 302 -5.35 -4.38 -48.32
N LEU D 303 -6.37 -4.73 -49.10
CA LEU D 303 -7.76 -4.51 -48.74
C LEU D 303 -8.41 -5.74 -48.12
N LEU D 304 -7.61 -6.69 -47.64
CA LEU D 304 -8.12 -7.86 -46.96
C LEU D 304 -8.47 -7.49 -45.52
N PRO D 305 -9.26 -8.35 -44.83
CA PRO D 305 -9.68 -8.02 -43.47
C PRO D 305 -8.54 -7.67 -42.51
N LYS D 306 -8.35 -6.38 -42.29
CA LYS D 306 -7.39 -5.88 -41.32
C LYS D 306 -8.10 -5.52 -40.03
N LEU D 307 -7.40 -5.72 -38.92
CA LEU D 307 -7.94 -5.67 -37.57
C LEU D 307 -6.81 -6.01 -36.61
N SER D 308 -7.01 -5.71 -35.33
CA SER D 308 -5.95 -5.91 -34.36
C SER D 308 -5.91 -7.34 -33.87
N CYS D 309 -4.68 -7.84 -33.68
CA CYS D 309 -4.43 -9.09 -32.97
C CYS D 309 -2.97 -9.11 -32.56
N GLY D 310 -2.70 -9.35 -31.29
CA GLY D 310 -1.34 -9.36 -30.81
C GLY D 310 -0.66 -8.01 -30.85
N VAL D 311 -1.43 -6.93 -30.67
CA VAL D 311 -0.89 -5.58 -30.74
C VAL D 311 -0.37 -5.20 -29.36
N LYS D 312 0.81 -4.57 -29.33
CA LYS D 312 1.34 -4.10 -28.05
C LYS D 312 0.58 -2.85 -27.57
N ASN D 313 0.40 -1.87 -28.43
CA ASN D 313 -0.28 -0.65 -28.06
C ASN D 313 -1.80 -0.86 -28.02
N ARG D 314 -2.49 0.11 -27.42
CA ARG D 314 -3.94 0.11 -27.38
C ARG D 314 -4.50 0.43 -28.78
N ILE E 1 4.04 -23.50 -13.45
CA ILE E 1 4.66 -22.22 -13.73
C ILE E 1 6.00 -22.11 -13.02
N VAL E 2 6.10 -22.79 -11.87
CA VAL E 2 7.27 -22.84 -10.99
C VAL E 2 8.12 -21.58 -11.06
N GLY E 3 9.31 -21.66 -11.66
CA GLY E 3 10.19 -20.51 -11.73
C GLY E 3 9.64 -19.47 -12.68
N GLY E 4 9.41 -18.26 -12.17
CA GLY E 4 8.86 -17.19 -12.98
C GLY E 4 8.64 -15.96 -12.13
N LYS E 5 8.19 -14.90 -12.77
CA LYS E 5 8.01 -13.62 -12.12
C LYS E 5 6.52 -13.29 -12.02
N ARG E 6 6.20 -12.36 -11.12
CA ARG E 6 4.83 -11.92 -10.91
C ARG E 6 4.34 -11.12 -12.12
N ALA E 7 3.26 -11.58 -12.74
CA ALA E 7 2.65 -10.81 -13.81
C ALA E 7 2.06 -9.52 -13.27
N GLN E 8 2.16 -8.46 -14.07
CA GLN E 8 1.55 -7.18 -13.77
C GLN E 8 0.72 -6.73 -14.96
N LEU E 9 -0.11 -5.71 -14.74
CA LEU E 9 -1.24 -5.38 -15.61
C LEU E 9 -0.92 -5.46 -17.11
N GLY E 10 0.17 -4.84 -17.54
CA GLY E 10 0.41 -4.75 -18.98
C GLY E 10 0.85 -6.06 -19.61
N ASP E 11 1.57 -6.89 -18.87
CA ASP E 11 2.14 -8.09 -19.46
C ASP E 11 1.07 -9.17 -19.63
N LEU E 12 1.29 -10.03 -20.63
CA LEU E 12 0.38 -11.06 -21.10
C LEU E 12 -1.09 -10.62 -21.01
N PRO E 13 -1.56 -9.82 -21.96
CA PRO E 13 -2.97 -9.41 -21.92
C PRO E 13 -3.93 -10.53 -22.24
N TRP E 14 -3.50 -11.51 -23.05
CA TRP E 14 -4.38 -12.58 -23.50
C TRP E 14 -4.76 -13.56 -22.40
N GLN E 15 -4.27 -13.38 -21.18
CA GLN E 15 -4.56 -14.34 -20.12
C GLN E 15 -5.97 -14.16 -19.56
N VAL E 16 -6.66 -15.27 -19.38
CA VAL E 16 -8.02 -15.27 -18.87
C VAL E 16 -8.13 -16.36 -17.82
N ALA E 17 -8.70 -16.01 -16.67
CA ALA E 17 -8.92 -16.96 -15.59
C ALA E 17 -10.36 -17.43 -15.62
N ILE E 18 -10.58 -18.67 -15.21
CA ILE E 18 -11.92 -19.23 -15.06
C ILE E 18 -12.04 -19.76 -13.63
N LYS E 19 -13.00 -19.21 -12.88
CA LYS E 19 -13.17 -19.48 -11.47
C LYS E 19 -14.53 -20.13 -11.22
N ASP E 20 -14.53 -21.26 -10.52
CA ASP E 20 -15.72 -21.97 -10.16
C ASP E 20 -16.17 -21.49 -8.77
N ALA E 21 -17.15 -22.18 -8.18
CA ALA E 21 -17.54 -21.84 -6.81
C ALA E 21 -16.45 -22.20 -5.83
N SER E 22 -15.68 -23.25 -6.12
CA SER E 22 -14.63 -23.72 -5.23
C SER E 22 -13.27 -23.25 -5.76
N GLY E 23 -12.97 -21.98 -5.50
CA GLY E 23 -11.69 -21.45 -5.92
C GLY E 23 -11.61 -21.28 -7.42
N ILE E 24 -10.39 -21.44 -7.94
CA ILE E 24 -10.07 -21.30 -9.35
C ILE E 24 -9.46 -22.61 -9.83
N THR E 25 -9.94 -23.11 -10.97
CA THR E 25 -9.53 -24.42 -11.45
C THR E 25 -8.45 -24.31 -12.51
N CYS E 26 -8.81 -23.79 -13.69
CA CYS E 26 -7.85 -23.57 -14.76
C CYS E 26 -7.99 -22.15 -15.31
N GLY E 27 -7.67 -21.96 -16.58
CA GLY E 27 -7.80 -20.66 -17.20
C GLY E 27 -7.53 -20.73 -18.68
N GLY E 28 -8.24 -19.91 -19.47
CA GLY E 28 -8.16 -19.94 -20.90
C GLY E 28 -7.44 -18.74 -21.48
N ILE E 29 -7.67 -18.52 -22.77
CA ILE E 29 -7.04 -17.42 -23.49
C ILE E 29 -8.08 -16.79 -24.42
N TYR E 30 -8.04 -15.46 -24.49
CA TYR E 30 -8.99 -14.67 -25.27
C TYR E 30 -8.46 -14.49 -26.69
N ILE E 31 -9.24 -14.90 -27.68
CA ILE E 31 -8.83 -14.80 -29.07
C ILE E 31 -9.73 -13.84 -29.87
N GLY E 32 -10.45 -12.97 -29.17
CA GLY E 32 -11.23 -11.93 -29.80
C GLY E 32 -12.72 -12.20 -29.74
N GLY E 33 -13.49 -11.12 -29.92
CA GLY E 33 -14.94 -11.24 -29.93
C GLY E 33 -15.47 -11.69 -28.59
N CYS E 34 -16.23 -12.79 -28.61
CA CYS E 34 -16.82 -13.40 -27.42
C CYS E 34 -16.47 -14.88 -27.36
N TRP E 35 -15.20 -15.20 -27.60
CA TRP E 35 -14.78 -16.59 -27.65
C TRP E 35 -13.50 -16.77 -26.83
N ILE E 36 -13.41 -17.91 -26.14
CA ILE E 36 -12.27 -18.25 -25.30
C ILE E 36 -11.80 -19.65 -25.66
N LEU E 37 -10.49 -19.85 -25.69
CA LEU E 37 -9.88 -21.13 -26.00
C LEU E 37 -9.31 -21.73 -24.72
N THR E 38 -9.89 -22.84 -24.27
CA THR E 38 -9.43 -23.54 -23.07
C THR E 38 -9.23 -25.03 -23.35
N ALA E 39 -9.00 -25.80 -22.30
CA ALA E 39 -8.93 -27.25 -22.40
C ALA E 39 -10.30 -27.85 -22.14
N ALA E 40 -10.58 -28.96 -22.83
CA ALA E 40 -11.90 -29.59 -22.71
C ALA E 40 -12.07 -30.36 -21.41
N HIS E 41 -11.01 -30.98 -20.90
CA HIS E 41 -11.16 -31.84 -19.72
C HIS E 41 -11.44 -31.02 -18.46
N CYS E 42 -10.96 -29.78 -18.41
CA CYS E 42 -11.09 -28.97 -17.20
C CYS E 42 -12.51 -28.44 -17.03
N LEU E 43 -13.14 -28.01 -18.12
CA LEU E 43 -14.46 -27.40 -18.08
C LEU E 43 -15.59 -28.37 -18.43
N ARG E 44 -15.32 -29.66 -18.52
CA ARG E 44 -16.35 -30.63 -18.88
C ARG E 44 -17.37 -30.78 -17.76
N ALA E 45 -18.06 -29.69 -17.42
CA ALA E 45 -19.01 -29.71 -16.31
C ALA E 45 -20.43 -29.35 -16.69
N SER E 46 -20.66 -28.71 -17.84
CA SER E 46 -21.99 -28.42 -18.37
C SER E 46 -22.88 -27.66 -17.39
N LYS E 47 -22.30 -27.12 -16.31
CA LYS E 47 -22.99 -26.21 -15.41
C LYS E 47 -22.58 -24.78 -15.77
N THR E 48 -23.13 -24.32 -16.90
CA THR E 48 -22.59 -23.16 -17.57
C THR E 48 -22.92 -21.87 -16.83
N HIS E 49 -24.08 -21.80 -16.20
CA HIS E 49 -24.49 -20.55 -15.57
C HIS E 49 -23.64 -20.23 -14.35
N ARG E 50 -23.15 -21.25 -13.65
CA ARG E 50 -22.37 -21.02 -12.45
C ARG E 50 -20.92 -20.65 -12.73
N TYR E 51 -20.47 -20.83 -13.97
CA TYR E 51 -19.07 -20.61 -14.31
C TYR E 51 -18.80 -19.12 -14.42
N GLN E 52 -17.58 -18.71 -14.08
CA GLN E 52 -17.19 -17.31 -14.18
C GLN E 52 -15.92 -17.18 -14.99
N ILE E 53 -15.74 -16.02 -15.61
CA ILE E 53 -14.60 -15.72 -16.47
C ILE E 53 -14.04 -14.37 -16.06
N TRP E 54 -12.76 -14.34 -15.72
CA TRP E 54 -12.09 -13.13 -15.26
C TRP E 54 -11.00 -12.74 -16.26
N THR E 55 -10.78 -11.43 -16.40
CA THR E 55 -9.75 -10.90 -17.28
C THR E 55 -8.98 -9.82 -16.53
N THR E 56 -7.74 -9.60 -16.97
CA THR E 56 -6.80 -8.71 -16.28
C THR E 56 -6.79 -9.03 -14.78
N VAL E 57 -6.49 -10.30 -14.49
CA VAL E 57 -6.64 -10.83 -13.13
C VAL E 57 -5.57 -10.28 -12.20
N VAL E 58 -4.40 -9.90 -12.74
CA VAL E 58 -3.31 -9.32 -11.98
C VAL E 58 -2.86 -10.26 -10.87
N ASP E 59 -3.14 -9.89 -9.62
CA ASP E 59 -2.73 -10.63 -8.44
C ASP E 59 -3.97 -10.89 -7.60
N TRP E 60 -4.23 -12.16 -7.30
CA TRP E 60 -5.50 -12.57 -6.73
C TRP E 60 -5.61 -12.20 -5.26
N ILE E 61 -6.82 -12.37 -4.71
CA ILE E 61 -7.27 -12.02 -3.35
C ILE E 61 -6.79 -10.64 -2.87
N HIS E 62 -6.29 -9.88 -3.84
CA HIS E 62 -6.58 -8.46 -3.99
C HIS E 62 -6.88 -8.39 -5.47
N PRO E 63 -7.36 -7.27 -5.94
CA PRO E 63 -7.16 -6.93 -7.34
C PRO E 63 -7.11 -5.42 -7.49
N ASP E 64 -7.05 -4.93 -8.72
CA ASP E 64 -7.35 -3.51 -8.95
C ASP E 64 -8.85 -3.49 -9.26
N LEU E 65 -9.65 -3.09 -8.28
CA LEU E 65 -11.11 -3.07 -8.43
C LEU E 65 -11.58 -2.29 -9.66
N LYS E 66 -10.69 -1.49 -10.26
CA LYS E 66 -11.05 -0.70 -11.42
C LYS E 66 -11.27 -1.57 -12.66
N ARG E 67 -10.20 -2.05 -13.28
CA ARG E 67 -10.27 -2.77 -14.56
C ARG E 67 -10.01 -4.27 -14.34
N ILE E 68 -10.87 -4.81 -13.49
CA ILE E 68 -10.81 -6.22 -13.14
C ILE E 68 -12.05 -6.85 -13.74
N VAL E 69 -12.40 -6.43 -14.97
CA VAL E 69 -13.69 -6.78 -15.55
C VAL E 69 -13.84 -8.28 -15.74
N ILE E 70 -14.99 -8.81 -15.33
CA ILE E 70 -15.33 -10.22 -15.50
C ILE E 70 -16.60 -10.31 -16.35
N GLU E 71 -16.74 -11.42 -17.06
CA GLU E 71 -17.87 -11.64 -17.96
C GLU E 71 -18.46 -13.01 -17.70
N TYR E 72 -19.78 -13.12 -17.91
CA TYR E 72 -20.50 -14.35 -17.69
C TYR E 72 -20.23 -15.33 -18.82
N VAL E 73 -20.65 -16.58 -18.62
CA VAL E 73 -20.49 -17.63 -19.62
C VAL E 73 -21.86 -17.94 -20.21
N ASP E 74 -21.95 -17.87 -21.54
CA ASP E 74 -23.19 -18.12 -22.26
C ASP E 74 -23.31 -19.56 -22.75
N ARG E 75 -22.27 -20.06 -23.40
CA ARG E 75 -22.34 -21.31 -24.15
C ARG E 75 -21.02 -22.05 -24.04
N ILE E 76 -21.10 -23.38 -23.98
CA ILE E 76 -19.92 -24.23 -23.98
C ILE E 76 -19.89 -25.03 -25.27
N ILE E 77 -18.68 -25.39 -25.70
CA ILE E 77 -18.47 -26.19 -26.91
C ILE E 77 -17.30 -27.11 -26.63
N PHE E 78 -17.57 -28.41 -26.57
CA PHE E 78 -16.54 -29.40 -26.33
C PHE E 78 -16.23 -30.14 -27.63
N HIS E 79 -14.99 -30.62 -27.74
CA HIS E 79 -14.62 -31.41 -28.90
C HIS E 79 -15.29 -32.78 -28.81
N GLU E 80 -15.92 -33.20 -29.91
CA GLU E 80 -16.68 -34.44 -29.89
C GLU E 80 -15.77 -35.65 -29.75
N ASN E 81 -14.80 -35.79 -30.66
CA ASN E 81 -13.90 -36.93 -30.62
C ASN E 81 -12.87 -36.79 -29.50
N TYR E 82 -13.28 -36.18 -28.38
CA TYR E 82 -12.41 -36.09 -27.22
C TYR E 82 -12.31 -37.44 -26.54
N ASN E 83 -11.08 -37.88 -26.26
CA ASN E 83 -10.83 -39.11 -25.54
C ASN E 83 -10.36 -38.78 -24.13
N ALA E 84 -10.98 -39.41 -23.14
CA ALA E 84 -10.63 -39.13 -21.76
C ALA E 84 -9.42 -39.93 -21.29
N GLY E 85 -9.13 -41.07 -21.91
CA GLY E 85 -8.02 -41.90 -21.51
C GLY E 85 -6.69 -41.38 -22.01
N THR E 86 -6.60 -41.06 -23.30
CA THR E 86 -5.38 -40.57 -23.92
C THR E 86 -5.32 -39.05 -23.99
N TYR E 87 -6.37 -38.36 -23.55
CA TYR E 87 -6.43 -36.89 -23.56
C TYR E 87 -6.25 -36.31 -24.96
N GLN E 88 -6.76 -37.02 -25.97
CA GLN E 88 -6.72 -36.49 -27.33
C GLN E 88 -7.89 -35.53 -27.55
N ASN E 89 -7.68 -34.58 -28.45
CA ASN E 89 -8.69 -33.59 -28.81
C ASN E 89 -9.17 -32.83 -27.57
N ASP E 90 -8.22 -32.42 -26.73
CA ASP E 90 -8.54 -31.72 -25.49
C ASP E 90 -8.61 -30.24 -25.78
N ILE E 91 -9.74 -29.83 -26.35
CA ILE E 91 -9.96 -28.44 -26.74
C ILE E 91 -11.43 -28.11 -26.56
N ALA E 92 -11.71 -26.85 -26.24
CA ALA E 92 -13.07 -26.42 -25.99
C ALA E 92 -13.16 -24.91 -26.19
N LEU E 93 -14.36 -24.45 -26.53
CA LEU E 93 -14.61 -23.04 -26.77
C LEU E 93 -15.62 -22.53 -25.75
N ILE E 94 -15.50 -21.25 -25.41
CA ILE E 94 -16.38 -20.60 -24.44
C ILE E 94 -16.97 -19.36 -25.09
N GLU E 95 -18.28 -19.25 -25.07
CA GLU E 95 -18.98 -18.07 -25.58
C GLU E 95 -19.43 -17.24 -24.38
N MET E 96 -19.00 -15.98 -24.35
CA MET E 96 -19.33 -15.08 -23.26
C MET E 96 -20.60 -14.30 -23.57
N LYS E 97 -21.49 -14.21 -22.59
CA LYS E 97 -22.75 -13.51 -22.75
C LYS E 97 -22.56 -12.03 -22.49
N LYS E 98 -23.22 -11.19 -23.27
CA LYS E 98 -23.21 -9.76 -23.08
C LYS E 98 -24.63 -9.22 -23.16
N ASP E 99 -24.84 -8.07 -22.54
CA ASP E 99 -26.17 -7.47 -22.47
C ASP E 99 -26.69 -7.13 -23.86
N GLY E 100 -28.02 -7.07 -23.98
CA GLY E 100 -28.66 -6.82 -25.26
C GLY E 100 -28.42 -5.42 -25.80
N ASN E 101 -28.04 -4.47 -24.95
CA ASN E 101 -27.80 -3.11 -25.43
C ASN E 101 -26.60 -3.04 -26.35
N LYS E 102 -25.48 -3.61 -25.93
CA LYS E 102 -24.26 -3.66 -26.73
C LYS E 102 -24.06 -5.09 -27.23
N LYS E 103 -24.02 -5.26 -28.55
CA LYS E 103 -23.84 -6.58 -29.13
C LYS E 103 -22.36 -6.92 -29.21
N ASP E 104 -22.05 -8.20 -28.95
CA ASP E 104 -20.69 -8.72 -28.81
C ASP E 104 -19.99 -8.17 -27.57
N CYS E 105 -18.85 -8.77 -27.22
CA CYS E 105 -18.14 -8.43 -26.00
C CYS E 105 -17.13 -7.32 -26.26
N GLU E 106 -17.27 -6.21 -25.53
CA GLU E 106 -16.37 -5.06 -25.66
C GLU E 106 -15.42 -5.13 -24.47
N LEU E 107 -14.25 -5.71 -24.69
CA LEU E 107 -13.24 -5.86 -23.64
C LEU E 107 -12.06 -4.94 -23.95
N PRO E 108 -12.00 -3.73 -23.37
CA PRO E 108 -11.00 -2.75 -23.80
C PRO E 108 -9.61 -2.93 -23.22
N ARG E 109 -9.37 -3.93 -22.36
CA ARG E 109 -8.08 -4.09 -21.70
C ARG E 109 -7.31 -5.27 -22.27
N SER E 110 -7.78 -6.50 -22.07
CA SER E 110 -7.08 -7.66 -22.58
C SER E 110 -7.08 -7.66 -24.10
N ILE E 111 -5.95 -8.05 -24.67
CA ILE E 111 -5.73 -7.99 -26.12
C ILE E 111 -5.90 -9.40 -26.68
N PRO E 112 -6.65 -9.57 -27.77
CA PRO E 112 -6.84 -10.90 -28.33
C PRO E 112 -5.55 -11.54 -28.81
N ALA E 113 -5.59 -12.86 -28.97
CA ALA E 113 -4.44 -13.65 -29.38
C ALA E 113 -4.80 -14.37 -30.67
N CYS E 114 -3.94 -14.24 -31.68
CA CYS E 114 -4.15 -14.84 -32.98
C CYS E 114 -4.10 -16.36 -32.89
N VAL E 115 -4.56 -17.02 -33.94
CA VAL E 115 -4.69 -18.47 -33.98
C VAL E 115 -3.85 -18.99 -35.14
N PRO E 116 -3.04 -20.03 -34.94
CA PRO E 116 -2.23 -20.57 -36.03
C PRO E 116 -3.04 -21.39 -37.01
N TRP E 117 -2.63 -21.33 -38.28
CA TRP E 117 -3.28 -22.04 -39.36
C TRP E 117 -2.49 -23.23 -39.86
N SER E 118 -1.19 -23.29 -39.59
CA SER E 118 -0.33 -24.36 -40.09
C SER E 118 0.58 -24.88 -39.00
N PRO E 119 0.83 -26.20 -38.97
CA PRO E 119 1.79 -26.74 -38.00
C PRO E 119 3.24 -26.31 -38.25
N TYR E 120 3.53 -25.71 -39.40
CA TYR E 120 4.88 -25.26 -39.72
C TYR E 120 5.15 -23.83 -39.28
N LEU E 121 4.21 -23.18 -38.59
CA LEU E 121 4.41 -21.80 -38.17
C LEU E 121 5.53 -21.67 -37.15
N PHE E 122 5.56 -22.56 -36.15
CA PHE E 122 6.60 -22.53 -35.14
C PHE E 122 7.30 -23.88 -35.06
N GLN E 123 8.60 -23.82 -34.75
CA GLN E 123 9.46 -24.99 -34.72
C GLN E 123 10.09 -25.13 -33.32
N PRO E 124 10.70 -26.27 -33.01
CA PRO E 124 11.42 -26.39 -31.73
C PRO E 124 12.52 -25.36 -31.61
N ASN E 125 13.06 -25.26 -30.39
CA ASN E 125 14.09 -24.31 -29.99
C ASN E 125 13.61 -22.87 -30.01
N ASP E 126 12.30 -22.64 -30.08
CA ASP E 126 11.75 -21.30 -30.08
C ASP E 126 11.39 -20.86 -28.66
N THR E 127 11.57 -19.57 -28.40
CA THR E 127 11.29 -18.99 -27.09
C THR E 127 9.78 -18.83 -26.93
N CYS E 128 9.17 -19.69 -26.13
CA CYS E 128 7.74 -19.64 -25.86
C CYS E 128 7.51 -19.33 -24.38
N ILE E 129 6.32 -18.82 -24.08
CA ILE E 129 5.99 -18.36 -22.73
C ILE E 129 4.70 -19.04 -22.29
N VAL E 130 4.77 -19.77 -21.18
CA VAL E 130 3.61 -20.39 -20.56
C VAL E 130 3.29 -19.61 -19.29
N SER E 131 2.03 -19.19 -19.15
CA SER E 131 1.61 -18.39 -18.01
C SER E 131 0.25 -18.87 -17.52
N GLY E 132 0.06 -18.87 -16.21
CA GLY E 132 -1.22 -19.30 -15.66
C GLY E 132 -1.26 -19.16 -14.17
N TRP E 133 -2.30 -19.76 -13.59
CA TRP E 133 -2.51 -19.75 -12.13
C TRP E 133 -2.16 -21.13 -11.60
N GLY E 134 -0.86 -21.39 -11.51
CA GLY E 134 -0.37 -22.72 -11.21
C GLY E 134 0.34 -22.87 -9.88
N ARG E 135 1.12 -23.94 -9.76
CA ARG E 135 1.78 -24.30 -8.51
C ARG E 135 3.28 -24.41 -8.70
N GLU E 136 4.04 -23.51 -8.08
CA GLU E 136 5.46 -23.72 -7.94
C GLU E 136 5.69 -24.83 -6.92
N LYS E 137 6.78 -25.58 -7.09
CA LYS E 137 7.08 -26.69 -6.19
C LYS E 137 5.88 -27.62 -6.12
N ASP E 138 5.19 -27.61 -4.98
CA ASP E 138 3.83 -28.13 -4.89
C ASP E 138 2.93 -27.16 -4.13
N ASN E 139 3.44 -25.99 -3.76
CA ASN E 139 2.72 -25.05 -2.91
C ASN E 139 1.44 -24.58 -3.60
N GLU E 140 0.34 -24.57 -2.84
CA GLU E 140 -0.95 -24.04 -3.31
C GLU E 140 -0.86 -22.57 -3.68
N ARG E 141 0.32 -22.11 -4.13
CA ARG E 141 0.55 -20.74 -4.54
C ARG E 141 -0.23 -20.39 -5.79
N VAL E 142 -1.55 -20.57 -5.76
CA VAL E 142 -2.41 -20.15 -6.86
C VAL E 142 -2.96 -18.77 -6.51
N PHE E 143 -2.14 -17.99 -5.80
CA PHE E 143 -2.48 -16.63 -5.43
C PHE E 143 -1.89 -15.58 -6.37
N SER E 144 -0.66 -15.77 -6.84
CA SER E 144 -0.02 -14.81 -7.72
C SER E 144 0.22 -15.42 -9.09
N LEU E 145 0.07 -14.60 -10.13
CA LEU E 145 0.24 -15.07 -11.49
C LEU E 145 1.73 -15.12 -11.82
N GLN E 146 2.21 -16.28 -12.27
CA GLN E 146 3.60 -16.46 -12.62
C GLN E 146 3.73 -16.77 -14.11
N TRP E 147 4.81 -16.27 -14.71
CA TRP E 147 5.08 -16.53 -16.12
C TRP E 147 6.56 -16.79 -16.31
N GLY E 148 6.88 -17.63 -17.28
CA GLY E 148 8.27 -17.98 -17.56
C GLY E 148 8.44 -18.43 -18.98
N GLU E 149 9.69 -18.38 -19.44
CA GLU E 149 10.00 -18.74 -20.82
C GLU E 149 10.31 -20.23 -20.93
N VAL E 150 9.79 -20.86 -21.98
CA VAL E 150 10.01 -22.26 -22.27
C VAL E 150 10.33 -22.41 -23.75
N LYS E 151 10.97 -23.52 -24.09
CA LYS E 151 11.29 -23.84 -25.48
C LYS E 151 10.55 -25.10 -25.91
N LEU E 152 10.12 -25.11 -27.17
CA LEU E 152 9.51 -26.30 -27.75
C LEU E 152 10.57 -27.34 -28.07
N ILE E 153 10.28 -28.59 -27.75
CA ILE E 153 11.18 -29.69 -28.02
C ILE E 153 10.52 -30.63 -29.01
N SER E 154 11.33 -31.22 -29.89
CA SER E 154 10.84 -32.03 -30.99
C SER E 154 10.94 -33.52 -30.66
N ASN E 155 10.10 -34.30 -31.33
CA ASN E 155 9.98 -35.74 -31.11
C ASN E 155 9.81 -36.07 -29.63
N CYS E 156 8.60 -35.85 -29.11
CA CYS E 156 8.31 -36.13 -27.72
C CYS E 156 7.98 -37.60 -27.47
N SER E 157 7.92 -38.43 -28.53
CA SER E 157 7.62 -39.84 -28.36
C SER E 157 8.74 -40.60 -27.65
N LYS E 158 9.92 -40.01 -27.50
CA LYS E 158 10.99 -40.66 -26.76
C LYS E 158 10.73 -40.66 -25.26
N PHE E 159 10.10 -39.60 -24.75
CA PHE E 159 9.94 -39.43 -23.31
C PHE E 159 8.62 -39.96 -22.76
N TYR E 160 7.54 -39.92 -23.55
CA TYR E 160 6.25 -40.38 -23.09
C TYR E 160 5.77 -41.65 -23.78
N GLY E 161 6.28 -41.95 -24.98
CA GLY E 161 5.96 -43.20 -25.63
C GLY E 161 4.58 -43.25 -26.26
N ASN E 162 3.76 -44.20 -25.81
CA ASN E 162 2.46 -44.42 -26.42
C ASN E 162 1.47 -43.30 -26.12
N ARG E 163 1.69 -42.55 -25.05
CA ARG E 163 0.74 -41.53 -24.64
C ARG E 163 0.79 -40.28 -25.49
N PHE E 164 1.88 -40.04 -26.21
CA PHE E 164 2.04 -38.82 -27.00
C PHE E 164 1.64 -39.04 -28.45
N TYR E 165 1.06 -38.00 -29.05
CA TYR E 165 0.61 -38.03 -30.44
C TYR E 165 1.03 -36.72 -31.10
N GLU E 166 1.95 -36.82 -32.08
CA GLU E 166 2.54 -35.63 -32.67
C GLU E 166 1.58 -34.86 -33.57
N LYS E 167 0.53 -35.51 -34.08
CA LYS E 167 -0.44 -34.79 -34.90
C LYS E 167 -1.30 -33.84 -34.07
N GLU E 168 -1.62 -34.22 -32.83
CA GLU E 168 -2.59 -33.49 -32.03
C GLU E 168 -2.02 -32.94 -30.73
N MET E 169 -0.74 -33.15 -30.45
CA MET E 169 -0.14 -32.67 -29.21
C MET E 169 1.22 -32.07 -29.51
N GLU E 170 1.78 -31.41 -28.50
CA GLU E 170 3.08 -30.74 -28.63
C GLU E 170 3.69 -30.61 -27.25
N CYS E 171 5.02 -30.74 -27.18
CA CYS E 171 5.74 -30.67 -25.93
C CYS E 171 6.59 -29.41 -25.86
N ALA E 172 6.61 -28.80 -24.67
CA ALA E 172 7.42 -27.61 -24.41
C ALA E 172 8.12 -27.81 -23.08
N GLY E 173 9.44 -27.69 -23.09
CA GLY E 173 10.24 -27.89 -21.90
C GLY E 173 11.62 -27.30 -22.10
N THR E 174 12.27 -27.00 -20.98
CA THR E 174 13.58 -26.37 -21.00
C THR E 174 14.66 -27.41 -20.73
N TYR E 175 15.69 -27.43 -21.57
CA TYR E 175 16.78 -28.36 -21.40
C TYR E 175 17.65 -27.92 -20.23
N ASP E 176 17.86 -28.85 -19.29
CA ASP E 176 18.62 -28.62 -18.06
C ASP E 176 17.94 -27.60 -17.15
N GLY E 177 16.88 -26.95 -17.65
CA GLY E 177 16.09 -26.05 -16.83
C GLY E 177 14.91 -26.77 -16.21
N SER E 178 14.66 -26.49 -14.93
CA SER E 178 13.51 -27.06 -14.24
C SER E 178 12.24 -26.23 -14.37
N ILE E 179 12.31 -25.08 -15.04
CA ILE E 179 11.13 -24.25 -15.25
C ILE E 179 10.16 -25.00 -16.16
N ASP E 180 9.04 -25.43 -15.59
CA ASP E 180 8.08 -26.30 -16.27
C ASP E 180 6.71 -26.04 -15.69
N ALA E 181 5.78 -25.56 -16.53
CA ALA E 181 4.40 -25.40 -16.09
C ALA E 181 3.83 -26.76 -15.71
N CYS E 182 3.09 -26.80 -14.60
CA CYS E 182 2.70 -28.08 -14.05
C CYS E 182 1.54 -27.93 -13.08
N LYS E 183 0.59 -28.87 -13.16
CA LYS E 183 -0.67 -28.86 -12.40
C LYS E 183 -1.49 -27.58 -12.52
N GLY E 184 -1.49 -26.75 -11.47
CA GLY E 184 -2.51 -25.74 -11.28
C GLY E 184 -2.77 -24.80 -12.45
N ASP E 185 -1.81 -24.67 -13.34
CA ASP E 185 -1.92 -23.78 -14.50
C ASP E 185 -2.41 -24.53 -15.73
N SER E 186 -3.54 -25.23 -15.59
CA SER E 186 -4.09 -26.00 -16.68
C SER E 186 -4.85 -25.12 -17.66
N GLY E 187 -5.02 -25.62 -18.88
CA GLY E 187 -5.72 -24.93 -19.93
C GLY E 187 -5.10 -23.60 -20.35
N GLY E 188 -3.97 -23.25 -19.76
CA GLY E 188 -3.37 -21.96 -20.01
C GLY E 188 -2.79 -21.85 -21.41
N PRO E 189 -2.30 -20.66 -21.73
CA PRO E 189 -1.71 -20.40 -23.05
C PRO E 189 -0.26 -20.81 -23.18
N LEU E 190 0.06 -21.40 -24.32
CA LEU E 190 1.42 -21.62 -24.76
C LEU E 190 1.68 -20.62 -25.89
N VAL E 191 2.15 -19.44 -25.52
CA VAL E 191 2.28 -18.32 -26.44
C VAL E 191 3.72 -18.20 -26.91
N CYS E 192 3.90 -18.05 -28.21
CA CYS E 192 5.21 -17.81 -28.81
C CYS E 192 5.10 -16.64 -29.77
N MET E 193 6.18 -15.85 -29.85
CA MET E 193 6.21 -14.67 -30.68
C MET E 193 7.02 -14.92 -31.96
N ASP E 194 6.59 -14.29 -33.05
CA ASP E 194 7.26 -14.44 -34.34
C ASP E 194 8.26 -13.30 -34.51
N ALA E 195 8.78 -13.15 -35.73
CA ALA E 195 9.73 -12.07 -36.00
C ALA E 195 9.07 -10.70 -35.92
N ASN E 196 7.78 -10.62 -36.22
CA ASN E 196 7.02 -9.38 -36.06
C ASN E 196 6.49 -9.19 -34.65
N ASN E 197 6.79 -10.10 -33.72
CA ASN E 197 6.24 -10.11 -32.37
C ASN E 197 4.72 -10.26 -32.36
N VAL E 198 4.17 -10.87 -33.41
CA VAL E 198 2.76 -11.26 -33.40
C VAL E 198 2.58 -12.43 -32.44
N THR E 199 1.53 -12.36 -31.62
CA THR E 199 1.31 -13.31 -30.53
C THR E 199 0.34 -14.40 -30.99
N TYR E 200 0.81 -15.65 -30.96
CA TYR E 200 0.04 -16.80 -31.43
C TYR E 200 -0.20 -17.78 -30.28
N VAL E 201 -1.28 -18.55 -30.41
CA VAL E 201 -1.63 -19.57 -29.42
C VAL E 201 -1.23 -20.92 -30.01
N TRP E 202 0.02 -21.32 -29.74
CA TRP E 202 0.50 -22.59 -30.29
C TRP E 202 -0.18 -23.78 -29.65
N GLY E 203 -0.50 -23.69 -28.35
CA GLY E 203 -1.16 -24.78 -27.67
C GLY E 203 -1.76 -24.29 -26.36
N VAL E 204 -2.60 -25.15 -25.78
CA VAL E 204 -3.18 -24.90 -24.47
C VAL E 204 -2.88 -26.10 -23.58
N VAL E 205 -2.70 -25.82 -22.29
CA VAL E 205 -2.27 -26.84 -21.33
C VAL E 205 -3.30 -27.97 -21.27
N SER E 206 -2.94 -29.11 -21.85
CA SER E 206 -3.81 -30.29 -21.85
C SER E 206 -3.50 -31.10 -20.60
N TRP E 207 -2.50 -31.98 -20.70
CA TRP E 207 -2.12 -32.83 -19.58
C TRP E 207 -0.64 -32.67 -19.26
N GLY E 208 -0.13 -33.53 -18.38
CA GLY E 208 1.29 -33.59 -18.07
C GLY E 208 1.59 -34.78 -17.20
N GLU E 209 2.58 -34.69 -16.31
CA GLU E 209 2.85 -35.82 -15.42
C GLU E 209 3.61 -35.30 -14.18
N ASN E 210 2.86 -34.97 -13.13
CA ASN E 210 3.38 -34.63 -11.81
C ASN E 210 4.65 -33.78 -11.85
N CYS E 211 4.57 -32.69 -12.60
CA CYS E 211 5.67 -31.71 -12.71
C CYS E 211 6.91 -32.50 -13.14
N GLY E 212 8.01 -32.51 -12.38
CA GLY E 212 9.12 -33.42 -12.71
C GLY E 212 10.36 -32.85 -13.39
N LYS E 213 10.55 -31.54 -13.38
CA LYS E 213 11.83 -30.96 -13.79
C LYS E 213 12.10 -31.26 -15.27
N PRO E 214 13.31 -30.99 -15.83
CA PRO E 214 13.50 -31.23 -17.28
C PRO E 214 13.46 -32.69 -17.70
N GLU E 215 12.96 -33.57 -16.84
CA GLU E 215 12.84 -34.98 -17.22
C GLU E 215 11.61 -35.22 -18.08
N PHE E 216 10.47 -34.67 -17.70
CA PHE E 216 9.21 -34.86 -18.42
C PHE E 216 8.59 -33.49 -18.68
N PRO E 217 8.74 -32.95 -19.88
CA PRO E 217 8.22 -31.61 -20.15
C PRO E 217 6.70 -31.61 -20.23
N GLY E 218 6.14 -30.41 -20.12
CA GLY E 218 4.70 -30.26 -20.17
C GLY E 218 4.15 -30.56 -21.55
N VAL E 219 2.97 -31.16 -21.59
CA VAL E 219 2.31 -31.53 -22.83
C VAL E 219 1.14 -30.58 -23.06
N TYR E 220 1.05 -30.06 -24.28
CA TYR E 220 -0.02 -29.15 -24.67
C TYR E 220 -0.64 -29.65 -25.96
N THR E 221 -1.97 -29.59 -26.04
CA THR E 221 -2.66 -29.99 -27.26
C THR E 221 -2.44 -28.92 -28.33
N LYS E 222 -1.97 -29.35 -29.50
CA LYS E 222 -1.54 -28.40 -30.53
C LYS E 222 -2.75 -27.76 -31.19
N VAL E 223 -2.74 -26.43 -31.26
CA VAL E 223 -3.90 -25.69 -31.76
C VAL E 223 -3.97 -25.75 -33.28
N ALA E 224 -2.82 -25.71 -33.96
CA ALA E 224 -2.82 -25.62 -35.41
C ALA E 224 -3.54 -26.79 -36.07
N ASN E 225 -3.61 -27.94 -35.38
CA ASN E 225 -4.33 -29.07 -35.94
C ASN E 225 -5.83 -28.87 -35.88
N TYR E 226 -6.31 -28.08 -34.91
CA TYR E 226 -7.73 -27.80 -34.75
C TYR E 226 -8.11 -26.42 -35.27
N PHE E 227 -7.43 -25.96 -36.31
CA PHE E 227 -7.74 -24.65 -36.90
C PHE E 227 -9.13 -24.66 -37.52
N ASP E 228 -9.45 -25.70 -38.28
CA ASP E 228 -10.76 -25.78 -38.92
C ASP E 228 -11.87 -25.96 -37.90
N TRP E 229 -11.56 -26.58 -36.76
CA TRP E 229 -12.56 -26.73 -35.71
C TRP E 229 -12.97 -25.39 -35.13
N ILE E 230 -12.00 -24.51 -34.86
CA ILE E 230 -12.32 -23.21 -34.28
C ILE E 230 -12.95 -22.31 -35.33
N SER E 231 -12.42 -22.33 -36.55
CA SER E 231 -12.93 -21.46 -37.61
C SER E 231 -14.39 -21.76 -37.95
N TYR E 232 -14.77 -23.03 -37.86
CA TYR E 232 -16.13 -23.43 -38.19
C TYR E 232 -17.15 -22.78 -37.26
N HIS E 233 -16.82 -22.64 -35.98
CA HIS E 233 -17.76 -22.16 -34.99
C HIS E 233 -17.81 -20.64 -34.87
N VAL E 234 -16.70 -19.94 -35.15
CA VAL E 234 -16.63 -18.50 -34.90
C VAL E 234 -16.79 -17.67 -36.17
N GLY E 235 -17.03 -18.30 -37.31
CA GLY E 235 -17.37 -17.58 -38.53
C GLY E 235 -16.26 -16.84 -39.24
N ARG E 236 -15.18 -17.54 -39.57
CA ARG E 236 -14.01 -16.99 -40.27
C ARG E 236 -13.55 -15.72 -39.55
N PRO E 237 -12.72 -15.86 -38.52
CA PRO E 237 -12.62 -14.80 -37.51
C PRO E 237 -11.63 -13.69 -37.81
N PHE E 238 -10.88 -13.33 -36.76
CA PHE E 238 -10.05 -12.13 -36.76
C PHE E 238 -8.92 -12.25 -37.77
N ILE E 239 -8.13 -13.32 -37.66
CA ILE E 239 -6.83 -13.40 -38.31
C ILE E 239 -6.99 -13.51 -39.82
N SER E 240 -6.01 -12.97 -40.54
CA SER E 240 -5.97 -13.11 -41.99
C SER E 240 -5.64 -14.55 -42.36
N GLN E 241 -6.40 -15.11 -43.30
CA GLN E 241 -6.16 -16.48 -43.75
C GLN E 241 -4.78 -16.61 -44.40
N SER F 1 50.47 -4.51 52.60
CA SER F 1 49.10 -4.05 52.35
C SER F 1 48.71 -4.29 50.89
N PRO F 2 47.54 -4.88 50.68
CA PRO F 2 47.05 -5.04 49.31
C PRO F 2 46.62 -3.70 48.73
N MET F 3 46.94 -3.49 47.45
CA MET F 3 46.69 -2.21 46.80
C MET F 3 45.84 -2.42 45.56
N TYR F 4 44.71 -1.72 45.51
CA TYR F 4 43.77 -1.75 44.40
C TYR F 4 43.99 -0.49 43.58
N SER F 5 44.14 -0.64 42.26
CA SER F 5 44.39 0.51 41.41
C SER F 5 43.60 0.45 40.12
N ILE F 6 43.15 1.62 39.68
CA ILE F 6 42.36 1.80 38.47
C ILE F 6 43.11 2.79 37.58
N ILE F 7 43.02 2.59 36.28
CA ILE F 7 43.55 3.53 35.30
C ILE F 7 42.46 3.85 34.27
N THR F 8 42.23 5.14 34.03
CA THR F 8 41.29 5.60 33.02
C THR F 8 41.89 6.76 32.24
N PRO F 9 41.61 6.84 30.93
CA PRO F 9 42.15 7.94 30.12
C PRO F 9 41.98 9.30 30.78
N ASN F 10 42.91 10.21 30.50
CA ASN F 10 42.84 11.56 31.06
C ASN F 10 41.49 12.23 30.80
N ILE F 11 40.99 12.10 29.56
CA ILE F 11 39.71 12.67 29.14
C ILE F 11 38.83 11.55 28.61
N LEU F 12 37.57 11.54 29.01
CA LEU F 12 36.61 10.57 28.53
C LEU F 12 35.72 11.22 27.48
N ARG F 13 35.53 10.52 26.37
CA ARG F 13 34.75 10.99 25.24
C ARG F 13 33.37 10.35 25.27
N LEU F 14 32.39 11.02 24.68
CA LEU F 14 31.03 10.51 24.66
C LEU F 14 30.79 9.63 23.44
N GLU F 15 29.88 8.66 23.60
CA GLU F 15 29.55 7.68 22.56
C GLU F 15 30.78 6.90 22.09
N SER F 16 31.79 6.79 22.92
CA SER F 16 33.03 6.09 22.57
C SER F 16 33.35 5.04 23.61
N GLU F 17 33.87 3.90 23.15
CA GLU F 17 34.24 2.81 24.03
C GLU F 17 35.52 3.13 24.80
N GLU F 18 35.43 3.14 26.12
CA GLU F 18 36.56 3.44 26.98
C GLU F 18 36.81 2.24 27.89
N THR F 19 38.08 1.86 28.04
CA THR F 19 38.47 0.73 28.86
C THR F 19 39.09 1.17 30.17
N MET F 20 38.91 0.36 31.21
CA MET F 20 39.45 0.62 32.54
C MET F 20 40.12 -0.66 33.02
N VAL F 21 41.39 -0.59 33.39
CA VAL F 21 42.13 -1.77 33.79
C VAL F 21 42.22 -1.78 35.31
N LEU F 22 41.92 -2.93 35.91
CA LEU F 22 41.84 -3.05 37.36
C LEU F 22 42.88 -4.05 37.87
N GLU F 23 43.64 -3.63 38.86
CA GLU F 23 44.70 -4.44 39.46
C GLU F 23 44.57 -4.44 40.97
N ALA F 24 44.85 -5.59 41.58
CA ALA F 24 44.84 -5.76 43.03
C ALA F 24 46.14 -6.43 43.43
N HIS F 25 47.21 -5.63 43.48
CA HIS F 25 48.53 -6.14 43.77
C HIS F 25 48.62 -6.55 45.23
N ASP F 26 49.40 -7.61 45.48
CA ASP F 26 49.60 -8.15 46.83
C ASP F 26 48.27 -8.59 47.44
N ALA F 27 47.48 -9.33 46.65
CA ALA F 27 46.19 -9.82 47.10
C ALA F 27 46.08 -11.31 46.81
N GLN F 28 45.19 -11.96 47.54
CA GLN F 28 44.90 -13.38 47.36
C GLN F 28 43.41 -13.57 47.13
N GLY F 29 43.07 -14.75 46.61
CA GLY F 29 41.69 -15.11 46.36
C GLY F 29 41.03 -14.27 45.28
N ASP F 30 39.70 -14.36 45.23
CA ASP F 30 38.88 -13.65 44.27
C ASP F 30 38.46 -12.31 44.84
N VAL F 31 38.58 -11.25 44.04
CA VAL F 31 38.17 -9.92 44.48
C VAL F 31 37.04 -9.39 43.61
N PRO F 32 35.81 -9.34 44.14
CA PRO F 32 34.68 -8.79 43.39
C PRO F 32 34.86 -7.31 43.12
N VAL F 33 34.79 -6.90 41.86
CA VAL F 33 34.97 -5.51 41.47
C VAL F 33 33.72 -5.02 40.76
N THR F 34 33.20 -3.87 41.20
CA THR F 34 32.04 -3.22 40.59
C THR F 34 32.38 -1.77 40.29
N VAL F 35 32.36 -1.41 39.02
CA VAL F 35 32.72 -0.06 38.58
C VAL F 35 31.44 0.69 38.21
N THR F 36 31.25 1.87 38.81
CA THR F 36 30.10 2.72 38.51
C THR F 36 30.60 4.11 38.12
N VAL F 37 30.03 4.67 37.05
CA VAL F 37 30.36 6.02 36.59
C VAL F 37 29.15 6.92 36.80
N HIS F 38 29.33 7.99 37.56
CA HIS F 38 28.27 8.95 37.83
C HIS F 38 28.69 10.32 37.32
N ASP F 39 27.70 11.22 37.18
CA ASP F 39 28.02 12.57 36.75
C ASP F 39 28.52 13.40 37.93
N PHE F 40 29.26 14.45 37.61
CA PHE F 40 29.81 15.33 38.64
C PHE F 40 29.18 16.71 38.55
N PRO F 41 28.79 17.28 39.70
CA PRO F 41 28.89 16.68 41.03
C PRO F 41 27.55 16.11 41.53
N GLY F 42 26.48 16.37 40.77
CA GLY F 42 25.13 16.06 41.22
C GLY F 42 24.84 14.58 41.36
N LYS F 43 25.57 13.73 40.64
CA LYS F 43 25.32 12.29 40.59
C LYS F 43 23.87 11.97 40.21
N LYS F 44 23.32 12.75 39.27
CA LYS F 44 21.93 12.54 38.87
C LYS F 44 21.72 11.18 38.18
N LEU F 45 22.66 10.77 37.33
CA LEU F 45 22.49 9.51 36.63
C LEU F 45 23.68 8.60 36.83
N VAL F 46 23.40 7.30 36.78
CA VAL F 46 24.45 6.29 36.78
C VAL F 46 24.78 5.99 35.32
N LEU F 47 25.84 6.63 34.81
CA LEU F 47 26.16 6.51 33.39
C LEU F 47 26.58 5.09 33.02
N SER F 48 27.28 4.40 33.91
CA SER F 48 27.66 3.02 33.66
C SER F 48 27.76 2.26 34.97
N SER F 49 27.65 0.93 34.88
CA SER F 49 27.74 0.06 36.06
C SER F 49 28.03 -1.36 35.56
N GLU F 50 29.30 -1.75 35.61
CA GLU F 50 29.74 -3.07 35.22
C GLU F 50 30.44 -3.79 36.36
N LYS F 51 30.59 -5.11 36.20
CA LYS F 51 31.21 -5.98 37.19
C LYS F 51 32.19 -6.93 36.52
N THR F 52 33.19 -7.35 37.31
CA THR F 52 34.20 -8.30 36.89
C THR F 52 34.80 -8.89 38.16
N VAL F 53 35.61 -9.94 37.99
CA VAL F 53 36.25 -10.61 39.12
C VAL F 53 37.73 -10.75 38.84
N LEU F 54 38.56 -10.36 39.82
CA LEU F 54 40.00 -10.48 39.72
C LEU F 54 40.40 -11.80 40.38
N THR F 55 40.69 -12.82 39.55
CA THR F 55 41.06 -14.14 40.04
C THR F 55 42.57 -14.36 39.98
N PRO F 56 43.10 -15.21 40.86
CA PRO F 56 44.53 -15.52 40.79
C PRO F 56 44.99 -16.09 39.46
N ALA F 57 44.08 -16.70 38.69
CA ALA F 57 44.45 -17.23 37.38
C ALA F 57 44.75 -16.12 36.38
N THR F 58 44.19 -14.92 36.61
CA THR F 58 44.41 -13.76 35.76
C THR F 58 45.36 -12.77 36.42
N ASN F 59 46.10 -13.21 37.44
CA ASN F 59 47.07 -12.38 38.14
C ASN F 59 46.44 -11.12 38.73
N HIS F 60 45.15 -11.22 39.09
CA HIS F 60 44.41 -10.11 39.70
C HIS F 60 44.42 -8.87 38.80
N MET F 61 44.20 -9.08 37.50
CA MET F 61 44.15 -7.96 36.56
C MET F 61 43.06 -8.18 35.53
N GLY F 62 42.11 -7.24 35.50
CA GLY F 62 40.98 -7.33 34.60
C GLY F 62 40.69 -5.95 34.04
N ASN F 63 39.73 -5.90 33.10
CA ASN F 63 39.29 -4.63 32.55
C ASN F 63 37.78 -4.52 32.50
N VAL F 64 37.29 -3.28 32.48
CA VAL F 64 35.87 -2.97 32.36
C VAL F 64 35.67 -2.05 31.16
N THR F 65 34.91 -2.53 30.17
CA THR F 65 34.56 -1.78 28.98
C THR F 65 33.17 -1.16 29.13
N PHE F 66 33.07 0.15 28.92
CA PHE F 66 31.82 0.85 29.11
C PHE F 66 31.70 1.95 28.06
N THR F 67 30.47 2.25 27.66
CA THR F 67 30.19 3.33 26.73
C THR F 67 29.24 4.30 27.41
N ILE F 68 29.67 5.55 27.58
CA ILE F 68 28.84 6.54 28.25
C ILE F 68 27.86 7.18 27.29
N PRO F 69 26.54 7.00 27.49
CA PRO F 69 25.58 7.61 26.57
C PRO F 69 25.68 9.13 26.59
N ALA F 70 25.37 9.75 25.46
CA ALA F 70 25.35 11.21 25.35
C ALA F 70 24.00 11.68 25.90
N ASN F 71 23.86 11.70 27.22
CA ASN F 71 22.57 12.08 27.76
C ASN F 71 22.27 13.56 27.50
N ARG F 72 20.97 13.85 27.42
CA ARG F 72 20.46 15.20 27.20
C ARG F 72 20.67 16.11 28.40
N GLU F 73 21.27 15.56 29.45
CA GLU F 73 21.56 16.24 30.71
C GLU F 73 22.77 17.17 30.66
N PHE F 74 23.77 16.84 29.84
CA PHE F 74 24.98 17.63 29.71
C PHE F 74 24.84 18.90 28.90
N LYS F 75 25.43 19.98 29.41
CA LYS F 75 25.46 21.31 28.79
C LYS F 75 26.34 21.31 27.56
N LYS F 78 27.02 28.54 30.09
CA LYS F 78 27.16 28.07 28.71
C LYS F 78 28.53 27.44 28.47
N GLY F 79 28.53 26.33 27.75
CA GLY F 79 29.74 25.60 27.41
C GLY F 79 30.70 25.27 28.53
N ARG F 80 30.23 25.15 29.77
CA ARG F 80 31.15 24.82 30.85
C ARG F 80 31.64 23.39 30.69
N ASN F 81 32.84 23.12 31.22
CA ASN F 81 33.34 21.74 31.20
C ASN F 81 32.53 20.83 32.09
N LYS F 82 32.36 19.60 31.64
CA LYS F 82 31.65 18.55 32.36
C LYS F 82 32.62 17.51 32.90
N PHE F 83 32.27 16.95 34.04
CA PHE F 83 33.12 15.98 34.71
C PHE F 83 32.26 14.79 35.10
N VAL F 84 32.92 13.68 35.41
CA VAL F 84 32.24 12.50 35.92
C VAL F 84 33.04 11.94 37.09
N THR F 85 32.33 11.25 37.97
CA THR F 85 32.94 10.57 39.11
C THR F 85 33.04 9.10 38.76
N VAL F 86 34.26 8.58 38.74
CA VAL F 86 34.51 7.17 38.50
C VAL F 86 34.75 6.51 39.84
N GLN F 87 33.93 5.50 40.16
CA GLN F 87 33.95 4.86 41.46
C GLN F 87 34.11 3.37 41.27
N ALA F 88 35.28 2.85 41.64
CA ALA F 88 35.58 1.43 41.57
C ALA F 88 35.53 0.85 42.97
N THR F 89 34.85 -0.28 43.13
CA THR F 89 34.68 -0.91 44.42
C THR F 89 35.28 -2.31 44.38
N PHE F 90 36.37 -2.51 45.12
CA PHE F 90 37.00 -3.83 45.25
C PHE F 90 36.71 -4.30 46.66
N GLY F 91 35.89 -5.35 46.79
CA GLY F 91 35.53 -5.83 48.11
C GLY F 91 34.97 -4.71 48.96
N THR F 92 35.67 -4.45 50.07
CA THR F 92 35.35 -3.35 50.98
C THR F 92 35.87 -2.03 50.43
N GLN F 93 37.06 -2.05 49.84
CA GLN F 93 37.76 -0.85 49.41
C GLN F 93 37.05 -0.20 48.23
N VAL F 94 37.03 1.12 48.23
CA VAL F 94 36.43 1.91 47.16
C VAL F 94 37.44 2.96 46.70
N VAL F 95 37.66 3.04 45.39
CA VAL F 95 38.60 3.99 44.80
C VAL F 95 37.84 4.86 43.82
N GLU F 96 37.83 6.16 44.06
CA GLU F 96 37.14 7.11 43.21
C GLU F 96 38.08 8.14 42.59
N LYS F 97 37.76 8.55 41.37
CA LYS F 97 38.54 9.52 40.63
C LYS F 97 37.61 10.39 39.79
N VAL F 98 37.89 11.69 39.73
CA VAL F 98 37.09 12.65 38.98
C VAL F 98 37.78 12.84 37.62
N VAL F 99 37.08 12.50 36.55
CA VAL F 99 37.66 12.52 35.20
C VAL F 99 36.99 13.56 34.33
N LEU F 100 37.81 14.26 33.54
CA LEU F 100 37.38 15.25 32.58
C LEU F 100 36.64 14.58 31.43
N VAL F 101 35.71 15.32 30.81
CA VAL F 101 34.90 14.80 29.71
C VAL F 101 35.09 15.71 28.50
N SER F 102 35.33 15.08 27.35
CA SER F 102 35.40 15.72 26.05
C SER F 102 34.06 15.64 25.36
N LEU F 103 33.71 16.69 24.61
CA LEU F 103 32.44 16.75 23.93
C LEU F 103 32.45 16.07 22.57
N GLN F 104 33.62 15.70 22.06
CA GLN F 104 33.74 15.11 20.73
C GLN F 104 32.99 13.78 20.60
N SER F 105 32.07 13.71 19.64
CA SER F 105 31.29 12.50 19.47
C SER F 105 32.07 11.50 18.61
N GLY F 106 32.96 12.01 17.77
CA GLY F 106 33.78 11.24 16.86
C GLY F 106 34.43 12.15 15.83
N TYR F 107 34.46 11.72 14.58
CA TYR F 107 35.08 12.52 13.52
C TYR F 107 34.16 12.64 12.32
N LEU F 108 34.25 13.78 11.62
CA LEU F 108 33.55 14.02 10.37
C LEU F 108 34.55 14.46 9.32
N PHE F 109 34.54 13.79 8.17
CA PHE F 109 35.41 14.15 7.06
C PHE F 109 34.56 14.51 5.85
N ILE F 110 34.88 15.63 5.21
CA ILE F 110 34.11 16.15 4.09
C ILE F 110 34.97 16.01 2.83
N GLN F 111 34.39 15.47 1.77
CA GLN F 111 35.08 15.30 0.51
C GLN F 111 34.26 15.95 -0.60
N THR F 112 34.77 17.02 -1.18
CA THR F 112 34.11 17.59 -2.35
C THR F 112 34.74 17.00 -3.60
N ASP F 113 33.92 16.85 -4.64
CA ASP F 113 34.42 16.22 -5.86
C ASP F 113 35.53 17.04 -6.50
N LYS F 114 35.42 18.36 -6.45
CA LYS F 114 36.43 19.26 -6.98
C LYS F 114 36.85 20.27 -5.92
N THR F 115 37.81 21.12 -6.30
CA THR F 115 38.35 22.16 -5.45
C THR F 115 37.84 23.54 -5.81
N ILE F 116 37.32 23.72 -7.03
CA ILE F 116 36.84 25.01 -7.50
C ILE F 116 35.64 24.76 -8.41
N TYR F 117 34.69 25.69 -8.38
CA TYR F 117 33.40 25.52 -9.04
C TYR F 117 32.97 26.81 -9.71
N THR F 118 32.27 26.67 -10.91
CA THR F 118 31.69 27.82 -11.59
C THR F 118 30.29 28.10 -11.08
N PRO F 119 29.88 29.37 -11.07
CA PRO F 119 28.48 29.71 -10.75
C PRO F 119 27.49 29.00 -11.65
N GLY F 120 26.57 28.26 -11.03
CA GLY F 120 25.58 27.48 -11.73
C GLY F 120 25.74 25.98 -11.55
N SER F 121 26.96 25.51 -11.31
CA SER F 121 27.24 24.10 -11.17
C SER F 121 26.81 23.58 -9.80
N THR F 122 26.79 22.26 -9.67
CA THR F 122 26.37 21.59 -8.45
C THR F 122 27.60 21.02 -7.75
N VAL F 123 27.68 21.27 -6.44
CA VAL F 123 28.74 20.73 -5.59
C VAL F 123 28.31 19.38 -5.03
N LEU F 124 29.04 18.32 -5.39
CA LEU F 124 28.79 17.00 -4.85
C LEU F 124 29.82 16.74 -3.76
N TYR F 125 29.34 16.45 -2.55
CA TYR F 125 30.23 16.21 -1.43
C TYR F 125 29.69 15.07 -0.57
N ARG F 126 30.62 14.33 0.04
CA ARG F 126 30.29 13.24 0.96
C ARG F 126 30.85 13.53 2.34
N ILE F 127 30.04 13.28 3.35
CA ILE F 127 30.43 13.40 4.75
C ILE F 127 30.58 12.00 5.32
N PHE F 128 31.81 11.66 5.73
CA PHE F 128 32.08 10.36 6.34
C PHE F 128 31.92 10.48 7.85
N THR F 129 31.03 9.67 8.42
CA THR F 129 30.71 9.72 9.85
C THR F 129 31.27 8.48 10.54
N VAL F 130 32.32 8.69 11.35
CA VAL F 130 32.95 7.63 12.12
C VAL F 130 33.03 8.09 13.57
N ASN F 131 33.47 7.17 14.43
CA ASN F 131 33.72 7.45 15.83
C ASN F 131 35.22 7.62 16.06
N HIS F 132 35.63 7.67 17.34
CA HIS F 132 37.03 7.92 17.64
C HIS F 132 37.91 6.73 17.31
N LYS F 133 37.32 5.61 16.92
CA LYS F 133 38.02 4.43 16.45
C LYS F 133 38.01 4.35 14.93
N LEU F 134 37.55 5.40 14.26
CA LEU F 134 37.42 5.47 12.80
C LEU F 134 36.49 4.40 12.23
N LEU F 135 35.59 3.83 13.06
CA LEU F 135 34.65 2.86 12.52
C LEU F 135 33.34 3.54 12.12
N PRO F 136 32.80 3.23 10.95
CA PRO F 136 31.56 3.86 10.50
C PRO F 136 30.43 3.74 11.51
N VAL F 137 29.72 4.84 11.76
CA VAL F 137 28.58 4.86 12.66
C VAL F 137 27.41 5.58 12.00
N GLY F 138 26.23 5.37 12.57
CA GLY F 138 25.02 6.02 12.11
C GLY F 138 24.48 7.06 13.09
N ARG F 139 24.78 8.34 12.84
CA ARG F 139 24.34 9.43 13.71
C ARG F 139 23.73 10.55 12.88
N THR F 140 23.15 11.53 13.57
CA THR F 140 22.58 12.72 12.97
C THR F 140 23.62 13.84 12.89
N VAL F 141 23.77 14.43 11.71
CA VAL F 141 24.78 15.45 11.45
C VAL F 141 24.11 16.74 10.98
N MET F 142 24.55 17.86 11.53
CA MET F 142 24.09 19.19 11.13
C MET F 142 25.09 19.79 10.14
N VAL F 143 24.60 20.24 8.98
CA VAL F 143 25.44 20.81 7.94
C VAL F 143 25.06 22.26 7.68
N ASN F 144 26.06 23.13 7.60
CA ASN F 144 25.86 24.57 7.33
C ASN F 144 26.73 24.95 6.14
N ILE F 145 26.10 25.52 5.12
CA ILE F 145 26.80 26.15 4.00
C ILE F 145 27.04 27.63 4.31
N GLU F 146 28.28 28.08 4.13
CA GLU F 146 28.70 29.42 4.56
C GLU F 146 29.41 30.13 3.43
N ASN F 147 28.98 31.36 3.14
CA ASN F 147 29.55 32.18 2.10
C ASN F 147 30.87 32.82 2.56
N PRO F 148 31.67 33.32 1.62
CA PRO F 148 32.96 33.94 2.00
C PRO F 148 32.82 35.02 3.05
N GLU F 149 31.66 35.71 3.10
CA GLU F 149 31.47 36.75 4.09
C GLU F 149 31.36 36.18 5.50
N GLY F 150 30.87 34.94 5.61
CA GLY F 150 30.71 34.28 6.89
C GLY F 150 29.28 33.94 7.25
N ILE F 151 28.30 34.43 6.49
CA ILE F 151 26.89 34.22 6.81
C ILE F 151 26.47 32.83 6.34
N PRO F 152 25.90 32.00 7.23
CA PRO F 152 25.36 30.71 6.80
C PRO F 152 24.13 30.93 5.92
N VAL F 153 24.09 30.23 4.79
CA VAL F 153 23.01 30.40 3.81
C VAL F 153 22.15 29.16 3.63
N LYS F 154 22.53 28.01 4.17
CA LYS F 154 21.69 26.82 4.07
C LYS F 154 22.05 25.85 5.18
N GLN F 155 21.11 25.64 6.11
CA GLN F 155 21.29 24.67 7.17
C GLN F 155 20.54 23.39 6.83
N ASP F 156 20.92 22.30 7.48
CA ASP F 156 20.29 21.01 7.27
C ASP F 156 20.64 20.08 8.41
N SER F 157 19.78 19.08 8.61
CA SER F 157 19.98 18.08 9.65
C SER F 157 19.62 16.73 9.03
N LEU F 158 20.62 15.89 8.77
CA LEU F 158 20.37 14.62 8.11
C LEU F 158 20.83 13.47 9.00
N SER F 159 20.62 12.26 8.52
CA SER F 159 20.98 11.05 9.25
C SER F 159 21.95 10.18 8.46
N SER F 160 22.89 9.59 9.17
CA SER F 160 23.91 8.70 8.62
C SER F 160 23.49 7.23 8.71
N GLN F 161 22.33 6.97 9.32
CA GLN F 161 21.83 5.61 9.52
C GLN F 161 21.57 4.91 8.19
N ASN F 162 21.90 3.61 8.15
CA ASN F 162 21.71 2.76 6.97
C ASN F 162 22.49 3.29 5.77
N GLN F 163 23.56 4.04 6.03
CA GLN F 163 24.38 4.60 4.96
C GLN F 163 25.82 4.09 5.01
N LEU F 164 26.11 3.15 5.90
CA LEU F 164 27.45 2.57 6.03
C LEU F 164 28.52 3.65 6.24
N GLY F 165 28.19 4.67 7.02
CA GLY F 165 29.16 5.69 7.35
C GLY F 165 29.48 6.67 6.25
N VAL F 166 28.74 6.65 5.14
CA VAL F 166 28.96 7.55 4.01
C VAL F 166 27.64 8.28 3.74
N LEU F 167 27.71 9.59 3.64
CA LEU F 167 26.51 10.42 3.49
C LEU F 167 26.61 11.28 2.24
N PRO F 168 25.94 10.88 1.15
CA PRO F 168 26.04 11.58 -0.14
C PRO F 168 25.11 12.77 -0.18
N LEU F 169 25.66 13.96 -0.40
CA LEU F 169 24.89 15.20 -0.42
C LEU F 169 25.31 16.03 -1.63
N SER F 170 24.51 17.05 -1.92
CA SER F 170 24.78 17.98 -3.01
C SER F 170 24.19 19.34 -2.67
N TRP F 171 24.81 20.39 -3.21
CA TRP F 171 24.31 21.75 -3.03
C TRP F 171 24.43 22.53 -4.33
N ASP F 172 23.31 23.10 -4.77
CA ASP F 172 23.23 23.86 -6.01
C ASP F 172 23.71 25.30 -5.78
N ILE F 173 24.62 25.76 -6.63
CA ILE F 173 25.16 27.11 -6.62
C ILE F 173 24.31 28.07 -7.45
N PRO F 174 23.83 29.19 -6.90
CA PRO F 174 23.03 30.13 -7.69
C PRO F 174 23.88 30.72 -8.82
N GLU F 175 23.19 31.22 -9.85
CA GLU F 175 23.93 31.88 -10.94
C GLU F 175 24.63 33.17 -10.49
N LEU F 176 23.87 34.12 -9.95
CA LEU F 176 24.45 35.33 -9.37
C LEU F 176 24.95 35.05 -7.95
N VAL F 177 26.28 35.03 -7.77
CA VAL F 177 26.85 34.64 -6.48
C VAL F 177 28.17 35.39 -6.29
N ASN F 178 28.56 35.52 -5.02
CA ASN F 178 29.83 36.15 -4.66
C ASN F 178 30.96 35.14 -4.69
N MET F 179 32.01 35.46 -5.46
CA MET F 179 33.18 34.61 -5.64
C MET F 179 34.00 34.57 -4.36
N GLY F 180 34.87 33.58 -4.26
CA GLY F 180 35.79 33.45 -3.16
C GLY F 180 35.65 32.12 -2.43
N GLN F 181 36.27 32.05 -1.26
CA GLN F 181 36.33 30.83 -0.47
C GLN F 181 35.05 30.61 0.34
N TRP F 182 34.26 29.63 -0.09
CA TRP F 182 33.07 29.15 0.59
C TRP F 182 33.44 28.04 1.56
N LYS F 183 32.56 27.77 2.51
CA LYS F 183 32.82 26.72 3.47
C LYS F 183 31.58 25.88 3.70
N ILE F 184 31.83 24.60 3.93
CA ILE F 184 30.87 23.63 4.45
C ILE F 184 31.25 23.38 5.90
N ARG F 185 30.28 23.49 6.81
CA ARG F 185 30.55 23.25 8.22
C ARG F 185 29.60 22.19 8.72
N ALA F 186 30.14 21.07 9.16
CA ALA F 186 29.34 20.00 9.72
C ALA F 186 29.76 19.72 11.15
N TYR F 187 28.83 19.25 11.95
CA TYR F 187 29.11 18.83 13.32
C TYR F 187 28.06 17.82 13.72
N TYR F 188 28.44 16.87 14.57
CA TYR F 188 27.45 15.93 15.08
C TYR F 188 26.39 16.67 15.87
N GLU F 189 25.16 16.16 15.83
CA GLU F 189 24.07 16.85 16.51
C GLU F 189 24.34 16.87 18.01
N ASN F 190 24.92 15.79 18.52
CA ASN F 190 25.18 15.62 19.95
C ASN F 190 26.34 16.48 20.43
N SER F 191 27.27 16.85 19.55
CA SER F 191 28.46 17.62 19.91
C SER F 191 28.58 18.85 19.03
N PRO F 192 27.86 19.93 19.36
CA PRO F 192 27.93 21.15 18.56
C PRO F 192 29.21 21.94 18.74
N GLN F 193 30.10 21.49 19.63
CA GLN F 193 31.37 22.18 19.85
C GLN F 193 32.48 21.67 18.94
N GLN F 194 32.32 20.49 18.36
CA GLN F 194 33.30 19.91 17.43
C GLN F 194 32.82 20.11 16.00
N VAL F 195 33.29 21.19 15.38
CA VAL F 195 32.82 21.60 14.06
C VAL F 195 33.92 21.36 13.04
N PHE F 196 33.64 20.49 12.07
CA PHE F 196 34.57 20.11 11.02
C PHE F 196 34.27 20.93 9.76
N SER F 197 35.32 21.35 9.05
CA SER F 197 35.12 22.24 7.93
C SER F 197 35.93 21.83 6.71
N THR F 198 35.44 22.21 5.54
CA THR F 198 36.14 22.09 4.26
C THR F 198 35.79 23.31 3.43
N GLU F 199 36.76 23.85 2.70
CA GLU F 199 36.51 24.99 1.84
C GLU F 199 36.45 24.58 0.37
N PHE F 200 35.75 25.39 -0.43
CA PHE F 200 35.82 25.26 -1.88
C PHE F 200 35.69 26.63 -2.52
N GLU F 201 36.56 26.91 -3.49
CA GLU F 201 36.56 28.20 -4.16
C GLU F 201 35.46 28.25 -5.21
N VAL F 202 34.81 29.41 -5.35
CA VAL F 202 33.86 29.66 -6.42
C VAL F 202 34.40 30.78 -7.29
N LYS F 203 34.48 30.53 -8.60
CA LYS F 203 35.15 31.43 -9.52
C LYS F 203 34.72 31.08 -10.94
N GLU F 204 34.78 32.08 -11.82
CA GLU F 204 34.56 31.89 -13.25
C GLU F 204 35.89 31.54 -13.91
N TYR F 205 35.93 30.41 -14.61
CA TYR F 205 37.19 29.95 -15.18
C TYR F 205 36.93 29.03 -16.37
N VAL F 206 38.01 28.75 -17.10
CA VAL F 206 38.14 27.74 -18.13
C VAL F 206 39.40 26.92 -17.90
N LEU F 207 39.36 25.66 -18.30
CA LEU F 207 40.49 24.78 -18.08
C LEU F 207 41.67 25.30 -18.91
N PRO F 208 42.87 25.35 -18.33
CA PRO F 208 44.07 25.78 -19.08
C PRO F 208 44.58 24.80 -20.12
N SER F 209 44.13 23.55 -20.12
CA SER F 209 44.52 22.50 -21.05
C SER F 209 45.98 22.08 -20.95
N PHE F 210 46.80 22.76 -20.15
CA PHE F 210 48.18 22.33 -19.97
C PHE F 210 48.60 22.75 -18.57
N GLU F 211 49.74 22.25 -18.13
CA GLU F 211 50.26 22.57 -16.81
C GLU F 211 51.64 23.21 -16.90
N VAL F 212 51.90 24.19 -16.05
CA VAL F 212 53.18 24.87 -15.97
C VAL F 212 53.77 24.59 -14.60
N ILE F 213 55.03 24.16 -14.57
CA ILE F 213 55.70 23.82 -13.32
C ILE F 213 56.93 24.71 -13.16
N VAL F 214 56.94 25.47 -12.07
CA VAL F 214 58.03 26.36 -11.71
C VAL F 214 58.82 25.64 -10.62
N GLU F 215 59.98 25.11 -10.94
CA GLU F 215 60.71 24.30 -9.96
C GLU F 215 62.11 24.85 -9.74
N PRO F 216 62.40 25.41 -8.58
CA PRO F 216 63.76 25.89 -8.30
C PRO F 216 64.73 24.73 -8.13
N THR F 217 66.01 25.01 -8.36
CA THR F 217 67.02 23.96 -8.19
C THR F 217 67.03 23.48 -6.75
N GLU F 218 67.24 24.40 -5.81
CA GLU F 218 67.15 24.12 -4.38
C GLU F 218 65.80 24.56 -3.82
N LYS F 219 65.42 23.96 -2.70
CA LYS F 219 64.17 24.33 -2.04
C LYS F 219 64.31 25.62 -1.22
N PHE F 220 65.47 26.27 -1.28
CA PHE F 220 65.76 27.47 -0.52
C PHE F 220 66.74 28.32 -1.34
N TYR F 221 67.23 29.41 -0.75
CA TYR F 221 68.27 30.20 -1.40
C TYR F 221 69.32 30.63 -0.37
N TYR F 222 70.53 30.10 -0.51
CA TYR F 222 71.65 30.52 0.32
C TYR F 222 72.01 31.97 0.00
N ILE F 223 72.04 32.81 1.04
CA ILE F 223 72.18 34.24 0.86
C ILE F 223 73.52 34.63 0.24
N TYR F 224 74.54 33.79 0.38
CA TYR F 224 75.85 34.06 -0.19
C TYR F 224 76.14 33.23 -1.44
N ASN F 225 75.11 32.87 -2.20
CA ASN F 225 75.29 32.12 -3.44
C ASN F 225 75.28 33.10 -4.61
N GLU F 226 76.46 33.30 -5.22
CA GLU F 226 76.56 34.28 -6.31
C GLU F 226 75.80 33.83 -7.55
N LYS F 227 75.60 32.52 -7.71
CA LYS F 227 74.87 32.01 -8.88
C LYS F 227 73.43 32.49 -8.89
N GLY F 228 72.86 32.74 -7.72
CA GLY F 228 71.48 33.13 -7.60
C GLY F 228 70.54 31.94 -7.67
N LEU F 229 69.25 32.24 -7.71
CA LEU F 229 68.21 31.21 -7.75
C LEU F 229 67.95 30.78 -9.18
N GLU F 230 68.41 29.59 -9.55
CA GLU F 230 68.19 29.06 -10.89
C GLU F 230 66.90 28.26 -10.86
N VAL F 231 66.01 28.53 -11.81
CA VAL F 231 64.68 27.92 -11.84
C VAL F 231 64.46 27.28 -13.20
N THR F 232 63.94 26.06 -13.19
CA THR F 232 63.60 25.33 -14.40
C THR F 232 62.08 25.36 -14.58
N ILE F 233 61.63 25.78 -15.76
CA ILE F 233 60.21 25.79 -16.10
C ILE F 233 59.91 24.59 -16.98
N THR F 234 58.92 23.79 -16.58
CA THR F 234 58.54 22.58 -17.30
C THR F 234 57.05 22.64 -17.59
N ALA F 235 56.70 22.79 -18.87
CA ALA F 235 55.32 22.89 -19.30
C ALA F 235 54.96 21.69 -20.17
N ARG F 236 53.85 21.04 -19.84
CA ARG F 236 53.42 19.90 -20.64
C ARG F 236 51.90 19.83 -20.60
N PHE F 237 51.32 19.37 -21.70
CA PHE F 237 49.87 19.28 -21.80
C PHE F 237 49.35 18.29 -20.75
N LEU F 238 48.06 18.41 -20.46
CA LEU F 238 47.45 17.58 -19.43
C LEU F 238 47.40 16.10 -19.81
N TYR F 239 47.60 15.77 -21.09
CA TYR F 239 47.59 14.38 -21.52
C TYR F 239 49.00 13.81 -21.67
N GLY F 240 50.01 14.54 -21.22
CA GLY F 240 51.37 14.02 -21.15
C GLY F 240 52.38 14.65 -22.09
N LYS F 241 51.98 14.86 -23.34
CA LYS F 241 52.89 15.38 -24.35
C LYS F 241 53.47 16.72 -23.91
N LYS F 242 54.70 16.99 -24.34
CA LYS F 242 55.37 18.22 -23.95
C LYS F 242 54.77 19.42 -24.69
N VAL F 243 55.26 20.61 -24.32
CA VAL F 243 54.72 21.89 -24.78
C VAL F 243 55.83 22.74 -25.36
N GLU F 244 55.59 23.31 -26.53
CA GLU F 244 56.50 24.29 -27.13
C GLU F 244 55.89 25.68 -27.00
N GLY F 245 56.68 26.64 -26.52
CA GLY F 245 56.19 27.99 -26.38
C GLY F 245 57.18 29.01 -25.85
N THR F 246 56.67 30.05 -25.17
CA THR F 246 57.49 31.12 -24.61
C THR F 246 57.01 31.43 -23.20
N ALA F 247 57.96 31.64 -22.29
CA ALA F 247 57.66 31.91 -20.88
C ALA F 247 58.23 33.25 -20.44
N PHE F 248 57.39 34.04 -19.76
CA PHE F 248 57.80 35.28 -19.10
C PHE F 248 57.92 35.03 -17.60
N VAL F 249 59.14 35.10 -17.08
CA VAL F 249 59.42 34.80 -15.67
C VAL F 249 59.85 36.09 -14.97
N ILE F 250 59.30 36.30 -13.77
CA ILE F 250 59.59 37.48 -12.96
C ILE F 250 59.64 37.07 -11.50
N PHE F 251 60.53 37.72 -10.74
CA PHE F 251 60.81 37.34 -9.36
C PHE F 251 60.32 38.41 -8.40
N GLY F 252 60.12 38.03 -7.14
CA GLY F 252 59.75 38.98 -6.12
C GLY F 252 60.17 38.53 -4.73
N ILE F 253 60.28 39.50 -3.82
CA ILE F 253 60.65 39.26 -2.43
C ILE F 253 59.40 39.46 -1.56
N GLN F 254 59.12 38.46 -0.72
CA GLN F 254 57.96 38.50 0.17
C GLN F 254 58.41 38.67 1.62
N ASP F 255 57.84 39.65 2.30
CA ASP F 255 58.13 39.92 3.71
C ASP F 255 56.80 39.90 4.47
N GLY F 256 56.49 38.76 5.09
CA GLY F 256 55.22 38.57 5.74
C GLY F 256 54.07 38.50 4.75
N GLU F 257 53.39 39.64 4.54
CA GLU F 257 52.34 39.75 3.54
C GLU F 257 52.61 40.89 2.56
N GLN F 258 53.77 41.54 2.67
CA GLN F 258 54.15 42.64 1.79
C GLN F 258 55.01 42.12 0.65
N ARG F 259 54.52 42.25 -0.58
CA ARG F 259 55.22 41.79 -1.76
C ARG F 259 55.82 42.98 -2.51
N ILE F 260 57.11 42.87 -2.85
CA ILE F 260 57.83 43.89 -3.60
C ILE F 260 58.32 43.24 -4.90
N SER F 261 57.74 43.66 -6.02
CA SER F 261 58.13 43.11 -7.32
C SER F 261 59.50 43.65 -7.72
N LEU F 262 60.24 42.82 -8.45
CA LEU F 262 61.56 43.19 -8.97
C LEU F 262 61.52 43.39 -10.48
N PRO F 263 61.28 44.61 -10.96
CA PRO F 263 61.14 44.82 -12.41
C PRO F 263 62.41 44.46 -13.18
N GLU F 264 63.57 44.57 -12.53
CA GLU F 264 64.85 44.29 -13.19
C GLU F 264 65.04 42.80 -13.45
N SER F 265 64.28 41.95 -12.75
CA SER F 265 64.43 40.50 -12.84
C SER F 265 63.54 39.89 -13.92
N LEU F 266 62.82 40.71 -14.68
CA LEU F 266 61.93 40.20 -15.70
C LEU F 266 62.72 39.58 -16.84
N LYS F 267 62.36 38.36 -17.23
CA LYS F 267 63.05 37.64 -18.29
C LYS F 267 62.04 37.02 -19.24
N ARG F 268 62.43 36.97 -20.52
CA ARG F 268 61.67 36.26 -21.56
C ARG F 268 62.52 35.08 -22.05
N ILE F 269 62.07 33.86 -21.80
CA ILE F 269 62.87 32.71 -22.24
C ILE F 269 62.07 31.78 -23.14
N PRO F 270 62.72 31.13 -24.11
CA PRO F 270 62.03 30.14 -24.94
C PRO F 270 61.79 28.85 -24.18
N ILE F 271 60.58 28.31 -24.29
CA ILE F 271 60.28 26.98 -23.77
C ILE F 271 60.45 25.99 -24.91
N GLU F 272 61.59 25.32 -24.96
CA GLU F 272 61.89 24.35 -26.02
C GLU F 272 61.85 22.94 -25.43
N ASP F 273 61.11 22.05 -26.08
CA ASP F 273 60.95 20.67 -25.63
C ASP F 273 60.41 20.59 -24.21
N GLY F 274 59.48 21.48 -23.89
CA GLY F 274 58.86 21.44 -22.58
C GLY F 274 59.72 21.87 -21.44
N SER F 275 60.86 22.53 -21.68
CA SER F 275 61.79 22.88 -20.62
C SER F 275 62.42 24.25 -20.90
N GLY F 276 62.65 25.00 -19.83
CA GLY F 276 63.35 26.27 -19.91
C GLY F 276 64.09 26.54 -18.62
N GLU F 277 65.05 27.46 -18.69
CA GLU F 277 65.83 27.87 -17.52
C GLU F 277 65.93 29.38 -17.43
N VAL F 278 65.83 29.90 -16.22
CA VAL F 278 65.91 31.34 -15.98
C VAL F 278 66.58 31.55 -14.63
N VAL F 279 67.58 32.43 -14.59
CA VAL F 279 68.36 32.66 -13.37
C VAL F 279 68.08 34.06 -12.86
N LEU F 280 67.79 34.16 -11.56
CA LEU F 280 67.77 35.45 -10.86
C LEU F 280 69.18 35.71 -10.34
N SER F 281 69.87 36.68 -10.91
CA SER F 281 71.23 36.98 -10.50
C SER F 281 71.26 37.63 -9.12
N ARG F 282 72.32 37.32 -8.36
CA ARG F 282 72.48 37.88 -7.02
C ARG F 282 72.57 39.40 -7.07
N LYS F 283 73.23 39.93 -8.10
CA LYS F 283 73.37 41.38 -8.26
C LYS F 283 72.00 42.05 -8.37
N VAL F 284 71.13 41.50 -9.23
CA VAL F 284 69.78 42.05 -9.39
C VAL F 284 69.01 41.96 -8.07
N LEU F 285 69.15 40.85 -7.35
CA LEU F 285 68.48 40.70 -6.07
C LEU F 285 68.89 41.80 -5.10
N LEU F 286 70.19 42.08 -4.98
CA LEU F 286 70.64 43.10 -4.03
C LEU F 286 70.27 44.49 -4.52
N ASP F 287 70.32 44.72 -5.84
CA ASP F 287 69.95 46.01 -6.41
C ASP F 287 68.46 46.30 -6.29
N GLY F 288 67.62 45.25 -6.36
CA GLY F 288 66.19 45.45 -6.28
C GLY F 288 65.75 46.03 -4.95
N VAL F 289 66.29 45.52 -3.86
CA VAL F 289 65.99 46.04 -2.54
C VAL F 289 66.89 47.25 -2.29
N GLN F 290 66.37 48.23 -1.55
CA GLN F 290 67.11 49.46 -1.29
C GLN F 290 67.95 49.38 -0.03
N ASN F 291 68.53 48.20 0.22
CA ASN F 291 69.35 47.96 1.38
C ASN F 291 70.59 47.18 0.94
N PRO F 292 71.78 47.76 1.10
CA PRO F 292 73.01 47.05 0.70
C PRO F 292 73.32 45.87 1.60
N ARG F 293 72.96 45.95 2.87
CA ARG F 293 73.16 44.91 3.87
C ARG F 293 72.28 43.71 3.56
N ALA F 294 72.91 42.66 3.01
CA ALA F 294 72.24 41.42 2.63
C ALA F 294 71.71 40.64 3.83
N GLU F 295 72.27 40.84 5.02
CA GLU F 295 71.85 40.10 6.20
C GLU F 295 70.37 40.33 6.51
N ASP F 296 69.83 41.49 6.14
CA ASP F 296 68.42 41.76 6.41
C ASP F 296 67.48 40.88 5.58
N LEU F 297 67.95 40.34 4.45
CA LEU F 297 67.08 39.48 3.65
C LEU F 297 66.85 38.12 4.30
N VAL F 298 67.72 37.70 5.22
CA VAL F 298 67.53 36.43 5.91
C VAL F 298 66.26 36.50 6.74
N GLY F 299 65.40 35.50 6.58
CA GLY F 299 64.12 35.46 7.24
C GLY F 299 62.97 35.76 6.29
N LYS F 300 63.26 36.39 5.16
CA LYS F 300 62.32 36.65 4.09
C LYS F 300 62.33 35.50 3.09
N SER F 301 61.38 35.52 2.16
CA SER F 301 61.27 34.48 1.16
C SER F 301 61.24 35.10 -0.24
N LEU F 302 61.39 34.25 -1.24
CA LEU F 302 61.31 34.64 -2.64
C LEU F 302 60.15 33.93 -3.32
N TYR F 303 59.47 34.64 -4.24
CA TYR F 303 58.43 34.02 -5.04
C TYR F 303 58.72 34.24 -6.52
N VAL F 304 58.35 33.26 -7.33
CA VAL F 304 58.59 33.26 -8.77
C VAL F 304 57.26 33.12 -9.49
N SER F 305 57.02 33.98 -10.47
CA SER F 305 55.82 33.91 -11.30
C SER F 305 56.21 33.69 -12.75
N ALA F 306 55.63 32.68 -13.38
CA ALA F 306 55.96 32.34 -14.75
C ALA F 306 54.68 32.28 -15.57
N THR F 307 54.70 32.94 -16.73
CA THR F 307 53.58 32.93 -17.67
C THR F 307 54.03 32.29 -18.97
N VAL F 308 53.40 31.18 -19.34
CA VAL F 308 53.75 30.45 -20.56
C VAL F 308 52.63 30.66 -21.58
N ILE F 309 53.02 31.02 -22.79
CA ILE F 309 52.09 31.24 -23.90
C ILE F 309 52.45 30.25 -25.00
N LEU F 310 51.45 29.54 -25.50
CA LEU F 310 51.67 28.62 -26.62
C LEU F 310 51.99 29.40 -27.89
N HIS F 311 52.67 28.70 -28.82
CA HIS F 311 53.00 29.34 -30.09
C HIS F 311 51.75 29.64 -30.89
N SER F 312 50.68 28.88 -30.65
CA SER F 312 49.40 29.12 -31.29
C SER F 312 48.72 30.36 -30.74
N GLY F 313 49.12 30.80 -29.55
CA GLY F 313 48.53 31.96 -28.90
C GLY F 313 47.10 31.77 -28.46
N SER F 314 46.67 30.52 -28.28
CA SER F 314 45.29 30.21 -27.95
C SER F 314 45.11 29.86 -26.47
N ASP F 315 46.19 29.64 -25.73
CA ASP F 315 46.13 29.39 -24.30
C ASP F 315 47.30 30.03 -23.58
N MET F 316 47.05 30.42 -22.34
CA MET F 316 48.04 31.10 -21.50
C MET F 316 47.82 30.63 -20.07
N VAL F 317 48.92 30.32 -19.38
CA VAL F 317 48.86 29.83 -18.00
C VAL F 317 49.87 30.58 -17.14
N GLN F 318 49.40 31.16 -16.05
CA GLN F 318 50.28 31.79 -15.08
C GLN F 318 50.36 30.86 -13.88
N ALA F 319 51.57 30.64 -13.37
CA ALA F 319 51.75 29.79 -12.21
C ALA F 319 52.76 30.46 -11.30
N GLU F 320 52.70 30.11 -10.01
CA GLU F 320 53.56 30.76 -9.04
C GLU F 320 54.09 29.74 -8.04
N ARG F 321 55.31 29.98 -7.57
CA ARG F 321 55.92 29.20 -6.50
C ARG F 321 56.50 30.20 -5.51
N SER F 322 55.84 30.35 -4.36
CA SER F 322 56.26 31.30 -3.35
C SER F 322 56.79 30.54 -2.13
N GLY F 323 57.21 31.30 -1.12
CA GLY F 323 57.69 30.69 0.10
C GLY F 323 59.02 29.98 -0.05
N ILE F 324 59.98 30.64 -0.69
CA ILE F 324 61.33 30.09 -0.79
C ILE F 324 62.21 30.88 0.18
N PRO F 325 62.41 30.36 1.39
CA PRO F 325 63.08 31.14 2.43
C PRO F 325 64.53 31.46 2.09
N ILE F 326 64.93 32.70 2.37
CA ILE F 326 66.32 33.10 2.29
C ILE F 326 66.93 32.80 3.66
N VAL F 327 67.80 31.80 3.72
CA VAL F 327 68.29 31.24 4.97
C VAL F 327 69.82 31.27 4.98
N THR F 328 70.38 31.00 6.15
CA THR F 328 71.82 30.87 6.32
C THR F 328 72.22 29.45 6.70
N SER F 329 71.27 28.52 6.76
CA SER F 329 71.57 27.14 7.09
C SER F 329 70.60 26.24 6.34
N PRO F 330 71.09 25.19 5.69
CA PRO F 330 70.20 24.28 4.94
C PRO F 330 69.29 23.43 5.81
N TYR F 331 69.50 23.36 7.12
CA TYR F 331 68.73 22.49 7.99
C TYR F 331 68.16 23.28 9.17
N GLN F 332 67.37 22.59 9.99
CA GLN F 332 66.68 23.21 11.12
C GLN F 332 66.36 22.13 12.13
N ILE F 333 66.90 22.25 13.35
CA ILE F 333 66.80 21.22 14.38
C ILE F 333 65.65 21.55 15.33
N HIS F 334 64.82 20.54 15.63
CA HIS F 334 63.68 20.64 16.52
C HIS F 334 63.75 19.54 17.57
N PHE F 335 63.43 19.88 18.82
CA PHE F 335 63.33 18.92 19.90
C PHE F 335 61.88 18.64 20.30
N THR F 336 60.97 18.70 19.34
CA THR F 336 59.55 18.52 19.60
C THR F 336 59.17 17.05 19.74
N LYS F 337 60.12 16.15 19.53
CA LYS F 337 59.88 14.71 19.62
C LYS F 337 60.73 14.05 20.69
N THR F 338 61.51 14.82 21.45
CA THR F 338 62.37 14.25 22.48
C THR F 338 61.85 14.54 23.87
N PRO F 339 61.67 13.51 24.70
CA PRO F 339 61.20 13.70 26.07
C PRO F 339 62.03 14.74 26.82
N LYS F 340 61.38 15.49 27.70
CA LYS F 340 62.05 16.52 28.47
C LYS F 340 62.32 16.09 29.90
N TYR F 341 62.40 14.78 30.14
CA TYR F 341 62.75 14.25 31.46
C TYR F 341 63.67 13.05 31.28
N PHE F 342 64.70 12.96 32.13
CA PHE F 342 65.67 11.88 32.03
C PHE F 342 65.73 11.11 33.36
N LYS F 343 66.28 9.91 33.30
CA LYS F 343 66.52 9.09 34.48
C LYS F 343 68.00 9.08 34.81
N PRO F 344 68.43 9.74 35.90
CA PRO F 344 69.86 9.82 36.23
C PRO F 344 70.58 8.48 36.28
N GLY F 345 71.65 8.33 35.50
CA GLY F 345 72.40 7.10 35.46
C GLY F 345 72.00 6.15 34.35
N MET F 346 70.85 6.36 33.73
CA MET F 346 70.39 5.48 32.67
C MET F 346 70.56 6.15 31.31
N PRO F 347 70.72 5.38 30.24
CA PRO F 347 70.84 5.98 28.90
C PRO F 347 69.65 6.87 28.55
N PHE F 348 69.96 8.10 28.13
CA PHE F 348 68.97 9.08 27.69
C PHE F 348 68.91 9.14 26.17
N ASP F 349 67.72 8.92 25.61
CA ASP F 349 67.52 8.90 24.17
C ASP F 349 66.97 10.24 23.70
N LEU F 350 67.52 10.75 22.60
CA LEU F 350 67.07 11.99 21.98
C LEU F 350 66.58 11.69 20.57
N MET F 351 65.41 12.24 20.23
CA MET F 351 64.86 12.13 18.88
C MET F 351 65.00 13.46 18.16
N VAL F 352 66.19 13.68 17.58
CA VAL F 352 66.47 14.93 16.87
C VAL F 352 65.61 14.97 15.61
N PHE F 353 64.97 16.11 15.35
CA PHE F 353 64.13 16.26 14.16
C PHE F 353 64.69 17.38 13.28
N VAL F 354 65.45 16.99 12.26
CA VAL F 354 66.10 17.91 11.32
C VAL F 354 65.21 18.08 10.10
N THR F 355 64.89 19.32 9.76
CA THR F 355 64.04 19.61 8.61
C THR F 355 64.73 20.59 7.67
N ASN F 356 64.25 20.62 6.43
CA ASN F 356 64.68 21.62 5.46
C ASN F 356 63.97 22.94 5.75
N PRO F 357 64.52 24.06 5.25
CA PRO F 357 63.88 25.36 5.51
C PRO F 357 62.40 25.43 5.14
N ASP F 358 61.96 24.61 4.19
CA ASP F 358 60.57 24.61 3.77
C ASP F 358 59.68 23.74 4.66
N GLY F 359 60.26 23.03 5.62
CA GLY F 359 59.52 22.22 6.55
C GLY F 359 59.57 20.73 6.27
N SER F 360 60.03 20.33 5.09
CA SER F 360 60.11 18.93 4.74
C SER F 360 61.21 18.24 5.54
N PRO F 361 61.06 16.93 5.81
CA PRO F 361 62.13 16.18 6.47
C PRO F 361 63.39 16.17 5.64
N ALA F 362 64.53 16.07 6.32
CA ALA F 362 65.84 16.03 5.67
C ALA F 362 66.45 14.65 5.87
N TYR F 363 66.88 14.05 4.76
CA TYR F 363 67.40 12.69 4.72
C TYR F 363 68.92 12.63 4.75
N ARG F 364 69.44 11.72 5.58
CA ARG F 364 70.88 11.50 5.74
C ARG F 364 71.62 12.78 6.16
N VAL F 365 71.29 13.27 7.35
CA VAL F 365 71.97 14.45 7.87
C VAL F 365 72.73 14.12 9.15
N PRO F 366 74.07 14.21 9.12
CA PRO F 366 74.87 13.94 10.32
C PRO F 366 74.58 14.92 11.44
N VAL F 367 74.27 14.38 12.62
CA VAL F 367 74.03 15.19 13.81
C VAL F 367 74.86 14.62 14.95
N ALA F 368 75.30 15.50 15.84
CA ALA F 368 76.13 15.12 16.97
C ALA F 368 75.91 16.10 18.11
N VAL F 369 76.32 15.69 19.31
CA VAL F 369 76.24 16.53 20.49
C VAL F 369 77.57 17.25 20.69
N GLN F 370 77.50 18.52 21.09
CA GLN F 370 78.70 19.30 21.34
C GLN F 370 79.52 18.65 22.44
N GLY F 371 80.81 18.42 22.16
CA GLY F 371 81.69 17.81 23.14
C GLY F 371 81.76 16.31 23.08
N GLU F 372 80.79 15.68 22.41
CA GLU F 372 80.71 14.23 22.25
C GLU F 372 80.70 13.87 20.77
N ASP F 373 81.87 13.92 20.14
CA ASP F 373 81.95 13.60 18.72
C ASP F 373 81.69 12.12 18.48
N THR F 374 81.88 11.30 19.53
CA THR F 374 81.61 9.87 19.44
C THR F 374 80.13 9.59 19.21
N VAL F 375 79.26 10.37 19.85
CA VAL F 375 77.81 10.24 19.70
C VAL F 375 77.36 11.03 18.47
N GLN F 376 77.64 10.48 17.28
CA GLN F 376 77.29 11.08 16.01
C GLN F 376 76.39 10.14 15.23
N SER F 377 75.14 10.54 15.00
CA SER F 377 74.17 9.70 14.32
C SER F 377 73.73 10.32 13.00
N LEU F 378 72.94 9.57 12.25
CA LEU F 378 72.47 9.95 10.93
C LEU F 378 70.95 9.94 10.88
N THR F 379 70.36 11.00 10.30
CA THR F 379 68.91 11.07 10.21
C THR F 379 68.40 9.99 9.27
N GLN F 380 67.19 9.51 9.54
CA GLN F 380 66.60 8.46 8.72
C GLN F 380 65.78 9.07 7.59
N GLY F 381 64.86 8.29 7.00
CA GLY F 381 64.04 8.79 5.91
C GLY F 381 63.04 9.84 6.33
N ASP F 382 62.62 9.81 7.59
CA ASP F 382 61.68 10.78 8.15
C ASP F 382 62.39 11.98 8.77
N GLY F 383 63.72 12.05 8.63
CA GLY F 383 64.49 13.14 9.17
C GLY F 383 64.56 13.13 10.68
N VAL F 384 64.52 11.94 11.28
CA VAL F 384 64.59 11.75 12.72
C VAL F 384 65.81 10.90 13.00
N ALA F 385 66.70 11.39 13.84
CA ALA F 385 67.89 10.65 14.23
C ALA F 385 67.82 10.32 15.71
N LYS F 386 68.53 9.28 16.10
CA LYS F 386 68.57 8.83 17.49
C LYS F 386 69.96 9.06 18.05
N LEU F 387 70.02 9.72 19.20
CA LEU F 387 71.28 10.00 19.87
C LEU F 387 71.14 9.50 21.29
N SER F 388 71.91 8.48 21.63
CA SER F 388 71.90 7.92 22.97
C SER F 388 73.13 8.46 23.68
N ILE F 389 72.92 9.03 24.87
CA ILE F 389 74.01 9.50 25.69
C ILE F 389 74.00 8.72 26.99
N ASN F 390 75.05 8.91 27.77
CA ASN F 390 75.19 8.26 29.07
C ASN F 390 75.05 9.36 30.12
N THR F 391 74.04 9.24 30.96
CA THR F 391 73.79 10.24 31.99
C THR F 391 74.53 9.85 33.26
N HIS F 392 75.03 10.84 33.95
CA HIS F 392 75.58 10.41 35.22
C HIS F 392 74.51 10.47 36.29
N PRO F 393 74.56 9.60 37.31
CA PRO F 393 73.55 9.68 38.37
C PRO F 393 73.68 11.01 39.08
N SER F 394 72.78 11.94 38.78
CA SER F 394 72.84 13.26 39.40
C SER F 394 71.48 13.95 39.27
N GLN F 395 71.34 15.02 40.03
CA GLN F 395 70.15 15.85 40.05
C GLN F 395 70.39 17.19 39.36
N LYS F 396 71.50 17.33 38.64
CA LYS F 396 71.83 18.54 37.89
C LYS F 396 71.06 18.57 36.58
N PRO F 397 70.48 19.71 36.21
CA PRO F 397 69.73 19.79 34.95
C PRO F 397 70.63 19.47 33.77
N LEU F 398 70.21 18.47 32.99
CA LEU F 398 71.01 18.02 31.85
C LEU F 398 70.77 18.95 30.66
N SER F 399 71.78 19.73 30.29
CA SER F 399 71.66 20.68 29.18
C SER F 399 72.35 20.10 27.95
N ILE F 400 71.60 19.95 26.85
CA ILE F 400 72.13 19.35 25.63
C ILE F 400 72.11 20.38 24.52
N THR F 401 73.20 20.44 23.74
CA THR F 401 73.29 21.28 22.56
C THR F 401 73.67 20.39 21.38
N VAL F 402 72.79 20.29 20.40
CA VAL F 402 73.01 19.43 19.24
C VAL F 402 73.29 20.29 18.01
N ARG F 403 74.29 19.90 17.23
CA ARG F 403 74.66 20.57 15.99
C ARG F 403 74.67 19.57 14.84
N THR F 404 74.49 20.09 13.63
CA THR F 404 74.61 19.26 12.44
C THR F 404 76.09 19.19 12.03
N LYS F 405 76.51 18.01 11.60
CA LYS F 405 77.88 17.77 11.17
C LYS F 405 77.94 17.31 9.72
N LYS F 406 77.11 17.89 8.85
CA LYS F 406 77.15 17.55 7.44
C LYS F 406 78.50 18.00 6.86
N GLN F 407 79.31 17.03 6.43
CA GLN F 407 80.56 17.37 5.76
C GLN F 407 80.28 18.17 4.51
N GLU F 408 81.34 18.75 3.95
CA GLU F 408 81.27 19.61 2.76
C GLU F 408 80.41 20.86 2.99
N LEU F 409 79.95 21.08 4.23
CA LEU F 409 79.17 22.24 4.62
C LEU F 409 79.96 22.99 5.68
N SER F 410 80.12 24.30 5.48
CA SER F 410 80.88 25.12 6.41
C SER F 410 80.18 25.27 7.76
N GLU F 411 80.98 25.62 8.78
CA GLU F 411 80.51 25.71 10.16
C GLU F 411 79.52 26.86 10.37
N ALA F 412 79.55 27.87 9.50
CA ALA F 412 78.63 28.98 9.61
C ALA F 412 77.22 28.60 9.20
N GLU F 413 77.09 27.55 8.39
CA GLU F 413 75.82 27.08 7.87
C GLU F 413 75.28 25.86 8.60
N GLN F 414 76.02 25.32 9.58
CA GLN F 414 75.49 24.20 10.35
C GLN F 414 74.39 24.65 11.31
N ALA F 415 73.30 23.89 11.34
CA ALA F 415 72.17 24.18 12.23
C ALA F 415 72.47 23.74 13.66
N THR F 416 71.94 24.51 14.61
CA THR F 416 72.16 24.20 16.02
C THR F 416 70.92 24.54 16.83
N ARG F 417 70.68 23.75 17.88
CA ARG F 417 69.54 23.95 18.78
C ARG F 417 69.93 23.43 20.16
N THR F 418 69.40 24.07 21.20
CA THR F 418 69.71 23.71 22.58
C THR F 418 68.44 23.41 23.37
N MET F 419 68.43 22.25 24.03
CA MET F 419 67.33 21.84 24.91
C MET F 419 67.84 21.54 26.31
N GLN F 420 66.88 21.29 27.22
CA GLN F 420 67.17 20.97 28.61
C GLN F 420 66.18 19.93 29.11
N ALA F 421 66.66 18.97 29.91
CA ALA F 421 65.82 17.93 30.48
C ALA F 421 65.98 17.92 32.00
N LEU F 422 64.89 17.57 32.70
CA LEU F 422 64.92 17.56 34.16
C LEU F 422 64.96 16.15 34.76
N PRO F 423 65.61 16.00 35.92
CA PRO F 423 65.71 14.69 36.57
C PRO F 423 64.35 14.15 36.98
N TYR F 424 64.14 12.86 36.75
CA TYR F 424 62.92 12.19 37.17
C TYR F 424 62.91 12.00 38.69
N SER F 425 62.21 12.88 39.38
CA SER F 425 62.12 12.84 40.84
C SER F 425 61.48 11.54 41.30
N THR F 426 62.09 10.91 42.29
CA THR F 426 61.63 9.63 42.80
C THR F 426 60.97 9.82 44.17
N VAL F 427 60.24 8.79 44.59
CA VAL F 427 59.46 8.86 45.83
C VAL F 427 60.42 8.76 47.02
N GLY F 428 60.61 9.89 47.71
CA GLY F 428 61.47 9.92 48.88
C GLY F 428 62.94 9.74 48.58
N ASN F 429 63.39 10.17 47.41
CA ASN F 429 64.79 10.08 47.00
C ASN F 429 65.31 8.64 47.13
N SER F 430 64.46 7.67 46.78
CA SER F 430 64.81 6.27 46.93
C SER F 430 65.65 5.76 45.78
N ASN F 431 65.82 6.55 44.72
CA ASN F 431 66.61 6.18 43.55
C ASN F 431 66.16 4.86 42.95
N ASN F 432 64.85 4.67 42.84
CA ASN F 432 64.28 3.51 42.16
C ASN F 432 63.75 3.98 40.80
N TYR F 433 64.40 3.53 39.72
CA TYR F 433 64.06 4.00 38.39
C TYR F 433 63.68 2.83 37.48
N LEU F 434 62.80 3.12 36.51
CA LEU F 434 62.43 2.18 35.47
C LEU F 434 62.66 2.86 34.12
N HIS F 435 63.23 2.13 33.17
CA HIS F 435 63.53 2.69 31.85
C HIS F 435 63.07 1.77 30.73
N LEU F 436 62.17 2.28 29.89
CA LEU F 436 61.68 1.57 28.72
C LEU F 436 62.41 2.13 27.51
N SER F 437 63.13 1.30 26.77
CA SER F 437 63.78 1.80 25.57
C SER F 437 63.35 1.02 24.34
N VAL F 438 63.30 1.72 23.21
CA VAL F 438 62.84 1.13 21.95
C VAL F 438 63.72 1.67 20.83
N LEU F 439 64.17 0.78 19.95
CA LEU F 439 64.93 1.15 18.77
C LEU F 439 64.13 2.05 17.81
N ARG F 440 64.61 3.28 17.60
CA ARG F 440 63.90 4.27 16.79
C ARG F 440 64.11 3.97 15.31
N THR F 441 63.06 3.45 14.67
CA THR F 441 63.03 3.09 13.25
C THR F 441 61.57 2.95 12.84
N GLU F 442 61.28 3.33 11.59
CA GLU F 442 59.95 3.21 11.04
C GLU F 442 59.34 1.83 11.23
N LEU F 443 58.38 1.75 12.13
CA LEU F 443 57.74 0.50 12.53
C LEU F 443 56.52 0.30 11.66
N ARG F 444 56.33 -0.94 11.19
CA ARG F 444 55.18 -1.20 10.34
C ARG F 444 54.31 -2.31 10.89
N PRO F 445 53.00 -2.24 10.65
CA PRO F 445 52.10 -3.33 11.06
C PRO F 445 52.53 -4.67 10.50
N GLY F 446 52.50 -5.68 11.36
CA GLY F 446 52.92 -7.02 11.00
C GLY F 446 54.29 -7.41 11.50
N GLU F 447 54.93 -6.57 12.32
CA GLU F 447 56.24 -6.84 12.88
C GLU F 447 56.12 -7.05 14.39
N THR F 448 57.27 -7.15 15.05
CA THR F 448 57.34 -7.34 16.49
C THR F 448 58.40 -6.42 17.08
N LEU F 449 58.03 -5.68 18.13
CA LEU F 449 58.92 -4.74 18.77
C LEU F 449 59.34 -5.31 20.12
N ASN F 450 60.65 -5.29 20.38
CA ASN F 450 61.21 -5.75 21.65
C ASN F 450 61.23 -4.60 22.65
N VAL F 451 60.37 -4.68 23.66
CA VAL F 451 60.31 -3.66 24.70
C VAL F 451 61.26 -4.04 25.83
N ASN F 452 62.29 -3.23 26.05
CA ASN F 452 63.30 -3.51 27.05
C ASN F 452 62.92 -2.84 28.36
N PHE F 453 62.54 -3.64 29.36
CA PHE F 453 62.27 -3.11 30.70
C PHE F 453 63.59 -3.16 31.46
N LEU F 454 64.13 -2.00 31.80
CA LEU F 454 65.39 -1.92 32.54
C LEU F 454 65.15 -1.31 33.91
N LEU F 455 65.52 -2.05 34.94
CA LEU F 455 65.29 -1.65 36.33
C LEU F 455 66.59 -1.21 36.98
N ARG F 456 66.51 -0.17 37.80
CA ARG F 456 67.64 0.26 38.62
C ARG F 456 67.08 0.60 39.99
N MET F 457 67.60 -0.05 41.02
CA MET F 457 67.17 0.20 42.39
C MET F 457 68.14 -0.48 43.34
N ASP F 458 67.98 -0.19 44.63
CA ASP F 458 68.80 -0.79 45.66
C ASP F 458 68.51 -2.28 45.77
N ARG F 459 69.48 -3.01 46.32
CA ARG F 459 69.41 -4.45 46.42
C ARG F 459 68.54 -4.92 47.58
N ALA F 460 68.09 -3.99 48.42
CA ALA F 460 67.25 -4.29 49.57
C ALA F 460 65.84 -4.71 49.19
N HIS F 461 65.37 -4.32 48.00
CA HIS F 461 64.01 -4.62 47.59
C HIS F 461 63.89 -5.07 46.13
N GLU F 462 64.98 -5.51 45.51
CA GLU F 462 64.93 -5.84 44.09
C GLU F 462 64.20 -7.15 43.83
N ALA F 463 64.12 -8.03 44.83
CA ALA F 463 63.48 -9.33 44.61
C ALA F 463 61.96 -9.24 44.69
N LYS F 464 61.43 -8.16 45.28
CA LYS F 464 59.98 -8.02 45.43
C LYS F 464 59.31 -7.73 44.09
N ILE F 465 60.02 -7.06 43.18
CA ILE F 465 59.48 -6.72 41.87
C ILE F 465 59.39 -8.00 41.05
N ARG F 466 58.17 -8.50 40.85
CA ARG F 466 57.96 -9.75 40.15
C ARG F 466 57.29 -9.59 38.80
N TYR F 467 56.69 -8.42 38.53
CA TYR F 467 56.00 -8.19 37.26
C TYR F 467 55.92 -6.69 37.01
N TYR F 468 55.76 -6.34 35.73
CA TYR F 468 55.49 -4.96 35.32
C TYR F 468 54.09 -4.87 34.72
N THR F 469 53.46 -3.71 34.92
CA THR F 469 52.16 -3.41 34.32
C THR F 469 52.30 -2.39 33.20
N TYR F 470 52.01 -2.82 31.97
CA TYR F 470 52.18 -1.99 30.79
C TYR F 470 50.83 -1.72 30.14
N LEU F 471 50.64 -0.49 29.67
CA LEU F 471 49.41 -0.05 29.03
C LEU F 471 49.75 0.64 27.72
N ILE F 472 48.87 0.50 26.73
CA ILE F 472 49.09 1.08 25.41
C ILE F 472 47.98 2.06 25.09
N MET F 473 48.35 3.26 24.66
CA MET F 473 47.41 4.32 24.29
C MET F 473 47.50 4.58 22.79
N ASN F 474 46.40 4.38 22.08
CA ASN F 474 46.35 4.63 20.65
C ASN F 474 45.07 5.38 20.32
N LYS F 475 45.21 6.46 19.55
CA LYS F 475 44.09 7.34 19.17
C LYS F 475 43.36 7.93 20.38
N GLY F 476 44.01 7.96 21.55
CA GLY F 476 43.40 8.53 22.74
C GLY F 476 42.58 7.59 23.59
N ARG F 477 42.75 6.28 23.44
CA ARG F 477 42.01 5.31 24.24
C ARG F 477 42.93 4.13 24.54
N LEU F 478 42.63 3.42 25.63
CA LEU F 478 43.45 2.28 26.04
C LEU F 478 43.22 1.10 25.11
N LEU F 479 44.25 0.75 24.33
CA LEU F 479 44.13 -0.35 23.39
C LEU F 479 44.41 -1.72 24.01
N LYS F 480 45.47 -1.84 24.82
CA LYS F 480 45.86 -3.13 25.35
C LYS F 480 46.63 -2.97 26.65
N ALA F 481 46.34 -3.85 27.61
CA ALA F 481 47.03 -3.88 28.90
C ALA F 481 47.37 -5.32 29.26
N GLY F 482 48.49 -5.50 29.94
CA GLY F 482 48.91 -6.84 30.31
C GLY F 482 50.01 -6.83 31.34
N ARG F 483 50.54 -8.02 31.59
CA ARG F 483 51.59 -8.24 32.59
C ARG F 483 52.86 -8.79 31.95
N GLN F 484 54.00 -8.47 32.56
CA GLN F 484 55.31 -8.95 32.12
C GLN F 484 56.04 -9.59 33.30
N VAL F 485 56.15 -10.93 33.27
CA VAL F 485 56.77 -11.65 34.38
C VAL F 485 58.25 -11.33 34.44
N ARG F 486 58.74 -11.00 35.64
CA ARG F 486 60.14 -10.66 35.88
C ARG F 486 60.67 -11.44 37.08
N GLU F 487 61.85 -12.14 36.89
CA GLU F 487 62.45 -12.91 37.98
C GLU F 487 63.38 -12.04 38.83
N PRO F 488 63.44 -12.33 40.13
CA PRO F 488 64.34 -11.58 41.01
C PRO F 488 65.79 -11.69 40.55
N GLY F 489 66.42 -10.54 40.38
CA GLY F 489 67.80 -10.49 39.92
C GLY F 489 67.93 -9.94 38.52
N GLN F 490 66.95 -10.24 37.66
CA GLN F 490 66.98 -9.74 36.29
C GLN F 490 66.75 -8.23 36.26
N ASP F 491 67.67 -7.51 35.64
CA ASP F 491 67.55 -6.06 35.50
C ASP F 491 66.87 -5.68 34.20
N LEU F 492 67.05 -6.48 33.14
CA LEU F 492 66.48 -6.19 31.84
C LEU F 492 65.72 -7.41 31.37
N VAL F 493 64.46 -7.19 30.99
CA VAL F 493 63.60 -8.21 30.40
C VAL F 493 63.05 -7.68 29.09
N VAL F 494 62.72 -8.59 28.18
CA VAL F 494 62.29 -8.24 26.83
C VAL F 494 60.83 -8.64 26.67
N LEU F 495 60.01 -7.70 26.21
CA LEU F 495 58.59 -7.98 25.92
C LEU F 495 58.37 -8.05 24.42
N PRO F 496 58.10 -9.23 23.86
CA PRO F 496 57.78 -9.32 22.42
C PRO F 496 56.39 -8.79 22.09
N LEU F 497 56.27 -7.51 21.76
CA LEU F 497 54.97 -6.92 21.48
C LEU F 497 54.67 -7.04 19.99
N SER F 498 53.60 -7.78 19.66
CA SER F 498 53.18 -7.97 18.28
C SER F 498 52.44 -6.74 17.77
N ILE F 499 52.98 -6.12 16.72
CA ILE F 499 52.42 -4.90 16.14
C ILE F 499 51.53 -5.29 14.97
N THR F 500 50.24 -4.98 15.07
CA THR F 500 49.26 -5.20 14.04
C THR F 500 48.79 -3.85 13.48
N THR F 501 47.68 -3.86 12.75
CA THR F 501 47.19 -2.64 12.11
C THR F 501 46.48 -1.72 13.09
N ASP F 502 46.20 -2.17 14.31
CA ASP F 502 45.49 -1.38 15.31
C ASP F 502 46.39 -0.36 16.01
N PHE F 503 47.67 -0.30 15.66
CA PHE F 503 48.61 0.63 16.28
C PHE F 503 48.82 1.90 15.46
N ILE F 504 48.33 1.94 14.23
CA ILE F 504 48.40 3.13 13.38
C ILE F 504 47.58 4.27 13.98
N PRO F 505 48.14 5.50 13.99
CA PRO F 505 49.45 5.90 13.47
C PRO F 505 50.59 5.84 14.47
N SER F 506 50.27 5.86 15.76
CA SER F 506 51.30 5.84 16.80
C SER F 506 50.65 5.45 18.12
N PHE F 507 51.47 4.95 19.04
CA PHE F 507 50.99 4.55 20.35
C PHE F 507 52.04 4.89 21.41
N ARG F 508 51.55 5.13 22.62
CA ARG F 508 52.40 5.38 23.78
C ARG F 508 52.37 4.15 24.68
N LEU F 509 53.55 3.72 25.12
CA LEU F 509 53.69 2.60 26.06
C LEU F 509 54.16 3.13 27.40
N VAL F 510 53.29 3.09 28.40
CA VAL F 510 53.61 3.54 29.75
C VAL F 510 53.54 2.34 30.68
N ALA F 511 54.68 1.96 31.26
CA ALA F 511 54.75 0.80 32.14
C ALA F 511 55.20 1.24 33.53
N TYR F 512 54.69 0.54 34.54
CA TYR F 512 55.02 0.86 35.92
C TYR F 512 55.01 -0.41 36.77
N TYR F 513 55.69 -0.32 37.91
CA TYR F 513 55.74 -1.37 38.91
C TYR F 513 55.54 -0.75 40.28
N THR F 514 55.07 -1.54 41.24
CA THR F 514 54.84 -1.03 42.58
C THR F 514 55.40 -2.01 43.60
N LEU F 515 55.77 -1.47 44.76
CA LEU F 515 56.35 -2.26 45.84
C LEU F 515 56.21 -1.46 47.13
N ILE F 516 56.74 -2.02 48.21
CA ILE F 516 56.81 -1.34 49.50
C ILE F 516 58.28 -1.30 49.88
N GLY F 517 58.88 -0.11 49.78
CA GLY F 517 60.30 0.06 49.99
C GLY F 517 60.62 1.28 50.84
N ALA F 518 61.91 1.53 50.99
CA ALA F 518 62.44 2.67 51.74
C ALA F 518 61.89 2.73 53.15
N SER F 519 61.13 3.78 53.47
CA SER F 519 60.56 3.94 54.81
C SER F 519 59.21 3.26 54.95
N GLY F 520 59.09 2.04 54.44
CA GLY F 520 57.83 1.31 54.49
C GLY F 520 56.73 1.98 53.70
N GLN F 521 57.11 2.80 52.73
CA GLN F 521 56.20 3.58 51.91
C GLN F 521 55.78 2.80 50.67
N ARG F 522 54.53 3.00 50.26
CA ARG F 522 54.08 2.40 49.01
C ARG F 522 54.58 3.28 47.89
N GLU F 523 55.39 2.69 47.00
CA GLU F 523 56.05 3.45 45.94
C GLU F 523 55.64 2.94 44.58
N VAL F 524 55.37 3.88 43.67
CA VAL F 524 55.06 3.60 42.28
C VAL F 524 56.08 4.32 41.41
N VAL F 525 56.74 3.58 40.52
CA VAL F 525 57.69 4.16 39.58
C VAL F 525 57.19 3.85 38.18
N ALA F 526 57.10 4.88 37.34
CA ALA F 526 56.55 4.74 36.00
C ALA F 526 57.49 5.33 34.96
N ASP F 527 57.26 4.94 33.71
CA ASP F 527 57.98 5.50 32.58
C ASP F 527 57.18 5.24 31.31
N SER F 528 57.16 6.21 30.41
CA SER F 528 56.41 6.10 29.16
C SER F 528 57.30 6.46 27.98
N VAL F 529 56.93 5.94 26.82
CA VAL F 529 57.64 6.21 25.58
C VAL F 529 56.63 6.29 24.43
N TRP F 530 56.88 7.19 23.48
CA TRP F 530 56.03 7.38 22.32
C TRP F 530 56.68 6.69 21.13
N VAL F 531 55.92 5.84 20.44
CA VAL F 531 56.42 5.10 19.27
C VAL F 531 55.56 5.44 18.07
N ASP F 532 56.20 5.90 17.00
CA ASP F 532 55.52 6.22 15.76
C ASP F 532 55.44 4.97 14.88
N VAL F 533 54.38 4.90 14.07
CA VAL F 533 54.19 3.79 13.13
C VAL F 533 53.98 4.38 11.75
N LYS F 534 54.44 3.64 10.73
CA LYS F 534 54.31 4.03 9.34
C LYS F 534 52.85 4.31 8.97
N ASP F 535 52.52 5.59 8.75
CA ASP F 535 51.14 5.95 8.45
C ASP F 535 50.65 5.26 7.19
N SER F 536 49.50 4.60 7.30
CA SER F 536 48.90 3.85 6.21
C SER F 536 47.45 3.56 6.58
N CYS F 537 46.73 2.92 5.66
CA CYS F 537 45.38 2.47 5.93
C CYS F 537 45.38 1.23 6.82
N VAL F 538 44.28 1.04 7.54
CA VAL F 538 44.14 -0.14 8.39
C VAL F 538 44.10 -1.39 7.52
N GLY F 539 43.27 -1.36 6.48
CA GLY F 539 43.24 -2.39 5.47
C GLY F 539 44.01 -1.96 4.23
N SER F 540 43.39 -2.05 3.06
CA SER F 540 44.02 -1.60 1.84
C SER F 540 42.96 -1.34 0.78
N LEU F 541 43.29 -0.46 -0.17
CA LEU F 541 42.38 -0.11 -1.25
C LEU F 541 43.20 0.36 -2.43
N VAL F 542 43.22 -0.41 -3.51
CA VAL F 542 44.00 -0.09 -4.69
C VAL F 542 43.06 -0.08 -5.91
N VAL F 543 43.21 0.94 -6.75
CA VAL F 543 42.49 1.06 -8.01
C VAL F 543 43.53 0.99 -9.12
N LYS F 544 43.40 0.01 -10.00
CA LYS F 544 44.35 -0.14 -11.09
C LYS F 544 43.61 -0.50 -12.38
N SER F 545 44.38 -0.72 -13.44
CA SER F 545 43.81 -1.05 -14.73
C SER F 545 43.26 -2.47 -14.74
N GLY F 546 42.03 -2.61 -15.23
CA GLY F 546 41.39 -3.90 -15.28
C GLY F 546 41.52 -4.51 -16.66
N GLN F 547 42.56 -4.09 -17.38
CA GLN F 547 42.80 -4.58 -18.73
C GLN F 547 44.30 -4.53 -19.00
N SER F 548 44.68 -4.90 -20.22
CA SER F 548 46.06 -4.97 -20.66
C SER F 548 46.63 -3.57 -20.87
N GLU F 549 47.97 -3.52 -20.91
CA GLU F 549 48.73 -2.28 -21.06
C GLU F 549 49.10 -2.01 -22.50
N ASP F 550 48.64 -2.85 -23.44
CA ASP F 550 48.68 -2.49 -24.86
C ASP F 550 47.50 -1.63 -25.27
N ARG F 551 46.31 -1.90 -24.71
CA ARG F 551 45.11 -1.13 -25.02
C ARG F 551 45.21 0.30 -24.50
N GLN F 552 45.11 1.24 -25.39
CA GLN F 552 45.26 2.63 -24.97
C GLN F 552 43.89 3.30 -24.80
N PRO F 553 43.73 4.10 -23.76
CA PRO F 553 42.44 4.78 -23.52
C PRO F 553 42.09 5.76 -24.62
N VAL F 554 40.84 5.69 -25.09
CA VAL F 554 40.40 6.55 -26.19
C VAL F 554 39.10 7.23 -25.76
N PRO F 555 38.84 8.49 -26.19
CA PRO F 555 37.59 9.16 -25.79
C PRO F 555 36.30 8.42 -26.12
N GLY F 556 35.66 7.86 -25.10
CA GLY F 556 34.39 7.17 -25.22
C GLY F 556 34.51 5.68 -25.08
N GLN F 557 35.73 5.16 -25.23
CA GLN F 557 35.98 3.73 -25.22
C GLN F 557 35.69 3.14 -23.85
N GLN F 558 35.01 2.00 -23.83
CA GLN F 558 34.81 1.34 -22.56
C GLN F 558 36.14 0.81 -22.03
N MET F 559 36.25 0.80 -20.71
CA MET F 559 37.45 0.36 -20.02
C MET F 559 37.02 -0.42 -18.80
N THR F 560 37.89 -1.31 -18.36
CA THR F 560 37.66 -2.08 -17.16
C THR F 560 38.57 -1.55 -16.07
N LEU F 561 37.99 -1.30 -14.90
CA LEU F 561 38.69 -0.78 -13.72
C LEU F 561 38.80 -1.90 -12.69
N LYS F 562 40.02 -2.23 -12.32
CA LYS F 562 40.25 -3.26 -11.31
C LYS F 562 40.34 -2.58 -9.95
N ILE F 563 39.36 -2.87 -9.08
CA ILE F 563 39.34 -2.36 -7.71
C ILE F 563 39.55 -3.53 -6.76
N GLU F 564 40.61 -3.47 -5.95
CA GLU F 564 40.92 -4.50 -4.97
C GLU F 564 41.01 -3.88 -3.58
N GLY F 565 40.12 -4.31 -2.69
CA GLY F 565 40.07 -3.78 -1.34
C GLY F 565 39.59 -4.81 -0.34
N ASP F 566 39.14 -4.34 0.83
CA ASP F 566 38.71 -5.25 1.89
C ASP F 566 37.32 -5.81 1.58
N HIS F 567 37.10 -7.05 2.00
CA HIS F 567 35.83 -7.71 1.74
C HIS F 567 34.70 -6.97 2.44
N GLY F 568 33.63 -6.70 1.69
CA GLY F 568 32.44 -6.08 2.23
C GLY F 568 32.50 -4.57 2.27
N ALA F 569 33.65 -3.97 2.01
CA ALA F 569 33.81 -2.53 2.11
C ALA F 569 33.03 -1.83 1.01
N ARG F 570 32.41 -0.70 1.37
CA ARG F 570 31.74 0.15 0.40
C ARG F 570 32.73 1.19 -0.12
N VAL F 571 33.00 1.17 -1.42
CA VAL F 571 33.96 2.08 -2.04
C VAL F 571 33.20 3.14 -2.82
N VAL F 572 33.57 4.40 -2.62
CA VAL F 572 33.00 5.54 -3.33
C VAL F 572 34.08 6.13 -4.23
N LEU F 573 33.70 6.49 -5.45
CA LEU F 573 34.65 6.87 -6.47
C LEU F 573 34.42 8.32 -6.91
N VAL F 574 35.39 8.83 -7.67
CA VAL F 574 35.31 10.15 -8.28
C VAL F 574 36.46 10.28 -9.29
N ALA F 575 36.13 10.76 -10.48
CA ALA F 575 37.11 11.04 -11.53
C ALA F 575 37.16 12.54 -11.76
N VAL F 576 38.34 13.13 -11.62
CA VAL F 576 38.51 14.57 -11.73
C VAL F 576 39.54 14.89 -12.81
N ASP F 577 39.25 15.90 -13.61
CA ASP F 577 40.19 16.39 -14.62
C ASP F 577 41.36 17.09 -13.94
N LYS F 578 42.57 16.83 -14.42
CA LYS F 578 43.75 17.38 -13.77
C LYS F 578 43.84 18.90 -13.94
N GLY F 579 43.08 19.46 -14.89
CA GLY F 579 43.04 20.90 -15.04
C GLY F 579 42.56 21.61 -13.79
N VAL F 580 41.54 21.03 -13.12
CA VAL F 580 41.08 21.52 -11.83
C VAL F 580 42.24 21.71 -10.85
N PHE F 581 43.11 20.70 -10.73
CA PHE F 581 44.22 20.79 -9.79
C PHE F 581 45.27 21.82 -10.21
N VAL F 582 45.38 22.10 -11.51
CA VAL F 582 46.25 23.18 -11.95
C VAL F 582 45.76 24.53 -11.44
N LEU F 583 44.45 24.71 -11.33
CA LEU F 583 43.92 25.96 -10.78
C LEU F 583 43.93 25.97 -9.26
N ASN F 584 43.46 24.89 -8.63
CA ASN F 584 43.43 24.82 -7.17
C ASN F 584 43.62 23.37 -6.74
N LYS F 585 44.63 23.13 -5.91
CA LYS F 585 44.94 21.81 -5.40
C LYS F 585 44.96 21.81 -3.88
N LYS F 586 44.04 22.54 -3.26
CA LYS F 586 43.95 22.66 -1.81
C LYS F 586 42.67 21.99 -1.33
N ASN F 587 42.65 21.68 -0.03
CA ASN F 587 41.48 21.05 0.61
C ASN F 587 41.18 19.69 0.00
N LYS F 588 42.22 19.06 -0.57
CA LYS F 588 42.10 17.74 -1.15
C LYS F 588 42.17 16.66 -0.08
N LEU F 589 41.24 15.72 -0.11
CA LEU F 589 41.20 14.66 0.88
C LEU F 589 42.31 13.65 0.60
N THR F 590 43.22 13.50 1.55
CA THR F 590 44.29 12.51 1.49
C THR F 590 44.21 11.63 2.75
N GLN F 591 45.07 10.61 2.80
CA GLN F 591 45.12 9.78 4.00
C GLN F 591 45.93 10.47 5.09
N SER F 592 46.97 11.20 4.69
CA SER F 592 47.82 11.93 5.65
C SER F 592 47.03 12.96 6.44
N LYS F 593 46.04 13.59 5.82
CA LYS F 593 45.21 14.58 6.51
C LYS F 593 44.28 13.92 7.51
N ILE F 594 43.80 12.71 7.21
CA ILE F 594 42.96 11.98 8.15
C ILE F 594 43.74 11.69 9.44
N TRP F 595 44.93 11.12 9.30
CA TRP F 595 45.75 10.81 10.47
C TRP F 595 46.17 12.08 11.21
N ASP F 596 46.24 13.21 10.50
CA ASP F 596 46.52 14.50 11.14
C ASP F 596 45.42 14.89 12.11
N VAL F 597 44.16 14.80 11.68
CA VAL F 597 43.03 15.12 12.55
C VAL F 597 43.05 14.22 13.78
N VAL F 598 43.26 12.91 13.58
CA VAL F 598 43.30 11.97 14.70
C VAL F 598 44.38 12.38 15.71
N GLU F 599 45.58 12.69 15.22
CA GLU F 599 46.69 13.06 16.10
C GLU F 599 46.47 14.39 16.79
N LYS F 600 45.66 15.29 16.23
CA LYS F 600 45.42 16.56 16.89
C LYS F 600 44.40 16.42 18.03
N ALA F 601 43.63 15.35 18.06
CA ALA F 601 42.69 15.09 19.13
C ALA F 601 43.27 14.13 20.17
N ASP F 602 44.59 14.03 20.22
CA ASP F 602 45.27 13.16 21.17
C ASP F 602 45.33 13.82 22.54
N ILE F 603 45.24 12.99 23.59
CA ILE F 603 45.25 13.51 24.95
C ILE F 603 46.65 13.58 25.54
N GLY F 604 47.63 12.91 24.93
CA GLY F 604 49.00 13.07 25.35
C GLY F 604 49.60 14.39 24.89
N CYS F 605 50.51 14.92 25.70
CA CYS F 605 51.10 16.24 25.48
C CYS F 605 52.62 16.24 25.48
N THR F 606 53.27 15.09 25.70
CA THR F 606 54.71 15.02 25.80
C THR F 606 55.21 13.81 25.02
N PRO F 607 56.48 13.82 24.60
CA PRO F 607 57.04 12.60 23.99
C PRO F 607 57.18 11.45 24.97
N GLY F 608 57.45 11.72 26.25
CA GLY F 608 57.60 10.64 27.21
C GLY F 608 58.02 11.06 28.60
N SER F 609 57.75 10.19 29.57
CA SER F 609 58.12 10.36 30.97
C SER F 609 57.54 11.64 31.59
N GLY F 610 57.99 11.98 32.79
CA GLY F 610 57.50 13.16 33.47
C GLY F 610 58.39 13.50 34.64
N LYS F 611 58.00 14.55 35.37
CA LYS F 611 58.80 15.00 36.50
C LYS F 611 58.72 14.03 37.68
N ASP F 612 57.60 13.31 37.81
CA ASP F 612 57.41 12.32 38.84
C ASP F 612 56.60 11.16 38.28
N TYR F 613 56.26 10.21 39.14
CA TYR F 613 55.52 9.04 38.70
C TYR F 613 54.09 9.38 38.32
N ALA F 614 53.55 10.47 38.88
CA ALA F 614 52.22 10.93 38.50
C ALA F 614 52.25 11.69 37.17
N GLY F 615 53.33 12.44 36.94
CA GLY F 615 53.48 13.18 35.69
C GLY F 615 53.55 12.27 34.48
N VAL F 616 54.09 11.07 34.66
CA VAL F 616 54.18 10.11 33.55
C VAL F 616 52.78 9.72 33.08
N PHE F 617 51.87 9.43 34.03
CA PHE F 617 50.52 9.06 33.66
C PHE F 617 49.76 10.25 33.08
N SER F 618 49.87 11.42 33.71
CA SER F 618 49.14 12.58 33.24
C SER F 618 49.62 13.02 31.86
N ASP F 619 50.93 13.08 31.66
CA ASP F 619 51.47 13.51 30.37
C ASP F 619 51.23 12.51 29.25
N ALA F 620 51.05 11.23 29.59
CA ALA F 620 50.76 10.21 28.58
C ALA F 620 49.27 9.97 28.38
N GLY F 621 48.44 10.84 28.94
CA GLY F 621 46.99 10.75 28.78
C GLY F 621 46.36 9.62 29.55
N LEU F 622 46.71 9.50 30.83
CA LEU F 622 46.18 8.44 31.68
C LEU F 622 45.96 8.99 33.09
N THR F 623 44.99 8.41 33.80
CA THR F 623 44.74 8.74 35.19
C THR F 623 44.90 7.48 36.02
N PHE F 624 45.85 7.51 36.96
CA PHE F 624 46.09 6.40 37.86
C PHE F 624 45.58 6.78 39.23
N THR F 625 44.92 5.83 39.90
CA THR F 625 44.34 6.09 41.22
C THR F 625 44.37 4.80 42.03
N SER F 626 45.19 4.78 43.08
CA SER F 626 45.33 3.62 43.95
C SER F 626 44.50 3.80 45.22
N SER F 627 44.24 2.69 45.90
CA SER F 627 43.46 2.75 47.13
C SER F 627 44.26 3.35 48.27
N SER F 628 45.59 3.20 48.23
CA SER F 628 46.45 3.76 49.26
C SER F 628 46.53 5.28 49.21
N GLY F 629 46.19 5.88 48.07
CA GLY F 629 46.18 7.32 47.89
C GLY F 629 47.03 7.85 46.76
N GLN F 630 47.95 7.06 46.20
CA GLN F 630 48.78 7.52 45.09
C GLN F 630 47.90 7.70 43.86
N GLN F 631 47.70 8.94 43.43
CA GLN F 631 46.85 9.21 42.28
C GLN F 631 47.39 10.41 41.53
N THR F 632 46.96 10.54 40.27
CA THR F 632 47.34 11.68 39.46
C THR F 632 46.47 12.89 39.80
N ALA F 633 47.06 14.07 39.61
CA ALA F 633 46.32 15.32 39.81
C ALA F 633 45.16 15.42 38.83
N GLN F 634 44.18 16.24 39.19
CA GLN F 634 43.02 16.41 38.33
C GLN F 634 43.42 17.14 37.05
N ARG F 635 42.66 16.89 35.98
CA ARG F 635 42.85 17.62 34.75
C ARG F 635 41.58 18.38 34.39
N ALA F 636 41.69 19.70 34.30
CA ALA F 636 40.53 20.54 33.99
C ALA F 636 40.73 21.27 32.67
N GLU F 637 41.70 20.84 31.87
CA GLU F 637 42.03 21.48 30.60
C GLU F 637 41.87 20.51 29.44
N LEU F 638 40.90 20.80 28.56
CA LEU F 638 40.71 20.00 27.36
C LEU F 638 41.95 20.06 26.47
N GLN F 639 42.56 21.23 26.39
CA GLN F 639 43.72 21.50 25.56
C GLN F 639 45.02 21.32 26.34
N CYS F 640 46.07 20.90 25.64
CA CYS F 640 47.38 20.72 26.23
C CYS F 640 47.98 22.06 26.63
N PRO F 641 48.89 22.07 27.60
CA PRO F 641 49.59 23.30 27.96
C PRO F 641 50.58 23.77 26.90
N GLN F 642 50.63 25.10 26.76
CA GLN F 642 51.43 25.80 25.78
C GLN F 642 52.90 25.82 26.16
N ASP G 4 32.72 13.91 -50.96
CA ASP G 4 33.68 13.49 -51.97
C ASP G 4 34.09 12.03 -51.81
N GLU G 5 35.28 11.71 -52.32
CA GLU G 5 35.80 10.36 -52.30
C GLU G 5 36.78 10.18 -51.15
N ASP G 6 36.70 9.01 -50.49
CA ASP G 6 37.64 8.63 -49.44
C ASP G 6 37.59 9.58 -48.25
N ILE G 7 36.37 9.87 -47.77
CA ILE G 7 36.23 10.69 -46.58
C ILE G 7 34.86 10.45 -45.97
N ILE G 8 34.79 10.61 -44.65
CA ILE G 8 33.57 10.37 -43.87
C ILE G 8 32.62 11.54 -44.05
N ALA G 9 31.36 11.23 -44.37
CA ALA G 9 30.37 12.27 -44.56
C ALA G 9 30.12 13.04 -43.26
N GLU G 10 29.74 14.31 -43.42
CA GLU G 10 29.52 15.19 -42.27
C GLU G 10 28.48 14.63 -41.32
N GLU G 11 27.40 14.05 -41.85
CA GLU G 11 26.31 13.58 -41.00
C GLU G 11 26.70 12.34 -40.21
N ASN G 12 27.76 11.64 -40.60
CA ASN G 12 28.21 10.44 -39.93
C ASN G 12 29.24 10.70 -38.85
N ILE G 13 29.60 11.96 -38.61
CA ILE G 13 30.56 12.33 -37.57
C ILE G 13 29.77 12.80 -36.36
N VAL G 14 29.97 12.12 -35.25
CA VAL G 14 29.38 12.46 -33.96
C VAL G 14 30.36 13.30 -33.15
N SER G 15 30.06 14.58 -33.00
CA SER G 15 30.96 15.47 -32.27
C SER G 15 31.04 15.05 -30.80
N ARG G 16 32.24 15.21 -30.24
CA ARG G 16 32.40 15.05 -28.80
C ARG G 16 31.72 16.19 -28.05
N SER G 17 30.97 15.84 -27.00
CA SER G 17 30.25 16.83 -26.21
C SER G 17 30.34 16.62 -24.70
N GLU G 18 30.85 15.49 -24.23
CA GLU G 18 30.91 15.18 -22.80
C GLU G 18 32.23 15.66 -22.21
N PHE G 19 32.23 16.84 -21.61
CA PHE G 19 33.44 17.42 -21.03
C PHE G 19 33.19 17.79 -19.58
N PRO G 20 32.89 16.80 -18.72
CA PRO G 20 32.66 17.10 -17.31
C PRO G 20 33.98 17.38 -16.59
N GLU G 21 33.95 18.31 -15.65
CA GLU G 21 35.14 18.54 -14.84
C GLU G 21 35.29 17.42 -13.81
N SER G 22 34.19 16.81 -13.38
CA SER G 22 34.24 15.66 -12.50
C SER G 22 33.09 14.72 -12.86
N TRP G 23 33.33 13.43 -12.71
CA TRP G 23 32.32 12.41 -12.99
C TRP G 23 32.68 11.14 -12.21
N LEU G 24 31.96 10.06 -12.51
CA LEU G 24 32.15 8.75 -11.86
C LEU G 24 31.90 8.85 -10.36
N TRP G 25 30.85 9.60 -10.01
CA TRP G 25 30.38 9.71 -8.62
C TRP G 25 29.54 8.50 -8.26
N ASN G 26 30.18 7.34 -8.20
CA ASN G 26 29.47 6.08 -8.04
C ASN G 26 29.84 5.40 -6.72
N VAL G 27 29.03 4.41 -6.37
CA VAL G 27 29.21 3.63 -5.14
C VAL G 27 29.27 2.15 -5.52
N GLU G 28 30.31 1.46 -5.05
CA GLU G 28 30.48 0.04 -5.32
C GLU G 28 30.74 -0.70 -4.01
N ASP G 29 30.21 -1.91 -3.91
CA ASP G 29 30.41 -2.77 -2.74
C ASP G 29 31.28 -3.95 -3.13
N LEU G 30 32.20 -4.32 -2.24
CA LEU G 30 33.12 -5.42 -2.48
C LEU G 30 32.53 -6.70 -1.90
N LYS G 31 31.74 -7.39 -2.70
CA LYS G 31 31.04 -8.60 -2.27
C LYS G 31 31.68 -9.87 -2.84
N GLU G 32 32.74 -9.72 -3.64
CA GLU G 32 33.42 -10.85 -4.25
C GLU G 32 34.14 -11.73 -3.24
N PRO G 33 34.21 -13.03 -3.51
CA PRO G 33 34.94 -13.98 -2.64
C PRO G 33 36.37 -13.55 -2.37
N PRO G 34 36.72 -13.29 -1.11
CA PRO G 34 38.05 -12.79 -0.78
C PRO G 34 39.17 -13.75 -1.21
N LYS G 35 40.34 -13.16 -1.51
CA LYS G 35 41.56 -13.90 -1.78
C LYS G 35 42.65 -13.32 -0.88
N ASN G 36 42.96 -14.07 0.18
CA ASN G 36 43.84 -13.63 1.27
C ASN G 36 43.30 -12.36 1.92
N GLY G 37 41.98 -12.26 2.01
CA GLY G 37 41.30 -11.15 2.63
C GLY G 37 40.96 -10.02 1.68
N ILE G 38 41.51 -10.02 0.47
CA ILE G 38 41.30 -9.00 -0.53
C ILE G 38 40.22 -9.46 -1.50
N SER G 39 39.20 -8.64 -1.71
CA SER G 39 38.16 -8.93 -2.68
C SER G 39 38.28 -7.96 -3.85
N THR G 40 38.57 -8.51 -5.04
CA THR G 40 38.80 -7.72 -6.24
C THR G 40 37.48 -7.58 -7.00
N LYS G 41 37.17 -6.36 -7.43
CA LYS G 41 35.95 -6.07 -8.18
C LYS G 41 36.29 -5.36 -9.48
N LEU G 42 36.00 -6.03 -10.60
CA LEU G 42 36.21 -5.46 -11.93
C LEU G 42 35.00 -4.61 -12.31
N MET G 43 35.25 -3.34 -12.63
CA MET G 43 34.18 -2.37 -12.90
C MET G 43 34.37 -1.76 -14.28
N ASN G 44 33.36 -1.90 -15.13
CA ASN G 44 33.38 -1.34 -16.48
C ASN G 44 32.85 0.09 -16.46
N ILE G 45 33.61 1.01 -17.04
CA ILE G 45 33.21 2.41 -17.09
C ILE G 45 33.41 2.91 -18.52
N PHE G 46 32.59 3.90 -18.89
CA PHE G 46 32.70 4.54 -20.21
C PHE G 46 33.36 5.90 -20.05
N LEU G 47 34.54 6.05 -20.64
CA LEU G 47 35.29 7.30 -20.58
C LEU G 47 34.56 8.44 -21.28
N LYS G 48 34.85 9.67 -20.85
CA LYS G 48 34.22 10.85 -21.43
C LYS G 48 35.01 11.34 -22.66
N ASP G 49 34.55 12.45 -23.21
CA ASP G 49 35.07 12.98 -24.47
C ASP G 49 36.27 13.90 -24.29
N SER G 50 36.62 14.24 -23.05
CA SER G 50 37.72 15.16 -22.78
C SER G 50 39.06 14.56 -23.19
N ILE G 51 39.96 15.42 -23.65
CA ILE G 51 41.31 14.98 -24.02
C ILE G 51 42.27 15.52 -22.97
N THR G 52 42.50 14.72 -21.93
CA THR G 52 43.25 15.14 -20.75
C THR G 52 43.65 13.89 -19.97
N THR G 53 44.10 14.08 -18.74
CA THR G 53 44.35 12.98 -17.81
C THR G 53 43.33 13.03 -16.68
N TRP G 54 42.68 11.90 -16.41
CA TRP G 54 41.75 11.80 -15.31
C TRP G 54 42.45 11.25 -14.08
N GLU G 55 42.19 11.88 -12.93
CA GLU G 55 42.61 11.38 -11.63
C GLU G 55 41.42 10.76 -10.92
N ILE G 56 41.46 9.44 -10.73
CA ILE G 56 40.39 8.71 -10.05
C ILE G 56 40.78 8.46 -8.60
N LEU G 57 39.95 8.94 -7.67
CA LEU G 57 40.20 8.82 -6.25
C LEU G 57 39.17 7.86 -5.64
N ALA G 58 39.64 6.97 -4.77
CA ALA G 58 38.81 5.97 -4.13
C ALA G 58 38.91 6.07 -2.62
N VAL G 59 37.77 5.93 -1.95
CA VAL G 59 37.68 5.95 -0.49
C VAL G 59 36.81 4.78 -0.07
N SER G 60 37.34 3.91 0.79
CA SER G 60 36.64 2.72 1.24
C SER G 60 36.25 2.87 2.70
N MET G 61 35.12 2.25 3.05
CA MET G 61 34.59 2.29 4.40
C MET G 61 34.13 0.89 4.79
N SER G 62 34.90 0.22 5.64
CA SER G 62 34.58 -1.14 6.06
C SER G 62 34.19 -1.15 7.53
N ASP G 63 33.37 -2.14 7.88
CA ASP G 63 32.91 -2.25 9.27
C ASP G 63 34.06 -2.59 10.21
N LYS G 64 34.99 -3.43 9.76
CA LYS G 64 36.09 -3.92 10.56
C LYS G 64 37.39 -3.20 10.27
N LYS G 65 37.47 -2.46 9.17
CA LYS G 65 38.70 -1.84 8.73
C LYS G 65 38.68 -0.32 8.81
N GLY G 66 37.50 0.29 8.87
CA GLY G 66 37.40 1.73 8.98
C GLY G 66 37.52 2.44 7.63
N ILE G 67 38.11 3.64 7.66
CA ILE G 67 38.23 4.49 6.48
C ILE G 67 39.61 4.34 5.86
N CYS G 68 39.64 4.34 4.53
CA CYS G 68 40.86 4.25 3.74
C CYS G 68 40.74 5.10 2.48
N VAL G 69 41.68 6.03 2.29
CA VAL G 69 41.75 6.86 1.10
C VAL G 69 42.83 6.30 0.20
N ALA G 70 42.42 5.72 -0.92
CA ALA G 70 43.39 5.08 -1.80
C ALA G 70 44.29 6.13 -2.45
N ASP G 71 45.42 5.68 -2.96
CA ASP G 71 46.27 6.56 -3.74
C ASP G 71 45.59 6.91 -5.05
N PRO G 72 45.79 8.12 -5.55
CA PRO G 72 45.15 8.52 -6.81
C PRO G 72 45.68 7.68 -7.98
N PHE G 73 44.76 7.23 -8.81
CA PHE G 73 45.10 6.46 -10.00
C PHE G 73 44.86 7.33 -11.23
N GLU G 74 45.92 7.63 -11.97
CA GLU G 74 45.84 8.53 -13.12
C GLU G 74 45.61 7.72 -14.39
N VAL G 75 44.68 8.19 -15.21
CA VAL G 75 44.36 7.56 -16.49
C VAL G 75 44.34 8.64 -17.56
N THR G 76 45.34 8.64 -18.44
CA THR G 76 45.43 9.62 -19.51
C THR G 76 44.63 9.09 -20.69
N VAL G 77 43.87 9.98 -21.32
CA VAL G 77 43.06 9.63 -22.49
C VAL G 77 43.51 10.49 -23.67
N MET G 78 43.73 9.85 -24.81
CA MET G 78 44.24 10.58 -25.96
C MET G 78 43.82 9.88 -27.24
N GLN G 79 44.06 10.55 -28.36
CA GLN G 79 43.84 10.04 -29.71
C GLN G 79 44.99 10.49 -30.59
N ASP G 80 45.14 9.82 -31.73
CA ASP G 80 46.16 10.24 -32.69
C ASP G 80 45.80 11.61 -33.27
N PHE G 81 44.52 11.86 -33.54
CA PHE G 81 44.07 13.08 -34.19
C PHE G 81 42.84 13.60 -33.47
N PHE G 82 42.85 14.88 -33.08
CA PHE G 82 41.71 15.46 -32.39
C PHE G 82 41.71 16.97 -32.53
N ILE G 83 40.57 17.57 -32.18
CA ILE G 83 40.36 19.02 -32.21
C ILE G 83 40.34 19.56 -30.79
N ASP G 84 41.14 20.59 -30.52
CA ASP G 84 41.07 21.32 -29.26
C ASP G 84 40.38 22.67 -29.50
N LEU G 85 39.09 22.74 -29.18
CA LEU G 85 38.29 23.94 -29.38
C LEU G 85 38.35 24.85 -28.15
N ARG G 86 39.17 25.90 -28.22
CA ARG G 86 39.43 26.78 -27.07
C ARG G 86 38.35 27.87 -27.00
N LEU G 87 37.31 27.65 -26.17
CA LEU G 87 36.21 28.59 -26.05
C LEU G 87 36.31 29.42 -24.77
N PRO G 88 36.02 30.71 -24.84
CA PRO G 88 36.04 31.55 -23.63
C PRO G 88 34.88 31.22 -22.70
N TYR G 89 35.02 31.67 -21.45
CA TYR G 89 33.97 31.45 -20.46
C TYR G 89 32.68 32.12 -20.87
N SER G 90 32.76 33.36 -21.35
CA SER G 90 31.59 34.09 -21.80
C SER G 90 32.00 35.03 -22.93
N VAL G 91 31.00 35.51 -23.66
CA VAL G 91 31.20 36.50 -24.71
C VAL G 91 30.06 37.51 -24.68
N VAL G 92 30.36 38.73 -25.10
CA VAL G 92 29.36 39.80 -25.09
C VAL G 92 28.51 39.72 -26.35
N ARG G 93 27.20 39.86 -26.17
CA ARG G 93 26.27 39.90 -27.30
C ARG G 93 26.67 40.95 -28.33
N ASN G 94 26.60 40.58 -29.60
CA ASN G 94 26.83 41.44 -30.75
C ASN G 94 28.27 41.91 -30.91
N GLU G 95 29.22 41.32 -30.18
CA GLU G 95 30.63 41.67 -30.34
C GLU G 95 31.32 40.56 -31.12
N GLN G 96 31.98 40.93 -32.20
CA GLN G 96 32.69 39.98 -33.04
C GLN G 96 33.93 39.45 -32.33
N VAL G 97 34.00 38.14 -32.18
CA VAL G 97 35.14 37.49 -31.52
C VAL G 97 35.70 36.43 -32.45
N GLU G 98 36.98 36.13 -32.26
CA GLU G 98 37.67 35.03 -32.94
C GLU G 98 37.97 33.89 -31.98
N ILE G 99 37.58 32.67 -32.35
CA ILE G 99 37.95 31.48 -31.61
C ILE G 99 38.95 30.71 -32.45
N ARG G 100 39.68 29.80 -31.80
CA ARG G 100 40.68 28.99 -32.51
C ARG G 100 40.41 27.51 -32.30
N ALA G 101 40.36 26.75 -33.39
CA ALA G 101 40.33 25.29 -33.35
C ALA G 101 41.72 24.77 -33.74
N VAL G 102 42.43 24.17 -32.79
CA VAL G 102 43.78 23.67 -33.02
C VAL G 102 43.72 22.17 -33.30
N LEU G 103 44.11 21.77 -34.50
CA LEU G 103 44.09 20.37 -34.93
C LEU G 103 45.45 19.73 -34.65
N TYR G 104 45.45 18.65 -33.89
CA TYR G 104 46.66 17.94 -33.48
C TYR G 104 46.79 16.62 -34.23
N ASN G 105 47.97 16.36 -34.78
CA ASN G 105 48.32 15.12 -35.46
C ASN G 105 49.52 14.48 -34.78
N TYR G 106 49.26 13.40 -34.03
CA TYR G 106 50.26 12.71 -33.22
C TYR G 106 50.71 11.38 -33.85
N ARG G 107 50.66 11.29 -35.18
CA ARG G 107 51.21 10.13 -35.86
C ARG G 107 52.71 10.31 -36.01
N GLN G 108 53.46 9.22 -35.91
CA GLN G 108 54.91 9.36 -35.82
C GLN G 108 55.50 9.90 -37.11
N ASN G 109 55.27 9.22 -38.23
CA ASN G 109 55.76 9.70 -39.52
C ASN G 109 54.69 9.51 -40.59
N GLN G 110 53.53 10.13 -40.42
CA GLN G 110 52.48 10.03 -41.43
C GLN G 110 51.70 11.34 -41.42
N GLU G 111 51.80 12.12 -42.49
CA GLU G 111 51.02 13.34 -42.58
C GLU G 111 49.58 13.06 -42.97
N LEU G 112 48.69 13.99 -42.62
CA LEU G 112 47.26 13.87 -42.89
C LEU G 112 46.77 15.14 -43.56
N LYS G 113 46.14 15.01 -44.72
CA LYS G 113 45.41 16.10 -45.36
C LYS G 113 43.99 16.11 -44.80
N VAL G 114 43.65 17.14 -44.03
CA VAL G 114 42.41 17.21 -43.26
C VAL G 114 41.56 18.38 -43.73
N ARG G 115 40.24 18.17 -43.77
CA ARG G 115 39.24 19.22 -43.96
C ARG G 115 38.48 19.45 -42.65
N VAL G 116 38.44 20.70 -42.21
CA VAL G 116 37.77 21.09 -40.98
C VAL G 116 36.63 22.03 -41.33
N GLU G 117 35.47 21.82 -40.69
CA GLU G 117 34.26 22.58 -40.98
C GLU G 117 33.65 23.13 -39.69
N LEU G 118 33.14 24.36 -39.76
CA LEU G 118 32.35 24.97 -38.69
C LEU G 118 30.87 24.91 -39.02
N LEU G 119 30.11 24.14 -38.24
CA LEU G 119 28.69 23.97 -38.47
C LEU G 119 27.95 25.30 -38.33
N HIS G 120 26.90 25.45 -39.13
CA HIS G 120 26.06 26.65 -39.06
C HIS G 120 25.21 26.63 -37.80
N ASN G 121 25.04 27.80 -37.19
CA ASN G 121 24.17 27.97 -36.04
C ASN G 121 23.43 29.31 -36.13
N PRO G 122 22.10 29.30 -36.17
CA PRO G 122 21.35 30.57 -36.27
C PRO G 122 21.66 31.56 -35.16
N ALA G 123 22.09 31.08 -34.00
CA ALA G 123 22.40 31.96 -32.88
C ALA G 123 23.73 32.70 -33.03
N PHE G 124 24.55 32.30 -34.00
CA PHE G 124 25.82 32.95 -34.29
C PHE G 124 25.82 33.48 -35.71
N CYS G 125 26.72 34.44 -35.97
CA CYS G 125 26.95 34.96 -37.30
C CYS G 125 28.35 34.60 -37.79
N SER G 126 28.41 33.85 -38.89
CA SER G 126 29.66 33.47 -39.50
C SER G 126 29.43 33.27 -40.99
N LEU G 127 30.49 32.88 -41.69
CA LEU G 127 30.40 32.61 -43.11
C LEU G 127 29.58 31.35 -43.40
N ALA G 128 29.43 30.48 -42.40
CA ALA G 128 28.61 29.28 -42.51
C ALA G 128 27.13 29.63 -42.50
N THR G 129 26.44 29.30 -43.58
CA THR G 129 25.01 29.53 -43.72
C THR G 129 24.29 28.18 -43.86
N THR G 130 22.97 28.24 -44.03
CA THR G 130 22.18 27.02 -44.21
C THR G 130 22.37 26.37 -45.58
N LYS G 131 22.76 27.14 -46.59
CA LYS G 131 22.93 26.62 -47.95
C LYS G 131 24.35 26.13 -48.23
N ARG G 132 25.36 26.91 -47.86
CA ARG G 132 26.75 26.55 -48.13
C ARG G 132 27.47 26.26 -46.82
N ARG G 133 28.50 25.43 -46.93
CA ARG G 133 29.30 24.98 -45.79
C ARG G 133 30.59 25.80 -45.70
N HIS G 134 31.16 25.84 -44.51
CA HIS G 134 32.46 26.49 -44.30
C HIS G 134 33.55 25.45 -44.10
N GLN G 135 34.14 24.99 -45.21
CA GLN G 135 35.19 24.00 -45.16
C GLN G 135 36.52 24.60 -45.60
N GLN G 136 37.60 23.94 -45.21
CA GLN G 136 38.94 24.25 -45.66
C GLN G 136 39.75 22.97 -45.54
N THR G 137 40.53 22.67 -46.56
CA THR G 137 41.37 21.47 -46.59
C THR G 137 42.82 21.87 -46.33
N VAL G 138 43.31 21.51 -45.14
CA VAL G 138 44.68 21.82 -44.76
C VAL G 138 45.47 20.52 -44.66
N THR G 139 46.79 20.66 -44.58
CA THR G 139 47.71 19.54 -44.41
C THR G 139 48.46 19.74 -43.10
N ILE G 140 48.31 18.79 -42.19
CA ILE G 140 48.99 18.82 -40.89
C ILE G 140 50.18 17.87 -40.96
N PRO G 141 51.41 18.36 -40.88
CA PRO G 141 52.59 17.47 -40.91
C PRO G 141 52.59 16.51 -39.74
N PRO G 142 53.36 15.43 -39.83
CA PRO G 142 53.45 14.49 -38.70
C PRO G 142 54.00 15.18 -37.47
N LYS G 143 53.59 14.68 -36.30
CA LYS G 143 54.05 15.18 -35.01
C LYS G 143 53.93 16.69 -34.92
N SER G 144 52.80 17.23 -35.36
CA SER G 144 52.64 18.66 -35.47
C SER G 144 51.18 19.04 -35.24
N SER G 145 50.89 20.32 -35.34
CA SER G 145 49.55 20.85 -35.12
C SER G 145 49.32 22.06 -36.00
N LEU G 146 48.05 22.40 -36.20
CA LEU G 146 47.65 23.50 -37.06
C LEU G 146 46.46 24.21 -36.42
N SER G 147 46.43 25.54 -36.55
CA SER G 147 45.41 26.37 -35.92
C SER G 147 44.48 26.98 -36.96
N VAL G 148 43.17 26.80 -36.77
CA VAL G 148 42.16 27.28 -37.72
C VAL G 148 41.28 28.33 -37.04
N PRO G 149 41.41 29.60 -37.42
CA PRO G 149 40.63 30.68 -36.80
C PRO G 149 39.22 30.80 -37.38
N TYR G 150 38.22 30.91 -36.50
CA TYR G 150 36.84 31.16 -36.90
C TYR G 150 36.34 32.43 -36.23
N VAL G 151 35.74 33.31 -37.03
CA VAL G 151 35.22 34.61 -36.59
C VAL G 151 33.69 34.54 -36.50
N ILE G 152 33.15 34.67 -35.29
CA ILE G 152 31.70 34.54 -35.07
C ILE G 152 31.18 35.75 -34.29
N VAL G 153 29.85 35.91 -34.30
CA VAL G 153 29.18 37.00 -33.60
C VAL G 153 27.94 36.51 -32.85
N PRO G 154 28.00 36.43 -31.52
CA PRO G 154 26.85 35.94 -30.73
C PRO G 154 25.63 36.84 -30.85
N LEU G 155 24.48 36.24 -31.20
CA LEU G 155 23.27 36.99 -31.47
C LEU G 155 22.26 37.05 -30.31
N LYS G 156 22.02 35.94 -29.61
CA LYS G 156 21.09 35.92 -28.49
C LYS G 156 21.78 35.42 -27.24
N THR G 157 21.38 35.98 -26.10
CA THR G 157 22.05 35.66 -24.85
C THR G 157 21.69 34.24 -24.39
N GLY G 158 22.42 33.78 -23.40
CA GLY G 158 22.24 32.47 -22.81
C GLY G 158 23.29 31.47 -23.27
N LEU G 159 23.11 30.24 -22.82
CA LEU G 159 24.03 29.13 -23.12
C LEU G 159 23.88 28.70 -24.57
N GLN G 160 24.75 29.19 -25.45
CA GLN G 160 24.70 28.83 -26.86
C GLN G 160 25.78 27.79 -27.17
N GLU G 161 25.68 27.20 -28.36
CA GLU G 161 26.46 26.02 -28.71
C GLU G 161 27.30 26.28 -29.97
N VAL G 162 28.55 25.81 -29.94
CA VAL G 162 29.47 25.86 -31.08
C VAL G 162 29.93 24.44 -31.40
N GLU G 163 29.90 24.06 -32.67
CA GLU G 163 30.26 22.73 -33.10
C GLU G 163 31.17 22.77 -34.32
N VAL G 164 32.34 22.13 -34.20
CA VAL G 164 33.35 22.07 -35.27
C VAL G 164 33.65 20.60 -35.52
N LYS G 165 33.65 20.21 -36.79
CA LYS G 165 33.93 18.84 -37.19
C LYS G 165 35.12 18.78 -38.14
N ALA G 166 35.72 17.58 -38.24
CA ALA G 166 36.86 17.36 -39.13
C ALA G 166 36.93 15.90 -39.53
N ALA G 167 37.34 15.65 -40.77
CA ALA G 167 37.52 14.30 -41.28
C ALA G 167 38.74 14.28 -42.19
N VAL G 168 39.50 13.19 -42.15
CA VAL G 168 40.68 13.03 -42.98
C VAL G 168 40.35 12.28 -44.24
N TYR G 169 41.11 12.56 -45.30
CA TYR G 169 40.95 11.86 -46.56
C TYR G 169 41.69 10.52 -46.51
N HIS G 170 41.14 9.52 -47.19
CA HIS G 170 41.78 8.22 -47.40
C HIS G 170 41.97 7.42 -46.10
N HIS G 171 41.33 7.81 -45.01
CA HIS G 171 41.44 7.07 -43.76
C HIS G 171 40.11 7.12 -43.00
N PHE G 172 39.94 6.12 -42.13
CA PHE G 172 38.76 6.01 -41.25
C PHE G 172 39.09 6.70 -39.93
N ILE G 173 39.23 8.02 -40.01
CA ILE G 173 39.64 8.87 -38.90
C ILE G 173 38.81 10.15 -38.91
N SER G 174 37.95 10.34 -37.92
CA SER G 174 37.12 11.54 -37.88
C SER G 174 37.08 12.07 -36.45
N ASP G 175 36.70 13.34 -36.33
CA ASP G 175 36.53 13.93 -35.00
C ASP G 175 35.55 15.10 -35.06
N GLY G 176 34.83 15.29 -33.95
CA GLY G 176 33.90 16.37 -33.79
C GLY G 176 34.00 16.98 -32.40
N VAL G 177 33.86 18.30 -32.27
CA VAL G 177 33.82 18.95 -30.97
C VAL G 177 32.58 19.82 -30.89
N ARG G 178 31.78 19.64 -29.85
CA ARG G 178 30.58 20.44 -29.61
C ARG G 178 30.62 21.02 -28.19
N LYS G 179 30.92 22.31 -28.07
CA LYS G 179 31.02 22.96 -26.78
C LYS G 179 30.02 24.11 -26.68
N SER G 180 29.73 24.52 -25.44
CA SER G 180 28.83 25.64 -25.16
C SER G 180 29.59 26.82 -24.56
N LEU G 181 29.08 28.03 -24.82
CA LEU G 181 29.59 29.23 -24.18
C LEU G 181 28.43 30.10 -23.73
N LYS G 182 28.71 30.99 -22.78
CA LYS G 182 27.71 31.90 -22.23
C LYS G 182 27.69 33.23 -22.97
N VAL G 183 26.52 33.63 -23.47
CA VAL G 183 26.37 34.93 -24.10
C VAL G 183 25.70 35.88 -23.11
N VAL G 184 26.30 37.03 -22.88
CA VAL G 184 25.92 37.88 -21.75
C VAL G 184 25.48 39.27 -22.24
N PRO G 185 24.41 39.83 -21.69
CA PRO G 185 23.99 41.19 -22.07
C PRO G 185 25.16 42.17 -22.10
N GLU G 186 25.03 43.21 -22.93
CA GLU G 186 26.13 44.16 -23.10
C GLU G 186 26.51 44.83 -21.78
N GLY G 187 25.52 45.19 -20.96
CA GLY G 187 25.80 45.94 -19.75
C GLY G 187 26.56 45.13 -18.72
N ILE G 188 26.80 45.76 -17.56
CA ILE G 188 27.53 45.11 -16.48
C ILE G 188 26.57 44.87 -15.32
N ARG G 189 26.68 43.68 -14.72
CA ARG G 189 25.90 43.28 -13.55
C ARG G 189 26.07 44.28 -12.40
N MET G 190 24.96 44.84 -11.94
CA MET G 190 24.94 45.84 -10.88
C MET G 190 23.79 45.55 -9.93
N ASN G 191 23.95 45.96 -8.66
CA ASN G 191 22.81 45.93 -7.74
C ASN G 191 22.70 47.20 -6.91
N LYS G 192 21.46 47.62 -6.70
CA LYS G 192 21.09 48.80 -5.92
C LYS G 192 20.38 48.36 -4.65
N THR G 193 20.79 48.92 -3.51
CA THR G 193 20.13 48.65 -2.22
C THR G 193 18.83 49.46 -2.15
N VAL G 194 17.74 48.81 -2.57
CA VAL G 194 16.44 49.49 -2.65
C VAL G 194 15.92 49.90 -1.29
N ALA G 195 15.96 48.99 -0.30
CA ALA G 195 15.45 49.33 1.02
C ALA G 195 16.19 48.56 2.11
N VAL G 196 16.32 49.20 3.26
CA VAL G 196 16.83 48.59 4.50
C VAL G 196 15.92 49.03 5.63
N ARG G 197 15.09 48.10 6.10
CA ARG G 197 14.08 48.37 7.13
C ARG G 197 14.34 47.49 8.35
N THR G 198 14.09 48.05 9.54
CA THR G 198 14.20 47.31 10.79
C THR G 198 12.87 46.66 11.13
N LEU G 199 12.90 45.35 11.38
CA LEU G 199 11.73 44.56 11.73
C LEU G 199 11.63 44.40 13.23
N ASP G 200 10.52 44.87 13.80
CA ASP G 200 10.25 44.77 15.23
C ASP G 200 8.75 44.91 15.47
N PRO G 201 7.98 43.83 15.29
CA PRO G 201 6.51 43.94 15.39
C PRO G 201 6.04 44.44 16.74
N GLU G 202 6.64 43.97 17.84
CA GLU G 202 6.20 44.36 19.17
C GLU G 202 6.55 45.81 19.50
N ARG G 203 7.43 46.44 18.71
CA ARG G 203 7.96 47.77 18.98
C ARG G 203 7.57 48.79 17.91
N LEU G 204 7.63 48.41 16.63
CA LEU G 204 7.34 49.32 15.54
C LEU G 204 6.04 49.00 14.85
N GLY G 205 5.39 47.89 15.23
CA GLY G 205 4.17 47.43 14.61
C GLY G 205 2.96 47.81 15.44
N ARG G 206 1.82 47.91 14.79
CA ARG G 206 0.57 48.23 15.46
C ARG G 206 -0.20 46.94 15.72
N GLU G 207 -0.71 46.80 16.95
CA GLU G 207 -1.44 45.60 17.38
C GLU G 207 -0.65 44.32 17.15
N GLY G 208 0.69 44.40 17.13
CA GLY G 208 1.51 43.23 17.00
C GLY G 208 1.93 42.87 15.59
N VAL G 209 1.46 43.59 14.57
CA VAL G 209 1.81 43.32 13.20
C VAL G 209 2.49 44.56 12.63
N GLN G 210 3.51 44.35 11.80
CA GLN G 210 4.30 45.42 11.20
C GLN G 210 4.28 45.23 9.69
N LYS G 211 3.82 46.26 8.98
CA LYS G 211 3.70 46.24 7.53
C LYS G 211 4.69 47.23 6.94
N GLU G 212 5.66 46.72 6.20
CA GLU G 212 6.64 47.54 5.50
C GLU G 212 6.35 47.56 3.99
N ASP G 213 6.29 48.76 3.43
CA ASP G 213 6.05 48.97 2.01
C ASP G 213 7.40 49.28 1.35
N ILE G 214 7.77 48.46 0.38
CA ILE G 214 9.06 48.55 -0.29
C ILE G 214 8.86 49.20 -1.66
N PRO G 215 9.56 50.27 -1.96
CA PRO G 215 9.38 50.94 -3.26
C PRO G 215 10.05 50.15 -4.36
N PRO G 216 9.54 50.23 -5.59
CA PRO G 216 10.24 49.57 -6.70
C PRO G 216 11.57 50.23 -7.02
N ALA G 217 12.49 49.41 -7.51
CA ALA G 217 13.85 49.85 -7.81
C ALA G 217 13.84 50.86 -8.96
N ASP G 218 14.91 51.66 -9.02
CA ASP G 218 15.03 52.71 -10.02
C ASP G 218 15.01 52.13 -11.44
N LEU G 219 16.03 51.35 -11.78
CA LEU G 219 16.13 50.65 -13.06
C LEU G 219 15.96 51.62 -14.22
N SER G 220 16.64 52.77 -14.13
CA SER G 220 16.60 53.76 -15.20
C SER G 220 17.64 53.48 -16.28
N ASP G 221 18.79 52.94 -15.89
CA ASP G 221 19.88 52.61 -16.78
C ASP G 221 19.89 51.14 -17.18
N GLN G 222 18.73 50.47 -17.11
CA GLN G 222 18.67 49.05 -17.43
C GLN G 222 18.87 48.84 -18.93
N VAL G 223 19.76 47.91 -19.26
CA VAL G 223 20.03 47.53 -20.66
C VAL G 223 18.81 46.89 -21.29
N PRO G 224 18.34 47.39 -22.43
CA PRO G 224 17.17 46.81 -23.10
C PRO G 224 17.28 45.30 -23.24
N ASP G 225 16.15 44.61 -23.04
CA ASP G 225 16.08 43.15 -23.17
C ASP G 225 17.04 42.44 -22.21
N THR G 226 17.02 42.87 -20.96
CA THR G 226 17.77 42.21 -19.89
C THR G 226 16.83 41.97 -18.72
N GLU G 227 17.03 40.85 -18.04
CA GLU G 227 16.19 40.51 -16.90
C GLU G 227 16.82 40.99 -15.61
N SER G 228 15.97 41.10 -14.57
CA SER G 228 16.45 41.55 -13.28
C SER G 228 15.93 40.56 -12.25
N GLU G 229 16.58 40.53 -11.10
CA GLU G 229 16.15 39.70 -9.98
C GLU G 229 16.20 40.54 -8.71
N THR G 230 15.07 40.73 -8.05
CA THR G 230 15.10 41.48 -6.80
C THR G 230 15.14 40.50 -5.65
N ARG G 231 16.17 40.61 -4.80
CA ARG G 231 16.32 39.79 -3.61
C ARG G 231 15.90 40.50 -2.33
N ILE G 232 15.00 39.84 -1.60
CA ILE G 232 14.55 40.23 -0.27
C ILE G 232 15.33 39.35 0.70
N LEU G 233 16.24 39.96 1.47
CA LEU G 233 17.19 39.26 2.32
C LEU G 233 16.80 39.48 3.78
N LEU G 234 16.26 38.43 4.39
CA LEU G 234 15.87 38.42 5.80
C LEU G 234 16.96 37.75 6.63
N GLN G 235 17.28 38.38 7.76
CA GLN G 235 18.21 37.83 8.73
C GLN G 235 17.68 38.15 10.12
N GLY G 236 18.07 37.34 11.10
CA GLY G 236 17.63 37.53 12.47
C GLY G 236 18.64 38.29 13.32
N THR G 237 18.11 39.06 14.27
CA THR G 237 18.91 39.83 15.21
C THR G 237 18.85 39.17 16.59
N PRO G 238 19.86 38.40 16.98
CA PRO G 238 19.81 37.73 18.29
C PRO G 238 20.16 38.71 19.39
N VAL G 239 19.87 38.32 20.62
CA VAL G 239 20.14 39.13 21.79
C VAL G 239 20.96 38.34 22.82
N ALA G 240 22.19 38.79 23.05
CA ALA G 240 23.03 38.23 24.09
C ALA G 240 22.34 38.49 25.41
N GLN G 241 22.22 37.49 26.28
CA GLN G 241 21.54 37.72 27.54
C GLN G 241 22.47 38.06 28.70
N MET G 242 22.12 39.18 29.33
CA MET G 242 22.84 40.02 30.28
C MET G 242 23.03 39.48 31.70
N THR G 243 23.05 38.18 31.94
CA THR G 243 23.26 37.77 33.33
C THR G 243 24.67 38.10 33.79
N GLU G 244 24.74 38.78 34.94
CA GLU G 244 26.00 39.14 35.58
C GLU G 244 26.82 37.94 36.02
N ASP G 245 28.13 38.04 35.81
CA ASP G 245 29.09 37.01 36.21
C ASP G 245 29.10 36.78 37.72
N ALA G 246 28.90 35.52 38.11
CA ALA G 246 28.93 35.12 39.51
C ALA G 246 30.30 35.38 40.14
N VAL G 247 30.29 35.56 41.47
CA VAL G 247 31.51 35.86 42.22
C VAL G 247 32.52 34.72 42.11
N ASP G 248 33.78 35.09 41.89
CA ASP G 248 34.85 34.14 41.66
C ASP G 248 35.03 33.14 42.80
N ALA G 249 35.28 31.89 42.42
CA ALA G 249 35.41 30.78 43.35
C ALA G 249 36.61 30.91 44.28
N GLU G 250 37.70 31.52 43.81
CA GLU G 250 38.91 31.61 44.64
C GLU G 250 38.68 32.42 45.90
N ARG G 251 37.89 33.49 45.83
CA ARG G 251 37.59 34.30 47.01
C ARG G 251 36.73 33.57 48.03
N LEU G 252 36.44 32.30 47.82
CA LEU G 252 35.63 31.50 48.73
C LEU G 252 36.41 30.37 49.39
N LYS G 253 37.71 30.24 49.09
CA LYS G 253 38.52 29.17 49.66
C LYS G 253 38.43 29.13 51.18
N HIS G 254 38.17 30.28 51.81
CA HIS G 254 38.15 30.38 53.26
C HIS G 254 36.82 30.01 53.88
N LEU G 255 35.76 29.82 53.08
CA LEU G 255 34.45 29.50 53.62
C LEU G 255 34.31 28.03 53.98
N ILE G 256 35.27 27.19 53.60
CA ILE G 256 35.27 25.77 53.94
C ILE G 256 35.87 25.63 55.33
N VAL G 257 35.01 25.60 56.35
CA VAL G 257 35.44 25.59 57.74
C VAL G 257 34.89 24.35 58.43
N THR G 258 35.71 23.78 59.31
CA THR G 258 35.32 22.64 60.13
C THR G 258 34.41 23.08 61.27
N PRO G 259 33.19 22.54 61.37
CA PRO G 259 32.25 22.99 62.41
C PRO G 259 32.71 22.52 63.78
N SER G 260 32.54 23.40 64.76
CA SER G 260 32.86 23.11 66.16
C SER G 260 32.10 24.07 67.06
N GLY G 261 32.16 23.79 68.35
CA GLY G 261 31.46 24.54 69.38
C GLY G 261 30.24 23.81 69.91
N CYS G 262 29.37 24.57 70.55
CA CYS G 262 28.20 23.94 71.17
C CYS G 262 26.94 24.16 70.32
N GLY G 263 25.77 24.06 70.96
CA GLY G 263 24.51 24.06 70.23
C GLY G 263 24.34 25.20 69.26
N GLU G 264 24.96 26.34 69.53
CA GLU G 264 24.85 27.52 68.69
C GLU G 264 26.10 27.75 67.86
N GLN G 265 27.28 27.52 68.44
CA GLN G 265 28.53 27.68 67.71
C GLN G 265 28.67 26.65 66.61
N ASN G 266 28.06 25.48 66.78
CA ASN G 266 28.11 24.45 65.74
C ASN G 266 27.43 24.95 64.46
N MET G 267 26.27 25.60 64.59
CA MET G 267 25.59 26.14 63.42
C MET G 267 26.34 27.33 62.83
N ILE G 268 27.08 28.07 63.66
CA ILE G 268 27.87 29.18 63.13
C ILE G 268 28.96 28.67 62.21
N GLY G 269 29.51 27.49 62.53
CA GLY G 269 30.54 26.88 61.69
C GLY G 269 29.99 26.09 60.54
N MET G 270 28.73 25.67 60.62
CA MET G 270 28.14 24.84 59.58
C MET G 270 27.60 25.69 58.44
N THR G 271 27.16 26.92 58.74
CA THR G 271 26.58 27.78 57.71
C THR G 271 27.51 28.05 56.54
N PRO G 272 28.74 28.52 56.72
CA PRO G 272 29.56 28.86 55.54
C PRO G 272 29.85 27.66 54.66
N THR G 273 30.10 26.50 55.25
CA THR G 273 30.43 25.31 54.46
C THR G 273 29.24 24.87 53.62
N VAL G 274 28.06 24.74 54.25
CA VAL G 274 26.86 24.36 53.52
C VAL G 274 26.55 25.35 52.41
N ILE G 275 26.63 26.65 52.71
CA ILE G 275 26.30 27.65 51.71
C ILE G 275 27.36 27.71 50.62
N ALA G 276 28.61 27.39 50.94
CA ALA G 276 29.67 27.37 49.94
C ALA G 276 29.43 26.27 48.91
N VAL G 277 29.16 25.05 49.38
CA VAL G 277 28.85 23.94 48.47
C VAL G 277 27.61 24.26 47.64
N HIS G 278 26.59 24.83 48.28
CA HIS G 278 25.37 25.18 47.55
C HIS G 278 25.65 26.18 46.43
N TYR G 279 26.57 27.12 46.67
CA TYR G 279 26.86 28.12 45.64
C TYR G 279 27.75 27.54 44.54
N LEU G 280 28.82 26.84 44.93
CA LEU G 280 29.73 26.27 43.94
C LEU G 280 29.05 25.21 43.09
N ASP G 281 28.03 24.54 43.64
CA ASP G 281 27.29 23.55 42.87
C ASP G 281 26.46 24.21 41.78
N GLU G 282 25.82 25.32 42.08
CA GLU G 282 24.95 26.00 41.12
C GLU G 282 25.78 26.70 40.04
N THR G 283 26.79 27.47 40.44
CA THR G 283 27.60 28.20 39.46
C THR G 283 28.58 27.31 38.70
N GLU G 284 28.73 26.05 39.11
CA GLU G 284 29.61 25.08 38.46
C GLU G 284 31.04 25.59 38.35
N GLN G 285 31.64 25.82 39.51
CA GLN G 285 33.00 26.36 39.57
C GLN G 285 33.96 25.41 40.29
N TRP G 286 33.63 24.11 40.37
CA TRP G 286 34.55 23.19 41.03
C TRP G 286 35.80 22.94 40.20
N GLU G 287 35.83 23.34 38.93
CA GLU G 287 37.03 23.17 38.12
C GLU G 287 38.14 24.08 38.62
N LYS G 288 37.83 25.37 38.80
CA LYS G 288 38.81 26.32 39.30
C LYS G 288 38.98 26.20 40.81
N PHE G 289 37.92 25.82 41.52
CA PHE G 289 37.99 25.65 42.97
C PHE G 289 38.83 24.43 43.32
N GLY G 290 38.61 23.31 42.62
CA GLY G 290 39.28 22.05 42.88
C GLY G 290 38.29 20.93 43.11
N LEU G 291 38.20 20.05 42.10
CA LEU G 291 37.21 18.97 42.10
C LEU G 291 37.33 18.10 43.36
N GLU G 292 38.56 17.77 43.75
CA GLU G 292 38.76 16.86 44.87
C GLU G 292 38.25 17.44 46.19
N LYS G 293 38.33 18.77 46.37
CA LYS G 293 37.96 19.37 47.64
C LYS G 293 36.48 19.19 47.97
N ARG G 294 35.62 19.06 46.96
CA ARG G 294 34.19 18.93 47.25
C ARG G 294 33.90 17.72 48.13
N GLN G 295 34.70 16.66 48.00
CA GLN G 295 34.49 15.48 48.84
C GLN G 295 34.66 15.83 50.31
N GLY G 296 35.80 16.43 50.65
CA GLY G 296 36.01 16.88 52.03
C GLY G 296 34.98 17.88 52.49
N ALA G 297 34.61 18.83 51.62
CA ALA G 297 33.55 19.78 51.94
C ALA G 297 32.26 19.09 52.36
N LEU G 298 31.93 17.97 51.71
CA LEU G 298 30.76 17.21 52.14
C LEU G 298 30.98 16.58 53.51
N GLU G 299 32.17 16.02 53.73
CA GLU G 299 32.47 15.41 55.03
C GLU G 299 32.24 16.39 56.17
N LEU G 300 32.64 17.65 55.97
CA LEU G 300 32.44 18.65 57.02
C LEU G 300 30.96 18.88 57.29
N ILE G 301 30.14 18.92 56.22
CA ILE G 301 28.71 19.13 56.40
C ILE G 301 28.08 17.97 57.15
N LYS G 302 28.41 16.74 56.75
CA LYS G 302 27.98 15.56 57.50
C LYS G 302 28.39 15.67 58.96
N LYS G 303 29.68 15.95 59.21
CA LYS G 303 30.17 16.14 60.57
C LYS G 303 29.33 17.15 61.35
N GLY G 304 29.14 18.34 60.78
CA GLY G 304 28.32 19.35 61.43
C GLY G 304 26.92 18.86 61.73
N TYR G 305 26.30 18.17 60.78
CA TYR G 305 24.96 17.63 61.00
C TYR G 305 24.95 16.65 62.16
N THR G 306 25.87 15.67 62.14
CA THR G 306 25.97 14.72 63.24
C THR G 306 26.18 15.43 64.58
N GLN G 307 27.07 16.43 64.61
CA GLN G 307 27.31 17.18 65.84
C GLN G 307 26.08 17.96 66.29
N GLN G 308 25.26 18.42 65.35
CA GLN G 308 24.07 19.17 65.71
C GLN G 308 22.99 18.27 66.30
N LEU G 309 22.97 16.99 65.93
CA LEU G 309 22.02 16.05 66.50
C LEU G 309 22.20 15.88 68.00
N ALA G 310 23.38 16.22 68.52
CA ALA G 310 23.65 16.00 69.94
C ALA G 310 22.92 17.02 70.82
N PHE G 311 22.51 18.15 70.24
CA PHE G 311 21.86 19.22 70.99
C PHE G 311 20.36 19.25 70.73
N ARG G 312 19.83 18.22 70.06
CA ARG G 312 18.41 18.07 69.79
C ARG G 312 17.70 17.63 71.07
N GLN G 313 17.01 18.56 71.72
CA GLN G 313 16.28 18.23 72.93
C GLN G 313 15.15 17.25 72.64
N PRO G 314 14.70 16.47 73.66
CA PRO G 314 13.65 15.47 73.46
C PRO G 314 12.39 16.00 72.79
N SER G 315 12.20 17.31 72.82
CA SER G 315 11.06 17.94 72.18
C SER G 315 11.31 18.22 70.70
N SER G 316 12.38 17.65 70.14
CA SER G 316 12.82 17.88 68.77
C SER G 316 13.14 19.35 68.51
N ALA G 317 13.60 20.05 69.53
CA ALA G 317 14.00 21.45 69.42
C ALA G 317 15.52 21.55 69.49
N PHE G 318 16.02 22.77 69.62
CA PHE G 318 17.45 23.03 69.68
C PHE G 318 17.74 24.17 70.64
N ALA G 319 18.84 24.03 71.37
CA ALA G 319 19.35 25.06 72.27
C ALA G 319 20.86 24.95 72.34
N ALA G 320 21.49 26.00 72.85
CA ALA G 320 22.94 26.03 72.96
C ALA G 320 23.46 24.85 73.78
N PHE G 321 22.70 24.41 74.78
CA PHE G 321 23.10 23.28 75.60
C PHE G 321 21.88 22.41 75.85
N VAL G 322 22.12 21.12 76.10
CA VAL G 322 21.03 20.17 76.24
C VAL G 322 20.13 20.55 77.40
N LYS G 323 20.72 21.12 78.45
CA LYS G 323 19.98 21.55 79.63
C LYS G 323 19.31 22.90 79.42
N ARG G 324 19.88 23.75 78.57
CA ARG G 324 19.36 25.08 78.32
C ARG G 324 17.97 25.02 77.70
N ALA G 325 17.13 25.99 78.07
CA ALA G 325 15.78 26.07 77.52
C ALA G 325 15.83 26.26 76.01
N PRO G 326 14.92 25.62 75.27
CA PRO G 326 14.95 25.69 73.80
C PRO G 326 14.65 27.08 73.27
N SER G 327 15.47 27.51 72.32
CA SER G 327 15.33 28.81 71.67
C SER G 327 14.42 28.70 70.46
N THR G 328 13.60 29.72 70.23
CA THR G 328 12.72 29.75 69.07
C THR G 328 13.51 29.99 67.79
N TRP G 329 14.31 31.06 67.77
CA TRP G 329 15.06 31.43 66.57
C TRP G 329 16.04 30.36 66.14
N LEU G 330 16.69 29.70 67.11
CA LEU G 330 17.69 28.69 66.78
C LEU G 330 17.04 27.48 66.12
N THR G 331 15.90 27.03 66.63
CA THR G 331 15.22 25.89 66.02
C THR G 331 14.82 26.22 64.58
N ALA G 332 14.31 27.44 64.35
CA ALA G 332 13.93 27.85 63.00
C ALA G 332 15.12 27.90 62.07
N TYR G 333 16.29 28.29 62.57
CA TYR G 333 17.48 28.39 61.74
C TYR G 333 18.03 27.01 61.37
N VAL G 334 17.95 26.04 62.28
CA VAL G 334 18.36 24.68 61.95
C VAL G 334 17.51 24.13 60.82
N VAL G 335 16.21 24.39 60.85
CA VAL G 335 15.33 24.02 59.75
C VAL G 335 15.82 24.63 58.44
N LYS G 336 16.16 25.92 58.46
CA LYS G 336 16.64 26.61 57.26
C LYS G 336 17.82 25.90 56.63
N VAL G 337 18.93 25.80 57.37
CA VAL G 337 20.14 25.16 56.85
C VAL G 337 19.87 23.73 56.41
N PHE G 338 19.21 22.95 57.25
CA PHE G 338 18.95 21.54 56.93
C PHE G 338 18.04 21.39 55.72
N SER G 339 17.11 22.32 55.52
CA SER G 339 16.25 22.26 54.33
C SER G 339 17.03 22.56 53.07
N LEU G 340 18.03 23.44 53.14
CA LEU G 340 18.83 23.74 51.97
C LEU G 340 19.92 22.70 51.76
N ALA G 341 20.09 21.77 52.69
CA ALA G 341 21.14 20.78 52.64
C ALA G 341 20.63 19.39 52.28
N VAL G 342 19.33 19.24 52.05
CA VAL G 342 18.78 17.92 51.76
C VAL G 342 19.35 17.41 50.44
N ASN G 343 19.74 18.33 49.56
CA ASN G 343 20.28 18.01 48.25
C ASN G 343 21.75 17.63 48.31
N LEU G 344 22.37 17.71 49.48
CA LEU G 344 23.80 17.50 49.63
C LEU G 344 24.12 16.22 50.41
N ILE G 345 23.51 16.02 51.58
CA ILE G 345 23.80 14.87 52.42
C ILE G 345 22.48 14.22 52.84
N ALA G 346 22.60 13.12 53.58
CA ALA G 346 21.45 12.34 54.05
C ALA G 346 20.85 13.00 55.29
N ILE G 347 19.72 13.68 55.12
CA ILE G 347 19.02 14.34 56.21
C ILE G 347 17.81 13.50 56.60
N ASP G 348 17.67 13.21 57.90
CA ASP G 348 16.55 12.44 58.40
C ASP G 348 15.29 13.30 58.42
N SER G 349 14.17 12.74 57.94
CA SER G 349 12.93 13.50 57.88
C SER G 349 12.36 13.77 59.26
N GLN G 350 12.43 12.78 60.17
CA GLN G 350 11.86 12.95 61.51
C GLN G 350 12.51 14.13 62.24
N VAL G 351 13.81 14.34 62.05
CA VAL G 351 14.50 15.45 62.71
C VAL G 351 13.97 16.78 62.19
N LEU G 352 14.03 16.98 60.87
CA LEU G 352 13.59 18.22 60.25
C LEU G 352 12.10 18.48 60.54
N CYS G 353 11.25 17.51 60.22
CA CYS G 353 9.81 17.67 60.40
C CYS G 353 9.42 17.79 61.87
N GLY G 354 10.17 17.13 62.76
CA GLY G 354 9.90 17.29 64.18
C GLY G 354 10.13 18.71 64.66
N ALA G 355 11.25 19.31 64.24
CA ALA G 355 11.50 20.71 64.55
C ALA G 355 10.37 21.60 64.03
N VAL G 356 9.86 21.30 62.84
CA VAL G 356 8.76 22.09 62.27
C VAL G 356 7.51 21.94 63.13
N LYS G 357 7.14 20.70 63.46
CA LYS G 357 5.98 20.45 64.30
C LYS G 357 6.12 21.11 65.66
N TRP G 358 7.34 21.15 66.19
CA TRP G 358 7.61 21.89 67.43
C TRP G 358 7.29 23.37 67.30
N LEU G 359 7.86 24.04 66.29
CA LEU G 359 7.66 25.48 66.17
C LEU G 359 6.19 25.85 66.00
N ILE G 360 5.40 24.99 65.37
CA ILE G 360 4.00 25.32 65.10
C ILE G 360 3.15 25.19 66.35
N LEU G 361 3.30 24.06 67.05
CA LEU G 361 2.51 23.74 68.24
C LEU G 361 2.91 24.52 69.49
N GLU G 362 4.19 24.82 69.68
CA GLU G 362 4.55 25.60 70.86
C GLU G 362 4.79 27.10 70.71
N LYS G 363 5.94 27.48 70.17
CA LYS G 363 6.21 28.86 69.74
C LYS G 363 5.37 29.54 68.67
N GLN G 364 4.05 29.33 68.62
CA GLN G 364 3.21 30.09 67.70
C GLN G 364 1.97 30.57 68.44
N LYS G 365 1.78 31.89 68.50
CA LYS G 365 0.64 32.50 69.16
C LYS G 365 -0.61 32.43 68.28
N PRO G 366 -1.81 32.63 68.87
CA PRO G 366 -3.05 32.44 68.09
C PRO G 366 -3.24 33.40 66.92
N ASP G 367 -2.91 34.69 67.10
CA ASP G 367 -2.71 35.59 65.97
C ASP G 367 -1.82 34.95 64.93
N GLY G 368 -0.88 34.10 65.36
CA GLY G 368 0.01 33.41 64.44
C GLY G 368 1.47 33.81 64.44
N VAL G 369 1.94 34.58 65.41
CA VAL G 369 3.29 35.11 65.35
C VAL G 369 4.18 34.50 66.42
N PHE G 370 5.42 34.24 66.02
CA PHE G 370 6.37 33.45 66.79
C PHE G 370 6.96 34.31 67.89
N GLN G 371 7.19 33.72 69.06
CA GLN G 371 7.84 34.44 70.15
C GLN G 371 9.04 33.65 70.63
N GLU G 372 10.19 34.32 70.70
CA GLU G 372 11.42 33.73 71.21
C GLU G 372 11.43 33.84 72.72
N ASP G 373 11.23 32.70 73.38
CA ASP G 373 11.12 32.59 74.82
C ASP G 373 12.47 32.30 75.48
N ALA G 374 13.51 32.07 74.69
CA ALA G 374 14.85 31.80 75.21
C ALA G 374 15.87 32.34 74.21
N PRO G 375 16.15 33.65 74.28
CA PRO G 375 17.06 34.28 73.30
C PRO G 375 18.38 33.55 73.17
N VAL G 376 18.89 33.51 71.93
CA VAL G 376 20.15 32.85 71.66
C VAL G 376 21.29 33.57 72.38
N ILE G 377 22.33 32.80 72.72
CA ILE G 377 23.44 33.35 73.49
C ILE G 377 24.30 34.25 72.62
N HIS G 378 24.46 33.89 71.36
CA HIS G 378 25.17 34.71 70.38
C HIS G 378 24.18 35.63 69.67
N GLN G 379 24.15 36.89 70.06
CA GLN G 379 23.20 37.82 69.48
C GLN G 379 23.70 38.39 68.17
N GLU G 380 24.91 37.99 67.76
CA GLU G 380 25.52 38.46 66.53
C GLU G 380 25.31 37.49 65.38
N MET G 381 24.66 36.35 65.63
CA MET G 381 24.43 35.33 64.61
C MET G 381 23.05 35.47 63.99
N ILE G 382 22.28 36.46 64.45
CA ILE G 382 20.92 36.70 63.97
C ILE G 382 20.90 37.83 62.96
N GLY G 383 21.97 38.61 62.87
CA GLY G 383 22.04 39.69 61.91
C GLY G 383 21.05 40.79 62.18
N GLY G 384 20.28 41.15 61.15
CA GLY G 384 19.39 42.29 61.23
C GLY G 384 18.33 42.22 62.32
N LEU G 385 18.09 41.06 62.93
CA LEU G 385 17.09 41.10 63.99
C LEU G 385 17.65 41.61 65.31
N ARG G 386 18.96 41.88 65.38
CA ARG G 386 19.57 42.37 66.61
C ARG G 386 19.08 43.78 66.91
N ASN G 387 18.70 44.03 68.17
CA ASN G 387 18.14 45.32 68.60
C ASN G 387 16.96 45.79 67.75
N ASN G 388 16.41 44.93 66.91
CA ASN G 388 15.31 45.32 66.05
C ASN G 388 14.04 45.60 66.87
N ASN G 389 13.38 46.71 66.57
CA ASN G 389 12.19 47.09 67.34
C ASN G 389 10.98 46.28 66.88
N GLU G 390 10.86 46.08 65.56
CA GLU G 390 9.82 45.31 64.92
C GLU G 390 10.25 43.84 64.95
N LYS G 391 10.56 43.38 66.16
CA LYS G 391 10.97 41.99 66.37
C LYS G 391 9.86 41.03 65.98
N ASP G 392 8.62 41.31 66.36
CA ASP G 392 7.53 40.37 66.08
C ASP G 392 7.41 40.16 64.58
N MET G 393 7.36 41.25 63.80
CA MET G 393 7.22 41.14 62.36
C MET G 393 8.41 40.40 61.76
N ALA G 394 9.63 40.79 62.15
CA ALA G 394 10.83 40.15 61.63
C ALA G 394 10.91 38.67 62.00
N LEU G 395 10.76 38.36 63.29
CA LEU G 395 10.84 36.96 63.72
C LEU G 395 9.77 36.11 63.04
N THR G 396 8.57 36.66 62.85
CA THR G 396 7.53 35.95 62.13
C THR G 396 7.98 35.59 60.71
N ALA G 397 8.47 36.60 59.98
CA ALA G 397 8.94 36.39 58.62
C ALA G 397 10.03 35.33 58.58
N PHE G 398 11.00 35.40 59.49
CA PHE G 398 12.10 34.45 59.53
C PHE G 398 11.59 33.02 59.69
N VAL G 399 10.84 32.76 60.76
CA VAL G 399 10.38 31.40 61.03
C VAL G 399 9.49 30.89 59.90
N LEU G 400 8.61 31.75 59.38
CA LEU G 400 7.74 31.37 58.27
C LEU G 400 8.54 30.93 57.06
N ILE G 401 9.56 31.71 56.67
CA ILE G 401 10.40 31.33 55.54
C ILE G 401 11.07 29.98 55.79
N SER G 402 11.52 29.73 57.03
CA SER G 402 12.10 28.43 57.35
C SER G 402 11.07 27.31 57.20
N LEU G 403 9.80 27.60 57.43
CA LEU G 403 8.75 26.60 57.28
C LEU G 403 8.48 26.31 55.81
N GLN G 404 8.37 27.35 54.99
CA GLN G 404 8.05 27.18 53.58
C GLN G 404 9.19 26.54 52.82
N GLU G 405 10.43 26.67 53.30
CA GLU G 405 11.54 25.98 52.67
C GLU G 405 11.51 24.48 52.98
N ALA G 406 10.90 24.11 54.11
CA ALA G 406 10.79 22.71 54.49
C ALA G 406 9.37 22.19 54.30
N LYS G 407 8.60 22.85 53.45
CA LYS G 407 7.21 22.45 53.21
C LYS G 407 7.18 21.17 52.41
N ASP G 408 7.80 21.19 51.22
CA ASP G 408 7.79 20.06 50.30
C ASP G 408 8.35 18.81 50.93
N ILE G 409 9.14 18.95 52.00
CA ILE G 409 9.75 17.81 52.69
C ILE G 409 8.86 17.33 53.83
N CYS G 410 8.29 18.27 54.58
CA CYS G 410 7.49 17.98 55.78
C CYS G 410 6.01 18.31 55.61
N GLU G 411 5.43 17.98 54.45
CA GLU G 411 4.00 18.19 54.25
C GLU G 411 3.20 16.90 54.41
N GLU G 412 3.84 15.75 54.20
CA GLU G 412 3.14 14.47 54.35
C GLU G 412 3.02 14.09 55.81
N GLN G 413 4.13 14.20 56.55
CA GLN G 413 4.14 13.82 57.96
C GLN G 413 3.44 14.86 58.82
N VAL G 414 3.84 16.13 58.71
CA VAL G 414 3.19 17.18 59.47
C VAL G 414 1.93 17.61 58.72
N ASN G 415 0.77 17.36 59.31
CA ASN G 415 -0.49 17.65 58.65
C ASN G 415 -0.99 19.05 58.95
N SER G 416 -0.44 19.69 59.98
CA SER G 416 -0.86 21.01 60.42
C SER G 416 -0.01 22.10 59.80
N LEU G 417 0.90 21.72 58.88
CA LEU G 417 1.82 22.69 58.30
C LEU G 417 1.12 23.73 57.44
N PRO G 418 0.27 23.37 56.46
CA PRO G 418 -0.29 24.41 55.57
C PRO G 418 -1.13 25.44 56.31
N GLY G 419 -1.97 25.00 57.25
CA GLY G 419 -2.78 25.95 57.99
C GLY G 419 -1.94 26.95 58.76
N SER G 420 -0.79 26.49 59.28
CA SER G 420 0.08 27.38 60.06
C SER G 420 0.79 28.40 59.17
N ILE G 421 1.27 27.96 58.00
CA ILE G 421 1.82 28.90 57.01
C ILE G 421 0.81 29.98 56.68
N THR G 422 -0.46 29.62 56.55
CA THR G 422 -1.50 30.58 56.22
C THR G 422 -1.72 31.57 57.37
N LYS G 423 -1.68 31.08 58.61
CA LYS G 423 -1.88 31.94 59.78
C LYS G 423 -0.75 32.95 59.92
N ALA G 424 0.51 32.48 59.86
CA ALA G 424 1.66 33.39 59.86
C ALA G 424 1.53 34.45 58.76
N GLY G 425 1.15 34.02 57.57
CA GLY G 425 0.96 34.94 56.45
C GLY G 425 -0.08 36.01 56.69
N ASP G 426 -1.13 35.68 57.46
CA ASP G 426 -2.17 36.67 57.76
C ASP G 426 -1.64 37.84 58.57
N PHE G 427 -0.87 37.57 59.63
CA PHE G 427 -0.34 38.67 60.44
C PHE G 427 0.60 39.57 59.63
N LEU G 428 1.47 38.97 58.81
CA LEU G 428 2.40 39.77 58.03
C LEU G 428 1.65 40.67 57.04
N GLU G 429 0.60 40.15 56.41
CA GLU G 429 -0.19 40.95 55.49
C GLU G 429 -0.87 42.14 56.18
N ALA G 430 -1.43 41.93 57.37
CA ALA G 430 -2.19 43.00 58.00
C ALA G 430 -1.30 44.17 58.43
N ASN G 431 -0.13 43.91 59.02
CA ASN G 431 0.67 45.00 59.54
C ASN G 431 1.96 45.19 58.74
N TYR G 432 1.94 44.82 57.46
CA TYR G 432 3.12 45.02 56.62
C TYR G 432 3.33 46.50 56.34
N MET G 433 2.24 47.20 56.00
CA MET G 433 2.29 48.63 55.71
C MET G 433 2.70 49.47 56.92
N ASN G 434 2.59 48.96 58.14
CA ASN G 434 2.99 49.77 59.28
C ASN G 434 4.44 49.53 59.67
N LEU G 435 5.19 48.84 58.81
CA LEU G 435 6.63 48.69 58.95
C LEU G 435 7.35 50.02 58.73
N GLN G 436 8.54 50.11 59.29
CA GLN G 436 9.40 51.27 59.06
C GLN G 436 10.81 50.87 58.68
N ARG G 437 11.37 49.88 59.37
CA ARG G 437 12.73 49.40 59.12
C ARG G 437 12.82 48.70 57.77
N SER G 438 13.75 49.16 56.92
CA SER G 438 13.87 48.62 55.56
C SER G 438 14.06 47.10 55.62
N TYR G 439 14.87 46.65 56.59
CA TYR G 439 15.16 45.23 56.77
C TYR G 439 13.88 44.45 56.97
N THR G 440 13.00 44.93 57.85
CA THR G 440 11.77 44.19 58.12
C THR G 440 10.89 44.16 56.87
N VAL G 441 10.85 45.26 56.12
CA VAL G 441 10.07 45.31 54.90
C VAL G 441 10.63 44.31 53.89
N ALA G 442 11.95 44.17 53.84
CA ALA G 442 12.60 43.23 52.93
C ALA G 442 12.34 41.78 53.31
N ILE G 443 12.57 41.43 54.57
CA ILE G 443 12.46 40.03 55.00
C ILE G 443 11.00 39.58 54.97
N ALA G 444 10.07 40.47 55.32
CA ALA G 444 8.65 40.12 55.25
C ALA G 444 8.16 40.10 53.81
N GLY G 445 8.80 40.87 52.92
CA GLY G 445 8.44 40.83 51.52
C GLY G 445 8.74 39.49 50.86
N TYR G 446 9.91 38.91 51.15
CA TYR G 446 10.21 37.58 50.64
C TYR G 446 9.36 36.52 51.31
N ALA G 447 8.99 36.74 52.58
CA ALA G 447 8.12 35.79 53.28
C ALA G 447 6.74 35.76 52.63
N LEU G 448 6.29 36.89 52.09
CA LEU G 448 4.98 36.99 51.49
C LEU G 448 5.01 36.66 50.00
N ALA G 449 6.17 36.82 49.35
CA ALA G 449 6.27 36.54 47.93
C ALA G 449 6.23 35.05 47.63
N GLN G 450 6.63 34.20 48.60
CA GLN G 450 6.56 32.77 48.38
C GLN G 450 5.13 32.27 48.27
N MET G 451 4.18 33.01 48.86
CA MET G 451 2.77 32.69 48.78
C MET G 451 2.07 33.44 47.65
N GLY G 452 2.67 34.52 47.16
CA GLY G 452 2.02 35.36 46.17
C GLY G 452 1.04 36.34 46.75
N ARG G 453 1.21 36.69 48.02
CA ARG G 453 0.34 37.60 48.73
C ARG G 453 0.92 39.01 48.83
N LEU G 454 1.94 39.30 48.03
CA LEU G 454 2.59 40.61 48.03
C LEU G 454 2.14 41.39 46.78
N LYS G 455 0.98 42.05 46.90
CA LYS G 455 0.41 42.81 45.81
C LYS G 455 -0.14 44.12 46.35
N GLY G 456 -0.59 44.98 45.45
CA GLY G 456 -1.22 46.22 45.83
C GLY G 456 -0.27 47.16 46.54
N PRO G 457 -0.79 47.88 47.54
CA PRO G 457 0.05 48.82 48.30
C PRO G 457 1.26 48.16 48.94
N LEU G 458 1.14 46.89 49.30
CA LEU G 458 2.26 46.14 49.86
C LEU G 458 3.41 46.03 48.86
N LEU G 459 3.11 45.61 47.63
CA LEU G 459 4.15 45.53 46.61
C LEU G 459 4.75 46.90 46.34
N ASN G 460 3.92 47.95 46.37
CA ASN G 460 4.41 49.31 46.16
C ASN G 460 5.39 49.73 47.25
N LYS G 461 5.06 49.42 48.51
CA LYS G 461 5.94 49.72 49.63
C LYS G 461 7.24 48.92 49.57
N PHE G 462 7.18 47.67 49.09
CA PHE G 462 8.39 46.88 48.95
C PHE G 462 9.35 47.48 47.93
N LEU G 463 8.82 48.08 46.88
CA LEU G 463 9.65 48.65 45.81
C LEU G 463 10.16 50.05 46.15
N THR G 464 9.36 50.84 46.88
CA THR G 464 9.75 52.22 47.17
C THR G 464 10.69 52.34 48.37
N THR G 465 10.80 51.30 49.19
CA THR G 465 11.70 51.36 50.35
C THR G 465 13.16 51.20 49.93
N ALA G 466 13.40 50.74 48.71
CA ALA G 466 14.75 50.58 48.18
C ALA G 466 15.27 51.94 47.71
N LYS G 467 16.23 52.50 48.44
CA LYS G 467 16.78 53.79 48.07
C LYS G 467 17.63 53.64 46.82
N ASP G 468 17.57 54.62 45.94
CA ASP G 468 18.32 54.60 44.68
C ASP G 468 17.93 53.42 43.80
N LYS G 469 16.79 52.80 44.11
CA LYS G 469 16.23 51.68 43.35
C LYS G 469 17.12 50.44 43.32
N ASN G 470 18.09 50.30 44.22
CA ASN G 470 18.98 49.15 44.11
C ASN G 470 19.46 48.57 45.44
N ARG G 471 19.02 49.07 46.59
CA ARG G 471 19.54 48.55 47.86
C ARG G 471 18.56 48.89 48.97
N TRP G 472 18.40 47.96 49.92
CA TRP G 472 17.55 48.17 51.10
C TRP G 472 18.50 48.50 52.25
N GLU G 473 18.77 49.80 52.40
CA GLU G 473 19.80 50.32 53.30
C GLU G 473 19.18 50.99 54.53
N ASP G 474 19.79 50.75 55.69
CA ASP G 474 19.36 51.35 56.94
C ASP G 474 20.54 51.75 57.80
N PRO G 475 20.51 52.97 58.37
CA PRO G 475 21.63 53.45 59.22
C PRO G 475 22.08 52.43 60.26
N GLY G 476 23.33 52.03 60.18
CA GLY G 476 23.82 51.02 61.10
C GLY G 476 24.92 50.20 60.45
N LYS G 477 25.01 48.96 60.91
CA LYS G 477 26.03 48.05 60.40
C LYS G 477 25.75 47.71 58.95
N GLN G 478 26.85 47.54 58.19
CA GLN G 478 26.73 47.25 56.77
C GLN G 478 26.22 45.84 56.52
N LEU G 479 26.48 44.93 57.47
CA LEU G 479 26.02 43.56 57.29
C LEU G 479 24.51 43.48 57.28
N TYR G 480 23.85 44.37 58.02
CA TYR G 480 22.38 44.44 58.01
C TYR G 480 21.87 44.85 56.64
N ASN G 481 22.54 45.79 55.97
CA ASN G 481 22.08 46.22 54.65
C ASN G 481 22.30 45.14 53.59
N VAL G 482 23.39 44.37 53.71
CA VAL G 482 23.63 43.28 52.77
C VAL G 482 22.60 42.16 52.94
N GLU G 483 22.31 41.81 54.20
CA GLU G 483 21.31 40.79 54.49
C GLU G 483 19.93 41.21 53.99
N ALA G 484 19.53 42.45 54.27
CA ALA G 484 18.23 42.95 53.84
C ALA G 484 18.10 42.91 52.32
N THR G 485 19.14 43.37 51.62
CA THR G 485 19.09 43.37 50.15
C THR G 485 19.03 41.95 49.59
N SER G 486 19.63 40.98 50.27
CA SER G 486 19.55 39.60 49.81
C SER G 486 18.11 39.07 49.91
N TYR G 487 17.46 39.31 51.05
CA TYR G 487 16.06 38.93 51.20
C TYR G 487 15.20 39.59 50.13
N ALA G 488 15.42 40.88 49.86
CA ALA G 488 14.62 41.60 48.88
C ALA G 488 14.84 41.05 47.47
N LEU G 489 16.09 40.70 47.15
CA LEU G 489 16.38 40.10 45.85
C LEU G 489 15.69 38.75 45.71
N LEU G 490 15.68 37.95 46.77
CA LEU G 490 14.96 36.68 46.75
C LEU G 490 13.47 36.91 46.52
N ALA G 491 12.94 38.05 46.97
CA ALA G 491 11.53 38.36 46.75
C ALA G 491 11.29 38.70 45.28
N LEU G 492 12.23 39.43 44.67
CA LEU G 492 12.10 39.79 43.26
C LEU G 492 12.23 38.57 42.36
N LEU G 493 12.98 37.56 42.82
CA LEU G 493 13.11 36.31 42.06
C LEU G 493 11.88 35.43 42.17
N GLN G 494 10.99 35.72 43.13
CA GLN G 494 9.75 34.97 43.29
C GLN G 494 8.62 35.62 42.51
N LEU G 495 8.66 36.94 42.36
CA LEU G 495 7.64 37.68 41.64
C LEU G 495 7.96 37.79 40.15
N LYS G 496 9.09 37.22 39.72
CA LYS G 496 9.52 37.22 38.33
C LYS G 496 9.67 38.62 37.75
N ASP G 497 9.98 39.59 38.62
CA ASP G 497 10.16 40.99 38.21
C ASP G 497 11.61 41.21 37.84
N PHE G 498 11.97 40.72 36.65
CA PHE G 498 13.35 40.74 36.17
C PHE G 498 13.77 42.12 35.67
N ASP G 499 12.91 43.12 35.78
CA ASP G 499 13.26 44.48 35.39
C ASP G 499 13.92 45.26 36.52
N PHE G 500 13.82 44.78 37.76
CA PHE G 500 14.35 45.45 38.93
C PHE G 500 15.53 44.69 39.54
N VAL G 501 15.77 43.48 39.09
CA VAL G 501 16.81 42.59 39.62
C VAL G 501 18.23 43.03 39.24
N PRO G 502 18.51 43.40 37.98
CA PRO G 502 19.88 43.77 37.61
C PRO G 502 20.47 44.88 38.48
N PRO G 503 19.74 45.96 38.80
CA PRO G 503 20.37 46.97 39.68
C PRO G 503 20.73 46.44 41.05
N VAL G 504 19.83 45.67 41.66
CA VAL G 504 20.09 45.06 42.97
C VAL G 504 21.34 44.18 42.91
N VAL G 505 21.33 43.19 42.00
CA VAL G 505 22.45 42.27 41.82
C VAL G 505 23.75 43.02 41.56
N ARG G 506 23.73 44.03 40.70
CA ARG G 506 24.95 44.79 40.42
C ARG G 506 25.52 45.41 41.69
N TRP G 507 24.66 45.98 42.54
CA TRP G 507 25.15 46.55 43.79
C TRP G 507 25.72 45.47 44.70
N LEU G 508 25.06 44.30 44.75
CA LEU G 508 25.55 43.19 45.56
C LEU G 508 26.93 42.72 45.11
N ASN G 509 27.17 42.66 43.79
CA ASN G 509 28.46 42.23 43.30
C ASN G 509 29.53 43.28 43.54
N GLU G 510 29.15 44.55 43.62
CA GLU G 510 30.13 45.60 43.83
C GLU G 510 30.62 45.64 45.27
N GLN G 511 29.89 45.04 46.21
CA GLN G 511 30.34 45.04 47.59
C GLN G 511 31.50 44.08 47.84
N ARG G 512 31.66 43.04 47.00
CA ARG G 512 32.74 42.07 47.13
C ARG G 512 32.77 41.40 48.50
N TYR G 513 31.60 41.25 49.12
CA TYR G 513 31.49 40.62 50.42
C TYR G 513 31.41 39.11 50.24
N TYR G 514 32.41 38.41 50.77
CA TYR G 514 32.57 36.98 50.54
C TYR G 514 32.28 36.17 51.79
N GLY G 515 31.56 36.74 52.76
CA GLY G 515 31.19 36.02 53.95
C GLY G 515 32.38 35.76 54.87
N GLY G 516 32.07 35.18 56.01
CA GLY G 516 33.10 34.89 57.00
C GLY G 516 33.33 36.05 57.95
N GLY G 517 33.71 35.71 59.17
CA GLY G 517 34.05 36.69 60.18
C GLY G 517 33.06 36.66 61.34
N TYR G 518 33.35 37.52 62.32
CA TYR G 518 32.52 37.65 63.51
C TYR G 518 31.07 38.01 63.20
N GLY G 519 30.15 37.11 63.49
CA GLY G 519 28.74 37.34 63.26
C GLY G 519 28.35 37.59 61.83
N SER G 520 28.88 36.76 60.93
CA SER G 520 28.59 36.82 59.51
C SER G 520 27.50 35.84 59.10
N THR G 521 27.03 35.01 60.04
CA THR G 521 26.09 33.92 59.78
C THR G 521 24.98 34.27 58.81
N GLN G 522 24.13 35.23 59.18
CA GLN G 522 23.00 35.61 58.34
C GLN G 522 23.47 36.22 57.03
N ALA G 523 24.39 37.19 57.10
CA ALA G 523 24.87 37.86 55.89
C ALA G 523 25.62 36.93 54.95
N THR G 524 26.15 35.82 55.45
CA THR G 524 26.84 34.85 54.60
C THR G 524 25.85 33.89 53.95
N PHE G 525 24.91 33.38 54.73
CA PHE G 525 23.90 32.46 54.22
C PHE G 525 23.05 33.14 53.16
N MET G 526 22.52 34.32 53.48
CA MET G 526 21.51 34.95 52.63
C MET G 526 22.08 35.45 51.31
N VAL G 527 23.28 36.03 51.34
CA VAL G 527 23.82 36.60 50.10
C VAL G 527 24.15 35.52 49.08
N PHE G 528 24.61 34.35 49.53
CA PHE G 528 24.94 33.29 48.59
C PHE G 528 23.72 32.48 48.17
N GLN G 529 22.72 32.38 49.03
CA GLN G 529 21.46 31.76 48.62
C GLN G 529 20.75 32.59 47.56
N ALA G 530 20.77 33.91 47.70
CA ALA G 530 20.11 34.79 46.74
C ALA G 530 20.83 34.79 45.40
N LEU G 531 22.16 34.83 45.42
CA LEU G 531 22.92 34.79 44.17
C LEU G 531 22.82 33.43 43.51
N ALA G 532 22.82 32.35 44.29
CA ALA G 532 22.64 31.02 43.72
C ALA G 532 21.27 30.90 43.07
N GLN G 533 20.25 31.50 43.70
CA GLN G 533 18.91 31.48 43.12
C GLN G 533 18.83 32.38 41.90
N TYR G 534 19.67 33.43 41.84
CA TYR G 534 19.71 34.28 40.67
C TYR G 534 20.29 33.54 39.47
N GLN G 535 21.31 32.71 39.69
CA GLN G 535 21.85 31.94 38.57
C GLN G 535 20.95 30.77 38.23
N LYS G 536 20.03 30.40 39.13
CA LYS G 536 19.08 29.32 38.86
C LYS G 536 17.94 29.85 38.00
N ASP G 537 17.25 30.90 38.47
CA ASP G 537 16.16 31.62 37.81
C ASP G 537 16.64 32.46 36.63
N ALA G 538 17.88 32.18 36.28
CA ALA G 538 18.61 32.85 35.22
C ALA G 538 17.88 32.52 33.93
N PRO G 539 17.41 33.49 33.17
CA PRO G 539 16.71 33.12 31.93
C PRO G 539 17.57 33.27 30.69
N ASP G 540 17.47 32.22 29.87
CA ASP G 540 18.35 31.88 28.76
C ASP G 540 18.60 32.99 27.75
N HIS G 541 17.66 33.21 26.83
CA HIS G 541 17.80 34.24 25.82
C HIS G 541 16.46 34.90 25.54
N GLN G 542 16.49 36.18 25.19
CA GLN G 542 15.28 36.86 24.78
C GLN G 542 14.65 36.14 23.59
N GLU G 543 13.37 35.81 23.71
CA GLU G 543 12.70 34.97 22.73
C GLU G 543 12.78 35.59 21.34
N LEU G 544 13.24 34.81 20.36
CA LEU G 544 13.25 35.27 18.98
C LEU G 544 12.36 34.33 18.18
N ASN G 545 11.31 34.87 17.57
CA ASN G 545 10.42 34.05 16.75
C ASN G 545 9.69 34.91 15.72
N LEU G 546 10.35 35.28 14.62
CA LEU G 546 9.73 36.14 13.63
C LEU G 546 8.99 35.33 12.58
N ASP G 547 7.80 35.82 12.22
CA ASP G 547 6.98 35.28 11.14
C ASP G 547 6.86 36.37 10.07
N VAL G 548 7.60 36.26 8.98
CA VAL G 548 7.64 37.29 7.95
C VAL G 548 7.03 36.68 6.69
N SER G 549 5.89 37.24 6.29
CA SER G 549 5.10 36.81 5.14
C SER G 549 5.15 37.82 4.00
N LEU G 550 5.57 37.37 2.82
CA LEU G 550 5.50 38.19 1.63
C LEU G 550 4.03 38.14 1.19
N GLN G 551 3.34 39.28 1.27
CA GLN G 551 1.95 39.38 0.83
C GLN G 551 1.78 40.13 -0.48
N LEU G 552 1.74 39.36 -1.60
CA LEU G 552 1.55 39.79 -2.97
C LEU G 552 0.08 39.68 -3.37
N PRO G 553 -0.46 40.68 -4.07
CA PRO G 553 -1.86 40.60 -4.52
C PRO G 553 -2.13 39.46 -5.47
N SER G 554 -1.13 39.02 -6.24
CA SER G 554 -1.29 37.95 -7.21
C SER G 554 -1.06 36.59 -6.56
N ARG G 555 -1.20 35.54 -7.35
CA ARG G 555 -1.01 34.18 -6.88
C ARG G 555 0.24 33.55 -7.49
N SER G 556 1.00 32.89 -6.62
CA SER G 556 2.27 32.23 -6.87
C SER G 556 2.34 31.21 -5.75
N SER G 557 3.47 30.97 -5.11
CA SER G 557 3.34 29.95 -4.09
C SER G 557 3.19 30.72 -2.77
N LYS G 558 3.36 30.05 -1.64
CA LYS G 558 3.19 30.73 -0.37
C LYS G 558 4.54 30.64 0.36
N ILE G 559 5.37 31.67 0.21
CA ILE G 559 6.63 31.69 0.93
C ILE G 559 6.45 32.36 2.28
N THR G 560 6.66 31.57 3.33
CA THR G 560 6.53 31.92 4.74
C THR G 560 7.93 31.82 5.35
N HIS G 561 8.16 32.57 6.45
CA HIS G 561 9.49 32.47 7.02
C HIS G 561 9.37 32.42 8.53
N ARG G 562 10.03 31.45 9.13
CA ARG G 562 10.07 31.27 10.57
C ARG G 562 11.46 31.63 11.08
N ILE G 563 11.64 32.81 11.68
CA ILE G 563 12.96 33.15 12.20
C ILE G 563 12.99 32.68 13.65
N HIS G 564 13.78 31.65 13.92
CA HIS G 564 13.92 31.10 15.26
C HIS G 564 15.28 31.42 15.86
N TRP G 565 15.41 31.11 17.15
CA TRP G 565 16.66 31.41 17.85
C TRP G 565 17.78 30.52 17.33
N GLU G 566 17.47 29.25 17.06
CA GLU G 566 18.46 28.28 16.63
C GLU G 566 18.99 28.56 15.23
N SER G 567 18.25 29.32 14.43
CA SER G 567 18.66 29.67 13.06
C SER G 567 18.54 31.17 12.83
N ALA G 568 18.95 31.96 13.82
CA ALA G 568 18.81 33.42 13.68
C ALA G 568 19.77 33.96 12.63
N SER G 569 20.98 33.40 12.54
CA SER G 569 21.97 33.90 11.59
C SER G 569 21.74 33.40 10.17
N LEU G 570 20.78 32.52 9.94
CA LEU G 570 20.56 31.98 8.60
C LEU G 570 20.04 33.06 7.67
N LEU G 571 20.79 33.34 6.60
CA LEU G 571 20.35 34.33 5.63
C LEU G 571 19.21 33.75 4.78
N ARG G 572 18.03 34.35 4.89
CA ARG G 572 16.84 33.90 4.16
C ARG G 572 16.56 34.86 3.00
N SER G 573 16.91 34.44 1.79
CA SER G 573 16.83 35.29 0.62
C SER G 573 15.57 34.90 -0.15
N GLU G 574 14.80 35.91 -0.58
CA GLU G 574 13.64 35.70 -1.44
C GLU G 574 13.62 36.61 -2.65
N GLU G 575 13.58 36.00 -3.83
CA GLU G 575 13.71 36.69 -5.10
C GLU G 575 12.31 36.92 -5.68
N THR G 576 12.17 38.03 -6.40
CA THR G 576 10.92 38.40 -7.06
C THR G 576 11.30 39.04 -8.39
N LYS G 577 10.81 38.44 -9.47
CA LYS G 577 11.18 38.89 -10.80
C LYS G 577 10.54 40.21 -11.21
N GLU G 578 9.36 40.57 -10.70
CA GLU G 578 8.80 41.85 -11.09
C GLU G 578 9.36 42.99 -10.25
N ASN G 579 9.76 44.07 -10.93
CA ASN G 579 10.23 45.32 -10.31
C ASN G 579 9.06 46.17 -9.81
N GLU G 580 8.64 46.01 -8.56
CA GLU G 580 7.43 46.72 -8.17
C GLU G 580 7.41 46.92 -6.67
N GLY G 581 6.64 47.91 -6.24
CA GLY G 581 6.30 48.05 -4.83
C GLY G 581 5.42 46.92 -4.32
N PHE G 582 5.78 46.39 -3.15
CA PHE G 582 5.13 45.24 -2.56
C PHE G 582 5.04 45.43 -1.05
N THR G 583 4.37 44.50 -0.39
CA THR G 583 4.08 44.58 1.04
C THR G 583 4.74 43.41 1.78
N VAL G 584 5.40 43.72 2.89
CA VAL G 584 6.04 42.73 3.75
C VAL G 584 5.37 42.81 5.11
N THR G 585 4.89 41.67 5.61
CA THR G 585 4.19 41.62 6.88
C THR G 585 4.91 40.68 7.85
N ALA G 586 5.47 41.24 8.90
CA ALA G 586 6.20 40.53 9.94
C ALA G 586 5.38 40.55 11.23
N GLU G 587 5.47 39.47 12.01
CA GLU G 587 4.76 39.42 13.27
C GLU G 587 5.43 38.45 14.23
N GLY G 588 5.53 38.83 15.49
CA GLY G 588 6.14 38.02 16.52
C GLY G 588 7.19 38.78 17.30
N LYS G 589 7.72 38.11 18.32
CA LYS G 589 8.76 38.65 19.18
C LYS G 589 10.13 38.53 18.54
N GLY G 590 11.00 39.46 18.89
CA GLY G 590 12.37 39.47 18.42
C GLY G 590 12.63 40.61 17.45
N GLN G 591 13.85 40.60 16.90
CA GLN G 591 14.27 41.65 15.99
C GLN G 591 14.91 41.05 14.75
N GLY G 592 14.86 41.82 13.66
CA GLY G 592 15.43 41.41 12.39
C GLY G 592 15.85 42.59 11.54
N THR G 593 16.42 42.28 10.39
CA THR G 593 16.87 43.27 9.41
C THR G 593 16.36 42.84 8.04
N LEU G 594 15.79 43.78 7.30
CA LEU G 594 15.25 43.52 5.97
C LEU G 594 16.04 44.32 4.93
N SER G 595 16.61 43.62 3.96
CA SER G 595 17.43 44.23 2.90
C SER G 595 16.89 43.81 1.54
N VAL G 596 16.30 44.74 0.80
CA VAL G 596 15.83 44.52 -0.56
C VAL G 596 16.90 45.04 -1.53
N VAL G 597 17.49 44.12 -2.28
CA VAL G 597 18.59 44.42 -3.20
C VAL G 597 18.25 43.85 -4.58
N THR G 598 18.19 44.73 -5.59
CA THR G 598 17.78 44.36 -6.94
C THR G 598 19.00 44.30 -7.86
N MET G 599 19.26 43.10 -8.40
CA MET G 599 20.28 42.88 -9.42
C MET G 599 19.72 43.13 -10.82
N TYR G 600 20.53 43.77 -11.67
CA TYR G 600 20.11 44.06 -13.03
C TYR G 600 21.35 44.24 -13.91
N HIS G 601 21.13 44.71 -15.15
CA HIS G 601 22.19 44.99 -16.11
C HIS G 601 22.17 46.45 -16.52
N ALA G 602 23.27 47.17 -16.24
CA ALA G 602 23.36 48.60 -16.49
C ALA G 602 24.25 48.88 -17.70
N LYS G 603 23.81 49.80 -18.56
CA LYS G 603 24.59 50.23 -19.71
C LYS G 603 25.90 50.89 -19.27
N ALA G 604 26.97 50.61 -20.00
CA ALA G 604 28.30 51.10 -19.65
C ALA G 604 28.84 52.02 -20.72
N LYS G 605 29.02 53.29 -20.34
CA LYS G 605 29.64 54.31 -21.20
C LYS G 605 31.10 53.97 -21.47
N ASP G 606 31.83 53.62 -20.42
CA ASP G 606 33.21 53.19 -20.51
C ASP G 606 33.34 51.91 -21.32
N GLN G 607 34.43 51.83 -22.07
CA GLN G 607 34.64 50.75 -23.04
C GLN G 607 34.89 49.43 -22.35
N LEU G 608 34.22 48.40 -22.86
CA LEU G 608 34.35 47.04 -22.33
C LEU G 608 35.50 46.30 -22.98
N THR G 609 35.84 46.68 -24.21
CA THR G 609 36.95 46.10 -24.96
C THR G 609 37.90 47.25 -25.28
N CYS G 610 39.19 46.95 -25.27
CA CYS G 610 40.24 47.93 -25.55
C CYS G 610 40.12 49.13 -24.61
N ASN G 611 40.07 48.86 -23.30
CA ASN G 611 39.97 49.94 -22.34
C ASN G 611 41.35 50.48 -21.93
N LYS G 612 42.38 49.65 -22.07
CA LYS G 612 43.75 49.96 -21.69
C LYS G 612 44.70 49.98 -22.87
N PHE G 613 44.20 49.78 -24.10
CA PHE G 613 45.06 49.74 -25.27
C PHE G 613 44.30 50.28 -26.47
N ASP G 614 45.00 51.04 -27.29
CA ASP G 614 44.48 51.50 -28.58
C ASP G 614 45.13 50.71 -29.70
N LEU G 615 44.32 50.17 -30.60
CA LEU G 615 44.83 49.37 -31.71
C LEU G 615 44.16 49.80 -33.01
N LYS G 616 44.98 50.15 -34.00
CA LYS G 616 44.50 50.49 -35.34
C LYS G 616 45.20 49.55 -36.33
N VAL G 617 44.40 48.82 -37.12
CA VAL G 617 44.93 47.88 -38.10
C VAL G 617 44.41 48.20 -39.50
N THR G 618 45.32 48.33 -40.46
CA THR G 618 45.01 48.69 -41.84
C THR G 618 45.68 47.66 -42.75
N ILE G 619 44.98 47.25 -43.81
CA ILE G 619 45.52 46.34 -44.81
C ILE G 619 45.32 46.91 -46.21
N LYS G 620 46.42 47.17 -46.92
CA LYS G 620 46.35 47.82 -48.21
C LYS G 620 47.07 47.02 -49.29
N PRO G 621 46.60 47.10 -50.53
CA PRO G 621 47.30 46.46 -51.67
C PRO G 621 48.68 47.03 -51.90
N ALA G 622 49.69 46.15 -51.86
CA ALA G 622 51.06 46.58 -52.07
C ALA G 622 51.31 46.89 -53.54
N PRO G 623 52.19 47.87 -53.84
CA PRO G 623 52.55 48.24 -55.21
C PRO G 623 53.11 47.08 -56.03
N LYS G 633 48.56 35.81 -58.17
CA LYS G 633 49.46 36.30 -57.14
C LYS G 633 49.00 37.66 -56.63
N ASN G 634 48.74 37.74 -55.32
CA ASN G 634 48.16 38.91 -54.68
C ASN G 634 48.89 39.15 -53.36
N THR G 635 49.60 40.26 -53.26
CA THR G 635 50.34 40.61 -52.05
C THR G 635 49.87 41.96 -51.52
N MET G 636 49.66 42.02 -50.20
CA MET G 636 49.18 43.21 -49.51
C MET G 636 50.12 43.57 -48.37
N ILE G 637 49.89 44.73 -47.78
CA ILE G 637 50.71 45.26 -46.68
C ILE G 637 49.84 45.45 -45.44
N LEU G 638 50.18 44.73 -44.38
CA LEU G 638 49.50 44.82 -43.09
C LEU G 638 50.28 45.77 -42.17
N GLU G 639 49.60 46.81 -41.68
CA GLU G 639 50.19 47.79 -40.77
C GLU G 639 49.43 47.80 -39.45
N ILE G 640 50.17 47.71 -38.35
CA ILE G 640 49.60 47.59 -37.00
C ILE G 640 50.21 48.66 -36.11
N CYS G 641 49.38 49.55 -35.58
CA CYS G 641 49.82 50.66 -34.73
C CYS G 641 49.12 50.58 -33.38
N THR G 642 49.89 50.47 -32.30
CA THR G 642 49.32 50.31 -30.97
C THR G 642 49.94 51.33 -30.00
N ARG G 643 49.15 51.73 -29.01
CA ARG G 643 49.57 52.70 -28.00
C ARG G 643 48.93 52.38 -26.66
N TYR G 644 49.75 52.36 -25.59
CA TYR G 644 49.25 52.07 -24.25
C TYR G 644 48.53 53.27 -23.65
N ARG G 645 47.34 53.03 -23.09
CA ARG G 645 46.55 54.08 -22.45
C ARG G 645 46.88 54.17 -20.96
N GLY G 646 48.10 54.60 -20.65
CA GLY G 646 48.52 54.71 -19.27
C GLY G 646 49.42 55.90 -19.03
N ASP G 647 49.84 56.04 -17.76
CA ASP G 647 50.76 57.10 -17.39
C ASP G 647 52.20 56.73 -17.72
N GLN G 648 52.55 55.45 -17.64
CA GLN G 648 53.88 54.96 -17.96
C GLN G 648 53.81 54.07 -19.19
N ASP G 649 54.98 53.71 -19.71
CA ASP G 649 55.05 52.75 -20.79
C ASP G 649 54.54 51.38 -20.35
N ALA G 650 54.00 50.63 -21.31
CA ALA G 650 53.65 49.24 -21.08
C ALA G 650 54.89 48.37 -21.11
N THR G 651 54.83 47.25 -20.40
CA THR G 651 55.93 46.30 -20.41
C THR G 651 55.79 45.33 -21.59
N MET G 652 56.42 44.17 -21.50
CA MET G 652 56.38 43.13 -22.53
C MET G 652 54.96 42.80 -22.95
N SER G 653 54.73 42.81 -24.26
CA SER G 653 53.40 42.63 -24.83
C SER G 653 53.45 41.58 -25.93
N ILE G 654 52.27 41.10 -26.32
CA ILE G 654 52.12 40.06 -27.32
C ILE G 654 51.26 40.57 -28.47
N LEU G 655 51.74 40.39 -29.70
CA LEU G 655 50.97 40.60 -30.91
C LEU G 655 50.54 39.25 -31.49
N ASP G 656 49.25 38.95 -31.40
CA ASP G 656 48.71 37.66 -31.88
C ASP G 656 48.00 37.93 -33.20
N ILE G 657 48.66 37.58 -34.30
CA ILE G 657 48.20 37.88 -35.65
C ILE G 657 47.69 36.59 -36.29
N SER G 658 46.44 36.60 -36.73
CA SER G 658 45.88 35.50 -37.51
C SER G 658 45.70 35.95 -38.95
N MET G 659 46.20 35.17 -39.89
CA MET G 659 46.10 35.51 -41.30
C MET G 659 44.67 35.39 -41.80
N MET G 660 44.40 36.08 -42.90
CA MET G 660 43.14 35.88 -43.62
C MET G 660 43.21 34.57 -44.38
N THR G 661 42.06 33.89 -44.50
CA THR G 661 42.04 32.59 -45.14
C THR G 661 42.61 32.69 -46.56
N GLY G 662 43.79 32.11 -46.74
CA GLY G 662 44.47 32.09 -48.02
C GLY G 662 45.70 32.96 -48.09
N PHE G 663 46.04 33.66 -47.00
CA PHE G 663 47.16 34.58 -46.96
C PHE G 663 48.23 34.09 -45.99
N ALA G 664 49.47 34.53 -46.24
CA ALA G 664 50.62 34.14 -45.43
C ALA G 664 51.71 35.20 -45.42
N PRO G 665 52.35 35.42 -44.28
CA PRO G 665 53.37 36.48 -44.19
C PRO G 665 54.58 36.20 -45.08
N ASP G 666 55.24 37.29 -45.49
CA ASP G 666 56.47 37.18 -46.26
C ASP G 666 57.65 36.86 -45.35
N THR G 667 58.37 35.78 -45.67
CA THR G 667 59.46 35.33 -44.79
C THR G 667 60.53 36.38 -44.62
N ASP G 668 60.97 36.99 -45.72
CA ASP G 668 62.03 38.01 -45.66
C ASP G 668 61.64 39.18 -44.77
N ASP G 669 60.39 39.63 -44.88
CA ASP G 669 59.89 40.75 -44.08
C ASP G 669 59.91 40.43 -42.58
N LEU G 670 59.53 39.20 -42.21
CA LEU G 670 59.54 38.83 -40.79
C LEU G 670 60.95 38.86 -40.21
N LYS G 671 61.93 38.31 -40.93
CA LYS G 671 63.31 38.35 -40.45
C LYS G 671 63.82 39.78 -40.30
N GLN G 672 63.34 40.70 -41.12
CA GLN G 672 63.78 42.09 -41.00
C GLN G 672 63.18 42.78 -39.78
N LEU G 673 61.94 42.45 -39.42
CA LEU G 673 61.32 43.05 -38.24
C LEU G 673 61.93 42.48 -36.96
N ALA G 674 62.25 41.18 -36.98
CA ALA G 674 62.69 40.41 -35.82
C ALA G 674 64.07 40.77 -35.30
N ASN G 675 64.92 41.41 -36.10
CA ASN G 675 66.29 41.72 -35.66
C ASN G 675 66.32 42.93 -34.73
N GLY G 676 66.56 42.66 -33.44
CA GLY G 676 66.68 43.72 -32.45
C GLY G 676 65.44 44.56 -32.40
N VAL G 677 65.63 45.88 -32.44
CA VAL G 677 64.56 46.88 -32.49
C VAL G 677 63.45 46.59 -31.46
N ASP G 678 63.80 45.95 -30.36
CA ASP G 678 62.84 45.62 -29.30
C ASP G 678 61.68 44.77 -29.80
N ARG G 679 61.96 43.87 -30.74
CA ARG G 679 60.94 42.96 -31.24
C ARG G 679 61.55 41.56 -31.15
N TYR G 680 60.69 40.55 -31.26
CA TYR G 680 61.18 39.18 -31.16
C TYR G 680 60.17 38.26 -31.85
N ILE G 681 60.63 37.48 -32.81
CA ILE G 681 59.83 36.42 -33.42
C ILE G 681 60.58 35.11 -33.23
N SER G 682 59.94 34.14 -32.60
CA SER G 682 60.65 32.91 -32.25
C SER G 682 61.07 32.17 -33.52
N LYS G 683 62.10 31.32 -33.36
CA LYS G 683 62.56 30.51 -34.48
C LYS G 683 61.44 29.58 -34.97
N TYR G 684 60.61 29.10 -34.03
CA TYR G 684 59.48 28.24 -34.38
C TYR G 684 58.61 28.89 -35.47
N GLU G 685 58.35 30.20 -35.34
CA GLU G 685 57.52 30.90 -36.30
C GLU G 685 58.28 31.16 -37.60
N LEU G 686 59.56 31.52 -37.50
CA LEU G 686 60.34 31.90 -38.67
C LEU G 686 60.71 30.70 -39.54
N ASP G 687 60.70 29.49 -38.98
CA ASP G 687 61.10 28.33 -39.77
C ASP G 687 59.96 27.76 -40.60
N LYS G 688 58.70 27.96 -40.18
CA LYS G 688 57.59 27.42 -40.94
C LYS G 688 57.54 27.99 -42.35
N ALA G 689 57.17 27.13 -43.30
CA ALA G 689 57.08 27.52 -44.70
C ALA G 689 55.98 28.55 -44.88
N PHE G 690 55.90 29.14 -46.08
CA PHE G 690 54.83 30.10 -46.33
C PHE G 690 53.48 29.41 -46.26
N SER G 691 53.42 28.14 -46.62
CA SER G 691 52.18 27.38 -46.50
C SER G 691 51.98 26.96 -45.04
N ASP G 692 50.72 26.92 -44.63
CA ASP G 692 50.33 26.48 -43.28
C ASP G 692 50.97 27.36 -42.21
N ARG G 693 51.19 28.63 -42.54
CA ARG G 693 51.66 29.65 -41.61
C ARG G 693 50.57 30.70 -41.47
N ASN G 694 49.47 30.31 -40.83
CA ASN G 694 48.30 31.18 -40.75
C ASN G 694 48.19 31.89 -39.40
N THR G 695 49.04 31.53 -38.44
CA THR G 695 49.12 32.24 -37.17
C THR G 695 50.55 32.67 -36.92
N LEU G 696 50.70 33.74 -36.15
CA LEU G 696 52.00 34.34 -35.91
C LEU G 696 51.92 35.08 -34.58
N ILE G 697 53.02 35.06 -33.82
CA ILE G 697 53.11 35.81 -32.57
C ILE G 697 54.35 36.68 -32.63
N ILE G 698 54.17 38.00 -32.66
CA ILE G 698 55.28 38.94 -32.58
C ILE G 698 55.38 39.41 -31.13
N TYR G 699 56.55 39.24 -30.53
CA TYR G 699 56.75 39.66 -29.15
C TYR G 699 57.36 41.07 -29.14
N LEU G 700 56.81 41.94 -28.29
CA LEU G 700 57.33 43.28 -28.11
C LEU G 700 57.96 43.43 -26.73
N ASP G 701 59.13 44.08 -26.69
CA ASP G 701 59.78 44.32 -25.40
C ASP G 701 59.04 45.39 -24.60
N LYS G 702 58.44 46.36 -25.28
CA LYS G 702 57.63 47.40 -24.65
C LYS G 702 56.84 48.08 -25.75
N VAL G 703 55.74 48.73 -25.37
CA VAL G 703 55.00 49.59 -26.28
C VAL G 703 54.86 50.95 -25.61
N SER G 704 55.03 52.00 -26.40
CA SER G 704 55.05 53.35 -25.87
C SER G 704 53.65 53.82 -25.47
N HIS G 705 53.60 54.69 -24.47
CA HIS G 705 52.36 55.31 -24.08
C HIS G 705 52.25 56.72 -24.63
N SER G 706 53.39 57.30 -25.02
CA SER G 706 53.46 58.68 -25.49
C SER G 706 52.93 58.77 -26.92
N GLU G 707 53.29 57.80 -27.77
CA GLU G 707 52.85 57.80 -29.16
C GLU G 707 52.72 56.37 -29.65
N ASP G 708 52.15 56.23 -30.85
CA ASP G 708 51.97 54.93 -31.47
C ASP G 708 53.29 54.33 -31.95
N ASP G 709 53.53 53.08 -31.58
CA ASP G 709 54.60 52.28 -32.18
C ASP G 709 54.00 51.46 -33.32
N CYS G 710 54.52 51.65 -34.54
CA CYS G 710 53.93 51.06 -35.74
C CYS G 710 54.92 50.09 -36.41
N LEU G 711 54.39 48.97 -36.90
CA LEU G 711 55.16 48.06 -37.75
C LEU G 711 54.30 47.63 -38.94
N ALA G 712 54.98 47.08 -39.96
CA ALA G 712 54.29 46.61 -41.16
C ALA G 712 55.09 45.51 -41.84
N PHE G 713 54.38 44.59 -42.50
CA PHE G 713 55.01 43.56 -43.31
C PHE G 713 54.06 43.11 -44.40
N LYS G 714 54.61 42.47 -45.45
CA LYS G 714 53.83 42.05 -46.60
C LYS G 714 53.22 40.66 -46.35
N VAL G 715 52.01 40.47 -46.89
CA VAL G 715 51.29 39.21 -46.81
C VAL G 715 50.89 38.78 -48.21
N HIS G 716 51.17 37.51 -48.53
CA HIS G 716 50.94 36.92 -49.85
C HIS G 716 49.71 36.02 -49.81
N GLN G 717 49.00 35.97 -50.93
CA GLN G 717 47.81 35.11 -51.06
C GLN G 717 48.19 33.75 -51.64
N TYR G 718 48.26 32.75 -50.76
CA TYR G 718 48.67 31.39 -51.13
C TYR G 718 47.49 30.51 -51.51
N PHE G 719 46.30 30.80 -51.00
CA PHE G 719 45.08 30.07 -51.34
C PHE G 719 44.01 31.05 -51.79
N ASN G 720 43.20 30.66 -52.78
CA ASN G 720 42.18 31.56 -53.32
C ASN G 720 40.81 31.02 -52.95
N VAL G 721 39.98 31.88 -52.38
CA VAL G 721 38.63 31.50 -51.96
C VAL G 721 37.67 32.64 -52.28
N GLU G 722 36.43 32.30 -52.63
CA GLU G 722 35.47 33.36 -52.93
C GLU G 722 35.17 34.16 -51.66
N LEU G 723 35.07 33.48 -50.52
CA LEU G 723 34.81 34.13 -49.22
C LEU G 723 36.07 34.04 -48.38
N ILE G 724 36.66 35.19 -48.09
CA ILE G 724 37.86 35.32 -47.27
C ILE G 724 37.46 35.67 -45.85
N GLN G 725 37.87 34.84 -44.87
CA GLN G 725 37.54 35.20 -43.51
C GLN G 725 38.47 36.29 -42.98
N PRO G 726 37.93 37.29 -42.31
CA PRO G 726 38.77 38.37 -41.74
C PRO G 726 39.84 37.86 -40.79
N GLY G 727 41.04 38.45 -40.91
CA GLY G 727 42.10 38.18 -39.96
C GLY G 727 41.96 39.05 -38.72
N ALA G 728 42.82 38.79 -37.73
CA ALA G 728 42.72 39.50 -36.45
C ALA G 728 44.12 39.78 -35.89
N VAL G 729 44.18 40.81 -35.04
CA VAL G 729 45.38 41.17 -34.28
C VAL G 729 44.96 41.43 -32.84
N LYS G 730 45.63 40.77 -31.89
CA LYS G 730 45.32 40.92 -30.47
C LYS G 730 46.55 41.32 -29.66
N VAL G 731 46.52 42.52 -29.08
CA VAL G 731 47.60 43.02 -28.24
C VAL G 731 47.21 42.88 -26.77
N TYR G 732 48.16 42.50 -25.93
CA TYR G 732 47.96 42.55 -24.48
C TYR G 732 49.32 42.52 -23.78
N ALA G 733 49.30 42.82 -22.48
CA ALA G 733 50.49 42.69 -21.63
C ALA G 733 50.53 41.34 -20.94
N TYR G 734 51.74 40.81 -20.76
CA TYR G 734 51.91 39.46 -20.24
C TYR G 734 51.32 39.29 -18.84
N TYR G 735 51.33 40.35 -18.01
CA TYR G 735 50.86 40.21 -16.64
C TYR G 735 49.34 40.25 -16.49
N ASN G 736 48.60 40.50 -17.57
CA ASN G 736 47.15 40.59 -17.49
C ASN G 736 46.58 40.35 -18.87
N LEU G 737 45.86 39.22 -19.04
CA LEU G 737 45.29 38.86 -20.32
C LEU G 737 43.93 39.53 -20.56
N GLU G 738 43.23 39.88 -19.49
CA GLU G 738 41.91 40.49 -19.62
C GLU G 738 41.98 41.89 -20.22
N GLU G 739 42.98 42.68 -19.83
CA GLU G 739 43.18 44.02 -20.39
C GLU G 739 43.87 43.90 -21.74
N SER G 740 43.08 43.55 -22.76
CA SER G 740 43.58 43.33 -24.11
C SER G 740 42.70 44.05 -25.11
N CYS G 741 43.20 44.13 -26.35
CA CYS G 741 42.49 44.72 -27.48
C CYS G 741 42.59 43.81 -28.69
N THR G 742 41.48 43.66 -29.42
CA THR G 742 41.46 42.81 -30.59
C THR G 742 40.81 43.57 -31.75
N ARG G 743 41.48 43.62 -32.89
CA ARG G 743 40.94 44.23 -34.09
C ARG G 743 40.97 43.23 -35.23
N PHE G 744 40.00 43.35 -36.14
CA PHE G 744 39.89 42.49 -37.30
C PHE G 744 40.16 43.28 -38.58
N TYR G 745 40.65 42.59 -39.59
CA TYR G 745 40.90 43.20 -40.90
C TYR G 745 40.41 42.26 -41.99
N HIS G 746 39.91 42.87 -43.07
CA HIS G 746 39.29 42.23 -44.22
C HIS G 746 39.64 43.20 -45.35
N PRO G 747 40.15 42.72 -46.49
CA PRO G 747 40.59 43.64 -47.54
C PRO G 747 39.49 44.56 -48.04
N GLU G 748 39.36 45.67 -47.31
CA GLU G 748 38.52 46.82 -47.58
C GLU G 748 37.05 46.53 -47.35
N LYS G 749 36.73 46.61 -46.06
CA LYS G 749 35.45 46.31 -45.42
C LYS G 749 35.74 47.08 -44.14
N GLU G 750 35.07 48.21 -43.93
CA GLU G 750 35.26 48.96 -42.69
C GLU G 750 35.52 48.09 -41.46
N ASP G 751 36.12 48.71 -40.44
CA ASP G 751 36.38 48.06 -39.17
C ASP G 751 36.82 46.61 -39.36
N GLY G 752 36.30 45.76 -38.50
CA GLY G 752 36.58 44.35 -38.43
C GLY G 752 35.35 43.51 -38.66
N LYS G 753 34.21 44.13 -38.40
CA LYS G 753 32.92 43.46 -38.39
C LYS G 753 32.39 43.06 -39.76
N LEU G 754 31.67 41.94 -39.74
CA LEU G 754 30.91 41.35 -40.82
C LEU G 754 29.68 42.21 -41.09
N ASN G 755 29.02 41.95 -42.21
CA ASN G 755 27.86 42.76 -42.56
C ASN G 755 26.68 42.30 -41.74
N LYS G 756 26.53 42.95 -40.58
CA LYS G 756 25.48 42.66 -39.63
C LYS G 756 24.36 43.65 -39.88
N LEU G 757 23.15 43.28 -39.49
CA LEU G 757 22.06 44.23 -39.62
C LEU G 757 21.57 44.45 -38.20
N CYS G 758 21.77 45.66 -37.69
CA CYS G 758 21.44 45.90 -36.28
C CYS G 758 20.47 47.05 -36.11
N ARG G 759 19.59 46.88 -35.13
CA ARG G 759 18.68 47.94 -34.72
C ARG G 759 18.34 47.62 -33.28
N ASP G 760 18.43 48.64 -32.43
CA ASP G 760 18.14 48.50 -31.01
C ASP G 760 19.01 47.38 -30.43
N GLU G 761 18.40 46.35 -29.84
CA GLU G 761 19.20 45.27 -29.27
C GLU G 761 19.60 44.17 -30.26
N LEU G 762 18.81 43.98 -31.31
CA LEU G 762 18.61 42.67 -31.93
C LEU G 762 19.17 42.64 -33.35
N CYS G 763 20.20 41.82 -33.57
CA CYS G 763 20.92 41.73 -34.84
C CYS G 763 20.79 40.37 -35.50
N ARG G 764 20.62 40.37 -36.82
CA ARG G 764 20.60 39.21 -37.71
C ARG G 764 21.79 39.25 -38.64
N CYS G 765 22.31 38.07 -38.99
CA CYS G 765 23.46 38.04 -39.88
C CYS G 765 23.02 38.35 -41.31
N ALA G 766 23.87 39.11 -42.00
CA ALA G 766 23.66 39.56 -43.37
C ALA G 766 24.94 39.29 -44.13
N GLU G 767 25.38 38.03 -44.11
CA GLU G 767 26.65 37.71 -44.76
C GLU G 767 26.43 36.74 -45.90
N GLU G 768 25.66 37.20 -46.89
CA GLU G 768 25.38 36.44 -48.09
C GLU G 768 24.70 37.40 -49.05
N ASN G 769 24.31 36.88 -50.21
CA ASN G 769 23.59 37.66 -51.19
C ASN G 769 22.26 38.18 -50.66
N CYS G 770 21.89 39.40 -51.08
CA CYS G 770 20.64 40.02 -50.65
C CYS G 770 19.46 39.16 -51.09
N PHE G 771 19.57 38.55 -52.25
CA PHE G 771 18.54 37.63 -52.75
C PHE G 771 19.18 36.71 -53.81
N ILE G 772 18.38 36.26 -54.78
CA ILE G 772 18.95 35.39 -55.81
C ILE G 772 19.20 35.98 -57.18
N GLN G 773 18.57 37.09 -57.55
CA GLN G 773 19.00 37.78 -58.80
C GLN G 773 18.76 36.75 -59.90
N LYS G 774 19.67 36.56 -60.86
CA LYS G 774 19.61 35.33 -61.68
C LYS G 774 18.59 35.53 -62.78
N SER G 775 18.06 36.74 -62.94
CA SER G 775 17.03 36.99 -63.92
C SER G 775 17.60 37.72 -65.13
N ASP G 776 16.72 37.92 -66.11
CA ASP G 776 17.03 38.39 -67.45
C ASP G 776 17.60 37.20 -68.20
N ASP G 777 17.31 36.01 -67.67
CA ASP G 777 17.68 34.71 -68.22
C ASP G 777 16.42 33.94 -68.62
N LYS G 778 16.47 32.61 -68.58
CA LYS G 778 15.28 31.80 -68.86
C LYS G 778 14.41 31.64 -67.61
N VAL G 779 13.67 32.69 -67.29
CA VAL G 779 12.85 32.73 -66.08
C VAL G 779 11.44 32.37 -66.54
N THR G 780 11.25 31.11 -66.92
CA THR G 780 9.96 30.63 -67.41
C THR G 780 8.92 30.57 -66.29
N LEU G 781 7.83 29.87 -66.58
CA LEU G 781 6.73 29.60 -65.66
C LEU G 781 7.01 28.37 -64.81
N GLU G 782 7.54 27.31 -65.43
CA GLU G 782 7.94 26.13 -64.67
C GLU G 782 8.97 26.49 -63.61
N GLU G 783 9.90 27.39 -63.96
CA GLU G 783 10.93 27.82 -63.02
C GLU G 783 10.30 28.48 -61.80
N ARG G 784 9.39 29.43 -62.03
CA ARG G 784 8.72 30.12 -60.94
C ARG G 784 7.91 29.15 -60.11
N LEU G 785 7.18 28.23 -60.75
CA LEU G 785 6.39 27.27 -59.99
C LEU G 785 7.30 26.37 -59.17
N ASP G 786 8.44 25.97 -59.74
CA ASP G 786 9.36 25.07 -59.04
C ASP G 786 10.05 25.78 -57.88
N LYS G 787 10.46 27.02 -58.09
CA LYS G 787 11.16 27.74 -57.03
C LYS G 787 10.20 28.13 -55.90
N ALA G 788 9.02 28.65 -56.24
CA ALA G 788 8.09 29.15 -55.23
C ALA G 788 7.30 28.04 -54.56
N CYS G 789 7.51 26.78 -54.96
CA CYS G 789 6.82 25.65 -54.36
C CYS G 789 7.72 24.88 -53.40
N GLU G 790 8.97 25.31 -53.27
CA GLU G 790 9.90 24.66 -52.34
C GLU G 790 9.37 24.80 -50.92
N PRO G 791 9.64 23.82 -50.05
CA PRO G 791 9.14 23.92 -48.68
C PRO G 791 9.67 25.12 -47.93
N GLY G 792 10.85 25.60 -48.27
CA GLY G 792 11.38 26.79 -47.62
C GLY G 792 10.49 28.00 -47.79
N VAL G 793 9.98 28.24 -49.01
CA VAL G 793 9.10 29.37 -49.27
C VAL G 793 7.79 29.26 -48.50
N ASP G 794 7.60 30.19 -47.57
CA ASP G 794 6.45 30.22 -46.66
C ASP G 794 5.28 31.05 -47.20
N TYR G 795 5.57 32.27 -47.65
CA TYR G 795 4.58 33.21 -48.16
C TYR G 795 4.91 33.65 -49.59
N VAL G 796 3.86 33.88 -50.39
CA VAL G 796 3.98 34.45 -51.72
C VAL G 796 2.97 35.58 -51.86
N TYR G 797 3.46 36.82 -51.98
CA TYR G 797 2.60 38.00 -52.03
C TYR G 797 2.88 38.81 -53.29
N LYS G 798 1.85 39.50 -53.77
CA LYS G 798 1.98 40.57 -54.77
C LYS G 798 1.82 41.92 -54.08
N THR G 799 2.88 42.71 -54.03
CA THR G 799 2.89 43.95 -53.28
C THR G 799 3.13 45.14 -54.19
N ARG G 800 2.80 46.33 -53.67
CA ARG G 800 3.06 47.60 -54.33
C ARG G 800 3.81 48.51 -53.38
N LEU G 801 4.93 49.05 -53.86
CA LEU G 801 5.83 49.87 -53.05
C LEU G 801 5.21 51.23 -52.75
N VAL G 802 4.69 51.39 -51.53
CA VAL G 802 4.07 52.65 -51.12
C VAL G 802 5.11 53.72 -50.83
N LYS G 803 6.06 53.43 -49.94
CA LYS G 803 7.03 54.44 -49.52
C LYS G 803 8.38 53.77 -49.31
N VAL G 804 9.46 54.46 -49.69
CA VAL G 804 10.83 53.98 -49.46
C VAL G 804 11.56 54.92 -48.51
N GLN G 805 11.72 54.54 -47.24
CA GLN G 805 12.51 55.38 -46.33
C GLN G 805 13.98 54.94 -46.45
N LEU G 806 14.80 55.73 -47.14
CA LEU G 806 16.23 55.49 -47.26
C LEU G 806 16.97 55.88 -45.99
N SER G 807 17.81 54.98 -45.46
CA SER G 807 18.57 55.31 -44.27
C SER G 807 20.03 54.90 -44.39
N ASN G 808 20.81 55.39 -43.42
CA ASN G 808 22.25 55.21 -43.29
C ASN G 808 22.63 53.81 -42.79
N ASP G 809 21.69 53.13 -42.16
CA ASP G 809 21.83 51.83 -41.51
C ASP G 809 21.10 50.74 -42.25
N PHE G 810 19.80 50.91 -42.48
CA PHE G 810 18.98 49.90 -43.11
C PHE G 810 18.21 50.56 -44.23
N ASP G 811 17.51 49.75 -45.03
CA ASP G 811 16.60 50.31 -46.00
C ASP G 811 15.27 49.63 -45.74
N GLU G 812 14.20 50.42 -45.68
CA GLU G 812 12.85 49.90 -45.50
C GLU G 812 11.97 50.18 -46.71
N TYR G 813 11.27 49.15 -47.19
CA TYR G 813 10.40 49.29 -48.35
C TYR G 813 8.98 49.05 -47.81
N ILE G 814 8.27 50.13 -47.47
CA ILE G 814 6.88 49.98 -47.04
C ILE G 814 6.00 49.62 -48.23
N MET G 815 5.57 48.37 -48.29
CA MET G 815 4.74 47.84 -49.37
C MET G 815 3.37 47.42 -48.86
N ALA G 816 2.33 47.67 -49.67
CA ALA G 816 0.97 47.23 -49.37
C ALA G 816 0.66 45.95 -50.13
N ILE G 817 0.38 44.88 -49.40
CA ILE G 817 0.03 43.57 -49.97
C ILE G 817 -1.30 43.60 -50.70
N GLU G 818 -1.26 43.83 -52.02
CA GLU G 818 -2.49 43.93 -52.81
C GLU G 818 -3.22 42.60 -52.91
N GLN G 819 -2.50 41.48 -53.09
CA GLN G 819 -3.14 40.18 -53.21
C GLN G 819 -2.25 39.10 -52.61
N THR G 820 -2.88 38.19 -51.87
CA THR G 820 -2.22 37.07 -51.17
C THR G 820 -2.26 35.79 -52.00
N ILE G 821 -1.25 35.62 -52.86
CA ILE G 821 -1.16 34.49 -53.78
C ILE G 821 -0.97 33.19 -53.02
N LYS G 822 -0.16 33.22 -51.97
CA LYS G 822 0.06 32.13 -51.02
C LYS G 822 0.32 32.78 -49.67
N SER G 823 -0.39 32.32 -48.65
CA SER G 823 -0.25 32.90 -47.32
C SER G 823 0.58 32.01 -46.40
N GLY G 824 1.28 32.66 -45.47
CA GLY G 824 2.12 31.93 -44.54
C GLY G 824 1.91 32.30 -43.07
N SER G 825 2.93 32.81 -42.38
CA SER G 825 2.71 33.13 -40.97
C SER G 825 1.76 34.31 -40.81
N ASP G 826 2.03 35.43 -41.50
CA ASP G 826 1.12 36.57 -41.43
C ASP G 826 -0.10 36.13 -42.23
N GLU G 827 -1.28 36.16 -41.64
CA GLU G 827 -2.48 35.78 -42.39
C GLU G 827 -3.30 36.91 -43.01
N VAL G 828 -3.51 36.79 -44.32
CA VAL G 828 -4.75 37.09 -45.03
C VAL G 828 -5.19 38.56 -44.91
N GLN G 829 -4.22 39.47 -44.88
CA GLN G 829 -4.51 40.91 -44.77
C GLN G 829 -4.36 41.65 -46.09
N VAL G 830 -5.37 41.54 -46.96
CA VAL G 830 -5.36 42.30 -48.21
C VAL G 830 -5.59 43.79 -47.96
N GLY G 831 -4.67 44.65 -48.39
CA GLY G 831 -4.79 46.09 -48.23
C GLY G 831 -3.83 46.70 -47.23
N GLN G 832 -3.45 45.94 -46.22
CA GLN G 832 -2.50 46.37 -45.20
C GLN G 832 -1.08 46.46 -45.76
N GLN G 833 -0.24 47.18 -45.04
CA GLN G 833 1.14 47.43 -45.43
C GLN G 833 2.09 46.68 -44.49
N ARG G 834 3.24 46.30 -45.05
CA ARG G 834 4.31 45.61 -44.33
C ARG G 834 5.63 46.23 -44.74
N THR G 835 6.57 46.32 -43.80
CA THR G 835 7.87 46.93 -44.05
C THR G 835 8.92 45.85 -44.34
N PHE G 836 9.57 45.97 -45.51
CA PHE G 836 10.63 45.07 -45.94
C PHE G 836 12.02 45.71 -45.79
N ILE G 837 12.82 45.14 -44.91
CA ILE G 837 14.14 45.63 -44.52
C ILE G 837 15.21 44.99 -45.41
N SER G 838 16.21 45.77 -45.81
CA SER G 838 17.32 45.24 -46.61
C SER G 838 18.59 46.04 -46.36
N PRO G 839 19.76 45.38 -46.40
CA PRO G 839 21.04 46.10 -46.25
C PRO G 839 21.24 47.18 -47.29
N ILE G 840 21.91 48.25 -46.86
CA ILE G 840 22.13 49.43 -47.70
C ILE G 840 22.98 49.13 -48.93
N LYS G 841 23.91 48.17 -48.83
CA LYS G 841 24.77 47.81 -49.95
C LYS G 841 24.03 47.33 -51.20
N CYS G 842 22.82 46.80 -51.06
CA CYS G 842 22.01 46.26 -52.16
C CYS G 842 21.10 47.27 -52.87
N ARG G 843 20.97 48.49 -52.36
CA ARG G 843 20.05 49.47 -52.95
C ARG G 843 20.33 49.63 -54.44
N GLU G 844 21.60 49.65 -54.83
CA GLU G 844 22.03 49.82 -56.21
C GLU G 844 21.76 48.59 -57.08
N ALA G 845 21.66 47.39 -56.50
CA ALA G 845 21.46 46.21 -57.34
C ALA G 845 20.03 46.05 -57.81
N LEU G 846 19.05 46.61 -57.10
CA LEU G 846 17.66 46.48 -57.54
C LEU G 846 16.92 47.74 -57.08
N LYS G 847 16.97 48.77 -57.95
CA LYS G 847 16.32 50.04 -57.66
C LYS G 847 14.81 49.89 -57.56
N LEU G 848 14.31 49.76 -56.34
CA LEU G 848 12.89 49.63 -56.07
C LEU G 848 12.27 51.02 -56.08
N GLU G 849 11.39 51.29 -57.04
CA GLU G 849 10.74 52.58 -57.16
C GLU G 849 9.29 52.50 -56.70
N GLU G 850 8.81 53.62 -56.15
CA GLU G 850 7.46 53.73 -55.65
C GLU G 850 6.45 53.62 -56.80
N LYS G 851 5.19 53.38 -56.43
CA LYS G 851 4.08 53.20 -57.37
C LYS G 851 4.29 52.01 -58.30
N LYS G 852 5.26 51.15 -58.02
CA LYS G 852 5.52 49.96 -58.80
C LYS G 852 5.06 48.71 -58.07
N HIS G 853 4.90 47.63 -58.82
CA HIS G 853 4.46 46.34 -58.30
C HIS G 853 5.57 45.32 -58.42
N TYR G 854 5.50 44.28 -57.58
CA TYR G 854 6.52 43.24 -57.54
C TYR G 854 5.89 41.91 -57.13
N LEU G 855 6.44 40.82 -57.68
CA LEU G 855 6.14 39.48 -57.19
C LEU G 855 7.21 39.06 -56.19
N MET G 856 6.80 38.86 -54.94
CA MET G 856 7.71 38.55 -53.85
C MET G 856 7.28 37.31 -53.08
N TRP G 857 8.21 36.38 -52.90
CA TRP G 857 7.99 35.23 -52.04
C TRP G 857 9.22 35.02 -51.17
N GLY G 858 9.01 34.47 -49.98
CA GLY G 858 10.07 34.36 -48.99
C GLY G 858 9.82 33.29 -47.95
N LEU G 859 10.84 33.09 -47.12
CA LEU G 859 10.86 32.10 -46.06
C LEU G 859 10.12 32.61 -44.83
N SER G 860 9.83 31.67 -43.91
CA SER G 860 9.18 32.04 -42.65
C SER G 860 10.21 32.57 -41.66
N SER G 861 11.49 32.33 -41.93
CA SER G 861 12.61 32.78 -41.14
C SER G 861 12.92 34.25 -41.38
N ASP G 862 12.17 34.91 -42.26
CA ASP G 862 12.42 36.30 -42.59
C ASP G 862 11.50 37.26 -41.84
N PHE G 863 10.84 36.79 -40.79
CA PHE G 863 9.99 37.68 -40.02
C PHE G 863 10.88 38.41 -39.01
N TRP G 864 10.50 39.63 -38.66
CA TRP G 864 11.40 40.44 -37.85
C TRP G 864 10.72 41.66 -37.27
N GLY G 865 10.31 41.58 -36.01
CA GLY G 865 9.62 42.69 -35.40
C GLY G 865 8.59 42.27 -34.38
N GLU G 866 8.05 41.04 -34.52
CA GLU G 866 7.09 40.51 -33.54
C GLU G 866 5.80 41.26 -33.85
N LYS G 867 4.62 40.77 -33.48
CA LYS G 867 3.40 41.35 -34.04
C LYS G 867 3.35 42.88 -33.94
N PRO G 868 3.74 43.53 -32.81
CA PRO G 868 3.74 45.00 -32.81
C PRO G 868 4.69 45.50 -33.88
N ASN G 869 4.20 46.06 -35.01
CA ASN G 869 5.07 46.61 -36.05
C ASN G 869 5.91 45.54 -36.74
N LEU G 870 5.26 44.52 -37.29
CA LEU G 870 5.93 43.33 -37.84
C LEU G 870 6.54 43.64 -39.20
N SER G 871 7.86 43.48 -39.32
CA SER G 871 8.56 43.71 -40.58
C SER G 871 9.12 42.42 -41.18
N TYR G 872 9.48 42.52 -42.45
CA TYR G 872 10.00 41.42 -43.26
C TYR G 872 11.45 41.69 -43.64
N ILE G 873 12.26 40.63 -43.67
CA ILE G 873 13.66 40.70 -44.07
C ILE G 873 13.84 40.07 -45.45
N ILE G 874 14.36 40.84 -46.39
CA ILE G 874 14.67 40.31 -47.72
C ILE G 874 16.01 39.59 -47.58
N GLY G 875 15.95 38.26 -47.44
CA GLY G 875 17.12 37.45 -47.25
C GLY G 875 17.56 36.71 -48.50
N LYS G 876 18.44 35.73 -48.29
CA LYS G 876 19.02 34.96 -49.38
C LYS G 876 17.99 34.16 -50.17
N ASP G 877 16.84 33.86 -49.57
CA ASP G 877 15.81 33.06 -50.22
C ASP G 877 14.58 33.90 -50.57
N THR G 878 14.73 35.22 -50.65
CA THR G 878 13.61 36.11 -50.96
C THR G 878 13.62 36.48 -52.45
N TRP G 879 12.61 35.99 -53.17
CA TRP G 879 12.41 36.29 -54.58
C TRP G 879 11.80 37.67 -54.74
N VAL G 880 12.45 38.56 -55.50
CA VAL G 880 11.96 39.90 -55.74
C VAL G 880 12.03 40.17 -57.25
N GLU G 881 10.87 40.13 -57.91
CA GLU G 881 10.76 40.35 -59.35
C GLU G 881 9.88 41.56 -59.62
N HIS G 882 10.29 42.38 -60.59
CA HIS G 882 9.50 43.55 -61.00
C HIS G 882 8.21 43.15 -61.70
N TRP G 883 7.09 43.74 -61.26
CA TRP G 883 5.78 43.54 -61.86
C TRP G 883 5.36 44.71 -62.74
N PRO G 884 5.27 44.52 -64.06
CA PRO G 884 4.92 45.63 -64.96
C PRO G 884 3.51 46.15 -64.70
N GLU G 885 3.34 47.45 -64.94
CA GLU G 885 2.05 48.11 -64.77
C GLU G 885 1.08 47.68 -65.87
N GLU G 886 -0.20 47.99 -65.66
CA GLU G 886 -1.23 47.50 -66.57
C GLU G 886 -1.06 48.04 -67.97
N ASP G 887 -0.60 49.29 -68.10
CA ASP G 887 -0.38 49.84 -69.42
C ASP G 887 0.86 49.22 -70.07
N GLU G 888 1.83 48.79 -69.25
CA GLU G 888 3.00 48.08 -69.77
C GLU G 888 2.69 46.65 -70.22
N CYS G 889 1.71 45.97 -69.62
CA CYS G 889 1.45 44.61 -70.11
C CYS G 889 0.81 44.63 -71.49
N GLN G 890 0.16 45.73 -71.86
CA GLN G 890 -0.40 45.85 -73.20
C GLN G 890 0.71 45.95 -74.25
N ASP G 891 1.88 46.41 -73.84
CA ASP G 891 3.06 46.43 -74.70
C ASP G 891 3.52 45.01 -75.00
N GLU G 892 4.16 44.85 -76.15
CA GLU G 892 4.55 43.53 -76.64
C GLU G 892 5.92 43.09 -76.15
N GLU G 893 6.69 43.97 -75.50
CA GLU G 893 7.99 43.51 -75.00
C GLU G 893 7.82 42.82 -73.66
N ASN G 894 6.93 43.34 -72.80
CA ASN G 894 6.63 42.71 -71.53
C ASN G 894 5.55 41.63 -71.63
N GLN G 895 5.14 41.27 -72.85
CA GLN G 895 4.03 40.33 -73.01
C GLN G 895 4.35 38.97 -72.42
N LYS G 896 5.55 38.45 -72.71
CA LYS G 896 5.91 37.11 -72.25
C LYS G 896 5.94 37.07 -70.73
N GLN G 897 6.59 38.04 -70.09
CA GLN G 897 6.67 38.09 -68.64
C GLN G 897 5.29 38.26 -68.02
N CYS G 898 4.44 39.06 -68.65
CA CYS G 898 3.09 39.29 -68.12
C CYS G 898 2.29 37.99 -68.16
N GLN G 899 2.38 37.26 -69.28
CA GLN G 899 1.67 35.99 -69.43
C GLN G 899 2.15 34.96 -68.40
N ASP G 900 3.47 34.88 -68.18
CA ASP G 900 4.00 33.94 -67.19
C ASP G 900 3.51 34.29 -65.79
N LEU G 901 3.51 35.58 -65.45
CA LEU G 901 3.14 36.01 -64.11
C LEU G 901 1.64 35.86 -63.83
N GLY G 902 0.79 36.26 -64.79
CA GLY G 902 -0.64 36.08 -64.61
C GLY G 902 -1.05 34.63 -64.43
N ALA G 903 -0.51 33.75 -65.27
CA ALA G 903 -0.78 32.32 -65.13
C ALA G 903 -0.31 31.79 -63.78
N PHE G 904 0.90 32.18 -63.38
CA PHE G 904 1.47 31.77 -62.09
C PHE G 904 0.53 32.06 -60.92
N THR G 905 0.06 33.31 -60.79
CA THR G 905 -0.87 33.65 -59.71
C THR G 905 -2.11 32.75 -59.74
N GLU G 906 -2.74 32.61 -60.91
CA GLU G 906 -3.94 31.80 -61.04
C GLU G 906 -3.68 30.36 -60.62
N SER G 907 -2.61 29.77 -61.17
CA SER G 907 -2.27 28.38 -60.88
C SER G 907 -1.95 28.18 -59.39
N MET G 908 -1.22 29.12 -58.80
CA MET G 908 -0.84 29.02 -57.39
C MET G 908 -2.06 29.10 -56.47
N VAL G 909 -3.00 30.00 -56.75
CA VAL G 909 -4.17 30.13 -55.89
C VAL G 909 -5.06 28.88 -55.98
N VAL G 910 -5.43 28.46 -57.18
CA VAL G 910 -6.38 27.37 -57.31
C VAL G 910 -5.70 26.01 -57.09
N PHE G 911 -4.57 25.76 -57.74
CA PHE G 911 -3.98 24.42 -57.66
C PHE G 911 -2.92 24.28 -56.58
N GLY G 912 -2.08 25.30 -56.40
CA GLY G 912 -1.06 25.25 -55.37
C GLY G 912 0.06 24.25 -55.69
N CYS G 913 0.79 23.86 -54.61
CA CYS G 913 1.93 22.94 -54.53
C CYS G 913 1.35 21.55 -54.28
N PRO G 914 2.13 20.47 -54.37
CA PRO G 914 1.52 19.14 -54.25
C PRO G 914 1.42 18.74 -52.79
N ASN G 915 0.48 17.83 -52.52
CA ASN G 915 0.15 17.41 -51.16
C ASN G 915 -0.25 18.62 -50.31
N GLU H 1 29.98 -14.76 -60.84
CA GLU H 1 30.74 -15.91 -61.30
C GLU H 1 30.08 -16.50 -62.55
N ASP H 2 28.85 -16.04 -62.81
CA ASP H 2 28.25 -16.15 -64.13
C ASP H 2 27.18 -15.05 -64.19
N CYS H 3 27.59 -13.88 -64.69
CA CYS H 3 26.68 -12.73 -64.74
C CYS H 3 25.43 -13.06 -65.53
N ASN H 4 24.53 -13.83 -64.89
CA ASN H 4 23.21 -14.12 -65.42
C ASN H 4 22.17 -14.02 -64.31
N GLU H 5 22.51 -13.29 -63.24
CA GLU H 5 21.68 -13.14 -62.05
C GLU H 5 22.03 -11.80 -61.42
N LEU H 6 21.25 -11.41 -60.42
CA LEU H 6 21.47 -10.14 -59.75
C LEU H 6 22.72 -10.22 -58.88
N PRO H 7 23.29 -9.08 -58.51
CA PRO H 7 24.52 -9.08 -57.69
C PRO H 7 24.29 -9.71 -56.34
N PRO H 8 25.36 -10.17 -55.68
CA PRO H 8 25.19 -10.77 -54.35
C PRO H 8 24.66 -9.76 -53.33
N ARG H 9 23.43 -10.00 -52.88
CA ARG H 9 22.81 -9.15 -51.87
C ARG H 9 23.63 -9.15 -50.60
N ARG H 10 24.36 -8.06 -50.35
CA ARG H 10 25.26 -8.00 -49.21
C ARG H 10 24.49 -8.03 -47.89
N ASN H 11 25.23 -8.23 -46.81
CA ASN H 11 24.61 -8.36 -45.50
C ASN H 11 24.35 -7.00 -44.86
N THR H 12 25.27 -6.05 -45.04
CA THR H 12 25.15 -4.72 -44.44
C THR H 12 25.10 -3.61 -45.48
N GLU H 13 24.81 -3.95 -46.73
CA GLU H 13 24.71 -2.96 -47.80
C GLU H 13 23.37 -3.12 -48.51
N ILE H 14 23.11 -2.20 -49.45
CA ILE H 14 21.88 -2.23 -50.24
C ILE H 14 22.21 -1.65 -51.61
N LEU H 15 21.44 -2.06 -52.62
CA LEU H 15 21.69 -1.61 -53.97
C LEU H 15 21.11 -0.21 -54.19
N THR H 16 21.48 0.40 -55.33
CA THR H 16 21.08 1.75 -55.65
C THR H 16 20.31 1.89 -56.94
N GLY H 17 20.46 0.96 -57.89
CA GLY H 17 19.84 1.08 -59.19
C GLY H 17 18.46 0.46 -59.27
N SER H 18 17.88 0.55 -60.46
CA SER H 18 16.56 -0.06 -60.69
C SER H 18 16.68 -1.57 -60.81
N TRP H 19 17.63 -2.05 -61.63
CA TRP H 19 17.94 -3.47 -61.77
C TRP H 19 16.71 -4.28 -62.19
N SER H 20 16.00 -3.78 -63.20
CA SER H 20 14.80 -4.42 -63.73
C SER H 20 15.11 -5.41 -64.85
N ASP H 21 16.27 -6.07 -64.80
CA ASP H 21 16.61 -7.11 -65.78
C ASP H 21 17.11 -8.33 -65.00
N GLN H 22 17.89 -9.17 -65.67
CA GLN H 22 18.44 -10.37 -65.05
C GLN H 22 19.85 -10.73 -65.54
N THR H 23 20.18 -10.49 -66.80
CA THR H 23 21.52 -10.76 -67.33
C THR H 23 22.16 -9.45 -67.75
N TYR H 24 23.43 -9.26 -67.38
CA TYR H 24 24.09 -7.96 -67.53
C TYR H 24 25.47 -8.14 -68.14
N PRO H 25 25.81 -7.40 -69.20
CA PRO H 25 27.12 -7.55 -69.84
C PRO H 25 28.04 -6.36 -69.63
N GLU H 26 29.33 -6.57 -69.91
CA GLU H 26 30.32 -5.50 -70.03
C GLU H 26 30.44 -4.62 -68.80
N GLY H 27 31.23 -5.05 -67.82
CA GLY H 27 31.62 -4.22 -66.69
C GLY H 27 30.50 -3.48 -65.99
N THR H 28 29.30 -4.05 -65.98
CA THR H 28 28.15 -3.40 -65.36
C THR H 28 28.36 -3.27 -63.86
N GLN H 29 28.91 -2.14 -63.43
CA GLN H 29 29.20 -1.93 -62.02
C GLN H 29 27.91 -1.88 -61.21
N ALA H 30 27.99 -2.31 -59.96
CA ALA H 30 26.88 -2.30 -59.01
C ALA H 30 27.32 -1.50 -57.79
N ILE H 31 26.84 -0.26 -57.69
CA ILE H 31 27.20 0.62 -56.58
C ILE H 31 26.26 0.31 -55.42
N TYR H 32 26.82 -0.24 -54.33
CA TYR H 32 26.05 -0.55 -53.14
C TYR H 32 25.98 0.66 -52.23
N LYS H 33 24.89 0.75 -51.48
CA LYS H 33 24.65 1.86 -50.55
C LYS H 33 24.75 1.36 -49.12
N CYS H 34 25.26 2.23 -48.25
CA CYS H 34 25.43 1.90 -46.84
C CYS H 34 24.07 1.93 -46.15
N ARG H 35 23.67 0.80 -45.58
CA ARG H 35 22.37 0.71 -44.93
C ARG H 35 22.28 1.70 -43.76
N PRO H 36 21.08 2.18 -43.44
CA PRO H 36 20.95 3.17 -42.35
C PRO H 36 21.49 2.62 -41.04
N GLY H 37 22.21 3.48 -40.32
CA GLY H 37 22.89 3.06 -39.12
C GLY H 37 24.29 2.52 -39.34
N TYR H 38 24.90 2.79 -40.49
CA TYR H 38 26.22 2.29 -40.81
C TYR H 38 27.01 3.36 -41.55
N ARG H 39 28.33 3.36 -41.34
CA ARG H 39 29.22 4.37 -41.88
C ARG H 39 30.27 3.72 -42.77
N SER H 40 30.79 4.49 -43.73
CA SER H 40 31.82 4.00 -44.63
C SER H 40 32.50 5.18 -45.29
N LEU H 41 33.62 4.90 -45.96
CA LEU H 41 34.39 5.92 -46.67
C LEU H 41 33.78 6.27 -48.02
N GLY H 42 32.78 5.54 -48.48
CA GLY H 42 32.18 5.83 -49.77
C GLY H 42 31.40 4.62 -50.28
N ASN H 43 30.94 4.75 -51.51
CA ASN H 43 30.10 3.74 -52.13
C ASN H 43 30.93 2.51 -52.48
N VAL H 44 30.58 1.37 -51.87
CA VAL H 44 31.22 0.10 -52.24
C VAL H 44 30.74 -0.28 -53.63
N ILE H 45 31.68 -0.51 -54.54
CA ILE H 45 31.39 -0.77 -55.95
C ILE H 45 31.76 -2.21 -56.26
N MET H 46 30.79 -2.96 -56.79
CA MET H 46 31.01 -4.29 -57.34
C MET H 46 30.90 -4.23 -58.86
N VAL H 47 31.71 -5.03 -59.53
CA VAL H 47 31.79 -5.02 -60.99
C VAL H 47 31.53 -6.43 -61.51
N CYS H 48 30.85 -6.50 -62.65
CA CYS H 48 30.75 -7.73 -63.44
C CYS H 48 31.61 -7.54 -64.68
N ARG H 49 32.89 -7.89 -64.56
CA ARG H 49 33.74 -8.05 -65.73
C ARG H 49 33.71 -9.53 -66.11
N LYS H 50 33.47 -9.79 -67.41
CA LYS H 50 32.98 -11.08 -67.88
C LYS H 50 33.68 -12.26 -67.20
N GLY H 51 32.86 -13.17 -66.67
CA GLY H 51 33.34 -14.37 -66.01
C GLY H 51 32.99 -14.45 -64.55
N GLU H 52 32.92 -13.31 -63.86
CA GLU H 52 32.72 -13.34 -62.41
C GLU H 52 32.32 -11.97 -61.90
N TRP H 53 31.59 -11.97 -60.79
CA TRP H 53 31.40 -10.76 -59.99
C TRP H 53 32.63 -10.52 -59.14
N VAL H 54 33.08 -9.27 -59.11
CA VAL H 54 34.27 -8.89 -58.36
C VAL H 54 33.98 -7.65 -57.53
N ALA H 55 34.87 -7.39 -56.57
CA ALA H 55 34.77 -6.24 -55.68
C ALA H 55 35.81 -5.21 -56.09
N LEU H 56 35.36 -4.00 -56.41
CA LEU H 56 36.28 -2.93 -56.81
C LEU H 56 36.97 -2.31 -55.59
N ASN H 57 36.32 -2.31 -54.43
CA ASN H 57 36.87 -1.73 -53.21
C ASN H 57 36.89 -2.80 -52.12
N PRO H 58 38.00 -3.50 -51.97
CA PRO H 58 38.09 -4.53 -50.91
C PRO H 58 38.21 -3.94 -49.52
N LEU H 59 39.12 -2.98 -49.37
CA LEU H 59 39.43 -2.40 -48.06
C LEU H 59 38.37 -1.43 -47.55
N ARG H 60 37.27 -1.24 -48.29
CA ARG H 60 36.20 -0.34 -47.88
C ARG H 60 34.97 -1.15 -47.54
N LYS H 61 34.44 -0.95 -46.33
CA LYS H 61 33.27 -1.66 -45.86
C LYS H 61 32.41 -0.72 -45.03
N CYS H 62 31.20 -1.18 -44.71
CA CYS H 62 30.24 -0.39 -43.93
C CYS H 62 30.25 -0.90 -42.49
N GLN H 63 30.87 -0.14 -41.60
CA GLN H 63 30.92 -0.43 -40.18
C GLN H 63 29.70 0.18 -39.48
N LYS H 64 29.47 -0.24 -38.24
CA LYS H 64 28.36 0.29 -37.46
C LYS H 64 28.58 1.77 -37.16
N ARG H 65 27.52 2.56 -37.33
CA ARG H 65 27.58 4.00 -37.10
C ARG H 65 27.52 4.30 -35.62
N PRO H 66 28.60 4.82 -35.04
CA PRO H 66 28.63 5.03 -33.58
C PRO H 66 27.77 6.22 -33.19
N CYS H 67 26.84 5.99 -32.26
CA CYS H 67 26.10 7.09 -31.68
C CYS H 67 26.97 7.88 -30.72
N GLY H 68 26.42 8.99 -30.24
CA GLY H 68 27.11 9.80 -29.25
C GLY H 68 27.04 9.21 -27.87
N HIS H 69 27.70 9.88 -26.95
CA HIS H 69 27.61 9.49 -25.55
C HIS H 69 26.20 9.79 -25.04
N PRO H 70 25.49 8.81 -24.48
CA PRO H 70 24.09 9.02 -24.10
C PRO H 70 23.87 10.03 -22.99
N GLY H 71 24.93 10.61 -22.42
CA GLY H 71 24.80 11.62 -21.40
C GLY H 71 24.49 11.07 -20.03
N ASP H 72 24.96 11.76 -19.00
CA ASP H 72 24.76 11.35 -17.61
C ASP H 72 23.64 12.19 -16.99
N THR H 73 22.65 11.49 -16.42
CA THR H 73 21.58 12.16 -15.69
C THR H 73 21.96 12.30 -14.21
N PRO H 74 21.52 13.37 -13.56
CA PRO H 74 21.90 13.59 -12.16
C PRO H 74 21.42 12.46 -11.26
N PHE H 75 22.32 12.03 -10.36
CA PHE H 75 22.02 11.01 -9.36
C PHE H 75 21.60 9.69 -10.01
N GLY H 76 22.37 9.27 -11.00
CA GLY H 76 22.07 8.02 -11.69
C GLY H 76 23.23 7.57 -12.55
N THR H 77 23.20 6.30 -12.92
CA THR H 77 24.20 5.68 -13.78
C THR H 77 23.50 4.92 -14.89
N PHE H 78 24.28 4.53 -15.90
CA PHE H 78 23.75 3.80 -17.04
C PHE H 78 24.72 2.68 -17.41
N THR H 79 24.16 1.59 -17.95
CA THR H 79 24.93 0.46 -18.42
C THR H 79 24.58 0.20 -19.88
N LEU H 80 25.57 -0.25 -20.65
CA LEU H 80 25.37 -0.62 -22.03
C LEU H 80 24.98 -2.09 -22.12
N THR H 81 24.00 -2.38 -22.98
CA THR H 81 23.49 -3.72 -23.17
C THR H 81 23.67 -4.13 -24.63
N GLY H 82 24.31 -5.27 -24.85
CA GLY H 82 24.53 -5.77 -26.19
C GLY H 82 25.67 -5.07 -26.91
N GLY H 83 26.85 -5.08 -26.30
CA GLY H 83 28.01 -4.47 -26.91
C GLY H 83 28.90 -3.78 -25.89
N ASN H 84 29.97 -3.13 -26.37
CA ASN H 84 30.90 -2.43 -25.52
C ASN H 84 31.26 -1.04 -26.03
N VAL H 85 30.71 -0.62 -27.17
CA VAL H 85 30.93 0.72 -27.71
C VAL H 85 29.58 1.23 -28.23
N PHE H 86 29.33 2.53 -28.01
CA PHE H 86 28.08 3.15 -28.43
C PHE H 86 27.84 3.03 -29.93
N GLU H 87 27.52 1.83 -30.39
CA GLU H 87 27.32 1.56 -31.81
C GLU H 87 25.84 1.33 -32.09
N TYR H 88 25.53 1.15 -33.38
CA TYR H 88 24.15 0.89 -33.79
C TYR H 88 23.67 -0.44 -33.24
N GLY H 89 22.59 -0.40 -32.46
CA GLY H 89 21.99 -1.60 -31.92
C GLY H 89 22.21 -1.84 -30.45
N VAL H 90 22.85 -0.92 -29.74
CA VAL H 90 23.09 -1.08 -28.31
C VAL H 90 21.96 -0.42 -27.54
N LYS H 91 21.83 -0.81 -26.27
CA LYS H 91 20.84 -0.23 -25.36
C LYS H 91 21.54 0.28 -24.12
N ALA H 92 21.09 1.43 -23.62
CA ALA H 92 21.66 2.06 -22.44
C ALA H 92 20.57 2.14 -21.37
N VAL H 93 20.59 1.19 -20.44
CA VAL H 93 19.60 1.13 -19.36
C VAL H 93 20.08 1.98 -18.19
N TYR H 94 19.17 2.75 -17.61
CA TYR H 94 19.48 3.65 -16.51
C TYR H 94 18.88 3.14 -15.21
N THR H 95 19.51 3.52 -14.09
CA THR H 95 19.05 3.15 -12.77
C THR H 95 19.51 4.22 -11.78
N CYS H 96 18.58 4.73 -10.98
CA CYS H 96 18.90 5.82 -10.06
C CYS H 96 19.64 5.29 -8.83
N ASN H 97 20.14 6.22 -8.03
CA ASN H 97 20.90 5.88 -6.84
C ASN H 97 19.97 5.52 -5.68
N GLU H 98 20.56 5.04 -4.60
CA GLU H 98 19.80 4.75 -3.39
C GLU H 98 19.23 6.03 -2.81
N GLY H 99 17.92 6.04 -2.56
CA GLY H 99 17.23 7.24 -2.17
C GLY H 99 16.69 8.07 -3.31
N TYR H 100 16.77 7.55 -4.54
CA TYR H 100 16.28 8.26 -5.71
C TYR H 100 15.50 7.27 -6.56
N GLN H 101 14.30 7.67 -6.98
CA GLN H 101 13.44 6.83 -7.81
C GLN H 101 13.49 7.27 -9.26
N LEU H 102 13.26 6.32 -10.15
CA LEU H 102 13.29 6.57 -11.60
C LEU H 102 11.86 6.77 -12.06
N LEU H 103 11.39 8.02 -12.00
CA LEU H 103 10.05 8.33 -12.48
C LEU H 103 10.02 8.32 -14.00
N GLY H 104 8.94 7.79 -14.55
CA GLY H 104 8.79 7.66 -15.98
C GLY H 104 8.97 6.22 -16.41
N GLU H 105 8.08 5.72 -17.27
CA GLU H 105 8.23 4.34 -17.74
C GLU H 105 9.45 4.20 -18.64
N ILE H 106 9.81 5.25 -19.38
CA ILE H 106 10.99 5.21 -20.23
C ILE H 106 12.22 5.24 -19.35
N ASN H 107 13.04 4.18 -19.42
CA ASN H 107 14.27 4.11 -18.65
C ASN H 107 15.50 3.80 -19.49
N TYR H 108 15.36 3.53 -20.78
CA TYR H 108 16.49 3.16 -21.63
C TYR H 108 16.58 4.08 -22.84
N ARG H 109 17.79 4.15 -23.40
CA ARG H 109 18.04 4.84 -24.65
C ARG H 109 18.73 3.86 -25.60
N GLU H 110 18.28 3.84 -26.85
CA GLU H 110 18.73 2.86 -27.82
C GLU H 110 19.31 3.58 -29.03
N CYS H 111 20.50 3.16 -29.46
CA CYS H 111 21.20 3.78 -30.58
C CYS H 111 20.59 3.29 -31.89
N ASP H 112 19.85 4.17 -32.57
CA ASP H 112 19.22 3.87 -33.84
C ASP H 112 20.09 4.42 -34.97
N THR H 113 19.54 4.43 -36.19
CA THR H 113 20.26 4.99 -37.32
C THR H 113 20.43 6.49 -37.20
N ASP H 114 19.67 7.15 -36.32
CA ASP H 114 19.78 8.59 -36.13
C ASP H 114 20.54 8.89 -34.83
N GLY H 115 19.90 8.66 -33.70
CA GLY H 115 20.50 8.93 -32.41
C GLY H 115 19.97 7.96 -31.38
N TRP H 116 19.82 8.46 -30.15
CA TRP H 116 19.32 7.66 -29.05
C TRP H 116 17.80 7.78 -28.94
N THR H 117 17.22 7.00 -28.04
CA THR H 117 15.78 7.05 -27.81
C THR H 117 15.40 8.39 -27.16
N ASN H 118 14.10 8.61 -27.02
CA ASN H 118 13.58 9.91 -26.64
C ASN H 118 14.12 10.36 -25.28
N ASP H 119 14.57 11.62 -25.24
CA ASP H 119 15.05 12.35 -24.06
C ASP H 119 15.95 11.53 -23.13
N ILE H 120 16.11 12.01 -21.91
CA ILE H 120 17.03 11.41 -20.93
C ILE H 120 16.24 11.15 -19.65
N PRO H 121 16.37 9.97 -19.03
CA PRO H 121 15.60 9.69 -17.82
C PRO H 121 16.00 10.62 -16.68
N ILE H 122 15.10 10.74 -15.71
CA ILE H 122 15.24 11.67 -14.60
C ILE H 122 15.25 10.89 -13.29
N CYS H 123 16.03 11.37 -12.33
CA CYS H 123 16.10 10.81 -10.99
C CYS H 123 15.69 11.87 -10.00
N GLU H 124 14.65 11.58 -9.21
CA GLU H 124 14.13 12.50 -8.22
C GLU H 124 14.34 11.92 -6.82
N VAL H 125 14.64 12.80 -5.86
CA VAL H 125 14.81 12.37 -4.49
C VAL H 125 13.46 12.00 -3.90
N VAL H 126 13.42 10.86 -3.21
CA VAL H 126 12.18 10.46 -2.54
C VAL H 126 11.88 11.43 -1.41
N LYS H 127 10.59 11.66 -1.17
CA LYS H 127 10.14 12.64 -0.19
C LYS H 127 9.32 11.95 0.89
N CYS H 128 9.35 12.53 2.08
CA CYS H 128 8.58 12.04 3.22
C CYS H 128 7.53 13.07 3.61
N LEU H 129 6.40 12.56 4.10
CA LEU H 129 5.33 13.44 4.52
C LEU H 129 5.75 14.21 5.78
N PRO H 130 5.42 15.49 5.87
CA PRO H 130 5.74 16.24 7.09
C PRO H 130 4.92 15.74 8.28
N VAL H 131 5.53 15.82 9.45
CA VAL H 131 4.93 15.35 10.69
C VAL H 131 4.72 16.54 11.61
N THR H 132 3.53 16.63 12.20
CA THR H 132 3.24 17.68 13.16
C THR H 132 3.82 17.32 14.53
N ALA H 133 3.85 18.30 15.40
CA ALA H 133 4.35 18.04 16.75
C ALA H 133 3.30 17.32 17.58
N PRO H 134 3.69 16.32 18.37
CA PRO H 134 2.71 15.60 19.19
C PRO H 134 2.06 16.52 20.21
N GLU H 135 0.97 16.02 20.80
CA GLU H 135 0.25 16.78 21.81
C GLU H 135 1.17 17.04 23.00
N ASN H 136 1.16 18.29 23.48
CA ASN H 136 2.02 18.72 24.58
C ASN H 136 3.50 18.54 24.21
N GLY H 137 3.83 18.81 22.95
CA GLY H 137 5.20 18.70 22.48
C GLY H 137 5.43 19.56 21.27
N LYS H 138 6.71 19.86 21.01
CA LYS H 138 7.10 20.69 19.90
C LYS H 138 8.31 20.08 19.20
N ILE H 139 8.43 20.36 17.90
CA ILE H 139 9.59 19.96 17.10
C ILE H 139 10.28 21.24 16.66
N VAL H 140 11.48 21.48 17.20
CA VAL H 140 12.25 22.67 16.91
C VAL H 140 13.57 22.33 16.23
N SER H 141 13.65 21.17 15.60
CA SER H 141 14.85 20.70 14.94
C SER H 141 14.71 20.78 13.42
N SER H 142 15.57 20.06 12.71
CA SER H 142 15.48 19.81 11.27
C SER H 142 15.85 21.03 10.43
N ALA H 143 15.18 21.18 9.29
CA ALA H 143 15.60 22.08 8.23
C ALA H 143 14.93 23.43 8.39
N MET H 144 14.84 24.18 7.28
CA MET H 144 14.33 25.53 7.34
C MET H 144 12.81 25.58 7.27
N GLU H 145 12.16 24.79 8.13
CA GLU H 145 10.87 25.12 8.75
C GLU H 145 9.59 24.63 8.02
N PRO H 146 8.44 25.33 8.18
CA PRO H 146 7.26 24.56 8.56
C PRO H 146 6.51 23.77 7.48
N ASP H 147 5.93 22.65 7.91
CA ASP H 147 4.88 21.93 7.19
C ASP H 147 5.23 21.72 5.72
N ARG H 148 6.50 21.39 5.46
CA ARG H 148 6.95 21.22 4.09
C ARG H 148 7.44 19.80 3.87
N GLU H 149 7.53 19.44 2.59
CA GLU H 149 8.12 18.18 2.18
C GLU H 149 9.49 17.99 2.82
N TYR H 150 9.78 16.76 3.24
CA TYR H 150 11.07 16.37 3.77
C TYR H 150 11.64 15.29 2.85
N HIS H 151 12.73 15.61 2.16
CA HIS H 151 13.32 14.67 1.22
C HIS H 151 14.27 13.72 1.95
N PHE H 152 14.80 12.75 1.19
CA PHE H 152 15.56 11.65 1.78
C PHE H 152 16.78 12.16 2.54
N GLY H 153 17.01 11.57 3.70
CA GLY H 153 18.19 11.89 4.49
C GLY H 153 17.89 12.71 5.73
N GLN H 154 17.02 13.71 5.59
CA GLN H 154 16.75 14.63 6.68
C GLN H 154 16.16 13.91 7.89
N ALA H 155 16.41 14.45 9.07
CA ALA H 155 15.95 13.84 10.32
C ALA H 155 15.38 14.91 11.24
N VAL H 156 14.44 14.51 12.08
CA VAL H 156 13.77 15.40 13.01
C VAL H 156 13.97 14.87 14.43
N ARG H 157 13.64 15.72 15.40
CA ARG H 157 13.76 15.37 16.81
C ARG H 157 12.48 15.76 17.55
N PHE H 158 12.16 14.98 18.58
CA PHE H 158 10.99 15.20 19.41
C PHE H 158 11.43 15.53 20.84
N VAL H 159 10.93 16.63 21.37
CA VAL H 159 11.16 17.01 22.75
C VAL H 159 9.84 17.44 23.35
N CYS H 160 9.35 16.69 24.34
CA CYS H 160 8.09 17.01 24.97
C CYS H 160 8.23 18.27 25.83
N ASN H 161 7.08 18.90 26.10
CA ASN H 161 7.07 20.10 26.91
C ASN H 161 7.43 19.78 28.36
N SER H 162 7.68 20.83 29.13
CA SER H 162 8.00 20.66 30.54
C SER H 162 6.84 20.00 31.27
N GLY H 163 7.15 18.94 32.01
CA GLY H 163 6.15 18.12 32.66
C GLY H 163 5.66 16.94 31.84
N TYR H 164 6.26 16.70 30.67
CA TYR H 164 5.89 15.58 29.82
C TYR H 164 7.16 14.85 29.39
N LYS H 165 7.13 13.53 29.50
CA LYS H 165 8.26 12.70 29.12
C LYS H 165 7.98 12.00 27.79
N ILE H 166 9.04 11.78 27.01
CA ILE H 166 8.89 11.11 25.73
C ILE H 166 8.52 9.65 25.95
N GLU H 167 7.75 9.10 25.00
CA GLU H 167 7.23 7.75 25.10
C GLU H 167 7.31 7.07 23.73
N GLY H 168 8.53 6.85 23.25
CA GLY H 168 8.75 6.24 21.95
C GLY H 168 10.12 6.60 21.41
N ASP H 169 10.21 6.65 20.09
CA ASP H 169 11.46 7.02 19.43
C ASP H 169 11.62 8.53 19.42
N GLU H 170 12.75 9.01 19.93
CA GLU H 170 12.99 10.44 20.02
C GLU H 170 13.41 11.03 18.68
N GLU H 171 14.16 10.28 17.87
CA GLU H 171 14.61 10.72 16.56
C GLU H 171 14.09 9.81 15.47
N MET H 172 14.04 10.34 14.25
CA MET H 172 13.68 9.58 13.07
C MET H 172 14.08 10.39 11.85
N HIS H 173 14.28 9.69 10.74
CA HIS H 173 14.73 10.30 9.50
C HIS H 173 13.87 9.82 8.34
N CYS H 174 14.05 10.48 7.19
CA CYS H 174 13.32 10.12 5.97
C CYS H 174 13.92 8.86 5.38
N SER H 175 13.17 7.76 5.43
CA SER H 175 13.68 6.46 5.01
C SER H 175 13.57 6.31 3.49
N ASP H 176 13.94 5.12 3.01
CA ASP H 176 13.90 4.84 1.59
C ASP H 176 12.48 4.80 1.06
N ASP H 177 11.55 4.27 1.85
CA ASP H 177 10.19 4.02 1.40
C ASP H 177 9.34 5.28 1.28
N GLY H 178 9.93 6.47 1.23
CA GLY H 178 9.12 7.68 1.34
C GLY H 178 8.39 7.83 2.67
N PHE H 179 8.69 7.00 3.66
CA PHE H 179 8.10 7.02 4.99
C PHE H 179 9.21 7.28 6.01
N TRP H 180 8.84 7.42 7.28
CA TRP H 180 9.80 7.73 8.32
C TRP H 180 10.39 6.44 8.87
N SER H 181 11.62 6.55 9.39
CA SER H 181 12.32 5.38 9.91
C SER H 181 11.59 4.79 11.11
N LYS H 182 11.00 5.64 11.95
CA LYS H 182 10.24 5.19 13.10
C LYS H 182 8.85 5.82 13.06
N GLU H 183 8.03 5.43 14.01
CA GLU H 183 6.69 5.99 14.11
C GLU H 183 6.68 7.19 15.05
N LYS H 184 5.66 8.02 14.90
CA LYS H 184 5.56 9.24 15.69
C LYS H 184 5.31 8.91 17.15
N PRO H 185 6.10 9.44 18.07
CA PRO H 185 5.96 9.08 19.49
C PRO H 185 4.86 9.89 20.16
N LYS H 186 4.72 9.68 21.47
CA LYS H 186 3.70 10.34 22.27
C LYS H 186 4.35 11.10 23.43
N CYS H 187 3.63 12.08 23.95
CA CYS H 187 4.06 12.86 25.10
C CYS H 187 3.07 12.62 26.24
N VAL H 188 3.54 11.97 27.30
CA VAL H 188 2.71 11.63 28.45
C VAL H 188 3.23 12.40 29.66
N GLU H 189 2.32 12.75 30.57
CA GLU H 189 2.71 13.46 31.78
C GLU H 189 3.74 12.65 32.57
N ILE H 190 4.67 13.35 33.22
CA ILE H 190 5.70 12.70 34.02
C ILE H 190 5.05 12.04 35.21
N SER H 191 5.20 10.72 35.31
CA SER H 191 4.58 9.93 36.37
C SER H 191 5.62 8.99 36.96
N CYS H 192 5.71 8.98 38.28
CA CYS H 192 6.61 8.08 39.00
C CYS H 192 5.80 7.21 39.96
N LYS H 193 6.09 5.92 39.95
CA LYS H 193 5.47 4.98 40.87
C LYS H 193 6.29 4.89 42.16
N SER H 194 5.65 4.39 43.21
CA SER H 194 6.29 4.28 44.51
C SER H 194 7.47 3.32 44.43
N PRO H 195 8.70 3.78 44.65
CA PRO H 195 9.85 2.88 44.53
C PRO H 195 9.90 1.88 45.68
N ASP H 196 10.47 0.72 45.39
CA ASP H 196 10.67 -0.34 46.39
C ASP H 196 12.13 -0.27 46.83
N VAL H 197 12.37 0.33 48.00
CA VAL H 197 13.73 0.43 48.53
C VAL H 197 14.17 -0.94 49.02
N ILE H 198 15.34 -1.39 48.56
CA ILE H 198 15.89 -2.65 49.00
C ILE H 198 16.55 -2.47 50.36
N ASN H 199 16.31 -3.42 51.26
CA ASN H 199 16.82 -3.38 52.63
C ASN H 199 16.34 -2.14 53.38
N GLY H 200 15.11 -1.71 53.09
CA GLY H 200 14.55 -0.54 53.73
C GLY H 200 13.04 -0.58 53.67
N SER H 201 12.42 0.44 54.29
CA SER H 201 10.98 0.57 54.33
C SER H 201 10.62 2.03 54.06
N PRO H 202 9.69 2.29 53.15
CA PRO H 202 9.31 3.67 52.85
C PRO H 202 8.66 4.35 54.05
N ILE H 203 8.93 5.64 54.18
CA ILE H 203 8.30 6.45 55.23
C ILE H 203 6.94 6.97 54.77
N SER H 204 6.89 7.53 53.57
CA SER H 204 5.64 7.98 52.99
C SER H 204 4.97 6.85 52.22
N GLN H 205 3.64 6.96 52.07
CA GLN H 205 2.87 5.95 51.36
C GLN H 205 1.93 6.60 50.34
N LYS H 206 2.44 7.56 49.60
CA LYS H 206 1.75 8.08 48.42
C LYS H 206 2.17 7.25 47.22
N ILE H 207 1.20 6.79 46.44
CA ILE H 207 1.51 5.80 45.41
C ILE H 207 1.96 6.50 44.12
N ILE H 208 1.15 7.43 43.63
CA ILE H 208 1.46 8.14 42.39
C ILE H 208 2.19 9.43 42.73
N TYR H 209 3.26 9.71 41.99
CA TYR H 209 4.08 10.89 42.20
C TYR H 209 4.15 11.71 40.92
N LYS H 210 3.97 13.02 41.06
CA LYS H 210 4.20 13.95 39.96
C LYS H 210 5.67 14.38 39.97
N GLU H 211 6.01 15.30 39.06
CA GLU H 211 7.40 15.72 38.93
C GLU H 211 7.90 16.44 40.17
N ASN H 212 9.17 16.23 40.49
CA ASN H 212 9.90 16.88 41.57
C ASN H 212 9.37 16.54 42.96
N GLU H 213 8.43 15.61 43.06
CA GLU H 213 7.91 15.20 44.36
C GLU H 213 8.92 14.32 45.08
N ARG H 214 9.08 14.56 46.38
CA ARG H 214 10.05 13.85 47.18
C ARG H 214 9.42 12.60 47.81
N PHE H 215 10.22 11.54 47.91
CA PHE H 215 9.81 10.27 48.48
C PHE H 215 10.75 9.93 49.61
N GLN H 216 10.23 9.89 50.83
CA GLN H 216 11.04 9.65 52.02
C GLN H 216 11.08 8.16 52.35
N TYR H 217 12.21 7.73 52.89
CA TYR H 217 12.40 6.32 53.24
C TYR H 217 13.45 6.22 54.33
N LYS H 218 13.35 5.17 55.14
CA LYS H 218 14.33 4.85 56.15
C LYS H 218 14.84 3.43 55.93
N CYS H 219 16.08 3.20 56.35
CA CYS H 219 16.72 1.91 56.15
C CYS H 219 16.41 0.97 57.31
N ASN H 220 16.39 -0.33 57.01
CA ASN H 220 16.13 -1.35 58.02
C ASN H 220 17.36 -1.48 58.93
N MET H 221 17.20 -2.31 59.97
CA MET H 221 18.31 -2.55 60.89
C MET H 221 19.43 -3.29 60.19
N GLY H 222 20.66 -2.87 60.46
CA GLY H 222 21.80 -3.38 59.72
C GLY H 222 22.02 -2.72 58.38
N TYR H 223 21.34 -1.61 58.10
CA TYR H 223 21.51 -0.89 56.85
C TYR H 223 21.38 0.61 57.11
N GLU H 224 21.98 1.38 56.21
CA GLU H 224 22.16 2.81 56.43
C GLU H 224 22.21 3.51 55.08
N TYR H 225 21.90 4.81 55.09
CA TYR H 225 21.70 5.55 53.85
C TYR H 225 22.96 5.54 52.98
N SER H 226 22.75 5.70 51.68
CA SER H 226 23.82 5.80 50.70
C SER H 226 23.70 7.15 49.99
N GLU H 227 24.67 8.03 50.22
CA GLU H 227 24.66 9.38 49.67
C GLU H 227 23.39 10.14 50.04
N ARG H 228 22.46 10.26 49.10
CA ARG H 228 21.22 10.97 49.35
C ARG H 228 20.26 10.10 50.17
N GLY H 229 19.47 10.76 51.02
CA GLY H 229 18.49 10.10 51.86
C GLY H 229 17.06 10.21 51.40
N ASP H 230 16.80 10.68 50.19
CA ASP H 230 15.45 10.85 49.69
C ASP H 230 15.41 10.43 48.22
N ALA H 231 14.30 10.71 47.55
CA ALA H 231 14.12 10.34 46.16
C ALA H 231 13.29 11.42 45.47
N VAL H 232 13.70 11.80 44.26
CA VAL H 232 13.05 12.86 43.51
C VAL H 232 12.52 12.28 42.20
N CYS H 233 11.34 12.75 41.77
CA CYS H 233 10.70 12.29 40.56
C CYS H 233 10.99 13.25 39.42
N THR H 234 11.36 12.70 38.26
CA THR H 234 11.71 13.49 37.10
C THR H 234 11.28 12.73 35.84
N GLU H 235 11.64 13.28 34.68
CA GLU H 235 11.34 12.61 33.42
C GLU H 235 12.12 11.31 33.27
N SER H 236 13.39 11.31 33.69
CA SER H 236 14.21 10.10 33.64
C SER H 236 13.69 9.02 34.58
N GLY H 237 12.97 9.40 35.63
CA GLY H 237 12.48 8.45 36.62
C GLY H 237 12.93 8.84 38.02
N TRP H 238 13.18 7.81 38.83
CA TRP H 238 13.69 8.01 40.18
C TRP H 238 15.21 7.99 40.11
N ARG H 239 15.82 9.15 39.81
CA ARG H 239 17.28 9.17 39.72
C ARG H 239 17.89 9.05 41.11
N PRO H 240 17.32 9.84 42.25
CA PRO H 240 17.83 9.50 43.60
C PRO H 240 17.22 8.19 44.09
N LEU H 241 17.72 7.08 43.54
CA LEU H 241 17.12 5.79 43.88
C LEU H 241 17.35 5.49 45.36
N PRO H 242 16.32 4.97 46.06
CA PRO H 242 16.48 4.68 47.50
C PRO H 242 17.35 3.46 47.73
N SER H 243 18.58 3.69 48.21
CA SER H 243 19.55 2.62 48.38
C SER H 243 20.18 2.68 49.77
N CYS H 244 20.14 1.55 50.47
CA CYS H 244 20.91 1.34 51.69
C CYS H 244 21.80 0.12 51.47
N GLU H 245 23.07 0.36 51.14
CA GLU H 245 24.01 -0.73 50.89
C GLU H 245 24.80 -1.11 52.13
N GLU H 246 24.97 -0.19 53.08
CA GLU H 246 26.14 -0.14 53.92
C GLU H 246 25.83 -0.27 55.40
N LYS H 247 26.74 -0.94 56.10
CA LYS H 247 26.91 -0.80 57.56
C LYS H 247 28.38 -0.99 57.92
N GLY H 260 -9.20 -5.71 61.26
CA GLY H 260 -9.23 -4.56 60.37
C GLY H 260 -8.36 -3.41 60.86
N LYS H 261 -7.25 -3.18 60.15
CA LYS H 261 -6.33 -2.12 60.53
C LYS H 261 -6.85 -0.76 60.08
N CYS H 262 -6.31 0.29 60.70
CA CYS H 262 -6.71 1.66 60.41
C CYS H 262 -5.68 2.35 59.52
N GLY H 263 -6.03 3.55 59.08
CA GLY H 263 -5.17 4.34 58.24
C GLY H 263 -4.58 5.54 58.97
N PRO H 264 -4.20 6.57 58.22
CA PRO H 264 -3.59 7.74 58.85
C PRO H 264 -4.59 8.42 59.76
N PRO H 265 -4.12 8.98 60.88
CA PRO H 265 -5.03 9.64 61.80
C PRO H 265 -5.59 10.91 61.18
N PRO H 266 -6.80 11.31 61.57
CA PRO H 266 -7.43 12.48 60.97
C PRO H 266 -6.86 13.77 61.53
N PRO H 267 -6.69 14.79 60.70
CA PRO H 267 -6.17 16.06 61.20
C PRO H 267 -7.23 16.93 61.84
N ILE H 268 -6.82 17.67 62.85
CA ILE H 268 -7.70 18.62 63.54
C ILE H 268 -7.20 20.03 63.28
N ASP H 269 -8.02 21.01 63.67
CA ASP H 269 -7.67 22.41 63.53
C ASP H 269 -6.86 22.88 64.72
N ASN H 270 -5.83 23.69 64.45
CA ASN H 270 -4.98 24.28 65.49
C ASN H 270 -4.30 23.21 66.34
N GLY H 271 -4.04 22.04 65.76
CA GLY H 271 -3.41 20.97 66.51
C GLY H 271 -2.87 19.90 65.57
N ASP H 272 -2.13 18.97 66.16
CA ASP H 272 -1.52 17.88 65.43
C ASP H 272 -1.27 16.73 66.40
N ILE H 273 -0.63 15.67 65.91
CA ILE H 273 -0.31 14.51 66.73
C ILE H 273 1.06 14.70 67.36
N THR H 274 1.26 14.07 68.52
CA THR H 274 2.52 14.21 69.25
C THR H 274 3.64 13.38 68.63
N SER H 275 3.31 12.24 68.03
CA SER H 275 4.30 11.37 67.42
C SER H 275 4.36 11.64 65.93
N PHE H 276 5.03 10.74 65.19
CA PHE H 276 5.12 10.88 63.74
C PHE H 276 4.14 9.92 63.09
N PRO H 277 3.35 10.39 62.12
CA PRO H 277 2.27 9.55 61.59
C PRO H 277 2.80 8.37 60.80
N LEU H 278 2.01 7.29 60.80
CA LEU H 278 2.30 6.09 60.04
C LEU H 278 1.22 5.90 58.99
N SER H 279 1.51 5.03 58.02
CA SER H 279 0.57 4.79 56.93
C SER H 279 -0.55 3.83 57.34
N VAL H 280 -0.22 2.78 58.07
CA VAL H 280 -1.19 1.80 58.54
C VAL H 280 -0.92 1.52 60.01
N TYR H 281 -1.99 1.48 60.80
CA TYR H 281 -1.90 1.22 62.23
C TYR H 281 -2.57 -0.11 62.54
N ALA H 282 -1.87 -0.97 63.28
CA ALA H 282 -2.44 -2.22 63.72
C ALA H 282 -3.61 -1.97 64.66
N PRO H 283 -4.51 -2.94 64.81
CA PRO H 283 -5.60 -2.78 65.78
C PRO H 283 -5.08 -2.51 67.17
N ALA H 284 -5.85 -1.74 67.94
CA ALA H 284 -5.57 -1.31 69.30
C ALA H 284 -4.46 -0.26 69.38
N SER H 285 -3.91 0.18 68.26
CA SER H 285 -2.94 1.26 68.29
C SER H 285 -3.59 2.56 68.71
N SER H 286 -2.81 3.45 69.29
CA SER H 286 -3.33 4.71 69.81
C SER H 286 -2.30 5.82 69.62
N VAL H 287 -2.77 6.99 69.25
CA VAL H 287 -1.96 8.19 69.12
C VAL H 287 -2.67 9.33 69.83
N GLU H 288 -1.89 10.24 70.39
CA GLU H 288 -2.42 11.36 71.16
C GLU H 288 -2.37 12.65 70.36
N TYR H 289 -3.10 13.65 70.87
CA TYR H 289 -3.22 14.94 70.22
C TYR H 289 -2.68 16.05 71.13
N GLN H 290 -2.55 17.24 70.55
CA GLN H 290 -2.07 18.40 71.28
C GLN H 290 -2.45 19.66 70.50
N CYS H 291 -3.00 20.65 71.21
CA CYS H 291 -3.37 21.92 70.59
C CYS H 291 -2.15 22.84 70.54
N GLN H 292 -2.33 24.01 69.92
CA GLN H 292 -1.27 25.00 69.91
C GLN H 292 -1.16 25.66 71.28
N ASN H 293 -0.25 26.62 71.38
CA ASN H 293 -0.10 27.37 72.62
C ASN H 293 -1.29 28.29 72.81
N LEU H 294 -1.74 28.41 74.06
CA LEU H 294 -2.91 29.17 74.51
C LEU H 294 -4.22 28.56 74.05
N TYR H 295 -4.20 27.48 73.28
CA TYR H 295 -5.42 26.75 72.93
C TYR H 295 -5.70 25.68 73.98
N GLN H 296 -6.98 25.36 74.15
CA GLN H 296 -7.42 24.41 75.15
C GLN H 296 -8.04 23.19 74.47
N LEU H 297 -7.61 22.01 74.85
CA LEU H 297 -8.11 20.77 74.29
C LEU H 297 -9.34 20.30 75.07
N GLU H 298 -10.38 19.90 74.34
CA GLU H 298 -11.64 19.46 74.93
C GLU H 298 -11.94 18.05 74.43
N GLY H 299 -12.13 17.13 75.35
CA GLY H 299 -12.40 15.75 75.03
C GLY H 299 -11.28 14.82 75.45
N ASN H 300 -11.22 13.67 74.78
CA ASN H 300 -10.19 12.68 75.04
C ASN H 300 -9.03 12.90 74.08
N LYS H 301 -7.84 13.18 74.63
CA LYS H 301 -6.67 13.46 73.80
C LYS H 301 -6.15 12.23 73.07
N ARG H 302 -6.60 11.03 73.43
CA ARG H 302 -6.15 9.80 72.81
C ARG H 302 -7.25 9.21 71.94
N ILE H 303 -6.89 8.77 70.74
CA ILE H 303 -7.79 8.05 69.85
C ILE H 303 -7.25 6.64 69.70
N THR H 304 -8.17 5.69 69.45
CA THR H 304 -7.82 4.28 69.39
C THR H 304 -8.39 3.67 68.12
N CYS H 305 -7.61 2.77 67.52
CA CYS H 305 -8.01 2.08 66.30
C CYS H 305 -8.92 0.90 66.66
N ARG H 306 -10.21 1.01 66.32
CA ARG H 306 -11.18 -0.03 66.59
C ARG H 306 -12.02 -0.26 65.35
N ASN H 307 -11.99 -1.50 64.83
CA ASN H 307 -12.78 -1.89 63.67
C ASN H 307 -12.45 -1.04 62.45
N GLY H 308 -11.16 -0.85 62.21
CA GLY H 308 -10.69 -0.06 61.09
C GLY H 308 -11.07 1.39 61.15
N GLN H 309 -11.47 1.88 62.31
CA GLN H 309 -11.90 3.26 62.47
C GLN H 309 -11.37 3.82 63.78
N TRP H 310 -10.76 5.00 63.71
CA TRP H 310 -10.32 5.68 64.92
C TRP H 310 -11.53 6.21 65.69
N SER H 311 -11.34 6.41 66.99
CA SER H 311 -12.40 6.96 67.83
C SER H 311 -12.53 8.46 67.55
N GLU H 312 -13.23 9.16 68.42
CA GLU H 312 -13.49 10.58 68.17
C GLU H 312 -12.27 11.41 68.55
N PRO H 313 -11.81 12.30 67.68
CA PRO H 313 -10.69 13.17 68.03
C PRO H 313 -11.16 14.35 68.86
N PRO H 314 -10.31 14.88 69.74
CA PRO H 314 -10.70 16.05 70.53
C PRO H 314 -10.70 17.32 69.70
N LYS H 315 -11.22 18.38 70.29
CA LYS H 315 -11.28 19.69 69.65
C LYS H 315 -10.45 20.70 70.44
N CYS H 316 -10.01 21.73 69.75
CA CYS H 316 -9.22 22.80 70.33
C CYS H 316 -10.08 24.04 70.49
N LEU H 317 -10.04 24.65 71.68
CA LEU H 317 -10.84 25.83 71.97
C LEU H 317 -10.06 27.08 71.62
N HIS H 318 -10.68 27.95 70.81
CA HIS H 318 -10.00 29.17 70.36
C HIS H 318 -9.91 30.17 71.51
N PRO H 319 -8.72 30.71 71.78
CA PRO H 319 -8.60 31.78 72.77
C PRO H 319 -9.02 33.12 72.17
N CYS H 320 -8.87 34.18 72.96
CA CYS H 320 -9.26 35.52 72.55
C CYS H 320 -8.02 36.40 72.47
N VAL H 321 -7.90 37.15 71.39
CA VAL H 321 -6.83 38.12 71.20
C VAL H 321 -7.32 39.49 71.64
N ILE H 322 -6.48 40.21 72.37
CA ILE H 322 -6.82 41.55 72.85
C ILE H 322 -6.45 42.52 71.72
N SER H 323 -7.44 42.83 70.88
CA SER H 323 -7.21 43.65 69.70
C SER H 323 -6.96 45.11 70.08
N ARG H 324 -6.12 45.78 69.28
CA ARG H 324 -5.78 47.16 69.55
C ARG H 324 -6.79 48.14 68.97
N GLU H 325 -7.42 47.78 67.86
CA GLU H 325 -8.46 48.64 67.30
C GLU H 325 -9.71 48.64 68.16
N ILE H 326 -9.98 47.53 68.86
CA ILE H 326 -11.17 47.47 69.70
C ILE H 326 -10.96 48.24 70.99
N MET H 327 -9.74 48.21 71.54
CA MET H 327 -9.47 48.95 72.77
C MET H 327 -9.54 50.46 72.56
N GLU H 328 -9.29 50.92 71.33
CA GLU H 328 -9.37 52.35 71.04
C GLU H 328 -10.75 52.78 70.59
N ASN H 329 -11.48 51.92 69.87
CA ASN H 329 -12.85 52.25 69.51
C ASN H 329 -13.78 52.22 70.72
N TYR H 330 -13.52 51.31 71.66
CA TYR H 330 -14.33 51.20 72.87
C TYR H 330 -13.77 51.99 74.04
N ASN H 331 -12.60 52.63 73.87
CA ASN H 331 -12.01 53.51 74.88
C ASN H 331 -11.77 52.77 76.21
N ILE H 332 -11.04 51.66 76.13
CA ILE H 332 -10.73 50.86 77.31
C ILE H 332 -9.22 50.70 77.42
N ALA H 333 -8.76 50.45 78.65
CA ALA H 333 -7.36 50.25 78.95
C ALA H 333 -7.21 48.95 79.74
N LEU H 334 -5.97 48.65 80.14
CA LEU H 334 -5.64 47.41 80.83
C LEU H 334 -5.04 47.72 82.20
N ARG H 335 -5.16 46.74 83.09
CA ARG H 335 -4.46 46.82 84.37
C ARG H 335 -2.97 46.62 84.14
N TRP H 336 -2.14 47.48 84.73
CA TRP H 336 -0.73 47.58 84.39
C TRP H 336 0.15 47.21 85.57
N THR H 337 1.11 46.32 85.33
CA THR H 337 2.28 46.06 86.18
C THR H 337 3.43 45.62 85.27
N ALA H 338 3.74 46.47 84.28
CA ALA H 338 4.89 46.30 83.38
C ALA H 338 4.74 45.09 82.46
N LYS H 339 3.50 44.71 82.13
CA LYS H 339 3.25 43.68 81.11
C LYS H 339 1.89 43.94 80.50
N GLN H 340 1.88 44.36 79.23
CA GLN H 340 0.65 44.62 78.50
C GLN H 340 0.07 43.28 78.03
N LYS H 341 -0.95 42.80 78.73
CA LYS H 341 -1.56 41.52 78.42
C LYS H 341 -2.22 41.58 77.04
N LEU H 342 -1.93 40.59 76.20
CA LEU H 342 -2.43 40.57 74.83
C LEU H 342 -3.30 39.35 74.52
N TYR H 343 -3.23 38.29 75.30
CA TYR H 343 -3.97 37.07 75.01
C TYR H 343 -4.69 36.60 76.26
N SER H 344 -5.69 35.73 76.04
CA SER H 344 -6.50 35.22 77.15
C SER H 344 -6.96 33.82 76.79
N ARG H 345 -6.68 32.86 77.68
CA ARG H 345 -7.10 31.48 77.46
C ARG H 345 -8.61 31.35 77.67
N THR H 346 -9.13 30.17 77.36
CA THR H 346 -10.55 29.86 77.57
C THR H 346 -10.78 29.63 79.05
N GLY H 347 -11.49 30.57 79.69
CA GLY H 347 -11.69 30.54 81.12
C GLY H 347 -10.89 31.57 81.88
N GLU H 348 -9.91 32.20 81.25
CA GLU H 348 -9.13 33.25 81.87
C GLU H 348 -9.88 34.58 81.81
N SER H 349 -9.87 35.31 82.91
CA SER H 349 -10.59 36.57 83.03
C SER H 349 -9.60 37.73 82.94
N VAL H 350 -9.83 38.63 81.98
CA VAL H 350 -9.02 39.81 81.78
C VAL H 350 -9.79 41.02 82.29
N GLU H 351 -9.08 41.95 82.92
CA GLU H 351 -9.67 43.14 83.52
C GLU H 351 -9.40 44.37 82.67
N PHE H 352 -10.43 45.19 82.48
CA PHE H 352 -10.33 46.44 81.75
C PHE H 352 -10.70 47.60 82.66
N VAL H 353 -10.20 48.78 82.31
CA VAL H 353 -10.50 50.02 83.02
C VAL H 353 -10.72 51.12 81.99
N CYS H 354 -11.67 52.01 82.28
CA CYS H 354 -11.96 53.10 81.35
C CYS H 354 -10.80 54.09 81.29
N LYS H 355 -10.77 54.84 80.19
CA LYS H 355 -9.74 55.87 80.01
C LYS H 355 -10.04 57.07 80.90
N ARG H 356 -9.13 58.04 80.87
CA ARG H 356 -9.32 59.27 81.63
C ARG H 356 -10.41 60.12 80.98
N GLY H 357 -11.38 60.54 81.79
CA GLY H 357 -12.50 61.31 81.29
C GLY H 357 -13.67 60.51 80.75
N TYR H 358 -13.64 59.19 80.91
CA TYR H 358 -14.70 58.31 80.44
C TYR H 358 -15.25 57.50 81.60
N ARG H 359 -16.53 57.11 81.47
CA ARG H 359 -17.20 56.27 82.43
C ARG H 359 -17.88 55.13 81.67
N LEU H 360 -18.35 54.13 82.42
CA LEU H 360 -19.07 53.03 81.82
C LEU H 360 -20.33 53.53 81.13
N SER H 361 -20.57 53.05 79.91
CA SER H 361 -21.67 53.52 79.09
C SER H 361 -23.00 52.98 79.63
N SER H 362 -24.08 53.21 78.88
CA SER H 362 -25.39 52.78 79.32
C SER H 362 -25.52 51.27 79.29
N ARG H 363 -25.08 50.64 78.20
CA ARG H 363 -25.17 49.19 78.02
C ARG H 363 -23.78 48.66 77.72
N SER H 364 -23.03 48.36 78.77
CA SER H 364 -21.66 47.88 78.65
C SER H 364 -21.47 46.63 79.51
N HIS H 365 -20.69 45.68 79.00
CA HIS H 365 -20.34 44.51 79.76
C HIS H 365 -19.46 44.90 80.95
N THR H 366 -19.45 44.04 81.97
CA THR H 366 -18.64 44.32 83.15
C THR H 366 -17.16 44.39 82.78
N LEU H 367 -16.41 45.15 83.58
CA LEU H 367 -14.99 45.36 83.29
C LEU H 367 -14.18 44.07 83.37
N ARG H 368 -14.74 43.02 83.97
CA ARG H 368 -14.07 41.72 84.06
C ARG H 368 -14.84 40.74 83.18
N THR H 369 -14.33 40.54 81.96
CA THR H 369 -14.94 39.62 81.02
C THR H 369 -14.05 38.38 80.86
N THR H 370 -14.66 37.30 80.38
CA THR H 370 -14.00 36.01 80.28
C THR H 370 -14.09 35.49 78.86
N CYS H 371 -13.01 34.86 78.39
CA CYS H 371 -12.96 34.30 77.05
C CYS H 371 -13.59 32.91 77.02
N TRP H 372 -14.37 32.64 75.97
CA TRP H 372 -15.05 31.35 75.82
C TRP H 372 -15.06 31.00 74.33
N ASP H 373 -14.05 30.26 73.89
CA ASP H 373 -13.96 29.70 72.54
C ASP H 373 -14.05 30.80 71.48
N GLY H 374 -13.15 31.78 71.60
CA GLY H 374 -12.96 32.78 70.58
C GLY H 374 -13.88 33.98 70.64
N LYS H 375 -14.86 33.99 71.53
CA LYS H 375 -15.81 35.10 71.65
C LYS H 375 -15.53 35.85 72.95
N LEU H 376 -15.15 37.12 72.82
CA LEU H 376 -14.89 37.99 73.96
C LEU H 376 -15.68 39.27 73.78
N GLU H 377 -16.39 39.69 74.83
CA GLU H 377 -17.20 40.90 74.80
C GLU H 377 -16.47 41.99 75.57
N TYR H 378 -15.88 42.94 74.84
CA TYR H 378 -15.15 44.02 75.47
C TYR H 378 -16.11 45.02 76.11
N PRO H 379 -15.71 45.64 77.20
CA PRO H 379 -16.52 46.73 77.77
C PRO H 379 -16.35 48.02 76.97
N THR H 380 -17.32 48.92 77.15
CA THR H 380 -17.35 50.18 76.42
C THR H 380 -17.47 51.34 77.41
N CYS H 381 -16.74 52.42 77.12
CA CYS H 381 -16.78 53.63 77.93
C CYS H 381 -17.19 54.80 77.03
N ALA H 382 -18.18 55.57 77.47
CA ALA H 382 -18.74 56.65 76.68
C ALA H 382 -18.51 57.99 77.36
N LYS H 383 -18.41 59.03 76.54
CA LYS H 383 -18.20 60.41 76.99
C LYS H 383 -17.02 60.54 77.94
N GLU I 8 -41.74 44.49 -24.12
CA GLU I 8 -40.90 43.39 -24.56
C GLU I 8 -39.43 43.79 -24.68
N ASP I 9 -38.54 42.89 -24.25
CA ASP I 9 -37.09 43.10 -24.40
C ASP I 9 -36.48 41.79 -24.87
N LEU I 10 -36.52 41.58 -26.19
CA LEU I 10 -35.88 40.42 -26.80
C LEU I 10 -34.48 40.71 -27.34
N VAL I 11 -34.22 41.95 -27.76
CA VAL I 11 -32.94 42.36 -28.31
C VAL I 11 -32.10 42.98 -27.20
N GLU I 12 -30.80 42.71 -27.23
CA GLU I 12 -29.86 43.30 -26.29
C GLU I 12 -29.28 44.58 -26.89
N LYS I 13 -28.89 45.51 -26.03
CA LYS I 13 -28.36 46.79 -26.51
C LYS I 13 -26.86 46.75 -26.72
N LYS I 14 -26.12 46.08 -25.84
CA LYS I 14 -24.65 46.09 -25.93
C LYS I 14 -24.16 45.36 -27.16
N CYS I 15 -24.86 44.29 -27.57
CA CYS I 15 -24.47 43.55 -28.77
C CYS I 15 -24.71 44.37 -30.03
N LEU I 16 -25.76 45.19 -30.05
CA LEU I 16 -26.13 45.92 -31.26
C LEU I 16 -25.05 46.92 -31.66
N ALA I 17 -24.25 47.39 -30.70
CA ALA I 17 -23.17 48.33 -31.03
C ALA I 17 -22.15 47.69 -31.96
N LYS I 18 -22.02 46.38 -31.94
CA LYS I 18 -21.05 45.68 -32.77
C LYS I 18 -21.59 45.38 -34.17
N LYS I 19 -22.91 45.26 -34.32
CA LYS I 19 -23.55 45.00 -35.61
C LYS I 19 -23.00 43.72 -36.25
N TYR I 20 -23.28 42.61 -35.58
CA TYR I 20 -22.78 41.32 -36.01
C TYR I 20 -23.48 40.87 -37.29
N THR I 21 -22.72 40.27 -38.18
CA THR I 21 -23.23 39.67 -39.41
C THR I 21 -22.81 38.19 -39.45
N HIS I 22 -23.21 37.51 -40.53
CA HIS I 22 -22.86 36.10 -40.69
C HIS I 22 -21.35 35.90 -40.89
N LEU I 23 -20.57 36.97 -40.94
CA LEU I 23 -19.13 36.89 -41.05
C LEU I 23 -18.42 36.91 -39.69
N SER I 24 -19.15 37.10 -38.60
CA SER I 24 -18.56 37.20 -37.27
C SER I 24 -18.44 35.81 -36.65
N CYS I 25 -17.23 35.43 -36.26
CA CYS I 25 -17.03 34.14 -35.62
C CYS I 25 -17.66 34.12 -34.22
N ASP I 26 -17.76 35.27 -33.58
CA ASP I 26 -18.26 35.40 -32.22
C ASP I 26 -19.74 35.04 -32.08
N LYS I 27 -20.43 34.55 -33.11
CA LYS I 27 -21.85 34.23 -32.99
C LYS I 27 -22.20 32.94 -33.71
N VAL I 28 -21.59 32.70 -34.87
CA VAL I 28 -21.95 31.57 -35.72
C VAL I 28 -20.69 31.01 -36.38
N PHE I 29 -20.78 29.75 -36.80
CA PHE I 29 -19.69 29.12 -37.54
C PHE I 29 -19.46 29.86 -38.86
N CYS I 30 -18.21 29.83 -39.33
CA CYS I 30 -17.90 30.34 -40.65
C CYS I 30 -18.31 29.34 -41.71
N GLN I 31 -18.17 29.73 -42.97
CA GLN I 31 -18.48 28.82 -44.06
C GLN I 31 -17.26 27.98 -44.41
N PRO I 32 -17.48 26.82 -45.04
CA PRO I 32 -16.33 25.94 -45.36
C PRO I 32 -15.26 26.63 -46.19
N TRP I 33 -15.64 27.52 -47.10
CA TRP I 33 -14.66 28.27 -47.89
C TRP I 33 -14.21 29.54 -47.17
N GLN I 34 -14.27 29.56 -45.85
CA GLN I 34 -13.80 30.67 -45.04
C GLN I 34 -13.10 30.14 -43.80
N ARG I 35 -12.14 30.91 -43.31
CA ARG I 35 -11.49 30.67 -42.03
C ARG I 35 -11.79 31.85 -41.11
N CYS I 36 -11.52 31.66 -39.82
CA CYS I 36 -11.74 32.72 -38.85
C CYS I 36 -10.43 33.41 -38.51
N ILE I 37 -10.42 34.75 -38.58
CA ILE I 37 -9.26 35.55 -38.24
C ILE I 37 -9.77 36.84 -37.59
N GLU I 38 -9.37 37.07 -36.34
CA GLU I 38 -9.73 38.28 -35.60
C GLU I 38 -11.25 38.49 -35.55
N GLY I 39 -11.97 37.40 -35.25
CA GLY I 39 -13.40 37.50 -35.06
C GLY I 39 -14.20 37.82 -36.31
N THR I 40 -13.62 37.65 -37.49
CA THR I 40 -14.30 37.93 -38.74
C THR I 40 -13.94 36.83 -39.74
N CYS I 41 -14.95 36.14 -40.26
CA CYS I 41 -14.70 35.14 -41.29
C CYS I 41 -14.15 35.84 -42.54
N VAL I 42 -12.95 35.45 -42.96
CA VAL I 42 -12.30 36.04 -44.12
C VAL I 42 -12.11 34.94 -45.15
N CYS I 43 -12.22 35.31 -46.42
CA CYS I 43 -12.16 34.34 -47.50
C CYS I 43 -10.85 33.57 -47.46
N LYS I 44 -10.93 32.25 -47.57
CA LYS I 44 -9.73 31.44 -47.65
C LYS I 44 -9.37 31.19 -49.11
N LEU I 45 -8.10 30.89 -49.33
CA LEU I 45 -7.59 30.70 -50.68
C LEU I 45 -8.19 29.46 -51.31
N PRO I 46 -8.30 29.42 -52.64
CA PRO I 46 -8.90 28.24 -53.29
C PRO I 46 -8.14 26.95 -53.04
N TYR I 47 -6.81 27.00 -52.92
CA TYR I 47 -6.06 25.79 -52.66
C TYR I 47 -6.19 25.31 -51.22
N GLN I 48 -6.78 26.10 -50.33
CA GLN I 48 -6.96 25.69 -48.95
C GLN I 48 -8.21 24.84 -48.75
N CYS I 49 -9.07 24.75 -49.76
CA CYS I 49 -10.19 23.83 -49.68
C CYS I 49 -9.70 22.40 -49.80
N PRO I 50 -10.38 21.45 -49.15
CA PRO I 50 -10.11 20.04 -49.43
C PRO I 50 -10.48 19.72 -50.87
N LYS I 51 -9.70 18.82 -51.47
CA LYS I 51 -9.83 18.51 -52.89
C LYS I 51 -10.56 17.17 -53.01
N ASN I 52 -11.88 17.25 -53.15
CA ASN I 52 -12.76 16.08 -53.18
C ASN I 52 -14.14 16.54 -53.62
N GLY I 53 -14.80 15.75 -54.49
CA GLY I 53 -16.14 16.09 -54.90
C GLY I 53 -16.32 16.17 -56.41
N THR I 54 -17.32 16.92 -56.84
CA THR I 54 -17.70 17.00 -58.24
C THR I 54 -17.50 18.42 -58.76
N ALA I 55 -17.32 18.52 -60.07
CA ALA I 55 -17.03 19.80 -60.73
C ALA I 55 -18.25 20.72 -60.72
N VAL I 56 -17.97 22.02 -60.82
CA VAL I 56 -19.00 23.05 -60.89
C VAL I 56 -18.63 24.05 -61.98
N CYS I 57 -19.63 24.85 -62.36
CA CYS I 57 -19.48 25.90 -63.36
C CYS I 57 -19.91 27.23 -62.78
N ALA I 58 -19.16 28.29 -63.09
CA ALA I 58 -19.46 29.62 -62.59
C ALA I 58 -20.17 30.44 -63.66
N THR I 59 -20.36 31.73 -63.40
CA THR I 59 -21.06 32.58 -64.35
C THR I 59 -20.16 33.04 -65.49
N ASN I 60 -18.86 33.15 -65.24
CA ASN I 60 -17.89 33.53 -66.27
C ASN I 60 -17.47 32.34 -67.14
N ARG I 61 -18.24 31.25 -67.11
CA ARG I 61 -17.95 30.04 -67.90
C ARG I 61 -16.54 29.52 -67.61
N ARG I 62 -16.16 29.54 -66.34
CA ARG I 62 -14.86 29.05 -65.90
C ARG I 62 -15.05 27.78 -65.09
N SER I 63 -14.24 26.76 -65.36
CA SER I 63 -14.36 25.48 -64.69
C SER I 63 -13.51 25.45 -63.43
N PHE I 64 -14.09 24.90 -62.37
CA PHE I 64 -13.40 24.69 -61.10
C PHE I 64 -13.46 23.21 -60.73
N PRO I 65 -12.39 22.66 -60.17
CA PRO I 65 -12.35 21.20 -59.94
C PRO I 65 -13.49 20.69 -59.06
N THR I 66 -13.73 21.34 -57.93
CA THR I 66 -14.83 21.00 -57.03
C THR I 66 -15.55 22.29 -56.63
N TYR I 67 -16.62 22.14 -55.85
CA TYR I 67 -17.46 23.28 -55.48
C TYR I 67 -16.73 24.27 -54.57
N CYS I 68 -15.92 23.76 -53.64
CA CYS I 68 -15.39 24.63 -52.59
C CYS I 68 -14.55 25.77 -53.16
N GLN I 69 -13.73 25.49 -54.18
CA GLN I 69 -12.87 26.54 -54.73
C GLN I 69 -13.68 27.63 -55.41
N GLN I 70 -14.81 27.27 -56.03
CA GLN I 70 -15.60 28.26 -56.75
C GLN I 70 -16.12 29.35 -55.82
N LYS I 71 -16.63 28.97 -54.65
CA LYS I 71 -17.11 29.97 -53.71
C LYS I 71 -15.97 30.80 -53.12
N SER I 72 -14.81 30.16 -52.91
CA SER I 72 -13.68 30.90 -52.34
C SER I 72 -13.20 31.99 -53.29
N LEU I 73 -13.11 31.69 -54.58
CA LEU I 73 -12.72 32.73 -55.53
C LEU I 73 -13.82 33.77 -55.68
N GLU I 74 -15.09 33.34 -55.63
CA GLU I 74 -16.19 34.29 -55.59
C GLU I 74 -16.11 35.15 -54.34
N CYS I 75 -15.71 34.56 -53.22
CA CYS I 75 -15.50 35.34 -51.99
C CYS I 75 -14.42 36.38 -52.19
N LEU I 76 -13.29 35.97 -52.78
CA LEU I 76 -12.19 36.91 -53.04
C LEU I 76 -12.59 37.93 -54.10
N HIS I 77 -12.93 37.45 -55.30
CA HIS I 77 -13.40 38.32 -56.38
C HIS I 77 -14.92 38.23 -56.46
N PRO I 78 -15.66 39.21 -55.94
CA PRO I 78 -17.12 39.12 -55.97
C PRO I 78 -17.66 39.22 -57.40
N GLY I 79 -18.85 38.65 -57.60
CA GLY I 79 -19.53 38.68 -58.88
C GLY I 79 -19.55 37.34 -59.59
N THR I 80 -18.51 36.52 -59.38
CA THR I 80 -18.42 35.21 -60.03
C THR I 80 -19.34 34.23 -59.29
N LYS I 81 -20.62 34.34 -59.57
CA LYS I 81 -21.64 33.53 -58.90
C LYS I 81 -21.56 32.09 -59.40
N PHE I 82 -22.51 31.27 -58.98
CA PHE I 82 -22.58 29.87 -59.35
C PHE I 82 -23.55 29.68 -60.52
N LEU I 83 -23.30 28.65 -61.33
CA LEU I 83 -24.14 28.39 -62.49
C LEU I 83 -24.70 26.97 -62.51
N ASN I 84 -23.89 26.01 -62.93
CA ASN I 84 -24.36 24.67 -63.20
C ASN I 84 -23.45 23.63 -62.56
N ASN I 85 -24.05 22.54 -62.10
CA ASN I 85 -23.29 21.40 -61.61
C ASN I 85 -22.56 20.72 -62.77
N GLY I 86 -21.29 20.44 -62.57
CA GLY I 86 -20.48 19.79 -63.57
C GLY I 86 -19.68 20.78 -64.41
N THR I 87 -19.31 20.33 -65.61
CA THR I 87 -18.58 21.19 -66.52
C THR I 87 -19.51 22.24 -67.14
N CYS I 88 -18.89 23.27 -67.70
CA CYS I 88 -19.64 24.40 -68.25
C CYS I 88 -20.23 24.06 -69.61
N THR I 89 -21.31 24.76 -69.96
CA THR I 89 -21.95 24.63 -71.26
C THR I 89 -21.86 25.96 -72.00
N ALA I 90 -21.74 25.89 -73.32
CA ALA I 90 -21.53 27.08 -74.13
C ALA I 90 -22.76 27.99 -74.10
N GLU I 91 -23.91 27.45 -74.48
CA GLU I 91 -25.15 28.23 -74.54
C GLU I 91 -25.95 28.19 -73.24
N GLY I 92 -25.51 27.43 -72.24
CA GLY I 92 -26.26 27.35 -71.00
C GLY I 92 -26.19 28.65 -70.23
N LYS I 93 -27.34 29.12 -69.75
CA LYS I 93 -27.42 30.36 -69.00
C LYS I 93 -28.60 30.30 -68.05
N PHE I 94 -28.43 30.85 -66.85
CA PHE I 94 -29.45 30.84 -65.80
C PHE I 94 -30.02 32.24 -65.66
N SER I 95 -31.35 32.35 -65.71
CA SER I 95 -32.03 33.63 -65.69
C SER I 95 -33.22 33.60 -64.73
N VAL I 96 -33.42 34.70 -64.02
CA VAL I 96 -34.55 34.87 -63.12
C VAL I 96 -35.18 36.23 -63.41
N SER I 97 -36.50 36.24 -63.61
CA SER I 97 -37.21 37.45 -63.98
C SER I 97 -38.46 37.60 -63.13
N LEU I 98 -39.07 38.79 -63.20
CA LEU I 98 -40.31 39.11 -62.53
C LEU I 98 -41.32 39.60 -63.56
N LYS I 99 -42.46 38.91 -63.66
CA LYS I 99 -43.49 39.23 -64.63
C LYS I 99 -44.70 39.87 -63.93
N HIS I 100 -45.44 40.65 -64.71
CA HIS I 100 -46.68 41.29 -64.25
C HIS I 100 -46.44 42.19 -63.04
N GLY I 101 -45.37 42.98 -63.09
CA GLY I 101 -45.02 43.89 -62.01
C GLY I 101 -45.28 45.34 -62.42
N ASN I 102 -45.83 46.12 -61.48
CA ASN I 102 -46.10 47.52 -61.76
C ASN I 102 -44.81 48.35 -61.77
N THR I 103 -43.80 47.93 -61.03
CA THR I 103 -42.50 48.59 -61.04
C THR I 103 -41.42 47.54 -61.28
N ASP I 104 -40.17 47.89 -61.02
CA ASP I 104 -39.05 46.99 -61.21
C ASP I 104 -38.72 46.17 -59.97
N SER I 105 -39.37 46.44 -58.85
CA SER I 105 -39.07 45.78 -57.59
C SER I 105 -40.19 44.87 -57.11
N GLU I 106 -41.08 44.44 -58.01
CA GLU I 106 -42.16 43.54 -57.64
C GLU I 106 -42.60 42.75 -58.85
N GLY I 107 -43.43 41.74 -58.61
CA GLY I 107 -43.99 40.93 -59.66
C GLY I 107 -44.07 39.48 -59.24
N ILE I 108 -44.10 38.59 -60.22
CA ILE I 108 -44.20 37.15 -60.01
C ILE I 108 -42.87 36.52 -60.38
N VAL I 109 -42.44 35.54 -59.59
CA VAL I 109 -41.12 34.94 -59.78
C VAL I 109 -41.16 33.96 -60.94
N GLU I 110 -40.26 34.15 -61.90
CA GLU I 110 -40.04 33.22 -62.99
C GLU I 110 -38.57 32.81 -63.02
N VAL I 111 -38.31 31.56 -63.38
CA VAL I 111 -36.97 31.02 -63.41
C VAL I 111 -36.74 30.36 -64.75
N LYS I 112 -35.69 30.80 -65.46
CA LYS I 112 -35.26 30.19 -66.72
C LYS I 112 -34.00 29.40 -66.41
N LEU I 113 -34.13 28.08 -66.40
CA LEU I 113 -33.09 27.18 -65.93
C LEU I 113 -31.98 27.04 -66.98
N VAL I 114 -30.80 26.67 -66.49
CA VAL I 114 -29.66 26.43 -67.39
C VAL I 114 -29.91 25.19 -68.23
N ASP I 115 -30.59 24.18 -67.66
CA ASP I 115 -30.91 22.97 -68.41
C ASP I 115 -31.96 23.23 -69.48
N GLN I 116 -33.16 23.61 -69.06
CA GLN I 116 -34.34 23.62 -69.93
C GLN I 116 -34.56 24.98 -70.58
N ASP I 117 -35.11 24.96 -71.78
CA ASP I 117 -35.48 26.19 -72.46
C ASP I 117 -36.68 26.85 -71.81
N LYS I 118 -37.63 26.05 -71.33
CA LYS I 118 -38.89 26.57 -70.83
C LYS I 118 -38.70 27.31 -69.51
N THR I 119 -39.32 28.49 -69.40
CA THR I 119 -39.30 29.30 -68.19
C THR I 119 -40.57 29.03 -67.39
N MET I 120 -40.41 28.56 -66.16
CA MET I 120 -41.52 28.17 -65.30
C MET I 120 -41.61 29.07 -64.07
N PHE I 121 -42.72 28.92 -63.34
CA PHE I 121 -43.04 29.73 -62.19
C PHE I 121 -42.72 28.96 -60.90
N ILE I 122 -42.96 29.62 -59.77
CA ILE I 122 -42.65 29.07 -58.45
C ILE I 122 -43.94 29.00 -57.63
N CYS I 123 -44.08 27.94 -56.84
CA CYS I 123 -45.22 27.83 -55.94
C CYS I 123 -45.08 28.80 -54.77
N LYS I 124 -46.23 29.15 -54.19
CA LYS I 124 -46.26 29.96 -52.98
C LYS I 124 -46.16 29.12 -51.71
N SER I 125 -46.46 27.82 -51.79
CA SER I 125 -46.40 26.98 -50.59
C SER I 125 -44.96 26.73 -50.16
N SER I 126 -44.04 26.58 -51.12
CA SER I 126 -42.64 26.33 -50.82
C SER I 126 -41.83 27.62 -50.70
N TRP I 127 -42.46 28.77 -50.81
CA TRP I 127 -41.75 30.05 -50.79
C TRP I 127 -41.71 30.63 -49.38
N SER I 128 -40.57 31.22 -49.03
CA SER I 128 -40.37 31.80 -47.71
C SER I 128 -39.34 32.91 -47.83
N MET I 129 -38.95 33.48 -46.69
CA MET I 129 -38.00 34.59 -46.69
C MET I 129 -36.60 34.13 -47.06
N ARG I 130 -36.26 32.86 -46.81
CA ARG I 130 -34.93 32.36 -47.16
C ARG I 130 -34.67 32.50 -48.64
N GLU I 131 -35.62 32.09 -49.47
CA GLU I 131 -35.47 32.18 -50.92
C GLU I 131 -35.73 33.59 -51.43
N ALA I 132 -36.31 34.46 -50.62
CA ALA I 132 -36.64 35.82 -51.06
C ALA I 132 -35.38 36.67 -51.19
N ASN I 133 -34.55 36.69 -50.15
CA ASN I 133 -33.37 37.55 -50.17
C ASN I 133 -32.36 37.07 -51.22
N VAL I 134 -32.24 35.76 -51.40
CA VAL I 134 -31.35 35.24 -52.43
C VAL I 134 -31.90 35.56 -53.81
N ALA I 135 -33.23 35.65 -53.95
CA ALA I 135 -33.82 35.99 -55.24
C ALA I 135 -33.50 37.42 -55.65
N CYS I 136 -33.75 38.38 -54.75
CA CYS I 136 -33.49 39.77 -55.06
C CYS I 136 -32.00 40.06 -55.23
N LEU I 137 -31.13 39.16 -54.77
CA LEU I 137 -29.69 39.42 -54.83
C LEU I 137 -29.20 39.40 -56.27
N ASP I 138 -29.51 38.34 -57.01
CA ASP I 138 -29.10 38.26 -58.41
C ASP I 138 -29.95 39.12 -59.33
N LEU I 139 -30.90 39.87 -58.78
CA LEU I 139 -31.68 40.85 -59.54
C LEU I 139 -31.11 42.25 -59.43
N GLY I 140 -30.07 42.45 -58.64
CA GLY I 140 -29.45 43.76 -58.47
C GLY I 140 -29.80 44.46 -57.18
N PHE I 141 -30.57 43.84 -56.30
CA PHE I 141 -30.98 44.43 -55.03
C PHE I 141 -30.09 43.86 -53.94
N GLN I 142 -29.08 44.62 -53.54
CA GLN I 142 -28.10 44.14 -52.57
C GLN I 142 -28.68 44.00 -51.17
N GLN I 143 -29.82 44.63 -50.89
CA GLN I 143 -30.41 44.62 -49.56
C GLN I 143 -31.53 43.61 -49.41
N GLY I 144 -31.51 42.55 -50.20
CA GLY I 144 -32.48 41.48 -50.09
C GLY I 144 -33.89 41.93 -50.43
N ALA I 145 -34.86 41.22 -49.86
CA ALA I 145 -36.27 41.47 -50.10
C ALA I 145 -36.91 42.21 -48.93
N ASP I 146 -38.09 42.76 -49.18
CA ASP I 146 -38.85 43.47 -48.17
C ASP I 146 -39.77 42.50 -47.45
N THR I 147 -39.87 42.65 -46.12
CA THR I 147 -40.68 41.78 -45.30
C THR I 147 -42.07 42.33 -45.03
N GLN I 148 -42.21 43.65 -44.90
CA GLN I 148 -43.48 44.25 -44.54
C GLN I 148 -44.41 44.44 -45.72
N ARG I 149 -43.88 44.55 -46.93
CA ARG I 149 -44.69 44.88 -48.10
C ARG I 149 -45.02 43.63 -48.90
N ARG I 150 -46.17 43.68 -49.58
CA ARG I 150 -46.65 42.55 -50.37
C ARG I 150 -46.98 42.98 -51.80
N PHE I 151 -47.65 42.10 -52.55
CA PHE I 151 -47.92 42.34 -53.96
C PHE I 151 -49.17 41.56 -54.37
N LYS I 152 -49.97 42.17 -55.25
CA LYS I 152 -51.18 41.54 -55.76
C LYS I 152 -51.37 41.91 -57.22
N LEU I 153 -52.46 41.41 -57.80
CA LEU I 153 -52.72 41.51 -59.23
C LEU I 153 -54.21 41.30 -59.45
N SER I 154 -54.64 41.44 -60.70
CA SER I 154 -56.03 41.23 -61.06
C SER I 154 -56.26 39.75 -61.40
N ASP I 155 -57.46 39.43 -61.90
CA ASP I 155 -57.89 38.04 -62.05
C ASP I 155 -57.05 37.26 -63.06
N LEU I 156 -56.15 37.91 -63.79
CA LEU I 156 -55.35 37.25 -64.82
C LEU I 156 -54.23 36.40 -64.23
N SER I 157 -54.46 35.84 -63.05
CA SER I 157 -53.42 35.06 -62.39
C SER I 157 -53.29 33.65 -62.95
N ILE I 158 -54.38 33.07 -63.42
CA ILE I 158 -54.37 31.70 -63.92
C ILE I 158 -54.03 31.73 -65.41
N ASN I 159 -52.94 31.05 -65.76
CA ASN I 159 -52.49 30.90 -67.14
C ASN I 159 -51.88 29.54 -67.44
N SER I 160 -51.25 28.88 -66.48
CA SER I 160 -50.66 27.56 -66.65
C SER I 160 -50.66 26.89 -65.29
N THR I 161 -50.24 25.63 -65.25
CA THR I 161 -50.20 24.87 -64.01
C THR I 161 -48.79 24.45 -63.61
N GLU I 162 -47.78 24.75 -64.43
CA GLU I 162 -46.42 24.36 -64.12
C GLU I 162 -45.87 25.19 -62.96
N CYS I 163 -45.28 24.51 -61.98
CA CYS I 163 -44.63 25.17 -60.85
C CYS I 163 -43.33 24.45 -60.50
N LEU I 164 -42.41 25.21 -59.91
CA LEU I 164 -41.17 24.68 -59.37
C LEU I 164 -41.10 24.93 -57.87
N HIS I 165 -40.64 23.93 -57.13
CA HIS I 165 -40.46 24.07 -55.69
C HIS I 165 -39.00 24.44 -55.40
N VAL I 166 -38.81 25.48 -54.59
CA VAL I 166 -37.51 26.07 -54.35
C VAL I 166 -37.20 26.00 -52.86
N HIS I 167 -35.93 25.76 -52.53
CA HIS I 167 -35.49 25.72 -51.14
C HIS I 167 -34.03 26.16 -51.08
N CYS I 168 -33.78 27.24 -50.34
CA CYS I 168 -32.43 27.75 -50.10
C CYS I 168 -32.13 27.69 -48.60
N ARG I 169 -30.92 28.11 -48.24
CA ARG I 169 -30.54 28.24 -46.84
C ARG I 169 -30.61 29.67 -46.33
N GLY I 170 -30.36 30.65 -47.19
CA GLY I 170 -30.47 32.05 -46.81
C GLY I 170 -29.23 32.87 -47.10
N LEU I 171 -28.07 32.24 -47.13
CA LEU I 171 -26.80 32.92 -47.33
C LEU I 171 -26.26 32.74 -48.74
N GLU I 172 -27.02 32.12 -49.64
CA GLU I 172 -26.56 31.90 -51.00
C GLU I 172 -26.46 33.23 -51.75
N THR I 173 -25.73 33.20 -52.86
CA THR I 173 -25.49 34.40 -53.66
C THR I 173 -26.28 34.45 -54.95
N SER I 174 -26.85 33.33 -55.39
CA SER I 174 -27.69 33.30 -56.59
C SER I 174 -28.61 32.10 -56.49
N LEU I 175 -29.70 32.16 -57.26
CA LEU I 175 -30.69 31.08 -57.24
C LEU I 175 -30.26 29.87 -58.05
N ALA I 176 -29.11 29.91 -58.70
CA ALA I 176 -28.58 28.71 -59.33
C ALA I 176 -28.09 27.69 -58.31
N GLU I 177 -27.75 28.14 -57.09
CA GLU I 177 -27.19 27.26 -56.08
C GLU I 177 -28.26 26.37 -55.44
N CYS I 178 -29.45 26.90 -55.22
CA CYS I 178 -30.44 26.19 -54.42
C CYS I 178 -31.03 25.02 -55.20
N THR I 179 -31.63 24.10 -54.44
CA THR I 179 -32.31 22.96 -55.02
C THR I 179 -33.61 23.38 -55.69
N PHE I 180 -33.99 22.63 -56.73
CA PHE I 180 -35.21 22.88 -57.48
C PHE I 180 -35.97 21.56 -57.58
N THR I 181 -37.25 21.58 -57.20
CA THR I 181 -38.09 20.40 -57.20
C THR I 181 -39.33 20.67 -58.05
N LYS I 182 -39.80 19.64 -58.75
CA LYS I 182 -40.94 19.80 -59.66
C LYS I 182 -42.23 19.45 -58.93
N ARG I 183 -42.45 18.15 -58.66
CA ARG I 183 -43.61 17.68 -57.92
C ARG I 183 -44.91 18.11 -58.59
N ARG I 184 -45.44 17.27 -59.49
CA ARG I 184 -46.56 17.67 -60.32
C ARG I 184 -47.88 17.55 -59.56
N THR I 185 -48.57 18.67 -59.40
CA THR I 185 -49.88 18.71 -58.74
C THR I 185 -50.82 19.66 -59.50
N MET I 186 -51.77 20.25 -58.78
CA MET I 186 -52.75 21.17 -59.35
C MET I 186 -52.73 22.48 -58.56
N GLY I 187 -52.64 23.59 -59.28
CA GLY I 187 -52.59 24.89 -58.63
C GLY I 187 -53.30 26.00 -59.37
N TYR I 188 -54.15 26.74 -58.66
CA TYR I 188 -54.80 27.95 -59.16
C TYR I 188 -54.27 29.13 -58.35
N GLN I 189 -53.56 30.04 -59.03
CA GLN I 189 -52.91 31.19 -58.41
C GLN I 189 -51.77 30.75 -57.49
N ASP I 190 -51.65 29.44 -57.26
CA ASP I 190 -50.57 28.86 -56.46
C ASP I 190 -49.22 29.29 -57.01
N PHE I 191 -48.84 30.55 -56.82
CA PHE I 191 -47.63 31.09 -57.38
C PHE I 191 -47.00 32.08 -56.41
N ALA I 192 -45.68 32.25 -56.54
CA ALA I 192 -44.88 32.99 -55.59
C ALA I 192 -44.64 34.42 -56.08
N ASP I 193 -44.90 35.39 -55.22
CA ASP I 193 -44.63 36.79 -55.49
C ASP I 193 -43.53 37.29 -54.56
N VAL I 194 -42.99 38.47 -54.88
CA VAL I 194 -41.86 39.02 -54.13
C VAL I 194 -41.85 40.53 -54.34
N VAL I 195 -41.40 41.24 -53.30
CA VAL I 195 -41.26 42.70 -53.34
C VAL I 195 -39.84 42.99 -52.84
N CYS I 196 -38.91 43.18 -53.78
CA CYS I 196 -37.54 43.50 -53.41
C CYS I 196 -37.50 44.85 -52.70
N TYR I 197 -36.64 44.94 -51.68
CA TYR I 197 -36.66 46.11 -50.82
C TYR I 197 -36.16 47.36 -51.55
N THR I 198 -36.95 48.42 -51.47
CA THR I 198 -36.58 49.73 -52.00
C THR I 198 -36.31 50.66 -50.82
N GLN I 199 -35.16 51.31 -50.83
CA GLN I 199 -34.65 51.96 -49.62
C GLN I 199 -35.49 53.13 -49.14
N LYS I 200 -36.80 53.09 -49.38
CA LYS I 200 -37.71 53.80 -48.51
C LYS I 200 -37.77 53.10 -47.16
N ALA I 201 -38.23 53.83 -46.15
CA ALA I 201 -38.55 53.17 -44.89
C ALA I 201 -39.88 52.42 -44.97
N ASP I 202 -40.73 52.78 -45.93
CA ASP I 202 -42.10 52.26 -46.02
C ASP I 202 -42.74 52.24 -44.63
N SER I 203 -42.72 53.42 -43.99
CA SER I 203 -42.73 53.50 -42.54
C SER I 203 -44.10 53.87 -41.99
N PRO I 204 -44.77 52.96 -41.29
CA PRO I 204 -45.71 53.40 -40.25
C PRO I 204 -45.04 53.27 -38.89
N MET I 205 -43.70 53.40 -38.88
CA MET I 205 -42.87 52.87 -37.82
C MET I 205 -42.14 53.97 -37.06
N ASP I 206 -42.33 53.99 -35.75
CA ASP I 206 -41.25 54.24 -34.81
C ASP I 206 -40.72 52.89 -34.35
N ASP I 207 -39.47 52.89 -33.88
CA ASP I 207 -38.81 51.67 -33.40
C ASP I 207 -38.70 50.62 -34.49
N PHE I 208 -38.57 51.07 -35.74
CA PHE I 208 -38.08 50.25 -36.83
C PHE I 208 -36.83 49.50 -36.41
N PHE I 209 -36.72 48.24 -36.83
CA PHE I 209 -35.52 47.46 -36.59
C PHE I 209 -34.68 47.48 -37.87
N GLN I 210 -33.50 48.09 -37.78
CA GLN I 210 -32.63 48.28 -38.93
C GLN I 210 -31.60 47.17 -39.00
N CYS I 211 -31.35 46.69 -40.22
CA CYS I 211 -30.33 45.69 -40.46
C CYS I 211 -28.95 46.35 -40.55
N VAL I 212 -27.92 45.51 -40.60
CA VAL I 212 -26.57 46.02 -40.81
C VAL I 212 -26.41 46.54 -42.22
N ASN I 213 -26.96 45.83 -43.20
CA ASN I 213 -26.91 46.26 -44.60
C ASN I 213 -27.74 47.51 -44.86
N GLY I 214 -28.62 47.89 -43.94
CA GLY I 214 -29.42 49.10 -44.07
C GLY I 214 -30.90 48.89 -44.34
N LYS I 215 -31.37 47.64 -44.33
CA LYS I 215 -32.79 47.40 -44.54
C LYS I 215 -33.55 47.52 -43.22
N TYR I 216 -34.78 48.01 -43.31
CA TYR I 216 -35.64 48.22 -42.15
C TYR I 216 -36.77 47.21 -42.16
N ILE I 217 -37.02 46.61 -41.00
CA ILE I 217 -38.08 45.62 -40.83
C ILE I 217 -38.78 45.90 -39.49
N SER I 218 -39.89 45.21 -39.27
CA SER I 218 -40.65 45.43 -38.05
C SER I 218 -39.93 44.82 -36.85
N GLN I 219 -40.34 45.25 -35.66
CA GLN I 219 -39.73 44.72 -34.44
C GLN I 219 -40.07 43.26 -34.23
N MET I 220 -41.27 42.83 -34.65
CA MET I 220 -41.66 41.43 -34.52
C MET I 220 -40.92 40.52 -35.49
N LYS I 221 -40.23 41.07 -36.48
CA LYS I 221 -39.49 40.27 -37.45
C LYS I 221 -38.14 39.82 -36.92
N ALA I 222 -37.61 40.47 -35.88
CA ALA I 222 -36.31 40.15 -35.34
C ALA I 222 -36.42 39.09 -34.25
N CYS I 223 -35.40 38.23 -34.18
CA CYS I 223 -35.32 37.15 -33.19
C CYS I 223 -36.53 36.22 -33.29
N ASP I 224 -36.80 35.75 -34.51
CA ASP I 224 -37.88 34.79 -34.73
C ASP I 224 -37.40 33.52 -35.43
N GLY I 225 -36.10 33.38 -35.64
CA GLY I 225 -35.55 32.26 -36.38
C GLY I 225 -35.45 32.48 -37.88
N ILE I 226 -36.03 33.56 -38.40
CA ILE I 226 -36.02 33.85 -39.82
C ILE I 226 -34.93 34.87 -40.09
N ASN I 227 -34.16 34.65 -41.16
CA ASN I 227 -33.11 35.58 -41.57
C ASN I 227 -33.74 36.63 -42.47
N ASP I 228 -34.33 37.65 -41.84
CA ASP I 228 -35.06 38.68 -42.58
C ASP I 228 -34.14 39.70 -43.22
N CYS I 229 -32.91 39.86 -42.72
CA CYS I 229 -31.98 40.82 -43.29
C CYS I 229 -31.20 40.28 -44.48
N GLY I 230 -30.93 38.98 -44.50
CA GLY I 230 -30.11 38.39 -45.54
C GLY I 230 -28.67 38.15 -45.13
N ASP I 231 -28.24 38.73 -44.02
CA ASP I 231 -26.89 38.53 -43.49
C ASP I 231 -26.90 38.18 -42.01
N GLN I 232 -28.02 37.64 -41.51
CA GLN I 232 -28.19 37.31 -40.09
C GLN I 232 -27.85 38.50 -39.20
N SER I 233 -28.61 39.58 -39.38
CA SER I 233 -28.45 40.76 -38.55
C SER I 233 -29.50 40.87 -37.45
N ASP I 234 -30.71 40.38 -37.70
CA ASP I 234 -31.77 40.36 -36.70
C ASP I 234 -31.79 39.07 -35.90
N GLU I 235 -30.72 38.29 -35.94
CA GLU I 235 -30.68 37.01 -35.27
C GLU I 235 -29.48 36.80 -34.35
N LEU I 236 -28.39 37.57 -34.52
CA LEU I 236 -27.20 37.42 -33.69
C LEU I 236 -27.22 38.34 -32.47
N CYS I 237 -28.41 38.75 -32.02
CA CYS I 237 -28.57 39.70 -30.94
C CYS I 237 -29.88 39.40 -30.20
N CYS I 238 -30.00 38.22 -29.62
CA CYS I 238 -31.25 37.80 -29.01
C CYS I 238 -31.02 37.28 -27.60
N LYS I 239 -31.93 37.63 -26.70
CA LYS I 239 -32.03 36.98 -25.39
C LYS I 239 -33.10 35.90 -25.37
N ALA I 240 -34.09 36.02 -26.23
CA ALA I 240 -35.14 35.02 -26.40
C ALA I 240 -35.77 35.24 -27.77
N CYS I 241 -36.20 34.15 -28.39
CA CYS I 241 -36.71 34.20 -29.75
C CYS I 241 -38.22 34.47 -29.75
N GLN I 242 -38.66 35.19 -30.77
CA GLN I 242 -40.07 35.59 -30.89
C GLN I 242 -40.95 34.38 -31.19
N GLY I 243 -40.90 33.90 -32.43
CA GLY I 243 -41.73 32.79 -32.84
C GLY I 243 -41.22 31.45 -32.34
N LYS I 244 -41.18 30.46 -33.24
CA LYS I 244 -40.75 29.11 -32.89
C LYS I 244 -39.24 28.91 -33.08
N GLY I 245 -38.45 29.99 -33.03
CA GLY I 245 -37.02 29.85 -33.18
C GLY I 245 -36.34 29.35 -31.92
N PHE I 246 -35.28 28.59 -32.10
CA PHE I 246 -34.51 28.03 -31.01
C PHE I 246 -33.36 28.94 -30.62
N HIS I 247 -33.04 28.97 -29.33
CA HIS I 247 -32.09 29.92 -28.76
C HIS I 247 -30.82 29.20 -28.32
N CYS I 248 -29.67 29.70 -28.78
CA CYS I 248 -28.37 29.19 -28.38
C CYS I 248 -27.91 29.85 -27.08
N LYS I 249 -26.89 29.25 -26.45
CA LYS I 249 -26.26 29.89 -25.31
C LYS I 249 -25.60 31.19 -25.72
N SER I 250 -25.16 31.30 -26.97
CA SER I 250 -24.49 32.52 -27.43
C SER I 250 -25.48 33.68 -27.49
N GLY I 251 -26.65 33.47 -28.06
CA GLY I 251 -27.62 34.53 -28.22
C GLY I 251 -28.09 34.64 -29.66
N VAL I 252 -28.12 33.49 -30.35
CA VAL I 252 -28.53 33.42 -31.74
C VAL I 252 -29.78 32.57 -31.84
N CYS I 253 -30.72 33.00 -32.68
CA CYS I 253 -31.94 32.26 -32.92
C CYS I 253 -31.86 31.58 -34.29
N ILE I 254 -32.08 30.27 -34.30
CA ILE I 254 -32.00 29.47 -35.51
C ILE I 254 -33.38 28.91 -35.80
N PRO I 255 -33.64 28.49 -37.05
CA PRO I 255 -34.95 27.89 -37.36
C PRO I 255 -35.18 26.60 -36.60
N SER I 256 -36.43 26.14 -36.66
CA SER I 256 -36.82 24.96 -35.89
C SER I 256 -36.27 23.68 -36.52
N GLN I 257 -36.28 23.60 -37.85
CA GLN I 257 -35.75 22.41 -38.52
C GLN I 257 -34.24 22.30 -38.43
N TYR I 258 -33.56 23.29 -37.82
CA TYR I 258 -32.13 23.23 -37.61
C TYR I 258 -31.74 22.33 -36.44
N GLN I 259 -32.71 21.87 -35.64
CA GLN I 259 -32.44 20.92 -34.57
C GLN I 259 -32.51 19.50 -35.11
N CYS I 260 -31.55 18.68 -34.70
CA CYS I 260 -31.48 17.27 -35.10
C CYS I 260 -31.46 17.14 -36.63
N ASN I 261 -30.58 17.92 -37.26
CA ASN I 261 -30.45 17.93 -38.71
C ASN I 261 -29.12 17.37 -39.19
N GLY I 262 -28.23 16.99 -38.28
CA GLY I 262 -26.94 16.46 -38.66
C GLY I 262 -25.90 17.52 -38.93
N GLU I 263 -25.97 18.65 -38.24
CA GLU I 263 -25.02 19.73 -38.43
C GLU I 263 -25.04 20.64 -37.22
N VAL I 264 -23.86 20.92 -36.67
CA VAL I 264 -23.77 21.82 -35.52
C VAL I 264 -24.03 23.24 -35.99
N ASP I 265 -25.12 23.84 -35.49
CA ASP I 265 -25.51 25.19 -35.87
C ASP I 265 -25.07 26.24 -34.85
N CYS I 266 -25.45 26.07 -33.59
CA CYS I 266 -24.95 26.96 -32.54
C CYS I 266 -23.45 26.79 -32.40
N ILE I 267 -22.78 27.87 -31.98
CA ILE I 267 -21.35 27.73 -31.69
C ILE I 267 -21.15 26.88 -30.45
N THR I 268 -22.12 26.88 -29.54
CA THR I 268 -22.06 25.98 -28.39
C THR I 268 -22.38 24.55 -28.82
N GLY I 269 -23.39 24.37 -29.65
CA GLY I 269 -23.75 23.06 -30.16
C GLY I 269 -24.86 22.35 -29.43
N GLU I 270 -25.69 23.08 -28.68
CA GLU I 270 -26.77 22.46 -27.92
C GLU I 270 -27.98 22.12 -28.78
N ASP I 271 -27.96 22.44 -30.06
CA ASP I 271 -29.09 22.14 -30.93
C ASP I 271 -29.09 20.70 -31.41
N GLU I 272 -27.97 19.99 -31.29
CA GLU I 272 -27.83 18.64 -31.82
C GLU I 272 -27.59 17.62 -30.71
N VAL I 273 -28.03 17.92 -29.50
CA VAL I 273 -27.87 17.01 -28.37
C VAL I 273 -29.22 16.40 -28.05
N GLY I 274 -29.19 15.14 -27.61
CA GLY I 274 -30.42 14.41 -27.30
C GLY I 274 -31.33 14.27 -28.51
N CYS I 275 -30.75 13.90 -29.65
CA CYS I 275 -31.49 13.82 -30.91
C CYS I 275 -31.75 12.36 -31.22
N ALA I 276 -32.99 11.92 -30.98
CA ALA I 276 -33.44 10.59 -31.37
C ALA I 276 -34.36 10.63 -32.59
N GLY I 277 -34.67 11.82 -33.10
CA GLY I 277 -35.52 11.94 -34.27
C GLY I 277 -34.82 11.61 -35.57
N GLU I 284 -42.69 10.29 -55.51
CA GLU I 284 -42.85 11.51 -54.72
C GLU I 284 -42.17 12.71 -55.38
N GLU I 285 -40.96 13.02 -54.93
CA GLU I 285 -40.20 14.13 -55.48
C GLU I 285 -39.44 13.70 -56.72
N THR I 286 -39.25 14.65 -57.64
CA THR I 286 -38.32 14.50 -58.75
C THR I 286 -37.17 15.45 -58.49
N GLU I 287 -36.01 14.89 -58.12
CA GLU I 287 -34.85 15.69 -57.74
C GLU I 287 -34.49 16.68 -58.83
N ILE I 288 -34.61 16.25 -60.10
CA ILE I 288 -34.42 17.05 -61.30
C ILE I 288 -33.18 17.94 -61.21
N LEU I 289 -33.34 19.23 -61.50
CA LEU I 289 -32.21 20.13 -61.68
C LEU I 289 -31.36 20.34 -60.44
N THR I 290 -30.04 20.33 -60.66
CA THR I 290 -29.02 20.75 -59.71
C THR I 290 -29.29 20.36 -58.27
N ALA I 291 -28.94 19.13 -57.89
CA ALA I 291 -29.22 18.68 -56.54
C ALA I 291 -28.58 19.65 -55.57
N ASP I 292 -29.24 19.89 -54.44
CA ASP I 292 -28.84 20.99 -53.57
C ASP I 292 -27.35 20.99 -53.27
N MET I 293 -26.72 22.14 -53.52
CA MET I 293 -25.33 22.33 -53.14
C MET I 293 -25.21 22.67 -51.66
N ASP I 294 -26.33 23.07 -51.04
CA ASP I 294 -26.35 23.33 -49.60
C ASP I 294 -25.97 22.08 -48.82
N ALA I 295 -26.42 20.90 -49.27
CA ALA I 295 -26.00 19.67 -48.62
C ALA I 295 -24.53 19.39 -48.88
N GLU I 296 -24.03 19.72 -50.07
CA GLU I 296 -22.61 19.56 -50.34
C GLU I 296 -21.77 20.46 -49.44
N ARG I 297 -22.32 21.61 -49.04
CA ARG I 297 -21.64 22.46 -48.08
C ARG I 297 -21.50 21.74 -46.73
N ARG I 298 -22.55 21.04 -46.31
CA ARG I 298 -22.46 20.26 -45.08
C ARG I 298 -21.51 19.09 -45.23
N ARG I 299 -21.38 18.56 -46.46
CA ARG I 299 -20.42 17.51 -46.72
C ARG I 299 -18.99 18.03 -46.59
N ILE I 300 -18.75 19.27 -47.04
CA ILE I 300 -17.42 19.86 -46.93
C ILE I 300 -17.07 20.14 -45.48
N LYS I 301 -18.08 20.58 -44.70
CA LYS I 301 -17.84 20.81 -43.27
C LYS I 301 -17.39 19.54 -42.57
N SER I 302 -17.83 18.37 -43.05
CA SER I 302 -17.40 17.11 -42.46
C SER I 302 -15.92 16.85 -42.70
N LEU I 303 -15.33 17.45 -43.74
CA LEU I 303 -13.93 17.23 -44.06
C LEU I 303 -13.01 18.33 -43.54
N LEU I 304 -13.50 19.19 -42.64
CA LEU I 304 -12.63 20.19 -42.03
C LEU I 304 -11.89 19.59 -40.83
N PRO I 305 -12.58 19.22 -39.74
CA PRO I 305 -11.84 18.78 -38.55
C PRO I 305 -11.40 17.34 -38.67
N LYS I 306 -10.15 17.10 -38.26
CA LYS I 306 -9.60 15.75 -38.35
C LYS I 306 -8.85 15.36 -37.08
N LEU I 307 -9.30 15.87 -35.92
CA LEU I 307 -8.70 15.41 -34.67
C LEU I 307 -9.64 15.70 -33.51
N SER I 308 -9.40 14.99 -32.41
CA SER I 308 -10.20 15.05 -31.20
C SER I 308 -9.72 16.16 -30.27
N CYS I 309 -10.64 16.66 -29.45
CA CYS I 309 -10.27 17.58 -28.39
C CYS I 309 -11.32 17.52 -27.29
N GLY I 310 -10.87 17.37 -26.04
CA GLY I 310 -11.77 17.23 -24.92
C GLY I 310 -12.53 15.93 -24.91
N VAL I 311 -11.92 14.86 -25.40
CA VAL I 311 -12.56 13.56 -25.56
C VAL I 311 -12.40 12.73 -24.28
N LYS I 312 -13.48 12.05 -23.90
CA LYS I 312 -13.45 11.06 -22.82
C LYS I 312 -12.77 9.77 -23.23
N ASN I 313 -12.54 9.58 -24.53
CA ASN I 313 -12.49 8.29 -25.23
C ASN I 313 -12.18 7.06 -24.38
N ARG I 314 -13.08 6.07 -24.45
CA ARG I 314 -12.82 4.75 -23.91
C ARG I 314 -12.10 3.90 -24.95
N ILE J 1 -7.27 25.70 -4.26
CA ILE J 1 -8.58 25.09 -4.12
C ILE J 1 -8.92 24.92 -2.65
N VAL J 2 -9.89 25.69 -2.17
CA VAL J 2 -10.30 25.62 -0.78
C VAL J 2 -11.01 24.29 -0.56
N GLY J 3 -12.23 24.18 -1.07
CA GLY J 3 -12.98 22.94 -0.93
C GLY J 3 -12.48 21.83 -1.83
N GLY J 4 -13.42 21.08 -2.39
CA GLY J 4 -13.12 19.99 -3.30
C GLY J 4 -12.51 18.75 -2.68
N LYS J 5 -12.38 17.71 -3.49
CA LYS J 5 -11.88 16.40 -3.09
C LYS J 5 -10.58 16.09 -3.81
N ARG J 6 -9.89 15.07 -3.31
CA ARG J 6 -8.62 14.65 -3.90
C ARG J 6 -8.85 14.10 -5.30
N ALA J 7 -8.19 14.69 -6.28
CA ALA J 7 -8.25 14.20 -7.66
C ALA J 7 -7.62 12.83 -7.77
N GLN J 8 -8.10 12.06 -8.74
CA GLN J 8 -7.55 10.76 -9.05
C GLN J 8 -7.11 10.74 -10.51
N LEU J 9 -6.20 9.79 -10.81
CA LEU J 9 -5.43 9.84 -12.06
C LEU J 9 -6.31 10.08 -13.28
N GLY J 10 -7.41 9.34 -13.38
CA GLY J 10 -8.26 9.34 -14.58
C GLY J 10 -9.07 10.59 -14.78
N ASP J 11 -9.33 11.36 -13.72
CA ASP J 11 -10.35 12.40 -13.78
C ASP J 11 -9.97 13.54 -14.72
N LEU J 12 -8.90 14.27 -14.40
CA LEU J 12 -8.51 15.46 -15.15
C LEU J 12 -7.13 15.23 -15.79
N PRO J 13 -7.08 14.59 -16.95
CA PRO J 13 -5.79 14.32 -17.59
C PRO J 13 -5.08 15.58 -18.06
N TRP J 14 -5.81 16.63 -18.42
CA TRP J 14 -5.21 17.83 -19.00
C TRP J 14 -4.41 18.66 -18.01
N GLN J 15 -4.29 18.24 -16.74
CA GLN J 15 -3.55 19.02 -15.75
C GLN J 15 -2.05 18.83 -15.95
N VAL J 16 -1.31 19.94 -15.84
CA VAL J 16 0.13 19.95 -16.09
C VAL J 16 0.83 20.70 -14.95
N ALA J 17 1.95 20.14 -14.48
CA ALA J 17 2.74 20.70 -13.39
C ALA J 17 3.96 21.47 -13.90
N ILE J 18 4.34 22.50 -13.15
CA ILE J 18 5.60 23.22 -13.34
C ILE J 18 6.31 23.23 -11.99
N LYS J 19 7.44 22.52 -11.90
CA LYS J 19 8.17 22.43 -10.64
C LYS J 19 9.62 22.84 -10.87
N ASP J 20 10.10 23.79 -10.07
CA ASP J 20 11.49 24.18 -10.13
C ASP J 20 12.27 23.38 -9.09
N ALA J 21 13.50 23.80 -8.79
CA ALA J 21 14.28 23.13 -7.76
C ALA J 21 13.67 23.31 -6.37
N SER J 22 12.99 24.43 -6.12
CA SER J 22 12.41 24.73 -4.82
C SER J 22 10.90 24.46 -4.87
N GLY J 23 10.54 23.18 -4.72
CA GLY J 23 9.15 22.80 -4.75
C GLY J 23 8.56 22.89 -6.15
N ILE J 24 7.25 23.15 -6.20
CA ILE J 24 6.51 23.23 -7.46
C ILE J 24 5.83 24.59 -7.55
N THR J 25 6.08 25.30 -8.64
CA THR J 25 5.55 26.65 -8.85
C THR J 25 4.43 26.59 -9.88
N CYS J 26 3.19 26.73 -9.42
CA CYS J 26 2.00 26.76 -10.26
C CYS J 26 1.85 25.54 -11.15
N GLY J 27 1.09 25.68 -12.23
CA GLY J 27 0.85 24.60 -13.17
C GLY J 27 0.01 25.05 -14.34
N GLY J 28 0.23 24.45 -15.51
CA GLY J 28 -0.45 24.83 -16.72
C GLY J 28 -1.46 23.79 -17.18
N ILE J 29 -1.85 23.91 -18.44
CA ILE J 29 -2.83 23.01 -19.05
C ILE J 29 -2.39 22.67 -20.46
N TYR J 30 -2.61 21.42 -20.87
CA TYR J 30 -2.19 20.93 -22.18
C TYR J 30 -3.28 21.26 -23.19
N ILE J 31 -2.90 21.97 -24.25
CA ILE J 31 -3.85 22.39 -25.28
C ILE J 31 -3.53 21.74 -26.61
N GLY J 32 -2.77 20.66 -26.60
CA GLY J 32 -2.53 19.89 -27.81
C GLY J 32 -1.12 20.07 -28.34
N GLY J 33 -0.71 19.13 -29.18
CA GLY J 33 0.60 19.19 -29.80
C GLY J 33 1.70 19.08 -28.75
N CYS J 34 2.58 20.07 -28.74
CA CYS J 34 3.66 20.14 -27.76
C CYS J 34 3.68 21.53 -27.13
N TRP J 35 2.50 21.99 -26.74
CA TRP J 35 2.29 23.34 -26.21
C TRP J 35 1.47 23.27 -24.93
N ILE J 36 1.80 24.16 -23.99
CA ILE J 36 1.12 24.24 -22.70
C ILE J 36 0.68 25.68 -22.47
N LEU J 37 -0.51 25.84 -21.91
CA LEU J 37 -1.09 27.16 -21.63
C LEU J 37 -1.00 27.43 -20.14
N THR J 38 -0.20 28.41 -19.76
CA THR J 38 -0.07 28.82 -18.36
C THR J 38 -0.28 30.31 -18.22
N ALA J 39 -0.03 30.85 -17.04
CA ALA J 39 -0.04 32.29 -16.81
C ALA J 39 1.36 32.86 -16.96
N ALA J 40 1.43 34.09 -17.46
CA ALA J 40 2.73 34.73 -17.67
C ALA J 40 3.35 35.17 -16.35
N HIS J 41 2.51 35.52 -15.37
CA HIS J 41 3.01 36.11 -14.13
C HIS J 41 3.77 35.09 -13.27
N CYS J 42 3.40 33.81 -13.33
CA CYS J 42 3.99 32.87 -12.38
C CYS J 42 5.43 32.52 -12.74
N LEU J 43 5.68 32.20 -14.00
CA LEU J 43 7.01 31.88 -14.47
C LEU J 43 7.55 33.10 -15.20
N ARG J 44 8.69 33.63 -14.74
CA ARG J 44 9.28 34.83 -15.34
C ARG J 44 10.80 34.75 -15.24
N ALA J 45 11.34 33.69 -15.81
CA ALA J 45 12.78 33.43 -15.80
C ALA J 45 13.24 33.26 -17.23
N SER J 46 14.12 34.16 -17.66
CA SER J 46 14.84 33.93 -18.92
C SER J 46 15.92 32.87 -18.76
N LYS J 47 15.97 32.21 -17.61
CA LYS J 47 16.77 31.00 -17.40
C LYS J 47 15.80 29.82 -17.38
N THR J 48 15.23 29.54 -18.55
CA THR J 48 14.06 28.69 -18.69
C THR J 48 14.39 27.20 -18.64
N HIS J 49 15.61 26.82 -19.02
CA HIS J 49 15.92 25.41 -19.28
C HIS J 49 15.74 24.53 -18.05
N ARG J 50 15.84 25.09 -16.85
CA ARG J 50 15.71 24.32 -15.62
C ARG J 50 14.26 24.01 -15.23
N TYR J 51 13.27 24.54 -15.95
CA TYR J 51 11.92 24.62 -15.40
C TYR J 51 11.24 23.25 -15.25
N GLN J 52 11.39 22.36 -16.23
CA GLN J 52 10.79 21.01 -16.16
C GLN J 52 9.26 21.04 -16.16
N ILE J 53 8.64 19.97 -16.67
CA ILE J 53 7.20 19.85 -16.79
C ILE J 53 6.76 18.45 -16.37
N TRP J 54 5.81 18.36 -15.45
CA TRP J 54 5.25 17.10 -15.01
C TRP J 54 3.80 16.97 -15.43
N THR J 55 3.39 15.75 -15.77
CA THR J 55 2.00 15.50 -16.15
C THR J 55 1.50 14.20 -15.52
N THR J 56 0.18 14.13 -15.38
CA THR J 56 -0.53 13.01 -14.76
C THR J 56 0.09 12.59 -13.42
N VAL J 57 0.43 13.57 -12.59
CA VAL J 57 1.17 13.30 -11.35
C VAL J 57 0.23 12.98 -10.18
N VAL J 58 -0.89 13.69 -10.12
CA VAL J 58 -1.95 13.66 -9.10
C VAL J 58 -1.41 13.87 -7.68
N ASP J 59 -0.43 13.08 -7.24
CA ASP J 59 0.09 13.22 -5.88
C ASP J 59 1.61 13.36 -5.93
N TRP J 60 2.11 14.41 -5.29
CA TRP J 60 3.49 14.88 -5.39
C TRP J 60 4.49 14.03 -4.61
N ILE J 61 4.04 13.17 -3.71
CA ILE J 61 4.94 12.44 -2.84
C ILE J 61 5.07 10.96 -3.20
N HIS J 62 4.03 10.33 -3.71
CA HIS J 62 4.08 8.93 -4.14
C HIS J 62 3.44 8.84 -5.52
N PRO J 63 4.16 9.24 -6.57
CA PRO J 63 3.73 8.89 -7.93
C PRO J 63 3.68 7.38 -8.10
N ASP J 64 2.89 6.96 -9.08
CA ASP J 64 2.83 5.55 -9.44
C ASP J 64 3.92 5.12 -10.40
N LEU J 65 4.74 6.07 -10.86
CA LEU J 65 5.85 5.80 -11.78
C LEU J 65 5.40 5.26 -13.12
N LYS J 66 4.19 4.72 -13.19
CA LYS J 66 3.62 4.28 -14.47
C LYS J 66 3.06 5.48 -15.21
N ARG J 67 3.33 5.53 -16.52
CA ARG J 67 2.95 6.62 -17.41
C ARG J 67 2.96 7.97 -16.70
N ILE J 68 4.09 8.31 -16.08
CA ILE J 68 4.22 9.54 -15.32
C ILE J 68 5.22 10.41 -16.08
N VAL J 69 5.14 10.37 -17.41
CA VAL J 69 6.19 10.93 -18.25
C VAL J 69 6.29 12.43 -18.01
N ILE J 70 7.53 12.91 -17.86
CA ILE J 70 7.82 14.33 -17.72
C ILE J 70 8.71 14.73 -18.88
N GLU J 71 8.61 15.99 -19.30
CA GLU J 71 9.32 16.47 -20.47
C GLU J 71 10.02 17.78 -20.18
N TYR J 72 11.13 18.01 -20.87
CA TYR J 72 11.89 19.23 -20.71
C TYR J 72 11.18 20.41 -21.37
N VAL J 73 11.69 21.61 -21.09
CA VAL J 73 11.13 22.85 -21.62
C VAL J 73 12.09 23.39 -22.69
N ASP J 74 11.56 23.68 -23.87
CA ASP J 74 12.38 24.18 -24.96
C ASP J 74 12.40 25.70 -25.00
N ARG J 75 11.23 26.34 -25.04
CA ARG J 75 11.16 27.77 -25.27
C ARG J 75 9.93 28.32 -24.57
N ILE J 76 10.05 29.56 -24.09
CA ILE J 76 8.96 30.27 -23.44
C ILE J 76 8.49 31.40 -24.36
N ILE J 77 7.22 31.79 -24.17
CA ILE J 77 6.59 32.84 -24.96
C ILE J 77 5.72 33.68 -24.03
N PHE J 78 6.10 34.94 -23.84
CA PHE J 78 5.36 35.87 -22.99
C PHE J 78 4.59 36.86 -23.84
N HIS J 79 3.50 37.39 -23.27
CA HIS J 79 2.70 38.39 -23.95
C HIS J 79 3.47 39.71 -24.02
N GLU J 80 3.46 40.33 -25.19
CA GLU J 80 4.26 41.54 -25.42
C GLU J 80 3.74 42.70 -24.58
N ASN J 81 2.43 42.80 -24.40
CA ASN J 81 1.80 43.90 -23.67
C ASN J 81 1.40 43.49 -22.26
N TYR J 82 2.20 42.66 -21.60
CA TYR J 82 1.90 42.28 -20.23
C TYR J 82 2.21 43.44 -19.29
N ASN J 83 1.25 43.76 -18.42
CA ASN J 83 1.39 44.81 -17.42
C ASN J 83 1.58 44.17 -16.05
N ALA J 84 2.62 44.60 -15.33
CA ALA J 84 2.91 44.03 -14.02
C ALA J 84 2.09 44.66 -12.91
N GLY J 85 1.64 45.90 -13.10
CA GLY J 85 0.87 46.59 -12.08
C GLY J 85 -0.57 46.14 -12.01
N THR J 86 -1.24 46.09 -13.16
CA THR J 86 -2.65 45.71 -13.24
C THR J 86 -2.85 44.23 -13.57
N TYR J 87 -1.77 43.48 -13.80
CA TYR J 87 -1.84 42.05 -14.11
C TYR J 87 -2.67 41.79 -15.37
N GLN J 88 -2.62 42.71 -16.32
CA GLN J 88 -3.30 42.54 -17.60
C GLN J 88 -2.44 41.71 -18.55
N ASN J 89 -3.11 41.03 -19.48
CA ASN J 89 -2.45 40.21 -20.51
C ASN J 89 -1.56 39.15 -19.87
N ASP J 90 -2.11 38.46 -18.87
CA ASP J 90 -1.37 37.47 -18.10
C ASP J 90 -1.53 36.10 -18.74
N ILE J 91 -0.77 35.87 -19.81
CA ILE J 91 -0.82 34.60 -20.53
C ILE J 91 0.55 34.29 -21.10
N ALA J 92 0.86 33.00 -21.22
CA ALA J 92 2.15 32.56 -21.72
C ALA J 92 2.05 31.14 -22.26
N LEU J 93 2.95 30.80 -23.18
CA LEU J 93 2.98 29.49 -23.82
C LEU J 93 4.28 28.77 -23.49
N ILE J 94 4.20 27.43 -23.48
CA ILE J 94 5.33 26.57 -23.17
C ILE J 94 5.50 25.57 -24.31
N GLU J 95 6.70 25.49 -24.87
CA GLU J 95 7.02 24.52 -25.92
C GLU J 95 7.86 23.40 -25.33
N MET J 96 7.37 22.16 -25.45
CA MET J 96 8.09 20.99 -24.96
C MET J 96 8.91 20.39 -26.09
N LYS J 97 10.19 20.15 -25.83
CA LYS J 97 11.10 19.60 -26.84
C LYS J 97 11.11 18.08 -26.78
N LYS J 98 11.27 17.48 -27.96
CA LYS J 98 11.47 16.05 -28.10
C LYS J 98 12.63 15.81 -29.04
N ASP J 99 13.26 14.64 -28.90
CA ASP J 99 14.46 14.32 -29.66
C ASP J 99 14.17 14.30 -31.16
N GLY J 100 15.24 14.48 -31.94
CA GLY J 100 15.11 14.56 -33.39
C GLY J 100 14.63 13.28 -34.04
N ASN J 101 14.71 12.15 -33.34
CA ASN J 101 14.23 10.89 -33.88
C ASN J 101 12.73 10.93 -34.12
N LYS J 102 11.98 11.44 -33.15
CA LYS J 102 10.52 11.54 -33.25
C LYS J 102 10.12 12.98 -33.58
N LYS J 103 9.20 13.13 -34.53
CA LYS J 103 8.85 14.45 -35.01
C LYS J 103 8.12 15.27 -33.95
N ASP J 104 7.24 14.64 -33.17
CA ASP J 104 6.47 15.33 -32.15
C ASP J 104 6.60 14.59 -30.83
N CYS J 105 6.15 15.25 -29.76
CA CYS J 105 6.20 14.70 -28.41
C CYS J 105 4.92 13.88 -28.20
N GLU J 106 5.07 12.60 -27.89
CA GLU J 106 3.94 11.69 -27.76
C GLU J 106 3.65 11.43 -26.29
N LEU J 107 2.64 12.14 -25.76
CA LEU J 107 2.19 11.95 -24.38
C LEU J 107 0.82 11.28 -24.44
N PRO J 108 0.74 9.96 -24.26
CA PRO J 108 -0.52 9.23 -24.53
C PRO J 108 -1.56 9.37 -23.44
N ARG J 109 -1.31 10.14 -22.38
CA ARG J 109 -2.21 10.22 -21.24
C ARG J 109 -3.03 11.50 -21.23
N SER J 110 -2.37 12.64 -21.09
CA SER J 110 -3.06 13.91 -20.99
C SER J 110 -3.83 14.24 -22.27
N ILE J 111 -5.04 14.75 -22.10
CA ILE J 111 -5.96 15.03 -23.20
C ILE J 111 -6.00 16.54 -23.44
N PRO J 112 -5.96 17.01 -24.69
CA PRO J 112 -6.05 18.45 -24.94
C PRO J 112 -7.38 18.99 -24.43
N ALA J 113 -7.41 20.30 -24.20
CA ALA J 113 -8.59 20.93 -23.61
C ALA J 113 -9.18 22.05 -24.47
N CYS J 114 -8.81 22.11 -25.75
CA CYS J 114 -9.36 23.08 -26.71
C CYS J 114 -9.22 24.54 -26.30
N VAL J 115 -9.49 25.44 -27.26
CA VAL J 115 -9.37 26.88 -27.00
C VAL J 115 -10.70 27.55 -27.34
N PRO J 116 -11.23 28.41 -26.47
CA PRO J 116 -12.45 29.15 -26.83
C PRO J 116 -12.12 30.29 -27.79
N TRP J 117 -13.05 30.54 -28.70
CA TRP J 117 -12.87 31.58 -29.69
C TRP J 117 -13.73 32.81 -29.46
N SER J 118 -14.81 32.70 -28.68
CA SER J 118 -15.69 33.84 -28.45
C SER J 118 -16.05 33.91 -26.97
N PRO J 119 -16.12 35.12 -26.41
CA PRO J 119 -16.59 35.26 -25.02
C PRO J 119 -18.05 34.90 -24.85
N TYR J 120 -18.79 34.74 -25.94
CA TYR J 120 -20.21 34.42 -25.88
C TYR J 120 -20.48 32.92 -25.86
N LEU J 121 -19.42 32.09 -25.86
CA LEU J 121 -19.62 30.64 -25.83
C LEU J 121 -20.23 30.21 -24.50
N PHE J 122 -19.72 30.76 -23.41
CA PHE J 122 -20.21 30.46 -22.07
C PHE J 122 -20.59 31.78 -21.38
N GLN J 123 -21.59 31.70 -20.51
CA GLN J 123 -22.10 32.88 -19.84
C GLN J 123 -21.94 32.71 -18.33
N PRO J 124 -22.09 33.77 -17.54
CA PRO J 124 -22.02 33.62 -16.09
C PRO J 124 -23.06 32.64 -15.57
N ASN J 125 -22.89 32.26 -14.30
CA ASN J 125 -23.71 31.27 -13.59
C ASN J 125 -23.57 29.87 -14.17
N ASP J 126 -22.56 29.62 -14.98
CA ASP J 126 -22.34 28.29 -15.55
C ASP J 126 -21.38 27.50 -14.66
N THR J 127 -21.60 26.19 -14.62
CA THR J 127 -20.80 25.31 -13.78
C THR J 127 -19.43 25.09 -14.40
N CYS J 128 -18.41 25.74 -13.82
CA CYS J 128 -17.03 25.58 -14.25
C CYS J 128 -16.22 24.96 -13.11
N ILE J 129 -15.11 24.33 -13.49
CA ILE J 129 -14.27 23.60 -12.55
C ILE J 129 -12.84 24.10 -12.70
N VAL J 130 -12.27 24.64 -11.63
CA VAL J 130 -10.88 25.05 -11.57
C VAL J 130 -10.13 24.05 -10.70
N SER J 131 -9.03 23.52 -11.22
CA SER J 131 -8.28 22.47 -10.54
C SER J 131 -6.79 22.74 -10.63
N GLY J 132 -6.08 22.44 -9.56
CA GLY J 132 -4.64 22.63 -9.55
C GLY J 132 -4.05 22.16 -8.24
N TRP J 133 -2.84 22.62 -7.97
CA TRP J 133 -2.14 22.37 -6.71
C TRP J 133 -1.99 23.70 -5.98
N GLY J 134 -3.04 24.09 -5.28
CA GLY J 134 -3.02 25.25 -4.43
C GLY J 134 -3.13 24.90 -2.97
N ARG J 135 -3.47 25.88 -2.16
CA ARG J 135 -3.49 25.72 -0.72
C ARG J 135 -4.91 26.02 -0.22
N GLU J 136 -5.60 24.97 0.24
CA GLU J 136 -6.86 25.15 0.94
C GLU J 136 -6.65 25.77 2.31
N LYS J 137 -7.64 26.54 2.76
CA LYS J 137 -7.56 27.34 3.99
C LYS J 137 -6.27 28.16 3.89
N ASP J 138 -5.40 28.13 4.89
CA ASP J 138 -4.02 28.59 4.74
C ASP J 138 -3.03 27.46 4.87
N ASN J 139 -3.50 26.23 5.04
CA ASN J 139 -2.61 25.09 5.26
C ASN J 139 -1.72 24.88 4.05
N GLU J 140 -0.42 24.66 4.29
CA GLU J 140 0.51 24.43 3.21
C GLU J 140 0.07 23.24 2.35
N ARG J 141 -0.05 22.05 2.98
CA ARG J 141 -0.54 20.82 2.36
C ARG J 141 -0.09 20.64 0.91
N VAL J 142 -1.03 20.81 -0.03
CA VAL J 142 -0.78 20.83 -1.48
C VAL J 142 0.02 19.61 -1.95
N PHE J 143 -0.24 18.44 -1.38
CA PHE J 143 0.43 17.24 -1.87
C PHE J 143 -0.38 16.52 -2.95
N SER J 144 -1.69 16.51 -2.82
CA SER J 144 -2.58 15.82 -3.74
C SER J 144 -3.42 16.83 -4.52
N LEU J 145 -3.77 16.47 -5.74
CA LEU J 145 -4.45 17.38 -6.64
C LEU J 145 -5.90 17.59 -6.22
N GLN J 146 -6.31 18.84 -6.13
CA GLN J 146 -7.66 19.23 -5.70
C GLN J 146 -8.41 19.87 -6.85
N TRP J 147 -9.72 19.60 -6.91
CA TRP J 147 -10.60 20.18 -7.92
C TRP J 147 -11.94 20.51 -7.27
N GLY J 148 -12.57 21.56 -7.76
CA GLY J 148 -13.85 21.97 -7.21
C GLY J 148 -14.67 22.76 -8.21
N GLU J 149 -15.97 22.82 -7.96
CA GLU J 149 -16.90 23.51 -8.84
C GLU J 149 -17.07 24.96 -8.42
N VAL J 150 -17.06 25.86 -9.41
CA VAL J 150 -17.26 27.28 -9.19
C VAL J 150 -18.24 27.80 -10.24
N LYS J 151 -18.81 28.97 -9.96
CA LYS J 151 -19.74 29.63 -10.88
C LYS J 151 -19.13 30.93 -11.37
N LEU J 152 -19.36 31.24 -12.64
CA LEU J 152 -18.94 32.53 -13.19
C LEU J 152 -19.91 33.61 -12.76
N ILE J 153 -19.36 34.75 -12.34
CA ILE J 153 -20.16 35.90 -11.92
C ILE J 153 -19.87 37.06 -12.85
N SER J 154 -20.89 37.86 -13.14
CA SER J 154 -20.80 38.93 -14.12
C SER J 154 -20.57 40.28 -13.44
N ASN J 155 -19.96 41.19 -14.19
CA ASN J 155 -19.60 42.53 -13.72
C ASN J 155 -18.86 42.44 -12.39
N CYS J 156 -17.57 42.10 -12.46
CA CYS J 156 -16.75 41.96 -11.26
C CYS J 156 -16.30 43.29 -10.70
N SER J 157 -16.64 44.40 -11.36
CA SER J 157 -16.31 45.73 -10.84
C SER J 157 -17.11 46.05 -9.58
N LYS J 158 -18.13 45.25 -9.24
CA LYS J 158 -18.83 45.48 -7.99
C LYS J 158 -17.94 45.14 -6.80
N PHE J 159 -17.09 44.12 -6.94
CA PHE J 159 -16.23 43.66 -5.85
C PHE J 159 -14.82 44.24 -5.92
N TYR J 160 -14.28 44.47 -7.12
CA TYR J 160 -12.94 45.00 -7.28
C TYR J 160 -12.88 46.39 -7.90
N GLY J 161 -13.89 46.79 -8.67
CA GLY J 161 -13.93 48.13 -9.21
C GLY J 161 -13.02 48.38 -10.38
N ASN J 162 -12.11 49.36 -10.24
CA ASN J 162 -11.25 49.75 -11.35
C ASN J 162 -10.17 48.73 -11.65
N ARG J 163 -9.84 47.85 -10.70
CA ARG J 163 -8.76 46.90 -10.91
C ARG J 163 -9.15 45.78 -11.86
N PHE J 164 -10.45 45.56 -12.08
CA PHE J 164 -10.92 44.50 -12.94
C PHE J 164 -11.17 45.01 -14.35
N TYR J 165 -10.94 44.15 -15.33
CA TYR J 165 -11.13 44.50 -16.75
C TYR J 165 -11.86 43.36 -17.42
N GLU J 166 -13.10 43.60 -17.83
CA GLU J 166 -13.94 42.51 -18.36
C GLU J 166 -13.51 42.06 -19.76
N LYS J 167 -12.81 42.91 -20.51
CA LYS J 167 -12.35 42.50 -21.82
C LYS J 167 -11.22 41.47 -21.70
N GLU J 168 -10.39 41.60 -20.67
CA GLU J 168 -9.18 40.79 -20.55
C GLU J 168 -9.15 39.92 -19.31
N MET J 169 -10.19 39.97 -18.46
CA MET J 169 -10.25 39.16 -17.25
C MET J 169 -11.67 38.62 -17.08
N GLU J 170 -11.81 37.70 -16.13
CA GLU J 170 -13.09 37.06 -15.84
C GLU J 170 -13.05 36.57 -14.39
N CYS J 171 -14.18 36.66 -13.70
CA CYS J 171 -14.28 36.25 -12.31
C CYS J 171 -15.15 35.02 -12.17
N ALA J 172 -14.69 34.08 -11.35
CA ALA J 172 -15.45 32.87 -11.04
C ALA J 172 -15.32 32.60 -9.55
N GLY J 173 -16.46 32.52 -8.86
CA GLY J 173 -16.45 32.26 -7.44
C GLY J 173 -17.83 31.88 -6.95
N THR J 174 -17.86 31.16 -5.84
CA THR J 174 -19.09 30.70 -5.23
C THR J 174 -19.40 31.53 -3.99
N TYR J 175 -20.63 32.02 -3.90
CA TYR J 175 -21.04 32.83 -2.75
C TYR J 175 -21.24 31.95 -1.53
N ASP J 176 -20.54 32.28 -0.44
CA ASP J 176 -20.60 31.56 0.83
C ASP J 176 -20.06 30.13 0.73
N GLY J 177 -19.72 29.70 -0.49
CA GLY J 177 -19.13 28.39 -0.65
C GLY J 177 -17.63 28.46 -0.49
N SER J 178 -17.06 29.61 -0.83
CA SER J 178 -15.64 29.89 -0.64
C SER J 178 -14.73 28.94 -1.41
N ILE J 179 -15.31 28.00 -2.16
CA ILE J 179 -14.52 27.08 -2.97
C ILE J 179 -13.81 27.93 -4.02
N ASP J 180 -12.50 28.10 -3.86
CA ASP J 180 -11.76 29.07 -4.66
C ASP J 180 -10.31 28.65 -4.75
N ALA J 181 -9.80 28.48 -5.97
CA ALA J 181 -8.38 28.23 -6.17
C ALA J 181 -7.59 29.39 -5.61
N CYS J 182 -6.46 29.08 -4.96
CA CYS J 182 -5.80 30.07 -4.14
C CYS J 182 -4.34 29.74 -3.95
N LYS J 183 -3.51 30.78 -4.01
CA LYS J 183 -2.05 30.71 -3.94
C LYS J 183 -1.46 29.74 -4.94
N GLY J 184 -0.99 28.58 -4.46
CA GLY J 184 -0.11 27.72 -5.23
C GLY J 184 -0.63 27.29 -6.59
N ASP J 185 -1.93 27.32 -6.80
CA ASP J 185 -2.52 26.86 -8.06
C ASP J 185 -2.75 28.00 -9.04
N SER J 186 -1.74 28.81 -9.29
CA SER J 186 -1.89 29.88 -10.25
C SER J 186 -1.66 29.34 -11.66
N GLY J 187 -2.16 30.07 -12.65
CA GLY J 187 -2.02 29.68 -14.04
C GLY J 187 -2.71 28.37 -14.41
N GLY J 188 -3.42 27.78 -13.45
CA GLY J 188 -4.06 26.52 -13.66
C GLY J 188 -5.26 26.64 -14.58
N PRO J 189 -5.89 25.52 -14.87
CA PRO J 189 -7.05 25.54 -15.77
C PRO J 189 -8.34 25.90 -15.05
N LEU J 190 -9.13 26.76 -15.71
CA LEU J 190 -10.53 27.01 -15.35
C LEU J 190 -11.36 26.37 -16.46
N VAL J 191 -11.72 25.12 -16.25
CA VAL J 191 -12.33 24.27 -17.28
C VAL J 191 -13.84 24.26 -17.12
N CYS J 192 -14.56 24.42 -18.23
CA CYS J 192 -16.00 24.31 -18.26
C CYS J 192 -16.40 23.37 -19.39
N MET J 193 -17.47 22.62 -19.17
CA MET J 193 -17.93 21.61 -20.10
C MET J 193 -19.14 22.10 -20.90
N ASP J 194 -19.23 21.67 -22.15
CA ASP J 194 -20.30 22.07 -23.04
C ASP J 194 -21.42 21.02 -23.03
N ALA J 195 -22.39 21.18 -23.93
CA ALA J 195 -23.49 20.22 -24.02
C ALA J 195 -23.02 18.87 -24.53
N ASN J 196 -22.01 18.87 -25.40
CA ASN J 196 -21.38 17.63 -25.85
C ASN J 196 -20.31 17.15 -24.89
N ASN J 197 -20.15 17.83 -23.75
CA ASN J 197 -19.04 17.61 -22.82
C ASN J 197 -17.69 17.89 -23.48
N VAL J 198 -17.69 18.77 -24.48
CA VAL J 198 -16.42 19.28 -25.00
C VAL J 198 -15.80 20.15 -23.92
N THR J 199 -14.52 19.92 -23.66
CA THR J 199 -13.83 20.52 -22.53
C THR J 199 -13.10 21.77 -23.00
N TYR J 200 -13.42 22.92 -22.38
CA TYR J 200 -12.87 24.21 -22.78
C TYR J 200 -12.02 24.80 -21.66
N VAL J 201 -11.07 25.64 -22.06
CA VAL J 201 -10.23 26.38 -21.12
C VAL J 201 -10.77 27.80 -21.12
N TRP J 202 -11.74 28.05 -20.23
CA TRP J 202 -12.36 29.38 -20.23
C TRP J 202 -11.42 30.44 -19.68
N GLY J 203 -10.57 30.07 -18.72
CA GLY J 203 -9.63 31.02 -18.15
C GLY J 203 -8.51 30.31 -17.42
N VAL J 204 -7.50 31.08 -17.07
CA VAL J 204 -6.38 30.59 -16.26
C VAL J 204 -6.22 31.49 -15.05
N VAL J 205 -5.81 30.88 -13.93
CA VAL J 205 -5.73 31.54 -12.64
C VAL J 205 -4.75 32.72 -12.69
N SER J 206 -5.27 33.94 -12.66
CA SER J 206 -4.43 35.13 -12.76
C SER J 206 -3.95 35.65 -11.42
N TRP J 207 -4.72 36.53 -10.78
CA TRP J 207 -4.27 37.17 -9.55
C TRP J 207 -5.24 37.02 -8.38
N GLY J 208 -6.50 37.40 -8.57
CA GLY J 208 -7.47 37.16 -7.51
C GLY J 208 -7.17 37.94 -6.24
N GLU J 209 -7.49 37.33 -5.11
CA GLU J 209 -7.26 37.90 -3.79
C GLU J 209 -7.16 36.77 -2.78
N ASN J 210 -7.18 37.12 -1.50
CA ASN J 210 -7.24 36.14 -0.43
C ASN J 210 -8.54 35.34 -0.51
N CYS J 211 -8.40 34.03 -0.71
CA CYS J 211 -9.56 33.13 -0.73
C CYS J 211 -10.41 33.21 0.51
N GLY J 212 -11.63 32.67 0.43
CA GLY J 212 -12.50 32.57 1.58
C GLY J 212 -13.65 33.57 1.54
N LYS J 213 -13.35 34.86 1.71
CA LYS J 213 -14.36 35.91 1.73
C LYS J 213 -15.15 35.93 0.43
N PRO J 214 -16.45 35.58 0.46
CA PRO J 214 -17.25 35.57 -0.77
C PRO J 214 -17.43 36.94 -1.38
N GLU J 215 -17.24 38.01 -0.61
CA GLU J 215 -17.30 39.37 -1.15
C GLU J 215 -16.05 39.74 -1.94
N PHE J 216 -15.07 38.83 -2.03
CA PHE J 216 -13.89 39.02 -2.87
C PHE J 216 -13.66 37.73 -3.66
N PRO J 217 -14.23 37.62 -4.86
CA PRO J 217 -14.06 36.41 -5.65
C PRO J 217 -12.69 36.35 -6.32
N GLY J 218 -12.32 35.14 -6.74
CA GLY J 218 -11.08 34.96 -7.45
C GLY J 218 -11.17 35.55 -8.85
N VAL J 219 -10.06 36.13 -9.31
CA VAL J 219 -9.98 36.75 -10.63
C VAL J 219 -9.08 35.88 -11.50
N TYR J 220 -9.56 35.60 -12.72
CA TYR J 220 -8.82 34.79 -13.68
C TYR J 220 -8.76 35.53 -15.01
N THR J 221 -7.60 35.50 -15.65
CA THR J 221 -7.44 36.14 -16.95
C THR J 221 -8.15 35.34 -18.04
N LYS J 222 -8.99 36.02 -18.81
CA LYS J 222 -9.87 35.36 -19.77
C LYS J 222 -9.11 34.88 -20.98
N VAL J 223 -9.30 33.60 -21.33
CA VAL J 223 -8.57 33.01 -22.45
C VAL J 223 -9.17 33.43 -23.78
N ALA J 224 -10.51 33.54 -23.86
CA ALA J 224 -11.17 33.78 -25.13
C ALA J 224 -10.73 35.09 -25.78
N ASN J 225 -10.27 36.06 -24.98
CA ASN J 225 -9.81 37.32 -25.57
C ASN J 225 -8.47 37.16 -26.26
N TYR J 226 -7.65 36.22 -25.82
CA TYR J 226 -6.33 35.98 -26.41
C TYR J 226 -6.32 34.76 -27.32
N PHE J 227 -7.44 34.48 -27.99
CA PHE J 227 -7.49 33.35 -28.92
C PHE J 227 -6.59 33.60 -30.12
N ASP J 228 -6.67 34.78 -30.72
CA ASP J 228 -5.84 35.10 -31.87
C ASP J 228 -4.37 35.24 -31.49
N TRP J 229 -4.09 35.62 -30.23
CA TRP J 229 -2.70 35.77 -29.80
C TRP J 229 -1.99 34.42 -29.76
N ILE J 230 -2.68 33.38 -29.29
CA ILE J 230 -2.10 32.04 -29.29
C ILE J 230 -1.90 31.55 -30.72
N SER J 231 -2.88 31.83 -31.60
CA SER J 231 -2.82 31.31 -32.95
C SER J 231 -1.59 31.81 -33.70
N TYR J 232 -1.15 33.03 -33.43
CA TYR J 232 0.01 33.57 -34.13
C TYR J 232 1.26 32.75 -33.83
N HIS J 233 1.40 32.28 -32.59
CA HIS J 233 2.61 31.58 -32.19
C HIS J 233 2.55 30.08 -32.47
N VAL J 234 1.38 29.46 -32.36
CA VAL J 234 1.24 28.02 -32.50
C VAL J 234 0.58 27.61 -33.80
N GLY J 235 0.28 28.56 -34.69
CA GLY J 235 -0.28 28.23 -35.99
C GLY J 235 -1.76 27.88 -35.92
N ARG J 236 -2.27 27.45 -37.06
CA ARG J 236 -3.68 27.09 -37.26
C ARG J 236 -4.08 25.62 -37.03
N PRO J 237 -3.14 24.67 -36.83
CA PRO J 237 -3.56 23.30 -36.47
C PRO J 237 -4.57 23.16 -35.34
N PHE J 238 -5.06 21.93 -35.17
CA PHE J 238 -6.00 21.49 -34.13
C PHE J 238 -7.44 21.94 -34.34
N ILE J 239 -8.11 22.30 -33.25
CA ILE J 239 -9.57 22.36 -33.24
C ILE J 239 -10.07 23.44 -34.19
N SER J 240 -11.27 23.22 -34.73
CA SER J 240 -11.89 24.16 -35.64
C SER J 240 -12.23 25.46 -34.93
N GLN J 241 -11.82 26.58 -35.53
CA GLN J 241 -12.11 27.90 -34.99
C GLN J 241 -13.62 28.18 -34.98
#